data_6BB1
#
_entry.id   6BB1
#
_cell.length_a   62.605
_cell.length_b   155.297
_cell.length_c   265.615
_cell.angle_alpha   90.00
_cell.angle_beta   90.00
_cell.angle_gamma   90.00
#
_symmetry.space_group_name_H-M   'P 21 21 21'
#
loop_
_entity.id
_entity.type
_entity.pdbx_description
1 polymer 'L-lactate dehydrogenase A chain'
2 non-polymer NICOTINAMIDE-ADENINE-DINUCLEOTIDE
3 non-polymer 'SULFATE ION'
4 non-polymer "(2R)-5-[(2-chlorophenyl)sulfanyl]-6'-(4-fluorophenoxy)-4-hydroxy-2-(thiophen-3-yl)-2,3-dihydro[2,2'-bipyridin]-6(1H)-one"
5 non-polymer 'LACTIC ACID'
6 water water
#
_entity_poly.entity_id   1
_entity_poly.type   'polypeptide(L)'
_entity_poly.pdbx_seq_one_letter_code
;ATLKDQLIYNLLKEEQTPQNKITVVGVGAVGMACAISILMKDLADELALVDVIEDKLKGEMMDLQHGSLFLRTPKIVSGK
DYNVTANSKLVIITAGARQQEGESRLNLVQRNVNIFKFIIPNVVKYSPNCKLLIVSNPVDILTYVAWKISGFPKNRVIGS
GCNLDSARFRYLMGERLGVHPLSCHGWVLGEHGDSSVPVWSGMNVAGVSLKTLHPDLGTDKDKEQWKEVHKQVVESAYEV
IKLKGYTSWAIGLSVADLAESIMKNLRRVHPVSTMIKGLYGIKDDVFLSVPCILGQNGISDLVKVTLTSEEEARLKKSAD
TLWGIQKELQF
;
_entity_poly.pdbx_strand_id   A,B,C,D,E,F,G,H
#
loop_
_chem_comp.id
_chem_comp.type
_chem_comp.name
_chem_comp.formula
D3J non-polymer (2R)-5-[(2-chlorophenyl)sulfanyl]-6'-(4-fluorophenoxy)-4-hydroxy-2-(thiophen-3-yl)-2,3-dihydro[2,2'-bipyridin]-6(1H)-one 'C26 H18 Cl F N2 O3 S2'
LAC non-polymer 'LACTIC ACID' 'C3 H6 O3'
NAD non-polymer NICOTINAMIDE-ADENINE-DINUCLEOTIDE 'C21 H27 N7 O14 P2'
SO4 non-polymer 'SULFATE ION' 'O4 S -2'
#
# COMPACT_ATOMS: atom_id res chain seq x y z
N ALA A 1 -0.56 8.31 -20.56
CA ALA A 1 -1.99 8.41 -20.82
C ALA A 1 -2.82 8.03 -19.62
N THR A 2 -4.01 8.63 -19.51
CA THR A 2 -4.92 8.22 -18.46
C THR A 2 -6.17 7.60 -19.09
N LEU A 3 -6.84 6.72 -18.35
CA LEU A 3 -8.07 6.05 -18.76
C LEU A 3 -9.13 7.12 -19.05
N LYS A 4 -9.17 8.21 -18.26
CA LYS A 4 -10.04 9.38 -18.45
C LYS A 4 -9.80 9.97 -19.85
N ASP A 5 -8.52 10.13 -20.26
CA ASP A 5 -8.17 10.67 -21.58
C ASP A 5 -8.46 9.71 -22.71
N GLN A 6 -8.32 8.39 -22.46
CA GLN A 6 -8.60 7.33 -23.43
C GLN A 6 -10.09 7.21 -23.71
N LEU A 7 -10.91 7.42 -22.66
CA LEU A 7 -12.37 7.33 -22.68
C LEU A 7 -13.08 8.62 -23.07
N ILE A 8 -12.63 9.75 -22.54
CA ILE A 8 -13.28 11.04 -22.73
C ILE A 8 -12.42 12.04 -23.52
N TYR A 9 -13.02 12.60 -24.59
CA TYR A 9 -12.42 13.66 -25.39
C TYR A 9 -12.97 15.00 -24.90
N ASN A 10 -12.08 15.86 -24.43
CA ASN A 10 -12.43 17.17 -23.93
C ASN A 10 -12.64 18.21 -25.05
N LEU A 11 -13.77 18.93 -25.00
CA LEU A 11 -14.11 19.99 -25.96
C LEU A 11 -13.86 21.37 -25.32
N LEU A 12 -14.26 21.56 -24.05
CA LEU A 12 -14.15 22.83 -23.33
C LEU A 12 -13.16 22.81 -22.20
N LYS A 13 -12.43 23.92 -22.05
CA LYS A 13 -11.42 24.06 -21.02
C LYS A 13 -11.98 24.64 -19.74
N GLU A 14 -12.09 25.97 -19.67
CA GLU A 14 -12.55 26.73 -18.51
C GLU A 14 -13.92 26.31 -17.99
N GLU A 15 -13.96 25.93 -16.69
CA GLU A 15 -15.18 25.54 -16.00
C GLU A 15 -15.72 26.79 -15.30
N GLN A 16 -16.97 27.16 -15.62
CA GLN A 16 -17.61 28.39 -15.14
C GLN A 16 -17.91 28.45 -13.63
N THR A 17 -18.62 29.52 -13.24
CA THR A 17 -19.07 29.95 -11.92
C THR A 17 -20.36 29.20 -11.51
N PRO A 18 -20.60 28.85 -10.21
CA PRO A 18 -21.87 28.18 -9.85
C PRO A 18 -23.07 29.10 -10.04
N GLN A 19 -24.17 28.55 -10.55
CA GLN A 19 -25.35 29.33 -10.86
C GLN A 19 -26.38 29.40 -9.74
N ASN A 20 -26.52 28.32 -8.96
CA ASN A 20 -27.52 28.26 -7.89
C ASN A 20 -26.89 27.65 -6.64
N LYS A 21 -25.86 28.31 -6.13
CA LYS A 21 -25.10 27.87 -4.98
C LYS A 21 -25.74 28.26 -3.65
N ILE A 22 -25.73 27.30 -2.69
CA ILE A 22 -26.21 27.52 -1.34
C ILE A 22 -25.12 27.11 -0.38
N THR A 23 -24.88 27.92 0.65
CA THR A 23 -23.94 27.66 1.74
C THR A 23 -24.68 27.43 3.04
N VAL A 24 -24.23 26.43 3.78
CA VAL A 24 -24.71 26.19 5.13
C VAL A 24 -23.51 26.42 6.08
N VAL A 25 -23.66 27.36 7.04
CA VAL A 25 -22.64 27.65 8.05
C VAL A 25 -23.09 27.03 9.39
N GLY A 26 -22.27 26.08 9.88
CA GLY A 26 -22.51 25.34 11.11
C GLY A 26 -23.16 24.01 10.76
N VAL A 27 -22.40 22.92 10.88
CA VAL A 27 -22.82 21.57 10.50
C VAL A 27 -23.29 20.74 11.71
N GLY A 28 -24.00 21.42 12.60
CA GLY A 28 -24.57 20.79 13.77
C GLY A 28 -25.84 20.06 13.36
N ALA A 29 -26.70 19.73 14.32
CA ALA A 29 -27.94 19.02 14.01
C ALA A 29 -28.88 19.83 13.10
N VAL A 30 -28.94 21.16 13.32
CA VAL A 30 -29.78 22.07 12.53
C VAL A 30 -29.21 22.24 11.11
N GLY A 31 -27.92 22.58 11.02
CA GLY A 31 -27.24 22.75 9.74
C GLY A 31 -27.34 21.56 8.81
N MET A 32 -27.09 20.36 9.33
CA MET A 32 -27.16 19.12 8.56
C MET A 32 -28.61 18.75 8.12
N ALA A 33 -29.60 19.07 8.94
CA ALA A 33 -30.99 18.83 8.57
C ALA A 33 -31.42 19.82 7.45
N CYS A 34 -30.92 21.06 7.52
CA CYS A 34 -31.09 22.09 6.51
C CYS A 34 -30.45 21.58 5.21
N ALA A 35 -29.21 21.04 5.27
CA ALA A 35 -28.46 20.51 4.13
C ALA A 35 -29.18 19.34 3.43
N ILE A 36 -29.59 18.29 4.18
CA ILE A 36 -30.25 17.13 3.58
C ILE A 36 -31.59 17.51 2.92
N SER A 37 -32.36 18.41 3.54
CA SER A 37 -33.65 18.86 3.02
C SER A 37 -33.50 19.65 1.73
N ILE A 38 -32.47 20.51 1.65
CA ILE A 38 -32.18 21.32 0.46
C ILE A 38 -31.68 20.38 -0.65
N LEU A 39 -30.89 19.38 -0.30
CA LEU A 39 -30.37 18.43 -1.28
C LEU A 39 -31.51 17.58 -1.86
N MET A 40 -32.47 17.19 -1.01
CA MET A 40 -33.56 16.35 -1.50
C MET A 40 -34.66 17.13 -2.21
N LYS A 41 -34.57 18.47 -2.19
CA LYS A 41 -35.54 19.33 -2.88
C LYS A 41 -34.94 19.94 -4.16
N ASP A 42 -33.70 19.55 -4.51
CA ASP A 42 -32.99 19.98 -5.72
C ASP A 42 -32.98 21.51 -5.89
N LEU A 43 -32.68 22.24 -4.82
CA LEU A 43 -32.67 23.70 -4.87
C LEU A 43 -31.36 24.30 -5.31
N ALA A 44 -30.29 23.51 -5.29
CA ALA A 44 -28.94 24.02 -5.58
C ALA A 44 -28.16 23.16 -6.53
N ASP A 45 -27.28 23.79 -7.33
CA ASP A 45 -26.36 23.07 -8.23
C ASP A 45 -25.02 22.86 -7.52
N GLU A 46 -24.82 23.57 -6.39
CA GLU A 46 -23.62 23.46 -5.56
C GLU A 46 -23.95 23.74 -4.10
N LEU A 47 -23.48 22.88 -3.20
CA LEU A 47 -23.66 23.04 -1.77
C LEU A 47 -22.31 23.19 -1.07
N ALA A 48 -22.16 24.27 -0.28
CA ALA A 48 -20.94 24.52 0.51
C ALA A 48 -21.25 24.41 1.99
N LEU A 49 -20.35 23.77 2.73
CA LEU A 49 -20.47 23.63 4.18
C LEU A 49 -19.29 24.27 4.88
N VAL A 50 -19.57 25.02 5.95
CA VAL A 50 -18.54 25.66 6.78
C VAL A 50 -18.78 25.34 8.25
N ASP A 51 -17.70 25.12 8.98
CA ASP A 51 -17.67 24.93 10.44
C ASP A 51 -16.25 25.22 10.95
N VAL A 52 -16.08 25.28 12.28
CA VAL A 52 -14.78 25.43 12.94
C VAL A 52 -14.17 24.06 13.31
N ILE A 53 -15.01 23.03 13.52
CA ILE A 53 -14.58 21.65 13.82
C ILE A 53 -14.31 20.99 12.47
N GLU A 54 -13.04 20.94 12.07
CA GLU A 54 -12.57 20.44 10.78
C GLU A 54 -12.87 18.98 10.51
N ASP A 55 -12.68 18.08 11.49
CA ASP A 55 -12.91 16.65 11.31
C ASP A 55 -14.39 16.35 11.01
N LYS A 56 -15.30 16.87 11.87
CA LYS A 56 -16.75 16.73 11.74
C LYS A 56 -17.20 17.27 10.39
N LEU A 57 -16.66 18.44 10.00
CA LEU A 57 -16.98 19.11 8.73
C LEU A 57 -16.64 18.23 7.53
N LYS A 58 -15.42 17.68 7.49
CA LYS A 58 -14.99 16.79 6.40
C LYS A 58 -15.85 15.51 6.37
N GLY A 59 -16.12 14.93 7.54
CA GLY A 59 -16.95 13.74 7.67
C GLY A 59 -18.36 13.94 7.17
N GLU A 60 -18.99 15.07 7.53
CA GLU A 60 -20.32 15.44 7.06
C GLU A 60 -20.34 15.65 5.55
N MET A 61 -19.32 16.34 5.00
CA MET A 61 -19.22 16.57 3.55
C MET A 61 -19.11 15.22 2.81
N MET A 62 -18.23 14.35 3.29
CA MET A 62 -18.00 13.02 2.69
C MET A 62 -19.25 12.14 2.72
N ASP A 63 -20.01 12.19 3.83
CA ASP A 63 -21.23 11.42 4.00
C ASP A 63 -22.28 11.84 2.98
N LEU A 64 -22.39 13.17 2.74
CA LEU A 64 -23.29 13.73 1.73
C LEU A 64 -22.83 13.34 0.32
N GLN A 65 -21.53 13.49 0.03
CA GLN A 65 -20.92 13.13 -1.27
C GLN A 65 -21.15 11.66 -1.61
N HIS A 66 -21.11 10.76 -0.61
CA HIS A 66 -21.33 9.34 -0.85
C HIS A 66 -22.78 9.01 -1.26
N GLY A 67 -23.70 9.96 -1.05
CA GLY A 67 -25.09 9.81 -1.49
C GLY A 67 -25.41 10.44 -2.84
N SER A 68 -24.39 10.99 -3.55
CA SER A 68 -24.49 11.70 -4.85
C SER A 68 -25.31 10.97 -5.91
N LEU A 69 -25.15 9.63 -5.98
CA LEU A 69 -25.87 8.78 -6.92
C LEU A 69 -27.40 8.98 -6.81
N PHE A 70 -27.88 9.28 -5.61
CA PHE A 70 -29.31 9.48 -5.33
C PHE A 70 -29.74 10.95 -5.32
N LEU A 71 -28.85 11.86 -5.71
CA LEU A 71 -29.08 13.29 -5.68
C LEU A 71 -28.89 13.96 -7.02
N ARG A 72 -29.27 15.27 -7.11
CA ARG A 72 -29.14 16.08 -8.33
C ARG A 72 -28.41 17.41 -8.02
N THR A 73 -27.44 17.34 -7.12
CA THR A 73 -26.57 18.45 -6.72
C THR A 73 -25.18 17.93 -7.00
N PRO A 74 -24.61 18.29 -8.17
CA PRO A 74 -23.37 17.65 -8.62
C PRO A 74 -22.10 18.02 -7.88
N LYS A 75 -22.13 19.09 -7.05
CA LYS A 75 -20.95 19.54 -6.33
C LYS A 75 -21.22 19.87 -4.88
N ILE A 76 -20.56 19.13 -4.00
CA ILE A 76 -20.64 19.30 -2.54
C ILE A 76 -19.23 19.60 -2.04
N VAL A 77 -19.04 20.79 -1.46
CA VAL A 77 -17.73 21.26 -0.96
C VAL A 77 -17.81 21.69 0.53
N SER A 78 -16.66 21.71 1.20
CA SER A 78 -16.58 22.17 2.58
C SER A 78 -15.19 22.72 2.88
N GLY A 79 -15.09 23.46 3.98
CA GLY A 79 -13.86 24.05 4.45
C GLY A 79 -14.07 25.05 5.56
N LYS A 80 -13.01 25.25 6.34
CA LYS A 80 -12.94 26.22 7.43
C LYS A 80 -12.73 27.61 6.80
N ASP A 81 -12.03 27.65 5.64
CA ASP A 81 -11.80 28.88 4.86
C ASP A 81 -13.05 29.16 4.01
N TYR A 82 -13.54 30.41 4.04
CA TYR A 82 -14.76 30.81 3.35
C TYR A 82 -14.63 30.94 1.83
N ASN A 83 -13.45 30.60 1.28
CA ASN A 83 -13.23 30.61 -0.18
C ASN A 83 -14.11 29.56 -0.87
N VAL A 84 -14.47 28.49 -0.14
CA VAL A 84 -15.33 27.40 -0.64
C VAL A 84 -16.79 27.87 -0.89
N THR A 85 -17.23 28.97 -0.19
CA THR A 85 -18.58 29.57 -0.24
C THR A 85 -18.76 30.64 -1.34
N ALA A 86 -17.69 30.99 -2.05
CA ALA A 86 -17.73 32.03 -3.08
C ALA A 86 -18.90 31.91 -4.06
N ASN A 87 -19.58 33.05 -4.34
CA ASN A 87 -20.70 33.22 -5.29
C ASN A 87 -21.98 32.43 -4.89
N SER A 88 -22.28 32.32 -3.60
CA SER A 88 -23.50 31.68 -3.11
C SER A 88 -24.67 32.63 -3.30
N LYS A 89 -25.83 32.10 -3.74
CA LYS A 89 -27.06 32.89 -3.90
C LYS A 89 -27.69 33.05 -2.53
N LEU A 90 -27.57 32.01 -1.70
CA LEU A 90 -28.17 31.96 -0.37
C LEU A 90 -27.19 31.37 0.65
N VAL A 91 -27.02 32.08 1.80
CA VAL A 91 -26.15 31.62 2.88
C VAL A 91 -27.00 31.47 4.13
N ILE A 92 -27.03 30.25 4.66
CA ILE A 92 -27.82 29.88 5.82
C ILE A 92 -26.92 29.74 7.03
N ILE A 93 -27.22 30.54 8.08
CA ILE A 93 -26.42 30.55 9.29
C ILE A 93 -27.13 29.79 10.40
N THR A 94 -26.55 28.66 10.78
CA THR A 94 -27.04 27.78 11.83
C THR A 94 -25.92 27.62 12.89
N ALA A 95 -24.83 28.43 12.74
CA ALA A 95 -23.61 28.41 13.55
C ALA A 95 -23.77 28.87 15.01
N GLY A 96 -22.91 28.30 15.86
CA GLY A 96 -22.83 28.55 17.29
C GLY A 96 -23.44 27.45 18.11
N ALA A 97 -22.88 27.21 19.32
CA ALA A 97 -23.41 26.22 20.27
C ALA A 97 -24.87 26.53 20.64
N ARG A 98 -25.73 25.49 20.66
CA ARG A 98 -27.17 25.62 20.99
C ARG A 98 -27.46 26.07 22.43
N ASN A 107 -29.37 34.73 26.76
CA ASN A 107 -28.45 33.92 27.56
C ASN A 107 -27.08 33.84 26.83
N LEU A 108 -27.10 33.27 25.60
CA LEU A 108 -25.98 32.97 24.69
C LEU A 108 -25.83 33.96 23.53
N VAL A 109 -26.58 35.07 23.59
CA VAL A 109 -26.56 36.09 22.55
C VAL A 109 -25.18 36.72 22.41
N GLN A 110 -24.44 36.86 23.52
CA GLN A 110 -23.13 37.51 23.53
C GLN A 110 -22.03 36.65 22.90
N ARG A 111 -22.08 35.32 23.11
CA ARG A 111 -21.12 34.44 22.46
C ARG A 111 -21.47 34.25 20.98
N ASN A 112 -22.77 34.37 20.64
CA ASN A 112 -23.26 34.18 19.28
C ASN A 112 -23.05 35.42 18.44
N VAL A 113 -23.14 36.62 19.06
CA VAL A 113 -22.85 37.92 18.41
C VAL A 113 -21.36 37.90 18.05
N ASN A 114 -20.51 37.37 18.96
CA ASN A 114 -19.06 37.33 18.77
C ASN A 114 -18.64 36.41 17.66
N ILE A 115 -19.35 35.30 17.45
CA ILE A 115 -18.96 34.43 16.34
C ILE A 115 -19.50 34.99 15.03
N PHE A 116 -20.63 35.70 15.09
CA PHE A 116 -21.22 36.39 13.93
C PHE A 116 -20.27 37.45 13.46
N LYS A 117 -19.55 38.09 14.41
CA LYS A 117 -18.54 39.12 14.12
C LYS A 117 -17.39 38.56 13.30
N PHE A 118 -17.15 37.23 13.38
CA PHE A 118 -16.15 36.54 12.55
C PHE A 118 -16.80 36.00 11.24
N ILE A 119 -17.93 35.26 11.35
CA ILE A 119 -18.64 34.64 10.21
C ILE A 119 -19.17 35.62 9.15
N ILE A 120 -20.00 36.59 9.57
CA ILE A 120 -20.67 37.48 8.63
C ILE A 120 -19.68 38.22 7.72
N PRO A 121 -18.57 38.85 8.19
CA PRO A 121 -17.67 39.52 7.22
C PRO A 121 -17.10 38.53 6.23
N ASN A 122 -16.80 37.31 6.67
CA ASN A 122 -16.27 36.23 5.83
C ASN A 122 -17.27 35.78 4.77
N VAL A 123 -18.57 35.67 5.12
CA VAL A 123 -19.60 35.28 4.16
C VAL A 123 -19.82 36.38 3.11
N VAL A 124 -19.96 37.63 3.55
CA VAL A 124 -20.23 38.76 2.65
C VAL A 124 -19.06 39.04 1.71
N LYS A 125 -17.82 38.77 2.15
CA LYS A 125 -16.61 38.95 1.35
C LYS A 125 -16.64 38.03 0.13
N TYR A 126 -17.08 36.76 0.31
CA TYR A 126 -17.11 35.77 -0.75
C TYR A 126 -18.39 35.74 -1.55
N SER A 127 -19.51 36.19 -0.95
CA SER A 127 -20.80 36.25 -1.64
C SER A 127 -21.46 37.61 -1.38
N PRO A 128 -20.93 38.71 -1.99
CA PRO A 128 -21.51 40.05 -1.73
C PRO A 128 -22.96 40.23 -2.16
N ASN A 129 -23.46 39.40 -3.07
CA ASN A 129 -24.85 39.53 -3.54
C ASN A 129 -25.80 38.49 -2.97
N CYS A 130 -25.38 37.72 -1.98
CA CYS A 130 -26.22 36.68 -1.41
C CYS A 130 -27.36 37.25 -0.58
N LYS A 131 -28.32 36.37 -0.27
CA LYS A 131 -29.37 36.63 0.69
C LYS A 131 -28.88 35.88 1.93
N LEU A 132 -29.07 36.47 3.10
CA LEU A 132 -28.67 35.87 4.37
C LEU A 132 -29.89 35.31 5.06
N LEU A 133 -29.83 34.01 5.42
CA LEU A 133 -30.92 33.36 6.13
C LEU A 133 -30.39 32.92 7.51
N ILE A 134 -30.85 33.61 8.56
CA ILE A 134 -30.40 33.41 9.94
C ILE A 134 -31.30 32.47 10.69
N VAL A 135 -30.72 31.42 11.30
CA VAL A 135 -31.45 30.42 12.06
C VAL A 135 -31.01 30.43 13.53
N SER A 136 -29.69 30.66 13.75
CA SER A 136 -29.03 30.70 15.08
C SER A 136 -29.82 31.57 16.07
N ASN A 137 -29.99 31.09 17.30
CA ASN A 137 -30.72 31.79 18.36
C ASN A 137 -29.89 32.74 19.25
N PRO A 138 -30.47 33.87 19.76
CA PRO A 138 -31.84 34.41 19.52
C PRO A 138 -31.90 34.96 18.12
N VAL A 139 -32.69 34.30 17.26
CA VAL A 139 -32.81 34.56 15.84
C VAL A 139 -33.16 36.04 15.54
N ASP A 140 -34.06 36.70 16.30
CA ASP A 140 -34.44 38.08 16.01
C ASP A 140 -33.29 39.08 16.20
N ILE A 141 -32.53 38.92 17.30
CA ILE A 141 -31.35 39.74 17.61
C ILE A 141 -30.23 39.42 16.60
N LEU A 142 -29.96 38.15 16.39
CA LEU A 142 -28.91 37.71 15.49
C LEU A 142 -29.16 38.12 14.03
N THR A 143 -30.44 38.29 13.59
CA THR A 143 -30.80 38.75 12.25
C THR A 143 -30.40 40.24 12.11
N TYR A 144 -30.68 41.02 13.19
CA TYR A 144 -30.31 42.43 13.27
C TYR A 144 -28.79 42.57 13.21
N VAL A 145 -28.08 41.71 13.94
CA VAL A 145 -26.63 41.66 14.04
C VAL A 145 -26.01 41.40 12.67
N ALA A 146 -26.53 40.41 11.94
CA ALA A 146 -26.12 40.06 10.58
C ALA A 146 -26.35 41.22 9.63
N TRP A 147 -27.50 41.91 9.77
CA TRP A 147 -27.86 43.08 8.96
C TRP A 147 -26.85 44.23 9.18
N LYS A 148 -26.53 44.52 10.45
CA LYS A 148 -25.57 45.58 10.82
C LYS A 148 -24.15 45.27 10.31
N ILE A 149 -23.65 44.04 10.54
CA ILE A 149 -22.29 43.62 10.14
C ILE A 149 -22.15 43.55 8.62
N SER A 150 -23.13 42.97 7.92
CA SER A 150 -23.08 42.82 6.45
C SER A 150 -23.15 44.10 5.66
N GLY A 151 -23.97 45.05 6.13
CA GLY A 151 -24.21 46.29 5.45
C GLY A 151 -25.18 46.13 4.30
N PHE A 152 -25.85 44.96 4.23
CA PHE A 152 -26.79 44.59 3.19
C PHE A 152 -28.09 45.33 3.33
N PRO A 153 -28.82 45.61 2.22
CA PRO A 153 -30.16 46.20 2.38
C PRO A 153 -31.06 45.19 3.10
N LYS A 154 -32.05 45.69 3.88
CA LYS A 154 -32.90 44.87 4.75
C LYS A 154 -33.62 43.69 4.03
N ASN A 155 -33.85 43.83 2.72
CA ASN A 155 -34.51 42.80 1.90
C ASN A 155 -33.67 41.52 1.79
N ARG A 156 -32.32 41.64 1.88
CA ARG A 156 -31.42 40.50 1.75
C ARG A 156 -31.00 39.84 3.08
N VAL A 157 -31.60 40.25 4.19
CA VAL A 157 -31.30 39.71 5.52
C VAL A 157 -32.59 39.19 6.12
N ILE A 158 -32.75 37.85 6.11
CA ILE A 158 -33.96 37.17 6.55
C ILE A 158 -33.68 36.31 7.77
N GLY A 159 -34.53 36.41 8.77
CA GLY A 159 -34.47 35.56 9.96
C GLY A 159 -35.51 34.47 9.85
N SER A 160 -35.16 33.21 10.20
CA SER A 160 -36.15 32.13 10.13
C SER A 160 -37.42 32.47 10.97
N GLY A 161 -37.23 33.30 12.00
CA GLY A 161 -38.27 33.83 12.87
C GLY A 161 -39.36 32.88 13.31
N CYS A 162 -40.62 33.25 13.05
CA CYS A 162 -41.79 32.47 13.46
C CYS A 162 -42.25 31.41 12.46
N ASN A 163 -41.39 31.03 11.50
CA ASN A 163 -41.71 30.02 10.50
C ASN A 163 -41.97 28.68 11.17
N LEU A 164 -41.09 28.26 12.10
CA LEU A 164 -41.25 27.00 12.83
C LEU A 164 -42.43 27.03 13.80
N ASP A 165 -42.64 28.19 14.47
CA ASP A 165 -43.75 28.42 15.40
C ASP A 165 -45.06 28.22 14.67
N SER A 166 -45.17 28.84 13.47
CA SER A 166 -46.34 28.75 12.61
C SER A 166 -46.58 27.34 12.09
N ALA A 167 -45.50 26.65 11.67
CA ALA A 167 -45.57 25.27 11.18
C ALA A 167 -46.10 24.35 12.29
N ARG A 168 -45.61 24.54 13.53
CA ARG A 168 -46.03 23.74 14.68
C ARG A 168 -47.49 24.01 15.01
N PHE A 169 -47.89 25.26 14.94
CA PHE A 169 -49.25 25.70 15.20
C PHE A 169 -50.24 25.03 14.23
N ARG A 170 -49.89 25.07 12.93
CA ARG A 170 -50.67 24.48 11.85
C ARG A 170 -50.79 22.96 12.01
N TYR A 171 -49.70 22.30 12.48
CA TYR A 171 -49.70 20.87 12.75
C TYR A 171 -50.72 20.54 13.86
N LEU A 172 -50.68 21.30 14.97
CA LEU A 172 -51.56 21.11 16.11
C LEU A 172 -53.03 21.39 15.76
N MET A 173 -53.27 22.42 14.95
CA MET A 173 -54.57 22.81 14.42
C MET A 173 -55.13 21.65 13.60
N GLY A 174 -54.28 21.12 12.71
CA GLY A 174 -54.59 20.02 11.83
C GLY A 174 -55.02 18.77 12.56
N GLU A 175 -54.25 18.41 13.61
CA GLU A 175 -54.49 17.25 14.46
C GLU A 175 -55.87 17.37 15.17
N ARG A 176 -56.20 18.59 15.68
CA ARG A 176 -57.48 18.86 16.33
C ARG A 176 -58.67 18.75 15.37
N LEU A 177 -58.51 19.22 14.12
CA LEU A 177 -59.61 19.25 13.16
C LEU A 177 -59.72 18.04 12.22
N GLY A 178 -58.67 17.22 12.14
CA GLY A 178 -58.62 16.07 11.23
C GLY A 178 -58.47 16.52 9.79
N VAL A 179 -57.68 17.60 9.60
CA VAL A 179 -57.40 18.27 8.31
C VAL A 179 -55.87 18.38 8.17
N HIS A 180 -55.35 18.22 6.94
CA HIS A 180 -53.91 18.36 6.71
C HIS A 180 -53.45 19.79 7.06
N PRO A 181 -52.28 19.96 7.74
CA PRO A 181 -51.77 21.32 8.05
C PRO A 181 -51.76 22.30 6.89
N LEU A 182 -51.57 21.83 5.63
CA LEU A 182 -51.60 22.67 4.41
C LEU A 182 -52.93 23.42 4.25
N SER A 183 -54.03 22.80 4.71
CA SER A 183 -55.38 23.37 4.60
C SER A 183 -55.81 24.11 5.88
N CYS A 184 -54.95 24.09 6.92
CA CYS A 184 -55.17 24.79 8.18
C CYS A 184 -54.33 26.04 8.17
N HIS A 185 -54.96 27.22 8.18
CA HIS A 185 -54.21 28.46 8.13
C HIS A 185 -54.24 29.18 9.47
N GLY A 186 -53.09 29.70 9.86
CA GLY A 186 -52.89 30.37 11.13
C GLY A 186 -51.50 30.95 11.20
N TRP A 187 -51.40 32.17 11.74
CA TRP A 187 -50.15 32.89 11.80
C TRP A 187 -49.71 33.20 13.22
N VAL A 188 -48.47 32.80 13.51
CA VAL A 188 -47.80 33.06 14.79
C VAL A 188 -46.77 34.11 14.42
N LEU A 189 -46.90 35.30 14.99
CA LEU A 189 -46.02 36.42 14.61
C LEU A 189 -45.21 37.01 15.75
N GLY A 190 -44.37 37.98 15.37
CA GLY A 190 -43.48 38.71 16.26
C GLY A 190 -42.19 38.03 16.66
N GLU A 191 -41.98 37.96 17.96
CA GLU A 191 -40.76 37.41 18.52
C GLU A 191 -40.82 35.92 18.52
N HIS A 192 -39.78 35.26 17.94
CA HIS A 192 -39.66 33.80 17.88
C HIS A 192 -39.46 33.22 19.29
N GLY A 193 -40.20 32.15 19.58
CA GLY A 193 -40.10 31.45 20.85
C GLY A 193 -41.22 31.74 21.82
N ASP A 194 -40.87 31.84 23.10
CA ASP A 194 -41.79 32.07 24.23
C ASP A 194 -42.75 33.27 24.06
N SER A 195 -42.25 34.38 23.47
CA SER A 195 -42.97 35.65 23.32
C SER A 195 -43.79 35.80 22.01
N SER A 196 -43.89 34.72 21.20
CA SER A 196 -44.63 34.73 19.93
C SER A 196 -46.13 35.01 20.12
N VAL A 197 -46.74 35.65 19.11
CA VAL A 197 -48.13 36.07 19.13
C VAL A 197 -49.01 35.25 18.15
N PRO A 198 -49.95 34.43 18.66
CA PRO A 198 -50.89 33.75 17.76
C PRO A 198 -51.99 34.73 17.32
N VAL A 199 -52.12 34.95 15.99
CA VAL A 199 -53.10 35.90 15.47
C VAL A 199 -54.40 35.14 15.23
N TRP A 200 -55.27 35.09 16.27
CA TRP A 200 -56.54 34.35 16.29
C TRP A 200 -57.52 34.76 15.18
N SER A 201 -57.51 36.04 14.79
CA SER A 201 -58.34 36.61 13.73
C SER A 201 -58.10 36.00 12.32
N GLY A 202 -56.87 35.58 12.07
CA GLY A 202 -56.49 35.01 10.77
C GLY A 202 -56.59 33.50 10.66
N MET A 203 -56.96 32.83 11.75
CA MET A 203 -57.10 31.37 11.76
C MET A 203 -58.35 30.91 11.03
N ASN A 204 -58.14 30.06 10.00
CA ASN A 204 -59.22 29.61 9.15
C ASN A 204 -58.93 28.30 8.46
N VAL A 205 -60.01 27.66 8.00
CA VAL A 205 -60.01 26.49 7.13
C VAL A 205 -60.97 26.89 6.02
N ALA A 206 -60.51 26.83 4.75
CA ALA A 206 -61.29 27.20 3.56
C ALA A 206 -61.90 28.60 3.62
N GLY A 207 -61.17 29.56 4.17
CA GLY A 207 -61.63 30.93 4.31
C GLY A 207 -62.66 31.16 5.39
N VAL A 208 -62.98 30.10 6.17
CA VAL A 208 -63.96 30.19 7.26
C VAL A 208 -63.19 30.54 8.54
N SER A 209 -63.34 31.79 9.01
CA SER A 209 -62.73 32.32 10.23
C SER A 209 -63.22 31.57 11.46
N LEU A 210 -62.27 30.95 12.20
CA LEU A 210 -62.54 30.18 13.41
C LEU A 210 -63.05 31.08 14.53
N LYS A 211 -62.55 32.34 14.58
CA LYS A 211 -62.90 33.38 15.55
C LYS A 211 -64.35 33.87 15.32
N THR A 212 -64.79 33.91 14.04
CA THR A 212 -66.16 34.31 13.69
C THR A 212 -67.14 33.22 14.14
N LEU A 213 -66.80 31.96 13.88
CA LEU A 213 -67.59 30.80 14.26
C LEU A 213 -67.61 30.58 15.78
N HIS A 214 -66.49 30.90 16.45
CA HIS A 214 -66.31 30.74 17.89
C HIS A 214 -65.67 32.04 18.41
N PRO A 215 -66.48 33.05 18.82
CA PRO A 215 -65.91 34.34 19.28
C PRO A 215 -64.98 34.25 20.50
N ASP A 216 -65.08 33.14 21.28
CA ASP A 216 -64.26 32.87 22.45
C ASP A 216 -62.86 32.30 22.10
N LEU A 217 -62.54 32.10 20.81
CA LEU A 217 -61.26 31.58 20.34
C LEU A 217 -60.07 32.41 20.82
N GLY A 218 -59.16 31.73 21.52
CA GLY A 218 -57.95 32.36 22.07
C GLY A 218 -58.15 33.15 23.34
N THR A 219 -59.32 32.97 24.01
CA THR A 219 -59.67 33.66 25.26
C THR A 219 -59.73 32.63 26.40
N ASP A 220 -59.83 33.11 27.64
CA ASP A 220 -59.90 32.25 28.81
C ASP A 220 -61.30 31.68 29.02
N LYS A 221 -62.36 32.34 28.49
CA LYS A 221 -63.73 31.81 28.62
C LYS A 221 -64.05 30.75 27.53
N ASP A 222 -63.05 30.42 26.66
CA ASP A 222 -63.15 29.37 25.66
C ASP A 222 -63.24 28.01 26.39
N LYS A 223 -64.35 27.27 26.19
CA LYS A 223 -64.56 25.94 26.79
C LYS A 223 -63.67 24.89 26.11
N GLU A 224 -63.31 25.15 24.84
CA GLU A 224 -62.46 24.27 24.03
C GLU A 224 -60.97 24.53 24.25
N GLN A 225 -60.65 25.68 24.92
CA GLN A 225 -59.30 26.13 25.28
C GLN A 225 -58.34 26.10 24.08
N TRP A 226 -58.62 26.92 23.06
CA TRP A 226 -57.81 26.99 21.84
C TRP A 226 -56.50 27.73 22.08
N LYS A 227 -56.43 28.54 23.16
CA LYS A 227 -55.24 29.26 23.63
C LYS A 227 -54.12 28.25 23.94
N GLU A 228 -54.54 27.04 24.38
CA GLU A 228 -53.68 25.90 24.70
C GLU A 228 -52.91 25.38 23.50
N VAL A 229 -53.41 25.63 22.26
CA VAL A 229 -52.73 25.22 21.03
C VAL A 229 -51.44 26.03 20.93
N HIS A 230 -51.50 27.34 21.21
CA HIS A 230 -50.30 28.20 21.20
C HIS A 230 -49.37 27.83 22.36
N LYS A 231 -49.95 27.56 23.54
CA LYS A 231 -49.26 27.11 24.73
C LYS A 231 -48.50 25.81 24.41
N GLN A 232 -49.13 24.88 23.65
CA GLN A 232 -48.58 23.62 23.21
C GLN A 232 -47.44 23.82 22.24
N VAL A 233 -47.48 24.90 21.42
CA VAL A 233 -46.38 25.20 20.49
C VAL A 233 -45.13 25.41 21.33
N VAL A 234 -45.24 26.25 22.37
CA VAL A 234 -44.15 26.56 23.29
C VAL A 234 -43.72 25.29 24.05
N GLU A 235 -44.70 24.55 24.62
CA GLU A 235 -44.46 23.30 25.35
C GLU A 235 -43.73 22.24 24.52
N SER A 236 -44.14 22.05 23.25
CA SER A 236 -43.56 21.08 22.31
C SER A 236 -42.06 21.31 22.07
N ALA A 237 -41.64 22.60 21.98
CA ALA A 237 -40.23 22.96 21.81
C ALA A 237 -39.38 22.45 22.99
N TYR A 238 -39.83 22.74 24.22
CA TYR A 238 -39.20 22.28 25.46
C TYR A 238 -39.24 20.76 25.54
N GLU A 239 -40.40 20.14 25.19
CA GLU A 239 -40.59 18.68 25.19
C GLU A 239 -39.61 17.98 24.27
N VAL A 240 -39.48 18.43 23.01
CA VAL A 240 -38.56 17.84 22.02
C VAL A 240 -37.11 17.88 22.55
N ILE A 241 -36.69 19.02 23.10
CA ILE A 241 -35.36 19.22 23.70
C ILE A 241 -35.18 18.29 24.93
N LYS A 242 -36.22 18.17 25.76
CA LYS A 242 -36.16 17.26 26.91
C LYS A 242 -36.02 15.80 26.44
N LEU A 243 -36.77 15.41 25.39
CA LEU A 243 -36.80 14.03 24.89
C LEU A 243 -35.59 13.61 24.03
N LYS A 244 -35.15 14.44 23.05
CA LYS A 244 -34.02 14.06 22.20
C LYS A 244 -32.79 15.00 22.33
N GLY A 245 -32.91 16.07 23.11
CA GLY A 245 -31.80 16.99 23.36
C GLY A 245 -31.65 18.18 22.43
N TYR A 246 -32.39 18.19 21.31
CA TYR A 246 -32.34 19.23 20.29
C TYR A 246 -33.49 19.03 19.32
N THR A 247 -33.67 19.98 18.40
CA THR A 247 -34.65 19.91 17.32
C THR A 247 -33.86 20.04 16.02
N SER A 248 -34.19 19.23 15.01
CA SER A 248 -33.47 19.27 13.75
C SER A 248 -34.36 19.13 12.50
N TRP A 249 -35.15 18.04 12.43
CA TRP A 249 -35.98 17.73 11.27
C TRP A 249 -36.99 18.84 10.88
N ALA A 250 -37.80 19.28 11.84
CA ALA A 250 -38.82 20.29 11.64
C ALA A 250 -38.18 21.62 11.20
N ILE A 251 -37.09 22.07 11.87
CA ILE A 251 -36.42 23.34 11.46
C ILE A 251 -35.75 23.18 10.07
N GLY A 252 -35.16 22.02 9.82
CA GLY A 252 -34.51 21.71 8.55
C GLY A 252 -35.47 21.81 7.38
N LEU A 253 -36.63 21.20 7.55
CA LEU A 253 -37.71 21.26 6.58
C LEU A 253 -38.24 22.67 6.36
N SER A 254 -38.47 23.44 7.45
CA SER A 254 -38.99 24.81 7.35
C SER A 254 -38.04 25.75 6.65
N VAL A 255 -36.71 25.52 6.82
CA VAL A 255 -35.66 26.34 6.20
C VAL A 255 -35.57 26.04 4.71
N ALA A 256 -35.67 24.74 4.32
CA ALA A 256 -35.67 24.31 2.91
C ALA A 256 -36.86 24.95 2.16
N ASP A 257 -38.01 25.10 2.85
CA ASP A 257 -39.22 25.71 2.30
C ASP A 257 -38.96 27.19 2.01
N LEU A 258 -38.22 27.89 2.89
CA LEU A 258 -37.85 29.29 2.70
C LEU A 258 -36.86 29.38 1.53
N ALA A 259 -35.87 28.47 1.53
CA ALA A 259 -34.85 28.36 0.48
C ALA A 259 -35.48 28.19 -0.89
N GLU A 260 -36.56 27.37 -0.95
CA GLU A 260 -37.33 27.13 -2.19
C GLU A 260 -37.92 28.42 -2.75
N SER A 261 -38.65 29.20 -1.94
CA SER A 261 -39.23 30.46 -2.40
C SER A 261 -38.15 31.37 -2.91
N ILE A 262 -37.01 31.47 -2.17
CA ILE A 262 -35.89 32.36 -2.55
C ILE A 262 -35.27 31.93 -3.85
N MET A 263 -34.83 30.66 -3.94
CA MET A 263 -34.14 30.10 -5.13
C MET A 263 -34.99 30.09 -6.38
N LYS A 264 -36.30 29.86 -6.22
CA LYS A 264 -37.25 29.76 -7.32
C LYS A 264 -38.05 31.03 -7.56
N ASN A 265 -37.81 32.08 -6.75
CA ASN A 265 -38.47 33.40 -6.84
C ASN A 265 -40.00 33.25 -6.85
N LEU A 266 -40.51 32.37 -5.96
CA LEU A 266 -41.92 32.02 -5.91
C LEU A 266 -42.85 33.14 -5.48
N ARG A 267 -42.38 34.06 -4.65
CA ARG A 267 -43.16 35.17 -4.12
C ARG A 267 -44.31 34.66 -3.25
N ARG A 268 -44.01 33.60 -2.47
CA ARG A 268 -44.93 33.04 -1.49
C ARG A 268 -44.80 33.87 -0.20
N VAL A 269 -45.84 33.84 0.63
CA VAL A 269 -45.88 34.58 1.87
C VAL A 269 -45.48 33.66 3.03
N HIS A 270 -44.43 34.06 3.80
CA HIS A 270 -43.93 33.27 4.95
C HIS A 270 -43.80 34.13 6.21
N PRO A 271 -44.00 33.53 7.44
CA PRO A 271 -43.78 34.30 8.68
C PRO A 271 -42.29 34.29 9.03
N VAL A 272 -41.58 35.32 8.60
CA VAL A 272 -40.14 35.42 8.80
C VAL A 272 -39.76 36.75 9.42
N SER A 273 -38.65 36.79 10.14
CA SER A 273 -38.21 38.01 10.79
C SER A 273 -37.63 39.02 9.80
N THR A 274 -38.15 40.25 9.86
CA THR A 274 -37.74 41.39 9.03
C THR A 274 -37.67 42.69 9.84
N MET A 275 -36.97 43.71 9.31
CA MET A 275 -36.82 45.03 9.92
C MET A 275 -38.23 45.68 9.93
N ILE A 276 -38.89 45.73 11.09
CA ILE A 276 -40.27 46.21 11.17
C ILE A 276 -40.43 47.67 11.66
N LYS A 277 -39.37 48.48 11.55
CA LYS A 277 -39.40 49.90 11.91
C LYS A 277 -40.46 50.60 11.03
N GLY A 278 -41.38 51.32 11.67
CA GLY A 278 -42.48 52.03 11.01
C GLY A 278 -43.84 51.37 11.16
N LEU A 279 -43.83 50.08 11.55
CA LEU A 279 -45.03 49.28 11.75
C LEU A 279 -45.35 49.11 13.23
N TYR A 280 -46.65 49.07 13.56
CA TYR A 280 -47.21 48.84 14.90
C TYR A 280 -46.62 49.75 16.00
N GLY A 281 -46.26 50.98 15.61
CA GLY A 281 -45.71 51.97 16.53
C GLY A 281 -44.26 51.75 16.90
N ILE A 282 -43.55 50.88 16.15
CA ILE A 282 -42.14 50.57 16.37
C ILE A 282 -41.29 51.57 15.62
N LYS A 283 -40.45 52.31 16.36
CA LYS A 283 -39.54 53.34 15.86
C LYS A 283 -38.05 52.96 15.91
N ASP A 284 -37.73 51.75 16.39
CA ASP A 284 -36.35 51.28 16.50
C ASP A 284 -36.01 50.28 15.40
N ASP A 285 -34.71 50.05 15.15
CA ASP A 285 -34.21 49.08 14.17
C ASP A 285 -34.33 47.69 14.78
N VAL A 286 -35.52 47.08 14.67
CA VAL A 286 -35.84 45.79 15.25
C VAL A 286 -36.38 44.78 14.21
N PHE A 287 -35.93 43.52 14.30
CA PHE A 287 -36.37 42.46 13.42
C PHE A 287 -37.37 41.61 14.16
N LEU A 288 -38.60 41.54 13.64
CA LEU A 288 -39.67 40.69 14.17
C LEU A 288 -40.39 40.04 12.99
N SER A 289 -41.07 38.89 13.24
CA SER A 289 -41.81 38.15 12.21
C SER A 289 -43.15 38.73 11.87
N VAL A 290 -43.33 38.98 10.58
CA VAL A 290 -44.56 39.40 9.93
C VAL A 290 -44.64 38.58 8.62
N PRO A 291 -45.81 38.42 7.97
CA PRO A 291 -45.86 37.66 6.71
C PRO A 291 -45.14 38.44 5.61
N CYS A 292 -44.11 37.83 5.03
CA CYS A 292 -43.29 38.45 4.00
C CYS A 292 -43.38 37.71 2.67
N ILE A 293 -43.32 38.47 1.56
CA ILE A 293 -43.27 37.94 0.19
C ILE A 293 -41.79 37.63 -0.03
N LEU A 294 -41.48 36.38 -0.33
CA LEU A 294 -40.12 35.87 -0.46
C LEU A 294 -39.80 35.45 -1.90
N GLY A 295 -38.72 35.98 -2.44
CA GLY A 295 -38.28 35.67 -3.80
C GLY A 295 -36.79 35.86 -3.97
N GLN A 296 -36.32 35.92 -5.21
CA GLN A 296 -34.91 36.03 -5.56
C GLN A 296 -34.15 37.25 -4.96
N ASN A 297 -34.88 38.26 -4.48
CA ASN A 297 -34.24 39.42 -3.86
C ASN A 297 -34.55 39.47 -2.37
N GLY A 298 -34.93 38.30 -1.81
CA GLY A 298 -35.27 38.13 -0.41
C GLY A 298 -36.67 38.62 -0.13
N ILE A 299 -36.82 39.46 0.90
CA ILE A 299 -38.10 40.06 1.27
C ILE A 299 -38.31 41.31 0.41
N SER A 300 -39.18 41.22 -0.60
CA SER A 300 -39.45 42.36 -1.48
C SER A 300 -40.62 43.18 -0.96
N ASP A 301 -41.54 42.50 -0.21
CA ASP A 301 -42.79 43.05 0.31
C ASP A 301 -43.19 42.40 1.62
N LEU A 302 -44.05 43.09 2.36
CA LEU A 302 -44.57 42.60 3.63
C LEU A 302 -46.09 42.78 3.70
N VAL A 303 -46.78 41.82 4.34
CA VAL A 303 -48.23 41.89 4.48
C VAL A 303 -48.53 42.66 5.78
N LYS A 304 -49.34 43.71 5.69
CA LYS A 304 -49.73 44.54 6.85
C LYS A 304 -50.89 43.88 7.56
N VAL A 305 -50.59 43.09 8.58
CA VAL A 305 -51.62 42.40 9.33
C VAL A 305 -52.27 43.36 10.33
N THR A 306 -53.61 43.32 10.37
CA THR A 306 -54.37 44.15 11.30
C THR A 306 -54.38 43.39 12.63
N LEU A 307 -53.80 44.01 13.66
CA LEU A 307 -53.72 43.41 14.98
C LEU A 307 -54.63 44.09 15.99
N THR A 308 -55.04 43.37 17.04
CA THR A 308 -55.82 43.94 18.14
C THR A 308 -54.84 44.77 19.01
N SER A 309 -55.36 45.67 19.87
CA SER A 309 -54.56 46.49 20.78
C SER A 309 -53.59 45.64 21.63
N GLU A 310 -54.07 44.47 22.10
CA GLU A 310 -53.30 43.52 22.90
C GLU A 310 -52.15 42.93 22.09
N GLU A 311 -52.45 42.43 20.86
CA GLU A 311 -51.48 41.84 19.93
C GLU A 311 -50.42 42.85 19.54
N GLU A 312 -50.84 44.09 19.25
CA GLU A 312 -49.94 45.18 18.88
C GLU A 312 -49.01 45.56 20.05
N ALA A 313 -49.55 45.58 21.29
CA ALA A 313 -48.80 45.88 22.52
C ALA A 313 -47.71 44.83 22.76
N ARG A 314 -48.03 43.54 22.51
CA ARG A 314 -47.10 42.42 22.66
C ARG A 314 -45.93 42.56 21.72
N LEU A 315 -46.15 43.07 20.49
CA LEU A 315 -45.07 43.28 19.54
C LEU A 315 -44.21 44.45 19.93
N LYS A 316 -44.84 45.50 20.44
CA LYS A 316 -44.15 46.71 20.89
C LYS A 316 -43.24 46.39 22.09
N LYS A 317 -43.75 45.58 23.04
CA LYS A 317 -43.03 45.10 24.22
C LYS A 317 -41.79 44.29 23.78
N SER A 318 -41.98 43.35 22.82
CA SER A 318 -40.90 42.53 22.24
C SER A 318 -39.87 43.44 21.56
N ALA A 319 -40.34 44.45 20.81
CA ALA A 319 -39.46 45.39 20.12
C ALA A 319 -38.62 46.23 21.12
N ASP A 320 -39.22 46.64 22.25
CA ASP A 320 -38.53 47.40 23.29
C ASP A 320 -37.44 46.55 23.94
N THR A 321 -37.74 45.27 24.23
CA THR A 321 -36.82 44.30 24.81
C THR A 321 -35.62 44.06 23.86
N LEU A 322 -35.91 43.73 22.61
CA LEU A 322 -34.88 43.45 21.59
C LEU A 322 -34.00 44.69 21.37
N TRP A 323 -34.61 45.89 21.30
CA TRP A 323 -33.83 47.10 21.10
C TRP A 323 -32.92 47.38 22.32
N GLY A 324 -33.40 47.08 23.51
CA GLY A 324 -32.63 47.23 24.74
C GLY A 324 -31.32 46.47 24.70
N ILE A 325 -31.36 45.21 24.22
CA ILE A 325 -30.18 44.36 24.06
C ILE A 325 -29.32 44.90 22.93
N GLN A 326 -29.94 45.19 21.79
CA GLN A 326 -29.27 45.67 20.58
C GLN A 326 -28.51 46.95 20.72
N LYS A 327 -29.11 47.92 21.40
CA LYS A 327 -28.56 49.25 21.66
C LYS A 327 -27.11 49.15 22.21
N GLU A 328 -26.86 48.18 23.10
CA GLU A 328 -25.54 48.03 23.74
C GLU A 328 -24.53 47.19 22.92
N LEU A 329 -24.83 46.85 21.67
CA LEU A 329 -23.87 46.04 20.91
C LEU A 329 -22.94 46.89 20.07
N GLN A 330 -21.67 46.48 20.05
CA GLN A 330 -20.60 47.18 19.34
C GLN A 330 -20.15 46.45 18.07
N PHE A 331 -20.13 47.16 16.93
CA PHE A 331 -19.67 46.61 15.65
C PHE A 331 -18.50 47.44 15.10
N ALA B 1 -72.27 22.34 20.57
CA ALA B 1 -71.36 21.51 19.78
C ALA B 1 -69.95 22.11 19.67
N THR B 2 -68.94 21.23 19.47
CA THR B 2 -67.53 21.59 19.31
C THR B 2 -67.32 22.38 18.02
N LEU B 3 -66.24 23.19 17.98
CA LEU B 3 -65.87 24.01 16.82
C LEU B 3 -65.68 23.11 15.61
N LYS B 4 -65.09 21.91 15.82
CA LYS B 4 -64.89 20.87 14.81
C LYS B 4 -66.25 20.47 14.20
N ASP B 5 -67.27 20.25 15.05
CA ASP B 5 -68.62 19.90 14.59
C ASP B 5 -69.35 21.06 13.92
N GLN B 6 -69.10 22.31 14.38
CA GLN B 6 -69.69 23.52 13.81
C GLN B 6 -69.12 23.82 12.42
N LEU B 7 -67.83 23.49 12.21
CA LEU B 7 -67.12 23.73 10.96
C LEU B 7 -67.21 22.56 9.97
N ILE B 8 -67.09 21.32 10.46
CA ILE B 8 -67.03 20.13 9.63
C ILE B 8 -68.23 19.20 9.80
N TYR B 9 -68.85 18.82 8.65
CA TYR B 9 -69.91 17.82 8.58
C TYR B 9 -69.28 16.49 8.21
N ASN B 10 -69.39 15.50 9.11
CA ASN B 10 -68.83 14.18 8.90
C ASN B 10 -69.74 13.28 8.06
N LEU B 11 -69.16 12.64 7.03
CA LEU B 11 -69.83 11.71 6.13
C LEU B 11 -69.51 10.27 6.51
N LEU B 12 -68.22 9.97 6.78
CA LEU B 12 -67.73 8.63 7.08
C LEU B 12 -67.22 8.48 8.48
N LYS B 13 -67.54 7.34 9.09
CA LYS B 13 -67.09 6.99 10.44
C LYS B 13 -65.80 6.19 10.34
N GLU B 14 -65.91 4.91 9.90
CA GLU B 14 -64.83 3.91 9.71
C GLU B 14 -63.60 4.47 8.97
N GLU B 15 -62.45 4.47 9.65
CA GLU B 15 -61.18 4.96 9.11
C GLU B 15 -60.22 3.78 9.24
N GLN B 16 -59.97 3.07 8.13
CA GLN B 16 -59.21 1.83 8.19
C GLN B 16 -57.90 1.79 7.36
N THR B 17 -57.24 0.61 7.44
CA THR B 17 -56.00 0.07 6.88
C THR B 17 -55.12 1.05 6.08
N PRO B 18 -53.83 1.19 6.51
CA PRO B 18 -52.89 2.04 5.73
C PRO B 18 -52.41 1.29 4.49
N GLN B 19 -52.45 1.97 3.34
CA GLN B 19 -52.13 1.38 2.04
C GLN B 19 -50.64 1.27 1.72
N ASN B 20 -49.83 2.27 2.12
CA ASN B 20 -48.41 2.28 1.78
C ASN B 20 -47.58 2.63 2.99
N LYS B 21 -47.70 1.79 4.01
CA LYS B 21 -47.05 1.98 5.29
C LYS B 21 -45.62 1.45 5.31
N ILE B 22 -44.72 2.23 5.92
CA ILE B 22 -43.33 1.88 6.11
C ILE B 22 -43.00 2.02 7.59
N THR B 23 -42.31 1.02 8.14
CA THR B 23 -41.81 1.04 9.51
C THR B 23 -40.30 1.11 9.51
N VAL B 24 -39.75 1.94 10.40
CA VAL B 24 -38.32 2.02 10.66
C VAL B 24 -38.11 1.53 12.10
N VAL B 25 -37.28 0.48 12.26
CA VAL B 25 -36.93 -0.07 13.57
C VAL B 25 -35.48 0.36 13.90
N GLY B 26 -35.35 1.14 14.96
CA GLY B 26 -34.07 1.70 15.42
C GLY B 26 -33.99 3.14 14.94
N VAL B 27 -34.16 4.10 15.86
CA VAL B 27 -34.15 5.53 15.53
C VAL B 27 -32.80 6.19 15.83
N GLY B 28 -31.71 5.46 15.55
CA GLY B 28 -30.35 5.95 15.68
C GLY B 28 -30.03 6.86 14.52
N ALA B 29 -28.74 7.11 14.27
CA ALA B 29 -28.37 8.00 13.15
C ALA B 29 -28.77 7.40 11.78
N VAL B 30 -28.65 6.09 11.62
CA VAL B 30 -29.01 5.38 10.37
C VAL B 30 -30.54 5.38 10.17
N GLY B 31 -31.28 4.95 11.19
CA GLY B 31 -32.73 4.91 11.16
C GLY B 31 -33.40 6.21 10.82
N MET B 32 -32.94 7.30 11.45
CA MET B 32 -33.48 8.65 11.23
C MET B 32 -33.13 9.20 9.86
N ALA B 33 -31.95 8.85 9.35
CA ALA B 33 -31.53 9.23 8.00
C ALA B 33 -32.42 8.52 6.94
N CYS B 34 -32.78 7.24 7.20
CA CYS B 34 -33.69 6.45 6.38
C CYS B 34 -35.08 7.10 6.41
N ALA B 35 -35.55 7.47 7.61
CA ALA B 35 -36.85 8.11 7.84
C ALA B 35 -37.03 9.42 7.08
N ILE B 36 -36.07 10.38 7.24
CA ILE B 36 -36.17 11.68 6.55
C ILE B 36 -36.13 11.54 5.02
N SER B 37 -35.29 10.61 4.51
CA SER B 37 -35.15 10.38 3.08
C SER B 37 -36.41 9.80 2.47
N ILE B 38 -37.07 8.89 3.19
CA ILE B 38 -38.33 8.25 2.79
C ILE B 38 -39.45 9.30 2.82
N LEU B 39 -39.43 10.16 3.84
CA LEU B 39 -40.43 11.22 3.95
C LEU B 39 -40.30 12.24 2.83
N MET B 40 -39.07 12.58 2.45
CA MET B 40 -38.85 13.57 1.40
C MET B 40 -39.04 13.01 0.00
N LYS B 41 -39.15 11.68 -0.12
CA LYS B 41 -39.37 11.03 -1.42
C LYS B 41 -40.82 10.58 -1.61
N ASP B 42 -41.70 10.91 -0.64
CA ASP B 42 -43.13 10.58 -0.66
C ASP B 42 -43.41 9.10 -0.95
N LEU B 43 -42.69 8.20 -0.29
CA LEU B 43 -42.87 6.77 -0.54
C LEU B 43 -43.96 6.12 0.29
N ALA B 44 -44.41 6.80 1.33
CA ALA B 44 -45.35 6.23 2.27
C ALA B 44 -46.49 7.17 2.61
N ASP B 45 -47.68 6.61 2.92
CA ASP B 45 -48.82 7.36 3.40
C ASP B 45 -48.83 7.34 4.93
N GLU B 46 -48.02 6.44 5.52
CA GLU B 46 -47.87 6.29 6.98
C GLU B 46 -46.46 5.82 7.33
N LEU B 47 -45.84 6.49 8.32
CA LEU B 47 -44.52 6.12 8.84
C LEU B 47 -44.59 5.74 10.31
N ALA B 48 -44.08 4.56 10.63
CA ALA B 48 -44.02 4.06 12.01
C ALA B 48 -42.55 3.98 12.46
N LEU B 49 -42.28 4.42 13.69
CA LEU B 49 -40.94 4.32 14.29
C LEU B 49 -40.96 3.46 15.53
N VAL B 50 -39.98 2.56 15.67
CA VAL B 50 -39.84 1.69 16.85
C VAL B 50 -38.40 1.77 17.37
N ASP B 51 -38.26 1.77 18.69
CA ASP B 51 -36.99 1.72 19.41
C ASP B 51 -37.25 1.24 20.84
N VAL B 52 -36.19 0.97 21.62
CA VAL B 52 -36.26 0.58 23.02
C VAL B 52 -36.12 1.81 23.95
N ILE B 53 -35.47 2.90 23.44
CA ILE B 53 -35.27 4.16 24.18
C ILE B 53 -36.51 5.01 23.89
N GLU B 54 -37.47 4.99 24.84
CA GLU B 54 -38.77 5.63 24.71
C GLU B 54 -38.74 7.15 24.55
N ASP B 55 -37.89 7.87 25.31
CA ASP B 55 -37.82 9.33 25.25
C ASP B 55 -37.32 9.82 23.90
N LYS B 56 -36.18 9.28 23.44
CA LYS B 56 -35.57 9.58 22.14
C LYS B 56 -36.57 9.31 21.04
N LEU B 57 -37.24 8.12 21.10
CA LEU B 57 -38.26 7.71 20.15
C LEU B 57 -39.38 8.74 20.01
N LYS B 58 -39.97 9.18 21.14
CA LYS B 58 -41.05 10.17 21.12
C LYS B 58 -40.55 11.51 20.58
N GLY B 59 -39.33 11.93 20.97
CA GLY B 59 -38.70 13.17 20.52
C GLY B 59 -38.47 13.20 19.01
N GLU B 60 -37.97 12.08 18.46
CA GLU B 60 -37.76 11.92 17.03
C GLU B 60 -39.08 11.94 16.27
N MET B 61 -40.10 11.24 16.78
CA MET B 61 -41.43 11.24 16.16
C MET B 61 -41.99 12.65 16.12
N MET B 62 -41.92 13.38 17.27
CA MET B 62 -42.45 14.74 17.40
C MET B 62 -41.74 15.72 16.46
N ASP B 63 -40.43 15.58 16.30
CA ASP B 63 -39.62 16.45 15.44
C ASP B 63 -40.05 16.28 13.97
N LEU B 64 -40.32 15.03 13.55
CA LEU B 64 -40.83 14.72 12.21
C LEU B 64 -42.25 15.28 12.04
N GLN B 65 -43.14 15.04 13.02
CA GLN B 65 -44.52 15.53 13.01
C GLN B 65 -44.59 17.06 12.89
N HIS B 66 -43.67 17.77 13.54
CA HIS B 66 -43.65 19.24 13.46
C HIS B 66 -43.32 19.75 12.05
N GLY B 67 -42.77 18.88 11.19
CA GLY B 67 -42.47 19.22 9.80
C GLY B 67 -43.55 18.83 8.80
N SER B 68 -44.71 18.30 9.28
CA SER B 68 -45.86 17.82 8.46
C SER B 68 -46.32 18.78 7.37
N LEU B 69 -46.32 20.09 7.67
CA LEU B 69 -46.71 21.13 6.70
C LEU B 69 -45.88 21.04 5.39
N PHE B 70 -44.62 20.59 5.50
CA PHE B 70 -43.70 20.49 4.39
C PHE B 70 -43.63 19.11 3.80
N LEU B 71 -44.47 18.18 4.29
CA LEU B 71 -44.45 16.81 3.82
C LEU B 71 -45.78 16.33 3.23
N ARG B 72 -45.79 15.14 2.61
CA ARG B 72 -46.98 14.52 2.03
C ARG B 72 -47.20 13.09 2.59
N THR B 73 -46.85 12.91 3.87
CA THR B 73 -47.00 11.69 4.64
C THR B 73 -47.84 12.12 5.84
N PRO B 74 -49.18 11.88 5.74
CA PRO B 74 -50.10 12.44 6.73
C PRO B 74 -50.10 11.82 8.12
N LYS B 75 -49.47 10.67 8.28
CA LYS B 75 -49.47 10.00 9.57
C LYS B 75 -48.10 9.48 9.96
N ILE B 76 -47.58 10.01 11.08
CA ILE B 76 -46.31 9.62 11.68
C ILE B 76 -46.62 9.13 13.09
N VAL B 77 -46.30 7.85 13.34
CA VAL B 77 -46.51 7.20 14.64
C VAL B 77 -45.23 6.58 15.21
N SER B 78 -45.21 6.34 16.51
CA SER B 78 -44.08 5.65 17.15
C SER B 78 -44.53 4.97 18.43
N GLY B 79 -43.73 3.99 18.86
CA GLY B 79 -43.96 3.24 20.08
C GLY B 79 -42.98 2.11 20.24
N LYS B 80 -42.82 1.67 21.50
CA LYS B 80 -42.01 0.51 21.86
C LYS B 80 -42.81 -0.75 21.49
N ASP B 81 -44.16 -0.67 21.60
CA ASP B 81 -45.08 -1.74 21.25
C ASP B 81 -45.22 -1.77 19.71
N TYR B 82 -45.10 -2.96 19.10
CA TYR B 82 -45.15 -3.14 17.65
C TYR B 82 -46.55 -3.01 17.03
N ASN B 83 -47.55 -2.62 17.84
CA ASN B 83 -48.91 -2.40 17.35
C ASN B 83 -48.95 -1.20 16.40
N VAL B 84 -47.98 -0.25 16.55
CA VAL B 84 -47.84 0.96 15.72
C VAL B 84 -47.44 0.54 14.28
N THR B 85 -46.75 -0.61 14.11
CA THR B 85 -46.23 -1.16 12.84
C THR B 85 -47.24 -2.00 12.02
N ALA B 86 -48.45 -2.23 12.55
CA ALA B 86 -49.44 -3.09 11.88
C ALA B 86 -49.70 -2.73 10.42
N ASN B 87 -49.71 -3.74 9.53
CA ASN B 87 -49.99 -3.64 8.09
C ASN B 87 -48.97 -2.79 7.30
N SER B 88 -47.68 -2.88 7.68
CA SER B 88 -46.61 -2.21 6.97
C SER B 88 -46.29 -3.03 5.71
N LYS B 89 -46.04 -2.34 4.58
CA LYS B 89 -45.66 -2.97 3.33
C LYS B 89 -44.17 -3.27 3.42
N LEU B 90 -43.45 -2.36 4.10
CA LEU B 90 -42.01 -2.44 4.24
C LEU B 90 -41.57 -2.17 5.66
N VAL B 91 -40.67 -3.00 6.16
CA VAL B 91 -40.10 -2.85 7.49
C VAL B 91 -38.58 -2.81 7.35
N ILE B 92 -38.00 -1.69 7.78
CA ILE B 92 -36.57 -1.42 7.68
C ILE B 92 -35.93 -1.57 9.04
N ILE B 93 -34.96 -2.50 9.14
CA ILE B 93 -34.29 -2.77 10.41
C ILE B 93 -32.91 -2.14 10.44
N THR B 94 -32.76 -1.13 11.31
CA THR B 94 -31.51 -0.41 11.50
C THR B 94 -31.08 -0.50 12.99
N ALA B 95 -31.80 -1.30 13.80
CA ALA B 95 -31.52 -1.47 15.23
C ALA B 95 -30.21 -2.20 15.46
N GLY B 96 -29.46 -1.80 16.47
CA GLY B 96 -28.19 -2.42 16.80
C GLY B 96 -27.59 -2.01 18.13
N ALA B 97 -26.80 -2.92 18.74
CA ALA B 97 -26.11 -2.76 20.03
C ALA B 97 -24.98 -1.70 20.00
N ASN B 107 -17.92 -11.25 16.22
CA ASN B 107 -17.85 -10.59 17.54
C ASN B 107 -19.27 -10.09 17.98
N LEU B 108 -19.68 -8.92 17.42
CA LEU B 108 -20.91 -8.17 17.63
C LEU B 108 -22.18 -8.93 17.20
N VAL B 109 -22.03 -9.91 16.28
CA VAL B 109 -23.10 -10.71 15.68
C VAL B 109 -24.06 -11.32 16.73
N GLN B 110 -23.56 -12.01 17.79
CA GLN B 110 -24.43 -12.63 18.80
C GLN B 110 -25.24 -11.59 19.60
N ARG B 111 -24.69 -10.39 19.85
CA ARG B 111 -25.40 -9.30 20.52
C ARG B 111 -26.59 -8.85 19.61
N ASN B 112 -26.34 -8.72 18.28
CA ASN B 112 -27.37 -8.31 17.29
C ASN B 112 -28.36 -9.42 17.01
N VAL B 113 -27.90 -10.67 17.03
CA VAL B 113 -28.73 -11.83 16.86
C VAL B 113 -29.75 -11.84 17.98
N ASN B 114 -29.34 -11.49 19.21
CA ASN B 114 -30.21 -11.48 20.39
C ASN B 114 -31.27 -10.41 20.30
N ILE B 115 -30.90 -9.24 19.77
CA ILE B 115 -31.80 -8.11 19.50
C ILE B 115 -32.83 -8.54 18.43
N PHE B 116 -32.34 -9.23 17.37
CA PHE B 116 -33.17 -9.72 16.26
C PHE B 116 -34.17 -10.79 16.73
N LYS B 117 -33.78 -11.63 17.73
CA LYS B 117 -34.68 -12.67 18.29
C LYS B 117 -35.94 -12.07 18.92
N PHE B 118 -35.89 -10.80 19.28
CA PHE B 118 -37.05 -10.11 19.85
C PHE B 118 -37.80 -9.33 18.75
N ILE B 119 -37.06 -8.61 17.89
CA ILE B 119 -37.61 -7.73 16.84
C ILE B 119 -38.41 -8.47 15.76
N ILE B 120 -37.75 -9.38 15.04
CA ILE B 120 -38.30 -10.11 13.91
C ILE B 120 -39.66 -10.78 14.26
N PRO B 121 -39.85 -11.52 15.37
CA PRO B 121 -41.18 -12.09 15.66
C PRO B 121 -42.28 -11.04 15.86
N ASN B 122 -41.90 -9.91 16.49
CA ASN B 122 -42.82 -8.79 16.72
C ASN B 122 -43.24 -8.11 15.41
N VAL B 123 -42.29 -7.97 14.45
CA VAL B 123 -42.58 -7.36 13.16
C VAL B 123 -43.52 -8.27 12.35
N VAL B 124 -43.20 -9.57 12.28
CA VAL B 124 -43.93 -10.53 11.44
C VAL B 124 -45.37 -10.73 11.92
N LYS B 125 -45.65 -10.65 13.23
CA LYS B 125 -47.01 -10.84 13.72
C LYS B 125 -47.90 -9.64 13.39
N TYR B 126 -47.33 -8.41 13.33
CA TYR B 126 -48.12 -7.23 12.97
C TYR B 126 -48.18 -6.98 11.47
N SER B 127 -47.15 -7.43 10.71
CA SER B 127 -47.11 -7.26 9.26
C SER B 127 -46.67 -8.58 8.59
N PRO B 128 -47.56 -9.59 8.55
CA PRO B 128 -47.19 -10.90 7.98
C PRO B 128 -46.78 -10.91 6.53
N ASN B 129 -47.27 -9.94 5.75
CA ASN B 129 -46.98 -9.87 4.34
C ASN B 129 -45.94 -8.82 3.94
N CYS B 130 -45.24 -8.20 4.91
CA CYS B 130 -44.25 -7.18 4.62
C CYS B 130 -43.00 -7.75 3.96
N LYS B 131 -42.18 -6.85 3.41
CA LYS B 131 -40.85 -7.17 2.91
C LYS B 131 -39.93 -6.63 4.00
N LEU B 132 -38.89 -7.38 4.32
CA LEU B 132 -37.93 -7.02 5.36
C LEU B 132 -36.69 -6.47 4.71
N LEU B 133 -36.30 -5.24 5.09
CA LEU B 133 -35.08 -4.63 4.58
C LEU B 133 -34.12 -4.46 5.75
N ILE B 134 -33.03 -5.26 5.74
CA ILE B 134 -32.02 -5.29 6.82
C ILE B 134 -30.84 -4.39 6.53
N VAL B 135 -30.53 -3.50 7.48
CA VAL B 135 -29.42 -2.55 7.34
C VAL B 135 -28.36 -2.85 8.43
N SER B 136 -28.81 -3.23 9.64
CA SER B 136 -27.98 -3.58 10.81
C SER B 136 -26.81 -4.49 10.43
N ASN B 137 -25.60 -4.20 10.94
CA ASN B 137 -24.37 -4.95 10.64
C ASN B 137 -24.05 -6.11 11.60
N PRO B 138 -23.36 -7.19 11.15
CA PRO B 138 -22.95 -7.51 9.75
C PRO B 138 -24.20 -7.86 8.97
N VAL B 139 -24.53 -7.00 7.99
CA VAL B 139 -25.75 -7.04 7.20
C VAL B 139 -25.99 -8.41 6.54
N ASP B 140 -24.94 -9.06 5.98
CA ASP B 140 -25.09 -10.37 5.32
C ASP B 140 -25.53 -11.48 6.28
N ILE B 141 -24.91 -11.57 7.46
CA ILE B 141 -25.26 -12.54 8.52
C ILE B 141 -26.65 -12.18 9.09
N LEU B 142 -26.88 -10.90 9.38
CA LEU B 142 -28.16 -10.46 9.96
C LEU B 142 -29.36 -10.61 9.00
N THR B 143 -29.11 -10.62 7.68
CA THR B 143 -30.19 -10.84 6.70
C THR B 143 -30.58 -12.33 6.78
N TYR B 144 -29.58 -13.22 6.91
CA TYR B 144 -29.77 -14.67 7.08
C TYR B 144 -30.55 -14.93 8.37
N VAL B 145 -30.17 -14.23 9.45
CA VAL B 145 -30.79 -14.31 10.77
C VAL B 145 -32.28 -13.92 10.68
N ALA B 146 -32.58 -12.77 10.03
CA ALA B 146 -33.94 -12.27 9.81
C ALA B 146 -34.76 -13.28 9.02
N TRP B 147 -34.16 -13.89 7.99
CA TRP B 147 -34.80 -14.91 7.16
C TRP B 147 -35.16 -16.16 7.98
N LYS B 148 -34.20 -16.65 8.80
CA LYS B 148 -34.42 -17.82 9.65
C LYS B 148 -35.51 -17.60 10.71
N ILE B 149 -35.45 -16.47 11.44
CA ILE B 149 -36.42 -16.13 12.48
C ILE B 149 -37.84 -15.90 11.90
N SER B 150 -37.97 -15.08 10.84
CA SER B 150 -39.26 -14.73 10.22
C SER B 150 -40.01 -15.86 9.60
N GLY B 151 -39.28 -16.79 8.97
CA GLY B 151 -39.85 -17.91 8.23
C GLY B 151 -40.39 -17.46 6.89
N PHE B 152 -40.03 -16.23 6.46
CA PHE B 152 -40.49 -15.62 5.21
C PHE B 152 -39.79 -16.25 4.01
N PRO B 153 -40.44 -16.31 2.82
CA PRO B 153 -39.71 -16.79 1.64
C PRO B 153 -38.56 -15.80 1.34
N LYS B 154 -37.44 -16.31 0.80
CA LYS B 154 -36.23 -15.53 0.53
C LYS B 154 -36.46 -14.22 -0.27
N ASN B 155 -37.51 -14.16 -1.12
CA ASN B 155 -37.84 -12.96 -1.91
C ASN B 155 -38.22 -11.75 -1.04
N ARG B 156 -38.79 -12.00 0.15
CA ARG B 156 -39.25 -10.94 1.06
C ARG B 156 -38.23 -10.56 2.17
N VAL B 157 -36.99 -11.08 2.10
CA VAL B 157 -35.94 -10.77 3.08
C VAL B 157 -34.76 -10.22 2.29
N ILE B 158 -34.57 -8.90 2.36
CA ILE B 158 -33.56 -8.18 1.58
C ILE B 158 -32.54 -7.51 2.52
N GLY B 159 -31.26 -7.68 2.21
CA GLY B 159 -30.20 -7.02 2.95
C GLY B 159 -29.71 -5.82 2.15
N SER B 160 -29.44 -4.68 2.81
CA SER B 160 -28.96 -3.49 2.07
C SER B 160 -27.67 -3.81 1.30
N GLY B 161 -26.92 -4.79 1.81
CA GLY B 161 -25.73 -5.35 1.20
C GLY B 161 -24.72 -4.38 0.63
N CYS B 162 -24.38 -4.58 -0.66
CA CYS B 162 -23.38 -3.79 -1.37
C CYS B 162 -23.94 -2.59 -2.11
N ASN B 163 -25.16 -2.16 -1.76
CA ASN B 163 -25.78 -0.99 -2.36
C ASN B 163 -24.96 0.27 -2.07
N LEU B 164 -24.53 0.46 -0.81
CA LEU B 164 -23.71 1.60 -0.39
C LEU B 164 -22.29 1.53 -0.97
N ASP B 165 -21.70 0.32 -0.99
CA ASP B 165 -20.37 0.06 -1.54
C ASP B 165 -20.35 0.48 -3.00
N SER B 166 -21.39 0.03 -3.73
CA SER B 166 -21.59 0.31 -5.16
C SER B 166 -21.77 1.79 -5.43
N ALA B 167 -22.57 2.50 -4.57
CA ALA B 167 -22.85 3.93 -4.66
C ALA B 167 -21.57 4.73 -4.43
N ARG B 168 -20.77 4.35 -3.42
CA ARG B 168 -19.48 4.99 -3.10
C ARG B 168 -18.49 4.82 -4.25
N PHE B 169 -18.45 3.62 -4.84
CA PHE B 169 -17.59 3.27 -5.96
C PHE B 169 -17.87 4.19 -7.15
N ARG B 170 -19.17 4.32 -7.49
CA ARG B 170 -19.67 5.15 -8.58
C ARG B 170 -19.36 6.63 -8.34
N TYR B 171 -19.45 7.09 -7.07
CA TYR B 171 -19.11 8.46 -6.71
C TYR B 171 -17.62 8.73 -7.02
N LEU B 172 -16.74 7.80 -6.58
CA LEU B 172 -15.28 7.89 -6.76
C LEU B 172 -14.89 7.80 -8.25
N MET B 173 -15.58 6.93 -9.00
CA MET B 173 -15.42 6.76 -10.44
C MET B 173 -15.75 8.09 -11.12
N GLY B 174 -16.89 8.68 -10.74
CA GLY B 174 -17.39 9.95 -11.22
C GLY B 174 -16.42 11.09 -11.02
N GLU B 175 -15.84 11.17 -9.82
CA GLU B 175 -14.86 12.20 -9.45
C GLU B 175 -13.58 12.08 -10.32
N ARG B 176 -13.11 10.83 -10.56
CA ARG B 176 -11.94 10.55 -11.41
C ARG B 176 -12.20 10.92 -12.89
N LEU B 177 -13.42 10.67 -13.41
CA LEU B 177 -13.73 10.89 -14.83
C LEU B 177 -14.37 12.24 -15.16
N GLY B 178 -14.84 12.98 -14.14
CA GLY B 178 -15.53 14.26 -14.33
C GLY B 178 -16.90 14.05 -14.94
N VAL B 179 -17.57 12.97 -14.49
CA VAL B 179 -18.89 12.52 -14.96
C VAL B 179 -19.78 12.32 -13.75
N HIS B 180 -21.08 12.59 -13.87
CA HIS B 180 -22.01 12.35 -12.77
C HIS B 180 -22.05 10.83 -12.43
N PRO B 181 -22.06 10.44 -11.13
CA PRO B 181 -22.17 9.01 -10.76
C PRO B 181 -23.27 8.22 -11.47
N LEU B 182 -24.40 8.88 -11.85
CA LEU B 182 -25.52 8.24 -12.57
C LEU B 182 -25.07 7.65 -13.92
N SER B 183 -24.07 8.28 -14.55
CA SER B 183 -23.54 7.87 -15.84
C SER B 183 -22.31 6.97 -15.73
N CYS B 184 -21.85 6.73 -14.48
CA CYS B 184 -20.70 5.86 -14.20
C CYS B 184 -21.23 4.56 -13.68
N HIS B 185 -21.02 3.48 -14.42
CA HIS B 185 -21.55 2.17 -14.02
C HIS B 185 -20.46 1.25 -13.54
N GLY B 186 -20.75 0.57 -12.43
CA GLY B 186 -19.81 -0.34 -11.78
C GLY B 186 -20.49 -1.04 -10.63
N TRP B 187 -20.22 -2.33 -10.50
CA TRP B 187 -20.85 -3.19 -9.48
C TRP B 187 -19.88 -3.75 -8.48
N VAL B 188 -20.19 -3.53 -7.20
CA VAL B 188 -19.42 -4.03 -6.07
C VAL B 188 -20.31 -5.12 -5.49
N LEU B 189 -19.84 -6.38 -5.53
CA LEU B 189 -20.68 -7.50 -5.09
C LEU B 189 -20.11 -8.31 -3.90
N GLY B 190 -20.74 -9.44 -3.61
CA GLY B 190 -20.33 -10.31 -2.50
C GLY B 190 -20.70 -9.77 -1.13
N GLU B 191 -19.74 -9.85 -0.22
CA GLU B 191 -19.87 -9.47 1.19
C GLU B 191 -19.71 -7.96 1.38
N HIS B 192 -20.67 -7.34 2.08
CA HIS B 192 -20.64 -5.92 2.38
C HIS B 192 -19.46 -5.59 3.28
N GLY B 193 -18.74 -4.52 2.95
CA GLY B 193 -17.61 -4.08 3.74
C GLY B 193 -16.25 -4.40 3.17
N ASP B 194 -15.31 -4.78 4.05
CA ASP B 194 -13.90 -5.07 3.72
C ASP B 194 -13.68 -6.11 2.63
N SER B 195 -14.53 -7.14 2.60
CA SER B 195 -14.36 -8.26 1.65
C SER B 195 -15.16 -8.12 0.36
N SER B 196 -15.77 -6.95 0.08
CA SER B 196 -16.55 -6.69 -1.15
C SER B 196 -15.72 -6.86 -2.43
N VAL B 197 -16.37 -7.30 -3.51
CA VAL B 197 -15.72 -7.59 -4.78
C VAL B 197 -16.09 -6.59 -5.91
N PRO B 198 -15.12 -5.76 -6.37
CA PRO B 198 -15.40 -4.86 -7.50
C PRO B 198 -15.37 -5.66 -8.82
N VAL B 199 -16.48 -5.65 -9.57
CA VAL B 199 -16.57 -6.41 -10.82
C VAL B 199 -16.06 -5.52 -11.96
N TRP B 200 -14.73 -5.59 -12.23
CA TRP B 200 -14.01 -4.78 -13.21
C TRP B 200 -14.54 -4.91 -14.64
N SER B 201 -15.03 -6.11 -15.02
CA SER B 201 -15.59 -6.40 -16.35
C SER B 201 -16.84 -5.58 -16.69
N GLY B 202 -17.63 -5.22 -15.67
CA GLY B 202 -18.87 -4.47 -15.86
C GLY B 202 -18.75 -2.97 -15.78
N MET B 203 -17.54 -2.46 -15.49
CA MET B 203 -17.30 -1.03 -15.35
C MET B 203 -17.26 -0.33 -16.68
N ASN B 204 -18.14 0.65 -16.85
CA ASN B 204 -18.27 1.32 -18.12
C ASN B 204 -18.93 2.67 -17.99
N VAL B 205 -18.72 3.52 -19.01
CA VAL B 205 -19.37 4.79 -19.20
C VAL B 205 -19.92 4.67 -20.61
N ALA B 206 -21.25 4.82 -20.75
CA ALA B 206 -21.96 4.74 -22.03
C ALA B 206 -21.72 3.42 -22.81
N GLY B 207 -21.66 2.31 -22.09
CA GLY B 207 -21.45 1.00 -22.67
C GLY B 207 -20.02 0.74 -23.12
N VAL B 208 -19.11 1.68 -22.84
CA VAL B 208 -17.69 1.55 -23.19
C VAL B 208 -17.00 0.93 -21.99
N SER B 209 -16.64 -0.36 -22.11
CA SER B 209 -15.98 -1.15 -21.07
C SER B 209 -14.58 -0.59 -20.80
N LEU B 210 -14.34 -0.21 -19.55
CA LEU B 210 -13.09 0.35 -19.06
C LEU B 210 -11.96 -0.71 -19.11
N LYS B 211 -12.32 -1.99 -18.87
CA LYS B 211 -11.42 -3.16 -18.90
C LYS B 211 -10.98 -3.45 -20.34
N THR B 212 -11.86 -3.22 -21.34
CA THR B 212 -11.53 -3.43 -22.75
C THR B 212 -10.54 -2.35 -23.19
N LEU B 213 -10.78 -1.09 -22.81
CA LEU B 213 -9.92 0.04 -23.12
C LEU B 213 -8.59 -0.02 -22.38
N HIS B 214 -8.60 -0.57 -21.16
CA HIS B 214 -7.43 -0.69 -20.29
C HIS B 214 -7.43 -2.12 -19.72
N PRO B 215 -6.79 -3.10 -20.40
CA PRO B 215 -6.81 -4.49 -19.90
C PRO B 215 -6.20 -4.72 -18.50
N ASP B 216 -5.35 -3.78 -18.03
CA ASP B 216 -4.72 -3.79 -16.71
C ASP B 216 -5.64 -3.30 -15.56
N LEU B 217 -6.88 -2.87 -15.89
CA LEU B 217 -7.86 -2.38 -14.92
C LEU B 217 -8.11 -3.37 -13.78
N GLY B 218 -7.88 -2.89 -12.55
CA GLY B 218 -8.08 -3.67 -11.33
C GLY B 218 -7.02 -4.70 -10.99
N THR B 219 -5.85 -4.65 -11.66
CA THR B 219 -4.74 -5.55 -11.36
C THR B 219 -3.59 -4.70 -10.81
N ASP B 220 -2.56 -5.35 -10.26
CA ASP B 220 -1.41 -4.66 -9.70
C ASP B 220 -0.50 -4.10 -10.79
N LYS B 221 -0.66 -4.62 -12.04
CA LYS B 221 0.05 -4.21 -13.25
C LYS B 221 -0.38 -2.80 -13.74
N ASP B 222 -1.53 -2.31 -13.24
CA ASP B 222 -2.14 -1.03 -13.60
C ASP B 222 -1.29 0.16 -13.12
N LYS B 223 -0.81 0.99 -14.07
CA LYS B 223 -0.02 2.19 -13.75
C LYS B 223 -0.92 3.30 -13.17
N GLU B 224 -2.23 3.27 -13.49
CA GLU B 224 -3.24 4.23 -13.02
C GLU B 224 -3.84 3.82 -11.68
N GLN B 225 -3.56 2.57 -11.25
CA GLN B 225 -3.98 1.96 -10.00
C GLN B 225 -5.48 2.15 -9.74
N TRP B 226 -6.31 1.54 -10.62
CA TRP B 226 -7.76 1.62 -10.50
C TRP B 226 -8.29 0.77 -9.36
N LYS B 227 -7.48 -0.23 -8.90
CA LYS B 227 -7.74 -1.10 -7.77
C LYS B 227 -7.89 -0.24 -6.51
N GLU B 228 -7.18 0.90 -6.47
CA GLU B 228 -7.20 1.89 -5.39
C GLU B 228 -8.55 2.55 -5.22
N VAL B 229 -9.41 2.56 -6.29
CA VAL B 229 -10.77 3.13 -6.21
C VAL B 229 -11.59 2.24 -5.26
N HIS B 230 -11.44 0.90 -5.38
CA HIS B 230 -12.11 -0.04 -4.51
C HIS B 230 -11.53 0.05 -3.10
N LYS B 231 -10.20 0.19 -3.02
CA LYS B 231 -9.47 0.36 -1.77
C LYS B 231 -9.98 1.61 -1.06
N GLN B 232 -10.21 2.70 -1.83
CA GLN B 232 -10.76 3.98 -1.35
C GLN B 232 -12.17 3.83 -0.85
N VAL B 233 -12.99 2.91 -1.44
CA VAL B 233 -14.37 2.66 -0.97
C VAL B 233 -14.27 2.19 0.48
N VAL B 234 -13.39 1.21 0.74
CA VAL B 234 -13.14 0.66 2.08
C VAL B 234 -12.54 1.77 2.97
N GLU B 235 -11.55 2.51 2.45
CA GLU B 235 -10.87 3.63 3.15
C GLU B 235 -11.83 4.73 3.60
N SER B 236 -12.78 5.12 2.74
CA SER B 236 -13.78 6.15 2.97
C SER B 236 -14.73 5.83 4.11
N ALA B 237 -15.14 4.55 4.25
CA ALA B 237 -16.01 4.09 5.34
C ALA B 237 -15.34 4.33 6.69
N TYR B 238 -14.06 3.89 6.83
CA TYR B 238 -13.23 4.09 8.02
C TYR B 238 -12.96 5.57 8.25
N GLU B 239 -12.68 6.33 7.17
CA GLU B 239 -12.45 7.77 7.24
C GLU B 239 -13.65 8.54 7.79
N VAL B 240 -14.87 8.29 7.24
CA VAL B 240 -16.11 8.95 7.69
C VAL B 240 -16.33 8.69 9.20
N ILE B 241 -16.15 7.43 9.64
CA ILE B 241 -16.28 7.04 11.05
C ILE B 241 -15.20 7.74 11.90
N LYS B 242 -13.98 7.83 11.41
CA LYS B 242 -12.91 8.53 12.13
C LYS B 242 -13.24 10.02 12.26
N LEU B 243 -13.76 10.64 11.17
CA LEU B 243 -14.05 12.08 11.11
C LEU B 243 -15.32 12.53 11.83
N LYS B 244 -16.47 11.82 11.65
CA LYS B 244 -17.72 12.25 12.31
C LYS B 244 -18.27 11.22 13.31
N GLY B 245 -17.65 10.04 13.40
CA GLY B 245 -18.05 9.01 14.35
C GLY B 245 -19.03 7.96 13.89
N TYR B 246 -19.66 8.17 12.73
CA TYR B 246 -20.67 7.26 12.16
C TYR B 246 -20.97 7.72 10.73
N THR B 247 -21.79 6.95 9.99
CA THR B 247 -22.27 7.28 8.65
C THR B 247 -23.79 7.26 8.74
N SER B 248 -24.46 8.25 8.12
CA SER B 248 -25.92 8.31 8.17
C SER B 248 -26.59 8.70 6.84
N TRP B 249 -26.20 9.86 6.28
CA TRP B 249 -26.79 10.42 5.07
C TRP B 249 -26.70 9.51 3.85
N ALA B 250 -25.48 9.01 3.53
CA ALA B 250 -25.27 8.13 2.39
C ALA B 250 -26.09 6.83 2.49
N ILE B 251 -26.14 6.19 3.68
CA ILE B 251 -26.89 4.96 3.88
C ILE B 251 -28.42 5.25 3.84
N GLY B 252 -28.89 6.34 4.47
CA GLY B 252 -30.30 6.72 4.47
C GLY B 252 -30.82 6.92 3.07
N LEU B 253 -29.99 7.59 2.22
CA LEU B 253 -30.31 7.82 0.81
C LEU B 253 -30.35 6.52 0.01
N SER B 254 -29.34 5.63 0.19
CA SER B 254 -29.29 4.34 -0.52
C SER B 254 -30.46 3.42 -0.17
N VAL B 255 -30.92 3.45 1.11
CA VAL B 255 -32.06 2.66 1.63
C VAL B 255 -33.35 3.22 1.03
N ALA B 256 -33.47 4.56 0.95
CA ALA B 256 -34.64 5.25 0.37
C ALA B 256 -34.80 4.91 -1.11
N ASP B 257 -33.69 4.67 -1.81
CA ASP B 257 -33.67 4.27 -3.22
C ASP B 257 -34.20 2.85 -3.35
N LEU B 258 -33.82 1.94 -2.43
CA LEU B 258 -34.31 0.57 -2.39
C LEU B 258 -35.79 0.56 -2.05
N ALA B 259 -36.20 1.38 -1.08
CA ALA B 259 -37.58 1.53 -0.63
C ALA B 259 -38.46 1.98 -1.81
N GLU B 260 -37.94 2.92 -2.62
CA GLU B 260 -38.63 3.42 -3.82
C GLU B 260 -38.94 2.28 -4.82
N SER B 261 -37.93 1.49 -5.23
CA SER B 261 -38.15 0.37 -6.18
C SER B 261 -39.14 -0.64 -5.60
N ILE B 262 -39.11 -0.91 -4.27
CA ILE B 262 -40.06 -1.83 -3.62
C ILE B 262 -41.48 -1.27 -3.61
N MET B 263 -41.66 -0.05 -3.08
CA MET B 263 -42.96 0.61 -2.94
C MET B 263 -43.62 0.92 -4.27
N LYS B 264 -42.83 1.21 -5.30
CA LYS B 264 -43.34 1.56 -6.63
C LYS B 264 -43.26 0.40 -7.64
N ASN B 265 -42.78 -0.77 -7.20
CA ASN B 265 -42.65 -2.01 -8.00
C ASN B 265 -41.89 -1.71 -9.33
N LEU B 266 -40.80 -0.92 -9.22
CA LEU B 266 -40.04 -0.46 -10.36
C LEU B 266 -39.32 -1.53 -11.15
N ARG B 267 -38.94 -2.63 -10.51
CA ARG B 267 -38.19 -3.73 -11.14
C ARG B 267 -36.83 -3.24 -11.65
N ARG B 268 -36.19 -2.35 -10.86
CA ARG B 268 -34.84 -1.86 -11.11
C ARG B 268 -33.86 -2.90 -10.54
N VAL B 269 -32.65 -2.90 -11.05
CA VAL B 269 -31.61 -3.84 -10.63
C VAL B 269 -30.71 -3.13 -9.61
N HIS B 270 -30.59 -3.73 -8.41
CA HIS B 270 -29.78 -3.20 -7.30
C HIS B 270 -28.82 -4.26 -6.73
N PRO B 271 -27.63 -3.84 -6.25
CA PRO B 271 -26.72 -4.81 -5.58
C PRO B 271 -27.13 -4.96 -4.12
N VAL B 272 -27.96 -5.97 -3.84
CA VAL B 272 -28.48 -6.22 -2.51
C VAL B 272 -28.22 -7.65 -2.06
N SER B 273 -28.24 -7.89 -0.75
CA SER B 273 -27.99 -9.20 -0.20
C SER B 273 -29.18 -10.15 -0.32
N THR B 274 -28.90 -11.31 -0.92
CA THR B 274 -29.88 -12.35 -1.16
C THR B 274 -29.29 -13.76 -0.93
N MET B 275 -30.18 -14.73 -0.73
CA MET B 275 -29.82 -16.14 -0.53
C MET B 275 -29.17 -16.65 -1.84
N ILE B 276 -27.85 -16.81 -1.86
CA ILE B 276 -27.14 -17.19 -3.10
C ILE B 276 -26.75 -18.67 -3.19
N LYS B 277 -27.41 -19.55 -2.39
CA LYS B 277 -27.17 -21.00 -2.44
C LYS B 277 -27.51 -21.49 -3.87
N GLY B 278 -26.57 -22.22 -4.48
CA GLY B 278 -26.67 -22.73 -5.84
C GLY B 278 -25.80 -22.01 -6.86
N LEU B 279 -25.32 -20.79 -6.52
CA LEU B 279 -24.48 -19.96 -7.40
C LEU B 279 -23.07 -19.93 -6.95
N TYR B 280 -22.13 -19.83 -7.90
CA TYR B 280 -20.67 -19.73 -7.64
C TYR B 280 -20.14 -20.83 -6.70
N GLY B 281 -20.64 -22.06 -6.92
CA GLY B 281 -20.29 -23.25 -6.15
C GLY B 281 -20.69 -23.20 -4.68
N ILE B 282 -21.60 -22.27 -4.30
CA ILE B 282 -22.05 -22.10 -2.91
C ILE B 282 -23.18 -23.05 -2.61
N LYS B 283 -22.98 -23.91 -1.61
CA LYS B 283 -23.95 -24.95 -1.22
C LYS B 283 -24.57 -24.71 0.15
N ASP B 284 -24.16 -23.64 0.85
CA ASP B 284 -24.68 -23.29 2.17
C ASP B 284 -25.74 -22.18 2.10
N ASP B 285 -26.58 -22.05 3.15
CA ASP B 285 -27.60 -21.01 3.24
C ASP B 285 -26.90 -19.68 3.59
N VAL B 286 -26.40 -18.99 2.58
CA VAL B 286 -25.64 -17.76 2.78
C VAL B 286 -26.22 -16.62 1.95
N PHE B 287 -26.28 -15.42 2.54
CA PHE B 287 -26.75 -14.22 1.88
C PHE B 287 -25.58 -13.37 1.52
N LEU B 288 -25.50 -12.98 0.26
CA LEU B 288 -24.53 -11.99 -0.15
C LEU B 288 -25.06 -11.25 -1.41
N SER B 289 -24.41 -10.13 -1.75
CA SER B 289 -24.88 -9.25 -2.81
C SER B 289 -24.59 -9.70 -4.21
N VAL B 290 -25.65 -9.72 -5.00
CA VAL B 290 -25.67 -9.94 -6.46
C VAL B 290 -26.68 -8.93 -7.02
N PRO B 291 -26.68 -8.58 -8.32
CA PRO B 291 -27.69 -7.63 -8.84
C PRO B 291 -29.06 -8.29 -8.86
N CYS B 292 -30.01 -7.71 -8.13
CA CYS B 292 -31.36 -8.22 -7.97
C CYS B 292 -32.40 -7.27 -8.56
N ILE B 293 -33.46 -7.83 -9.17
CA ILE B 293 -34.63 -7.10 -9.66
C ILE B 293 -35.50 -6.90 -8.40
N LEU B 294 -35.77 -5.65 -8.07
CA LEU B 294 -36.52 -5.26 -6.87
C LEU B 294 -37.89 -4.66 -7.20
N GLY B 295 -38.92 -5.19 -6.57
CA GLY B 295 -40.31 -4.75 -6.76
C GLY B 295 -41.20 -4.98 -5.56
N GLN B 296 -42.51 -4.94 -5.78
CA GLN B 296 -43.52 -5.08 -4.72
C GLN B 296 -43.47 -6.43 -3.99
N ASN B 297 -42.81 -7.46 -4.57
CA ASN B 297 -42.67 -8.74 -3.88
C ASN B 297 -41.22 -8.99 -3.45
N GLY B 298 -40.45 -7.89 -3.37
CA GLY B 298 -39.04 -7.92 -3.00
C GLY B 298 -38.18 -8.35 -4.16
N ILE B 299 -37.28 -9.31 -3.92
CA ILE B 299 -36.40 -9.84 -4.96
C ILE B 299 -37.14 -10.93 -5.73
N SER B 300 -37.59 -10.61 -6.96
CA SER B 300 -38.31 -11.55 -7.79
C SER B 300 -37.36 -12.30 -8.72
N ASP B 301 -36.23 -11.65 -9.03
CA ASP B 301 -35.24 -12.15 -9.99
C ASP B 301 -33.83 -11.69 -9.62
N LEU B 302 -32.84 -12.42 -10.15
CA LEU B 302 -31.44 -12.22 -9.92
C LEU B 302 -30.74 -12.14 -11.27
N VAL B 303 -29.75 -11.25 -11.42
CA VAL B 303 -28.94 -11.19 -12.63
C VAL B 303 -27.75 -12.13 -12.41
N LYS B 304 -27.55 -13.11 -13.32
CA LYS B 304 -26.43 -14.07 -13.22
C LYS B 304 -25.19 -13.42 -13.77
N VAL B 305 -24.37 -12.83 -12.89
CA VAL B 305 -23.13 -12.18 -13.31
C VAL B 305 -22.06 -13.22 -13.50
N THR B 306 -21.41 -13.16 -14.65
CA THR B 306 -20.29 -14.02 -15.02
C THR B 306 -19.03 -13.41 -14.40
N LEU B 307 -18.42 -14.16 -13.49
CA LEU B 307 -17.24 -13.67 -12.77
C LEU B 307 -15.95 -14.34 -13.21
N THR B 308 -14.82 -13.66 -13.01
CA THR B 308 -13.49 -14.23 -13.30
C THR B 308 -13.18 -15.19 -12.13
N SER B 309 -12.19 -16.06 -12.31
CA SER B 309 -11.69 -17.02 -11.30
C SER B 309 -11.42 -16.32 -9.96
N GLU B 310 -10.77 -15.14 -10.04
CA GLU B 310 -10.38 -14.31 -8.90
C GLU B 310 -11.60 -13.78 -8.17
N GLU B 311 -12.52 -13.16 -8.92
CA GLU B 311 -13.80 -12.62 -8.40
C GLU B 311 -14.66 -13.68 -7.77
N GLU B 312 -14.78 -14.84 -8.43
CA GLU B 312 -15.55 -15.97 -7.92
C GLU B 312 -14.93 -16.52 -6.65
N ALA B 313 -13.58 -16.58 -6.61
CA ALA B 313 -12.87 -17.08 -5.43
C ALA B 313 -13.16 -16.20 -4.18
N ARG B 314 -13.14 -14.85 -4.33
CA ARG B 314 -13.42 -13.90 -3.22
C ARG B 314 -14.85 -14.09 -2.68
N LEU B 315 -15.80 -14.23 -3.57
CA LEU B 315 -17.20 -14.47 -3.24
C LEU B 315 -17.44 -15.80 -2.52
N LYS B 316 -16.81 -16.92 -2.99
CA LYS B 316 -16.94 -18.24 -2.34
C LYS B 316 -16.28 -18.24 -0.97
N LYS B 317 -15.11 -17.56 -0.86
CA LYS B 317 -14.35 -17.42 0.39
C LYS B 317 -15.22 -16.72 1.42
N SER B 318 -15.90 -15.62 1.02
CA SER B 318 -16.84 -14.87 1.85
C SER B 318 -17.96 -15.78 2.33
N ALA B 319 -18.54 -16.59 1.42
CA ALA B 319 -19.61 -17.51 1.74
C ALA B 319 -19.20 -18.59 2.76
N ASP B 320 -17.95 -19.08 2.66
CA ASP B 320 -17.38 -20.09 3.58
C ASP B 320 -17.22 -19.49 4.98
N THR B 321 -16.70 -18.23 5.05
CA THR B 321 -16.51 -17.47 6.29
C THR B 321 -17.85 -17.21 6.95
N LEU B 322 -18.84 -16.68 6.19
CA LEU B 322 -20.18 -16.38 6.73
C LEU B 322 -20.87 -17.63 7.23
N TRP B 323 -20.74 -18.76 6.52
CA TRP B 323 -21.36 -19.99 6.99
C TRP B 323 -20.72 -20.48 8.30
N GLY B 324 -19.41 -20.29 8.43
CA GLY B 324 -18.65 -20.63 9.63
C GLY B 324 -19.22 -19.97 10.88
N ILE B 325 -19.56 -18.67 10.77
CA ILE B 325 -20.18 -17.89 11.85
C ILE B 325 -21.60 -18.36 12.06
N GLN B 326 -22.37 -18.49 10.96
CA GLN B 326 -23.78 -18.87 10.97
C GLN B 326 -24.07 -20.23 11.59
N LYS B 327 -23.18 -21.23 11.41
CA LYS B 327 -23.38 -22.55 11.99
C LYS B 327 -23.20 -22.54 13.53
N GLU B 328 -22.34 -21.61 14.02
CA GLU B 328 -21.99 -21.38 15.43
C GLU B 328 -22.88 -20.32 16.11
N LEU B 329 -24.16 -20.27 15.71
CA LEU B 329 -25.13 -19.33 16.29
C LEU B 329 -26.34 -20.07 16.78
N GLN B 330 -26.77 -19.72 18.00
CA GLN B 330 -27.94 -20.31 18.65
C GLN B 330 -29.09 -19.28 18.63
N PHE B 331 -30.25 -19.72 18.10
CA PHE B 331 -31.48 -18.94 17.94
C PHE B 331 -32.69 -19.83 17.57
N THR C 2 -32.76 -19.26 -23.66
CA THR C 2 -32.92 -17.87 -24.13
C THR C 2 -31.94 -16.95 -23.42
N LEU C 3 -31.58 -15.82 -24.06
CA LEU C 3 -30.67 -14.81 -23.51
C LEU C 3 -31.22 -14.30 -22.18
N LYS C 4 -32.56 -14.14 -22.07
CA LYS C 4 -33.26 -13.75 -20.86
C LYS C 4 -32.98 -14.76 -19.74
N ASP C 5 -33.04 -16.08 -20.05
CA ASP C 5 -32.76 -17.14 -19.07
C ASP C 5 -31.28 -17.23 -18.71
N GLN C 6 -30.38 -16.94 -19.67
CA GLN C 6 -28.93 -16.95 -19.47
C GLN C 6 -28.49 -15.79 -18.56
N LEU C 7 -29.19 -14.64 -18.68
CA LEU C 7 -28.91 -13.41 -17.93
C LEU C 7 -29.66 -13.33 -16.60
N ILE C 8 -30.93 -13.72 -16.57
CA ILE C 8 -31.78 -13.59 -15.38
C ILE C 8 -32.27 -14.94 -14.81
N TYR C 9 -32.12 -15.12 -13.49
CA TYR C 9 -32.64 -16.27 -12.77
C TYR C 9 -33.93 -15.84 -12.05
N ASN C 10 -35.04 -16.50 -12.38
CA ASN C 10 -36.34 -16.21 -11.77
C ASN C 10 -36.52 -16.88 -10.41
N LEU C 11 -36.95 -16.11 -9.41
CA LEU C 11 -37.18 -16.59 -8.04
C LEU C 11 -38.66 -16.85 -7.79
N LEU C 12 -39.53 -15.94 -8.24
CA LEU C 12 -40.97 -15.98 -8.02
C LEU C 12 -41.75 -16.11 -9.30
N LYS C 13 -42.81 -16.91 -9.24
CA LYS C 13 -43.73 -17.12 -10.36
C LYS C 13 -44.93 -16.19 -10.29
N GLN C 16 -48.45 -10.52 -8.14
CA GLN C 16 -49.33 -9.83 -7.20
C GLN C 16 -50.18 -8.77 -7.92
N THR C 17 -51.38 -8.52 -7.38
CA THR C 17 -52.40 -7.54 -7.77
C THR C 17 -51.78 -6.10 -7.74
N PRO C 18 -52.19 -5.12 -8.63
CA PRO C 18 -51.60 -3.76 -8.53
C PRO C 18 -52.04 -3.09 -7.22
N GLN C 19 -51.11 -2.35 -6.59
CA GLN C 19 -51.36 -1.73 -5.31
C GLN C 19 -51.88 -0.30 -5.37
N ASN C 20 -51.44 0.49 -6.36
CA ASN C 20 -51.82 1.89 -6.50
C ASN C 20 -52.15 2.20 -7.94
N LYS C 21 -53.17 1.49 -8.47
CA LYS C 21 -53.60 1.59 -9.86
C LYS C 21 -54.57 2.72 -10.07
N ILE C 22 -54.35 3.46 -11.16
CA ILE C 22 -55.20 4.54 -11.61
C ILE C 22 -55.61 4.24 -13.07
N THR C 23 -56.88 4.42 -13.37
CA THR C 23 -57.40 4.31 -14.71
C THR C 23 -57.83 5.69 -15.20
N VAL C 24 -57.51 5.99 -16.46
CA VAL C 24 -57.99 7.17 -17.13
C VAL C 24 -58.90 6.68 -18.27
N VAL C 25 -60.19 7.11 -18.25
CA VAL C 25 -61.16 6.77 -19.29
C VAL C 25 -61.33 8.00 -20.18
N GLY C 26 -60.96 7.85 -21.45
CA GLY C 26 -61.02 8.92 -22.44
C GLY C 26 -59.63 9.47 -22.59
N VAL C 27 -59.04 9.23 -23.76
CA VAL C 27 -57.67 9.65 -24.05
C VAL C 27 -57.63 10.87 -24.99
N GLY C 28 -58.56 11.77 -24.80
CA GLY C 28 -58.56 13.02 -25.57
C GLY C 28 -57.54 13.98 -25.01
N ALA C 29 -57.70 15.28 -25.26
CA ALA C 29 -56.73 16.28 -24.75
C ALA C 29 -56.74 16.35 -23.20
N VAL C 30 -57.93 16.22 -22.58
CA VAL C 30 -58.07 16.25 -21.11
C VAL C 30 -57.50 14.99 -20.49
N GLY C 31 -57.90 13.81 -20.98
CA GLY C 31 -57.43 12.54 -20.47
C GLY C 31 -55.92 12.38 -20.48
N MET C 32 -55.30 12.77 -21.59
CA MET C 32 -53.85 12.68 -21.76
C MET C 32 -53.09 13.67 -20.88
N ALA C 33 -53.66 14.88 -20.63
CA ALA C 33 -53.05 15.87 -19.74
C ALA C 33 -53.16 15.38 -18.30
N CYS C 34 -54.25 14.69 -17.96
CA CYS C 34 -54.43 14.05 -16.65
C CYS C 34 -53.37 12.97 -16.49
N ALA C 35 -53.22 12.12 -17.51
CA ALA C 35 -52.25 11.02 -17.54
C ALA C 35 -50.80 11.52 -17.36
N ILE C 36 -50.35 12.51 -18.14
CA ILE C 36 -48.97 13.01 -18.05
C ILE C 36 -48.69 13.66 -16.66
N SER C 37 -49.68 14.38 -16.12
CA SER C 37 -49.60 15.04 -14.81
C SER C 37 -49.51 14.06 -13.66
N ILE C 38 -50.25 12.94 -13.76
CA ILE C 38 -50.26 11.86 -12.76
C ILE C 38 -48.94 11.10 -12.86
N LEU C 39 -48.46 10.89 -14.10
CA LEU C 39 -47.21 10.16 -14.31
C LEU C 39 -46.03 10.95 -13.78
N MET C 40 -46.05 12.29 -13.95
CA MET C 40 -44.92 13.10 -13.48
C MET C 40 -44.97 13.37 -11.98
N LYS C 41 -46.08 13.02 -11.31
CA LYS C 41 -46.23 13.18 -9.86
C LYS C 41 -46.07 11.86 -9.11
N ASP C 42 -45.76 10.78 -9.83
CA ASP C 42 -45.55 9.44 -9.26
C ASP C 42 -46.69 8.98 -8.34
N LEU C 43 -47.93 9.13 -8.78
CA LEU C 43 -49.09 8.77 -7.95
C LEU C 43 -49.53 7.32 -8.08
N ALA C 44 -49.09 6.64 -9.13
CA ALA C 44 -49.51 5.28 -9.41
C ALA C 44 -48.37 4.32 -9.74
N ASP C 45 -48.56 3.02 -9.42
CA ASP C 45 -47.62 1.99 -9.81
C ASP C 45 -48.09 1.36 -11.15
N GLU C 46 -49.34 1.63 -11.53
CA GLU C 46 -49.94 1.15 -12.79
C GLU C 46 -50.94 2.14 -13.32
N LEU C 47 -50.82 2.47 -14.63
CA LEU C 47 -51.76 3.37 -15.31
C LEU C 47 -52.47 2.62 -16.43
N ALA C 48 -53.82 2.63 -16.37
CA ALA C 48 -54.64 1.99 -17.43
C ALA C 48 -55.35 3.07 -18.22
N LEU C 49 -55.40 2.93 -19.54
CA LEU C 49 -56.09 3.86 -20.43
C LEU C 49 -57.20 3.14 -21.20
N VAL C 50 -58.39 3.76 -21.23
CA VAL C 50 -59.55 3.22 -21.96
C VAL C 50 -60.09 4.30 -22.88
N ASP C 51 -60.51 3.88 -24.09
CA ASP C 51 -61.20 4.73 -25.06
C ASP C 51 -61.94 3.82 -26.04
N VAL C 52 -62.80 4.40 -26.90
CA VAL C 52 -63.54 3.67 -27.95
C VAL C 52 -62.78 3.70 -29.28
N ILE C 53 -61.91 4.73 -29.48
CA ILE C 53 -61.09 4.88 -30.67
C ILE C 53 -59.81 4.06 -30.47
N GLU C 54 -59.73 2.94 -31.18
CA GLU C 54 -58.66 1.94 -31.20
C GLU C 54 -57.27 2.51 -31.40
N ASP C 55 -57.10 3.20 -32.53
CA ASP C 55 -55.84 3.72 -33.01
C ASP C 55 -55.24 4.72 -32.07
N LYS C 56 -56.04 5.74 -31.71
CA LYS C 56 -55.67 6.82 -30.80
C LYS C 56 -55.24 6.23 -29.47
N LEU C 57 -56.03 5.26 -28.94
CA LEU C 57 -55.76 4.60 -27.68
C LEU C 57 -54.39 3.93 -27.67
N LYS C 58 -54.11 3.10 -28.67
CA LYS C 58 -52.83 2.39 -28.78
C LYS C 58 -51.66 3.37 -28.96
N GLY C 59 -51.84 4.38 -29.81
CA GLY C 59 -50.84 5.41 -30.08
C GLY C 59 -50.48 6.19 -28.85
N GLU C 60 -51.50 6.61 -28.08
CA GLU C 60 -51.30 7.34 -26.83
C GLU C 60 -50.60 6.45 -25.78
N MET C 61 -51.02 5.18 -25.62
CA MET C 61 -50.38 4.25 -24.71
C MET C 61 -48.90 4.12 -25.06
N MET C 62 -48.59 3.86 -26.34
CA MET C 62 -47.23 3.67 -26.85
C MET C 62 -46.36 4.91 -26.65
N ASP C 63 -46.93 6.12 -26.84
CA ASP C 63 -46.21 7.38 -26.68
C ASP C 63 -45.79 7.57 -25.21
N LEU C 64 -46.66 7.18 -24.27
CA LEU C 64 -46.40 7.23 -22.84
C LEU C 64 -45.33 6.19 -22.48
N GLN C 65 -45.49 4.95 -22.98
CA GLN C 65 -44.55 3.84 -22.76
C GLN C 65 -43.15 4.21 -23.24
N HIS C 66 -43.03 4.94 -24.35
CA HIS C 66 -41.71 5.34 -24.87
C HIS C 66 -40.99 6.37 -23.97
N GLY C 67 -41.71 6.99 -23.04
CA GLY C 67 -41.12 7.91 -22.07
C GLY C 67 -40.80 7.27 -20.72
N SER C 68 -40.99 5.92 -20.58
CA SER C 68 -40.78 5.13 -19.34
C SER C 68 -39.46 5.36 -18.64
N LEU C 69 -38.37 5.48 -19.42
CA LEU C 69 -37.02 5.76 -18.92
C LEU C 69 -36.99 6.99 -18.00
N PHE C 70 -37.87 7.97 -18.26
CA PHE C 70 -37.93 9.22 -17.49
C PHE C 70 -39.03 9.22 -16.46
N LEU C 71 -39.69 8.07 -16.25
CA LEU C 71 -40.82 7.96 -15.33
C LEU C 71 -40.61 6.92 -14.25
N ARG C 72 -41.52 6.89 -13.24
CA ARG C 72 -41.49 5.94 -12.12
C ARG C 72 -42.85 5.20 -11.97
N THR C 73 -43.49 4.89 -13.12
CA THR C 73 -44.75 4.14 -13.19
C THR C 73 -44.38 2.99 -14.15
N PRO C 74 -44.09 1.81 -13.57
CA PRO C 74 -43.53 0.71 -14.38
C PRO C 74 -44.48 0.02 -15.34
N LYS C 75 -45.81 0.18 -15.14
CA LYS C 75 -46.77 -0.47 -16.01
C LYS C 75 -47.82 0.50 -16.56
N ILE C 76 -47.82 0.63 -17.88
CA ILE C 76 -48.78 1.45 -18.65
C ILE C 76 -49.50 0.51 -19.59
N VAL C 77 -50.82 0.37 -19.44
CA VAL C 77 -51.66 -0.53 -20.23
C VAL C 77 -52.84 0.23 -20.84
N SER C 78 -53.46 -0.37 -21.89
CA SER C 78 -54.65 0.18 -22.53
C SER C 78 -55.49 -0.92 -23.13
N GLY C 79 -56.77 -0.61 -23.35
CA GLY C 79 -57.74 -1.51 -23.94
C GLY C 79 -59.14 -0.95 -23.97
N LYS C 80 -59.93 -1.47 -24.91
CA LYS C 80 -61.35 -1.12 -25.06
C LYS C 80 -62.14 -1.93 -24.03
N ASP C 81 -61.64 -3.13 -23.68
CA ASP C 81 -62.24 -4.04 -22.72
C ASP C 81 -61.77 -3.58 -21.33
N TYR C 82 -62.72 -3.42 -20.40
CA TYR C 82 -62.49 -2.90 -19.06
C TYR C 82 -61.78 -3.89 -18.14
N ASN C 83 -61.36 -5.08 -18.66
CA ASN C 83 -60.58 -6.05 -17.88
C ASN C 83 -59.20 -5.45 -17.54
N VAL C 84 -58.74 -4.47 -18.36
CA VAL C 84 -57.48 -3.73 -18.20
C VAL C 84 -57.52 -2.82 -16.96
N THR C 85 -58.72 -2.38 -16.54
CA THR C 85 -58.94 -1.45 -15.42
C THR C 85 -59.08 -2.17 -14.07
N ALA C 86 -59.13 -3.51 -14.06
CA ALA C 86 -59.37 -4.28 -12.83
C ALA C 86 -58.51 -3.84 -11.66
N ASN C 87 -59.16 -3.70 -10.49
CA ASN C 87 -58.56 -3.35 -9.19
C ASN C 87 -57.89 -1.97 -9.15
N SER C 88 -58.50 -0.98 -9.83
CA SER C 88 -58.03 0.40 -9.81
C SER C 88 -58.50 1.01 -8.48
N LYS C 89 -57.65 1.82 -7.85
CA LYS C 89 -57.97 2.53 -6.62
C LYS C 89 -58.79 3.73 -7.02
N LEU C 90 -58.41 4.35 -8.15
CA LEU C 90 -59.02 5.57 -8.64
C LEU C 90 -59.26 5.51 -10.14
N VAL C 91 -60.49 5.82 -10.56
CA VAL C 91 -60.88 5.83 -11.96
C VAL C 91 -61.30 7.24 -12.31
N ILE C 92 -60.61 7.83 -13.28
CA ILE C 92 -60.83 9.20 -13.75
C ILE C 92 -61.55 9.19 -15.07
N ILE C 93 -62.73 9.80 -15.11
CA ILE C 93 -63.55 9.83 -16.31
C ILE C 93 -63.46 11.17 -17.02
N THR C 94 -62.83 11.16 -18.20
CA THR C 94 -62.66 12.35 -19.04
C THR C 94 -63.31 12.12 -20.43
N ALA C 95 -63.98 10.98 -20.60
CA ALA C 95 -64.64 10.63 -21.86
C ALA C 95 -65.84 11.53 -22.10
N GLY C 96 -65.99 12.03 -23.32
CA GLY C 96 -67.14 12.85 -23.56
C GLY C 96 -66.96 13.98 -24.52
N ALA C 97 -68.12 14.46 -25.00
CA ALA C 97 -68.27 15.58 -25.90
C ALA C 97 -67.87 16.84 -25.15
N ARG C 98 -67.07 17.71 -25.81
CA ARG C 98 -66.62 18.98 -25.24
C ARG C 98 -67.27 20.18 -25.94
N GLN C 99 -67.18 21.34 -25.31
CA GLN C 99 -67.76 22.59 -25.80
C GLN C 99 -67.09 23.00 -27.08
N GLN C 100 -67.89 23.54 -28.00
CA GLN C 100 -67.41 24.16 -29.24
C GLN C 100 -67.27 25.58 -28.78
N GLU C 101 -66.66 26.46 -29.57
CA GLU C 101 -66.56 27.88 -29.24
C GLU C 101 -67.93 28.43 -28.88
N GLY C 102 -68.05 29.03 -27.71
CA GLY C 102 -69.29 29.67 -27.26
C GLY C 102 -70.32 28.77 -26.63
N GLU C 103 -70.27 27.45 -26.91
CA GLU C 103 -71.24 26.47 -26.39
C GLU C 103 -71.19 26.33 -24.85
N SER C 104 -72.35 26.18 -24.23
CA SER C 104 -72.47 25.96 -22.82
C SER C 104 -72.17 24.49 -22.52
N ARG C 105 -71.67 24.19 -21.28
CA ARG C 105 -71.41 22.83 -20.80
C ARG C 105 -72.71 22.05 -20.63
N LEU C 106 -73.84 22.74 -20.41
CA LEU C 106 -75.14 22.09 -20.18
C LEU C 106 -75.70 21.50 -21.46
N ASN C 107 -75.22 22.02 -22.60
CA ASN C 107 -75.58 21.53 -23.93
C ASN C 107 -75.03 20.14 -24.26
N LEU C 108 -74.07 19.61 -23.47
CA LEU C 108 -73.41 18.31 -23.68
C LEU C 108 -74.00 17.16 -22.86
N VAL C 109 -74.93 17.51 -21.96
CA VAL C 109 -75.51 16.63 -20.95
C VAL C 109 -76.06 15.34 -21.55
N GLN C 110 -77.00 15.42 -22.49
CA GLN C 110 -77.65 14.26 -23.11
C GLN C 110 -76.67 13.23 -23.64
N ARG C 111 -75.73 13.64 -24.52
CA ARG C 111 -74.82 12.65 -25.11
C ARG C 111 -73.75 12.16 -24.14
N ASN C 112 -73.44 12.94 -23.09
CA ASN C 112 -72.44 12.45 -22.15
C ASN C 112 -73.06 11.51 -21.15
N VAL C 113 -74.37 11.65 -20.92
CA VAL C 113 -75.13 10.78 -20.02
C VAL C 113 -75.21 9.39 -20.66
N ASN C 114 -75.41 9.31 -22.00
CA ASN C 114 -75.44 8.01 -22.68
C ASN C 114 -74.07 7.34 -22.60
N ILE C 115 -73.01 8.11 -22.88
CA ILE C 115 -71.62 7.63 -22.77
C ILE C 115 -71.40 7.03 -21.37
N PHE C 116 -71.90 7.72 -20.31
CA PHE C 116 -71.82 7.27 -18.92
C PHE C 116 -72.59 6.00 -18.67
N LYS C 117 -73.75 5.84 -19.33
CA LYS C 117 -74.57 4.62 -19.18
C LYS C 117 -73.82 3.35 -19.61
N PHE C 118 -72.82 3.50 -20.48
CA PHE C 118 -71.99 2.37 -20.92
C PHE C 118 -70.74 2.20 -20.01
N ILE C 119 -70.04 3.33 -19.73
CA ILE C 119 -68.78 3.37 -18.96
C ILE C 119 -68.94 2.91 -17.51
N ILE C 120 -69.76 3.63 -16.71
CA ILE C 120 -69.93 3.41 -15.27
C ILE C 120 -70.21 1.93 -14.93
N PRO C 121 -71.15 1.18 -15.60
CA PRO C 121 -71.31 -0.25 -15.24
C PRO C 121 -70.06 -1.08 -15.48
N ASN C 122 -69.33 -0.77 -16.57
CA ASN C 122 -68.09 -1.46 -16.92
C ASN C 122 -66.98 -1.21 -15.89
N VAL C 123 -66.86 0.07 -15.40
CA VAL C 123 -65.82 0.44 -14.41
C VAL C 123 -66.12 -0.26 -13.09
N VAL C 124 -67.39 -0.18 -12.60
CA VAL C 124 -67.81 -0.74 -11.29
C VAL C 124 -67.65 -2.24 -11.26
N LYS C 125 -67.87 -2.91 -12.40
CA LYS C 125 -67.72 -4.36 -12.52
C LYS C 125 -66.27 -4.81 -12.22
N TYR C 126 -65.29 -4.07 -12.74
CA TYR C 126 -63.87 -4.44 -12.58
C TYR C 126 -63.18 -3.78 -11.39
N SER C 127 -63.71 -2.67 -10.86
CA SER C 127 -63.16 -2.02 -9.69
C SER C 127 -64.33 -1.63 -8.77
N PRO C 128 -64.96 -2.63 -8.09
CA PRO C 128 -66.10 -2.31 -7.20
C PRO C 128 -65.77 -1.41 -6.00
N ASN C 129 -64.48 -1.38 -5.58
CA ASN C 129 -64.09 -0.57 -4.43
C ASN C 129 -63.34 0.72 -4.78
N CYS C 130 -63.30 1.11 -6.09
CA CYS C 130 -62.60 2.32 -6.51
C CYS C 130 -63.32 3.59 -6.06
N LYS C 131 -62.62 4.72 -6.17
CA LYS C 131 -63.19 6.06 -6.02
C LYS C 131 -63.34 6.53 -7.47
N LEU C 132 -64.43 7.21 -7.76
CA LEU C 132 -64.70 7.73 -9.09
C LEU C 132 -64.41 9.21 -9.10
N LEU C 133 -63.57 9.64 -10.03
CA LEU C 133 -63.22 11.04 -10.21
C LEU C 133 -63.75 11.42 -11.58
N ILE C 134 -64.76 12.29 -11.62
CA ILE C 134 -65.45 12.74 -12.83
C ILE C 134 -64.94 14.09 -13.29
N VAL C 135 -64.57 14.17 -14.58
CA VAL C 135 -64.07 15.41 -15.18
C VAL C 135 -64.98 15.86 -16.34
N SER C 136 -65.56 14.88 -17.09
CA SER C 136 -66.46 15.11 -18.24
C SER C 136 -67.55 16.12 -17.90
N ASN C 137 -67.83 17.07 -18.83
CA ASN C 137 -68.83 18.13 -18.62
C ASN C 137 -70.25 17.78 -19.09
N PRO C 138 -71.31 18.32 -18.42
CA PRO C 138 -71.30 19.17 -17.21
C PRO C 138 -70.92 18.31 -16.02
N VAL C 139 -69.74 18.60 -15.43
CA VAL C 139 -69.12 17.83 -14.37
C VAL C 139 -70.03 17.61 -13.14
N ASP C 140 -70.78 18.65 -12.70
CA ASP C 140 -71.65 18.51 -11.52
C ASP C 140 -72.81 17.52 -11.77
N ILE C 141 -73.44 17.61 -12.94
CA ILE C 141 -74.54 16.72 -13.34
C ILE C 141 -73.97 15.31 -13.61
N LEU C 142 -72.83 15.22 -14.31
CA LEU C 142 -72.21 13.91 -14.62
C LEU C 142 -71.72 13.16 -13.40
N THR C 143 -71.38 13.90 -12.31
CA THR C 143 -70.96 13.29 -11.04
C THR C 143 -72.18 12.63 -10.40
N TYR C 144 -73.34 13.32 -10.44
CA TYR C 144 -74.63 12.81 -9.97
C TYR C 144 -75.03 11.57 -10.77
N VAL C 145 -74.84 11.62 -12.10
CA VAL C 145 -75.13 10.53 -13.02
C VAL C 145 -74.27 9.27 -12.66
N ALA C 146 -72.95 9.47 -12.46
CA ALA C 146 -72.00 8.41 -12.08
C ALA C 146 -72.41 7.79 -10.75
N TRP C 147 -72.88 8.63 -9.79
CA TRP C 147 -73.34 8.20 -8.48
C TRP C 147 -74.60 7.32 -8.59
N LYS C 148 -75.60 7.77 -9.40
CA LYS C 148 -76.85 7.03 -9.62
C LYS C 148 -76.61 5.68 -10.31
N ILE C 149 -75.81 5.66 -11.41
CA ILE C 149 -75.52 4.42 -12.16
C ILE C 149 -74.69 3.43 -11.34
N SER C 150 -73.60 3.88 -10.69
CA SER C 150 -72.69 3.02 -9.91
C SER C 150 -73.31 2.36 -8.69
N GLY C 151 -74.18 3.09 -7.98
CA GLY C 151 -74.76 2.62 -6.73
C GLY C 151 -73.78 2.74 -5.58
N PHE C 152 -72.67 3.52 -5.81
CA PHE C 152 -71.58 3.75 -4.83
C PHE C 152 -72.03 4.73 -3.75
N PRO C 153 -71.51 4.63 -2.50
CA PRO C 153 -71.83 5.69 -1.52
C PRO C 153 -71.25 7.02 -2.01
N LYS C 154 -71.90 8.13 -1.68
CA LYS C 154 -71.54 9.50 -2.12
C LYS C 154 -70.09 9.89 -1.88
N ASN C 155 -69.44 9.30 -0.86
CA ASN C 155 -68.04 9.60 -0.54
C ASN C 155 -67.06 9.16 -1.64
N ARG C 156 -67.43 8.10 -2.41
CA ARG C 156 -66.59 7.52 -3.45
C ARG C 156 -66.88 8.05 -4.86
N VAL C 157 -67.71 9.09 -4.97
CA VAL C 157 -68.05 9.69 -6.26
C VAL C 157 -67.73 11.17 -6.17
N ILE C 158 -66.62 11.57 -6.78
CA ILE C 158 -66.07 12.93 -6.70
C ILE C 158 -66.01 13.58 -8.08
N GLY C 159 -66.46 14.80 -8.16
CA GLY C 159 -66.38 15.56 -9.39
C GLY C 159 -65.29 16.59 -9.28
N SER C 160 -64.52 16.78 -10.35
CA SER C 160 -63.42 17.75 -10.35
C SER C 160 -63.89 19.18 -9.92
N GLY C 161 -65.15 19.46 -10.20
CA GLY C 161 -65.82 20.69 -9.81
C GLY C 161 -65.09 22.01 -9.95
N CYS C 162 -65.26 22.84 -8.91
CA CYS C 162 -64.71 24.20 -8.86
C CYS C 162 -63.25 24.25 -8.48
N ASN C 163 -62.54 23.11 -8.54
CA ASN C 163 -61.11 23.07 -8.24
C ASN C 163 -60.30 23.95 -9.20
N LEU C 164 -60.63 23.86 -10.50
CA LEU C 164 -60.01 24.62 -11.57
C LEU C 164 -60.41 26.10 -11.47
N ASP C 165 -61.70 26.36 -11.14
CA ASP C 165 -62.27 27.72 -11.01
C ASP C 165 -61.55 28.44 -9.89
N SER C 166 -61.37 27.77 -8.75
CA SER C 166 -60.64 28.32 -7.63
C SER C 166 -59.16 28.57 -7.96
N ALA C 167 -58.51 27.61 -8.70
CA ALA C 167 -57.12 27.78 -9.13
C ALA C 167 -56.98 28.99 -10.04
N ARG C 168 -57.92 29.18 -10.99
CA ARG C 168 -57.93 30.33 -11.91
C ARG C 168 -58.15 31.65 -11.16
N PHE C 169 -59.07 31.64 -10.19
CA PHE C 169 -59.38 32.79 -9.36
C PHE C 169 -58.14 33.25 -8.57
N ARG C 170 -57.47 32.28 -7.94
CA ARG C 170 -56.26 32.48 -7.17
C ARG C 170 -55.13 32.99 -8.05
N TYR C 171 -55.03 32.51 -9.34
CA TYR C 171 -54.02 32.99 -10.30
C TYR C 171 -54.25 34.47 -10.60
N LEU C 172 -55.50 34.85 -10.86
CA LEU C 172 -55.89 36.23 -11.18
C LEU C 172 -55.67 37.15 -9.98
N MET C 173 -56.01 36.67 -8.76
CA MET C 173 -55.81 37.36 -7.50
C MET C 173 -54.30 37.64 -7.33
N GLY C 174 -53.52 36.58 -7.55
CA GLY C 174 -52.06 36.60 -7.47
C GLY C 174 -51.42 37.63 -8.38
N GLU C 175 -51.89 37.69 -9.63
CA GLU C 175 -51.40 38.60 -10.66
C GLU C 175 -51.67 40.07 -10.26
N ARG C 176 -52.87 40.36 -9.71
CA ARG C 176 -53.26 41.68 -9.24
C ARG C 176 -52.43 42.11 -8.00
N LEU C 177 -52.13 41.17 -7.07
CA LEU C 177 -51.43 41.51 -5.84
C LEU C 177 -49.89 41.34 -5.87
N GLY C 178 -49.36 40.69 -6.88
CA GLY C 178 -47.92 40.43 -6.98
C GLY C 178 -47.48 39.38 -5.97
N VAL C 179 -48.36 38.39 -5.72
CA VAL C 179 -48.16 37.31 -4.75
C VAL C 179 -48.41 35.98 -5.47
N HIS C 180 -47.70 34.92 -5.09
CA HIS C 180 -47.92 33.63 -5.71
C HIS C 180 -49.34 33.13 -5.40
N PRO C 181 -50.06 32.52 -6.39
CA PRO C 181 -51.40 31.96 -6.10
C PRO C 181 -51.51 31.08 -4.85
N LEU C 182 -50.44 30.35 -4.47
CA LEU C 182 -50.40 29.49 -3.27
C LEU C 182 -50.68 30.29 -1.99
N SER C 183 -50.28 31.56 -1.99
CA SER C 183 -50.43 32.43 -0.83
C SER C 183 -51.70 33.30 -0.90
N CYS C 184 -52.44 33.21 -2.02
CA CYS C 184 -53.68 33.96 -2.24
C CYS C 184 -54.81 32.99 -2.03
N HIS C 185 -55.65 33.23 -1.01
CA HIS C 185 -56.75 32.32 -0.70
C HIS C 185 -58.10 32.90 -1.08
N GLY C 186 -58.93 32.08 -1.71
CA GLY C 186 -60.23 32.46 -2.22
C GLY C 186 -60.96 31.26 -2.77
N TRP C 187 -62.25 31.15 -2.49
CA TRP C 187 -63.04 30.00 -2.89
C TRP C 187 -64.16 30.34 -3.86
N VAL C 188 -64.20 29.61 -4.97
CA VAL C 188 -65.25 29.69 -6.01
C VAL C 188 -66.04 28.41 -5.81
N LEU C 189 -67.32 28.56 -5.42
CA LEU C 189 -68.13 27.38 -5.11
C LEU C 189 -69.36 27.21 -6.03
N GLY C 190 -70.13 26.15 -5.80
CA GLY C 190 -71.35 25.88 -6.58
C GLY C 190 -71.06 25.16 -7.89
N GLU C 191 -71.70 25.62 -9.00
CA GLU C 191 -71.54 25.01 -10.33
C GLU C 191 -70.23 25.38 -10.95
N HIS C 192 -69.63 24.40 -11.57
CA HIS C 192 -68.44 24.62 -12.36
C HIS C 192 -68.93 25.27 -13.66
N GLY C 193 -68.78 26.56 -13.78
CA GLY C 193 -69.31 27.20 -14.97
C GLY C 193 -69.90 28.56 -14.69
N ASP C 194 -70.87 28.93 -15.53
CA ASP C 194 -71.49 30.25 -15.55
C ASP C 194 -72.13 30.69 -14.23
N SER C 195 -72.72 29.76 -13.48
CA SER C 195 -73.40 30.11 -12.24
C SER C 195 -72.55 29.95 -10.94
N SER C 196 -71.19 29.75 -11.07
CA SER C 196 -70.26 29.61 -9.94
C SER C 196 -70.28 30.84 -9.01
N VAL C 197 -70.05 30.62 -7.71
CA VAL C 197 -70.11 31.65 -6.66
C VAL C 197 -68.75 31.99 -6.03
N PRO C 198 -68.24 33.23 -6.25
CA PRO C 198 -67.01 33.65 -5.57
C PRO C 198 -67.33 34.07 -4.11
N VAL C 199 -66.72 33.41 -3.12
CA VAL C 199 -67.00 33.69 -1.72
C VAL C 199 -66.05 34.80 -1.26
N TRP C 200 -66.49 36.07 -1.43
CA TRP C 200 -65.72 37.29 -1.12
C TRP C 200 -65.28 37.40 0.34
N SER C 201 -66.10 36.88 1.26
CA SER C 201 -65.85 36.89 2.71
C SER C 201 -64.60 36.11 3.12
N GLY C 202 -64.27 35.05 2.38
CA GLY C 202 -63.14 34.20 2.70
C GLY C 202 -61.85 34.52 1.97
N MET C 203 -61.85 35.59 1.16
CA MET C 203 -60.68 36.00 0.39
C MET C 203 -59.65 36.69 1.28
N ASN C 204 -58.44 36.13 1.32
CA ASN C 204 -57.38 36.63 2.19
C ASN C 204 -55.99 36.28 1.74
N VAL C 205 -55.03 37.03 2.27
CA VAL C 205 -53.59 36.81 2.16
C VAL C 205 -53.13 36.83 3.62
N ALA C 206 -52.49 35.75 4.08
CA ALA C 206 -51.99 35.58 5.44
C ALA C 206 -53.05 35.81 6.57
N GLY C 207 -54.28 35.37 6.31
CA GLY C 207 -55.39 35.53 7.24
C GLY C 207 -55.96 36.93 7.31
N VAL C 208 -55.49 37.84 6.44
CA VAL C 208 -55.99 39.21 6.39
C VAL C 208 -57.11 39.25 5.35
N SER C 209 -58.35 39.40 5.84
CA SER C 209 -59.57 39.48 5.03
C SER C 209 -59.57 40.71 4.13
N LEU C 210 -59.65 40.48 2.80
CA LEU C 210 -59.70 41.50 1.76
C LEU C 210 -61.01 42.31 1.83
N LYS C 211 -62.13 41.64 2.22
CA LYS C 211 -63.45 42.24 2.38
C LYS C 211 -63.46 43.20 3.59
N THR C 212 -62.71 42.86 4.65
CA THR C 212 -62.63 43.70 5.85
C THR C 212 -61.85 44.97 5.52
N LEU C 213 -60.74 44.83 4.79
CA LEU C 213 -59.87 45.92 4.37
C LEU C 213 -60.53 46.79 3.29
N HIS C 214 -61.36 46.17 2.43
CA HIS C 214 -62.06 46.83 1.32
C HIS C 214 -63.53 46.33 1.36
N PRO C 215 -64.43 47.02 2.12
CA PRO C 215 -65.83 46.53 2.24
C PRO C 215 -66.62 46.45 0.93
N ASP C 216 -66.19 47.19 -0.11
CA ASP C 216 -66.78 47.21 -1.44
C ASP C 216 -66.38 46.01 -2.33
N LEU C 217 -65.50 45.10 -1.81
CA LEU C 217 -65.03 43.91 -2.53
C LEU C 217 -66.19 43.05 -3.04
N GLY C 218 -66.21 42.84 -4.36
CA GLY C 218 -67.21 42.02 -5.04
C GLY C 218 -68.58 42.65 -5.21
N THR C 219 -68.63 43.96 -5.04
CA THR C 219 -69.85 44.73 -5.13
C THR C 219 -69.69 45.64 -6.34
N ASP C 220 -70.81 46.19 -6.88
CA ASP C 220 -70.79 47.06 -8.06
C ASP C 220 -70.26 48.46 -7.71
N LYS C 221 -70.28 48.81 -6.39
CA LYS C 221 -69.75 50.07 -5.82
C LYS C 221 -68.23 50.07 -5.78
N ASP C 222 -67.57 48.91 -6.03
CA ASP C 222 -66.11 48.73 -6.02
C ASP C 222 -65.48 49.50 -7.18
N LYS C 223 -64.60 50.47 -6.85
CA LYS C 223 -63.85 51.27 -7.84
C LYS C 223 -62.76 50.43 -8.50
N GLU C 224 -62.28 49.38 -7.80
CA GLU C 224 -61.25 48.48 -8.28
C GLU C 224 -61.84 47.33 -9.11
N GLN C 225 -63.18 47.16 -9.06
CA GLN C 225 -63.98 46.16 -9.78
C GLN C 225 -63.41 44.75 -9.61
N TRP C 226 -63.43 44.25 -8.36
CA TRP C 226 -62.93 42.93 -8.05
C TRP C 226 -63.87 41.83 -8.52
N LYS C 227 -65.16 42.19 -8.77
CA LYS C 227 -66.19 41.31 -9.29
C LYS C 227 -65.78 40.81 -10.69
N GLU C 228 -64.99 41.63 -11.41
CA GLU C 228 -64.43 41.33 -12.74
C GLU C 228 -63.46 40.16 -12.74
N VAL C 229 -62.83 39.86 -11.58
CA VAL C 229 -61.92 38.74 -11.42
C VAL C 229 -62.73 37.44 -11.58
N HIS C 230 -63.93 37.40 -10.96
CA HIS C 230 -64.83 36.27 -11.08
C HIS C 230 -65.39 36.17 -12.50
N LYS C 231 -65.74 37.32 -13.15
CA LYS C 231 -66.22 37.27 -14.54
C LYS C 231 -65.11 36.63 -15.38
N GLN C 232 -63.86 37.06 -15.15
CA GLN C 232 -62.69 36.52 -15.85
C GLN C 232 -62.55 35.02 -15.66
N VAL C 233 -63.04 34.48 -14.50
CA VAL C 233 -63.02 33.05 -14.15
C VAL C 233 -64.16 32.36 -14.92
N VAL C 234 -65.32 33.02 -15.04
CA VAL C 234 -66.50 32.47 -15.71
C VAL C 234 -66.19 32.26 -17.20
N GLU C 235 -65.57 33.29 -17.83
CA GLU C 235 -65.19 33.40 -19.24
C GLU C 235 -63.95 32.64 -19.62
N SER C 236 -63.09 32.32 -18.64
CA SER C 236 -61.79 31.67 -18.82
C SER C 236 -61.79 30.48 -19.78
N ALA C 237 -62.68 29.50 -19.62
CA ALA C 237 -62.75 28.36 -20.55
C ALA C 237 -63.16 28.79 -21.95
N TYR C 238 -64.12 29.73 -22.05
CA TYR C 238 -64.60 30.19 -23.35
C TYR C 238 -63.46 30.86 -24.15
N GLU C 239 -62.65 31.68 -23.45
CA GLU C 239 -61.51 32.40 -24.03
C GLU C 239 -60.44 31.44 -24.53
N VAL C 240 -60.09 30.42 -23.72
CA VAL C 240 -59.10 29.41 -24.04
C VAL C 240 -59.58 28.53 -25.21
N ILE C 241 -60.88 28.17 -25.23
CA ILE C 241 -61.51 27.39 -26.30
C ILE C 241 -61.47 28.19 -27.59
N LYS C 242 -61.75 29.49 -27.54
CA LYS C 242 -61.70 30.35 -28.70
C LYS C 242 -60.27 30.41 -29.28
N LEU C 243 -59.25 30.52 -28.41
CA LEU C 243 -57.84 30.64 -28.79
C LEU C 243 -57.15 29.34 -29.24
N LYS C 244 -57.29 28.22 -28.49
CA LYS C 244 -56.63 26.97 -28.85
C LYS C 244 -57.60 25.79 -29.17
N GLY C 245 -58.90 26.01 -29.03
CA GLY C 245 -59.92 25.01 -29.37
C GLY C 245 -60.36 24.06 -28.28
N TYR C 246 -59.65 24.05 -27.12
CA TYR C 246 -59.93 23.20 -25.95
C TYR C 246 -59.07 23.66 -24.80
N THR C 247 -59.28 23.10 -23.59
CA THR C 247 -58.44 23.34 -22.41
C THR C 247 -57.91 21.97 -21.98
N SER C 248 -56.63 21.89 -21.59
CA SER C 248 -56.06 20.60 -21.23
C SER C 248 -55.09 20.65 -20.04
N TRP C 249 -54.07 21.53 -20.13
CA TRP C 249 -53.01 21.65 -19.13
C TRP C 249 -53.50 21.98 -17.71
N ALA C 250 -54.29 23.05 -17.59
CA ALA C 250 -54.82 23.49 -16.32
C ALA C 250 -55.69 22.43 -15.64
N ILE C 251 -56.57 21.75 -16.40
CA ILE C 251 -57.43 20.69 -15.84
C ILE C 251 -56.59 19.45 -15.50
N GLY C 252 -55.61 19.12 -16.34
CA GLY C 252 -54.71 17.98 -16.11
C GLY C 252 -53.99 18.11 -14.78
N LEU C 253 -53.49 19.31 -14.52
CA LEU C 253 -52.80 19.70 -13.29
C LEU C 253 -53.74 19.65 -12.07
N SER C 254 -54.97 20.21 -12.21
CA SER C 254 -55.90 20.22 -11.10
C SER C 254 -56.43 18.83 -10.71
N VAL C 255 -56.55 17.91 -11.67
CA VAL C 255 -56.99 16.54 -11.46
C VAL C 255 -55.92 15.76 -10.72
N ALA C 256 -54.63 15.92 -11.10
CA ALA C 256 -53.47 15.28 -10.44
C ALA C 256 -53.35 15.74 -8.98
N ASP C 257 -53.76 16.98 -8.71
CA ASP C 257 -53.76 17.54 -7.36
C ASP C 257 -54.80 16.81 -6.52
N LEU C 258 -55.98 16.55 -7.09
CA LEU C 258 -57.04 15.80 -6.40
C LEU C 258 -56.64 14.34 -6.26
N ALA C 259 -56.07 13.75 -7.32
CA ALA C 259 -55.56 12.37 -7.34
C ALA C 259 -54.51 12.19 -6.23
N GLU C 260 -53.64 13.18 -6.03
CA GLU C 260 -52.61 13.19 -5.01
C GLU C 260 -53.23 13.09 -3.61
N SER C 261 -54.23 13.94 -3.28
CA SER C 261 -54.90 13.88 -1.97
C SER C 261 -55.59 12.57 -1.72
N ILE C 262 -56.16 11.95 -2.78
CA ILE C 262 -56.83 10.67 -2.68
C ILE C 262 -55.81 9.53 -2.48
N MET C 263 -54.83 9.41 -3.39
CA MET C 263 -53.83 8.33 -3.38
C MET C 263 -52.93 8.37 -2.14
N LYS C 264 -52.65 9.60 -1.63
CA LYS C 264 -51.77 9.79 -0.47
C LYS C 264 -52.53 10.00 0.85
N ASN C 265 -53.90 10.03 0.79
CA ASN C 265 -54.79 10.19 1.95
C ASN C 265 -54.41 11.46 2.76
N LEU C 266 -54.11 12.53 2.04
CA LEU C 266 -53.64 13.78 2.62
C LEU C 266 -54.65 14.50 3.51
N ARG C 267 -55.96 14.37 3.24
CA ARG C 267 -57.04 15.02 4.00
C ARG C 267 -56.93 16.52 3.87
N ARG C 268 -56.64 16.94 2.65
CA ARG C 268 -56.59 18.32 2.23
C ARG C 268 -58.02 18.77 1.92
N VAL C 269 -58.26 20.07 1.96
CA VAL C 269 -59.57 20.63 1.64
C VAL C 269 -59.53 21.15 0.23
N HIS C 270 -60.43 20.63 -0.63
CA HIS C 270 -60.54 21.02 -2.03
C HIS C 270 -61.98 21.40 -2.42
N PRO C 271 -62.14 22.37 -3.34
CA PRO C 271 -63.49 22.69 -3.85
C PRO C 271 -63.88 21.64 -4.97
N VAL C 272 -64.65 20.58 -4.61
CA VAL C 272 -65.04 19.48 -5.50
C VAL C 272 -66.61 19.20 -5.56
N SER C 273 -67.11 18.60 -6.70
CA SER C 273 -68.52 18.25 -6.90
C SER C 273 -68.97 17.20 -5.91
N THR C 274 -69.98 17.56 -5.08
CA THR C 274 -70.51 16.63 -4.08
C THR C 274 -72.01 16.80 -3.80
N MET C 275 -72.61 15.72 -3.27
CA MET C 275 -74.01 15.61 -2.84
C MET C 275 -74.23 16.61 -1.69
N ILE C 276 -74.84 17.77 -1.98
CA ILE C 276 -75.01 18.84 -1.00
C ILE C 276 -76.41 18.90 -0.37
N LYS C 277 -77.19 17.81 -0.46
CA LYS C 277 -78.52 17.72 0.13
C LYS C 277 -78.38 17.90 1.65
N GLY C 278 -79.18 18.81 2.21
CA GLY C 278 -79.18 19.13 3.63
C GLY C 278 -78.46 20.43 3.97
N LEU C 279 -77.68 20.96 3.01
CA LEU C 279 -76.91 22.20 3.16
C LEU C 279 -77.57 23.34 2.40
N TYR C 280 -77.49 24.55 2.96
CA TYR C 280 -78.00 25.81 2.39
C TYR C 280 -79.46 25.75 1.89
N GLY C 281 -80.27 24.96 2.60
CA GLY C 281 -81.68 24.77 2.31
C GLY C 281 -81.98 23.89 1.11
N ILE C 282 -80.96 23.17 0.59
CA ILE C 282 -81.12 22.27 -0.55
C ILE C 282 -81.63 20.92 -0.08
N LYS C 283 -82.79 20.50 -0.62
CA LYS C 283 -83.47 19.25 -0.23
C LYS C 283 -83.47 18.17 -1.32
N ASP C 284 -82.84 18.47 -2.48
CA ASP C 284 -82.73 17.56 -3.63
C ASP C 284 -81.34 16.95 -3.73
N ASP C 285 -81.19 15.84 -4.47
CA ASP C 285 -79.91 15.12 -4.69
C ASP C 285 -79.04 15.92 -5.67
N VAL C 286 -78.66 17.11 -5.27
CA VAL C 286 -77.86 18.03 -6.09
C VAL C 286 -76.38 17.83 -5.76
N PHE C 287 -75.55 17.87 -6.81
CA PHE C 287 -74.11 17.75 -6.75
C PHE C 287 -73.54 19.07 -7.25
N LEU C 288 -72.76 19.75 -6.39
CA LEU C 288 -72.03 20.97 -6.75
C LEU C 288 -70.83 21.12 -5.79
N SER C 289 -69.99 22.11 -6.02
CA SER C 289 -68.78 22.29 -5.24
C SER C 289 -68.92 23.05 -3.92
N VAL C 290 -68.40 22.41 -2.88
CA VAL C 290 -68.22 22.93 -1.52
C VAL C 290 -66.82 22.44 -1.09
N PRO C 291 -66.15 23.06 -0.09
CA PRO C 291 -64.82 22.55 0.30
C PRO C 291 -64.97 21.18 0.98
N CYS C 292 -64.29 20.19 0.43
CA CYS C 292 -64.34 18.82 0.94
C CYS C 292 -62.97 18.34 1.41
N ILE C 293 -62.96 17.51 2.46
CA ILE C 293 -61.75 16.84 2.98
C ILE C 293 -61.60 15.60 2.09
N LEU C 294 -60.46 15.50 1.39
CA LEU C 294 -60.19 14.43 0.42
C LEU C 294 -59.06 13.50 0.88
N GLY C 295 -59.36 12.21 0.90
CA GLY C 295 -58.41 11.17 1.30
C GLY C 295 -58.63 9.87 0.57
N GLN C 296 -58.14 8.76 1.15
CA GLN C 296 -58.23 7.40 0.60
C GLN C 296 -59.66 6.84 0.47
N ASN C 297 -60.66 7.45 1.13
CA ASN C 297 -62.05 7.02 1.03
C ASN C 297 -62.89 8.07 0.31
N GLY C 298 -62.22 8.94 -0.43
CA GLY C 298 -62.81 10.04 -1.16
C GLY C 298 -63.14 11.19 -0.25
N ILE C 299 -64.39 11.68 -0.36
CA ILE C 299 -64.90 12.76 0.48
C ILE C 299 -65.39 12.18 1.81
N SER C 300 -64.59 12.36 2.88
CA SER C 300 -64.97 11.86 4.22
C SER C 300 -65.74 12.93 5.00
N ASP C 301 -65.51 14.20 4.67
CA ASP C 301 -66.05 15.35 5.37
C ASP C 301 -66.23 16.54 4.43
N LEU C 302 -67.09 17.47 4.87
CA LEU C 302 -67.46 18.69 4.15
C LEU C 302 -67.23 19.89 5.08
N VAL C 303 -66.73 21.01 4.53
CA VAL C 303 -66.56 22.22 5.32
C VAL C 303 -67.84 23.03 5.15
N LYS C 304 -68.51 23.37 6.27
CA LYS C 304 -69.72 24.20 6.29
C LYS C 304 -69.30 25.66 6.21
N VAL C 305 -69.25 26.20 5.00
CA VAL C 305 -68.88 27.60 4.77
C VAL C 305 -70.05 28.49 5.13
N THR C 306 -69.78 29.54 5.91
CA THR C 306 -70.80 30.51 6.27
C THR C 306 -70.90 31.49 5.10
N LEU C 307 -72.07 31.51 4.45
CA LEU C 307 -72.27 32.39 3.30
C LEU C 307 -73.13 33.58 3.67
N THR C 308 -72.81 34.74 3.09
CA THR C 308 -73.59 35.97 3.28
C THR C 308 -74.96 35.71 2.65
N SER C 309 -75.96 36.57 2.92
CA SER C 309 -77.31 36.45 2.36
C SER C 309 -77.24 36.27 0.82
N GLU C 310 -76.52 37.20 0.15
CA GLU C 310 -76.25 37.28 -1.28
C GLU C 310 -75.43 36.08 -1.79
N GLU C 311 -74.41 35.63 -1.02
CA GLU C 311 -73.56 34.49 -1.41
C GLU C 311 -74.33 33.18 -1.35
N GLU C 312 -75.18 33.00 -0.34
CA GLU C 312 -76.02 31.82 -0.16
C GLU C 312 -77.10 31.78 -1.25
N ALA C 313 -77.58 32.97 -1.63
CA ALA C 313 -78.58 33.19 -2.66
C ALA C 313 -78.01 32.65 -3.95
N ARG C 314 -76.90 33.26 -4.43
CA ARG C 314 -76.16 32.86 -5.61
C ARG C 314 -75.88 31.35 -5.66
N LEU C 315 -75.54 30.70 -4.50
CA LEU C 315 -75.27 29.25 -4.47
C LEU C 315 -76.53 28.42 -4.71
N LYS C 316 -77.67 28.89 -4.17
CA LYS C 316 -78.92 28.17 -4.37
C LYS C 316 -79.43 28.36 -5.80
N LYS C 317 -79.10 29.52 -6.45
CA LYS C 317 -79.45 29.78 -7.84
C LYS C 317 -78.72 28.71 -8.68
N SER C 318 -77.42 28.48 -8.36
CA SER C 318 -76.55 27.51 -9.02
C SER C 318 -77.12 26.10 -8.89
N ALA C 319 -77.56 25.75 -7.67
CA ALA C 319 -78.17 24.49 -7.30
C ALA C 319 -79.52 24.26 -8.00
N ASP C 320 -80.33 25.33 -8.16
CA ASP C 320 -81.65 25.29 -8.82
C ASP C 320 -81.47 24.99 -10.30
N THR C 321 -80.45 25.61 -10.94
CA THR C 321 -80.12 25.41 -12.36
C THR C 321 -79.75 23.93 -12.60
N LEU C 322 -78.79 23.42 -11.81
CA LEU C 322 -78.32 22.04 -11.90
C LEU C 322 -79.43 21.04 -11.64
N TRP C 323 -80.27 21.29 -10.63
CA TRP C 323 -81.36 20.37 -10.34
C TRP C 323 -82.39 20.32 -11.48
N GLY C 324 -82.61 21.47 -12.12
CA GLY C 324 -83.50 21.61 -13.27
C GLY C 324 -83.15 20.64 -14.39
N ILE C 325 -81.85 20.57 -14.71
CA ILE C 325 -81.31 19.68 -15.73
C ILE C 325 -81.36 18.23 -15.22
N GLN C 326 -80.88 18.00 -13.98
CA GLN C 326 -80.82 16.69 -13.33
C GLN C 326 -82.15 15.95 -13.31
N LYS C 327 -83.24 16.65 -12.95
CA LYS C 327 -84.57 16.05 -12.79
C LYS C 327 -85.13 15.44 -14.07
N GLU C 328 -84.79 15.99 -15.26
CA GLU C 328 -85.24 15.50 -16.57
C GLU C 328 -84.28 14.44 -17.13
N LEU C 329 -83.95 13.39 -16.35
CA LEU C 329 -83.00 12.36 -16.78
C LEU C 329 -83.48 10.94 -16.47
N GLN C 330 -83.59 10.10 -17.51
CA GLN C 330 -84.04 8.70 -17.43
C GLN C 330 -82.81 7.78 -17.36
N PHE C 331 -82.77 6.92 -16.33
CA PHE C 331 -81.66 6.00 -16.12
C PHE C 331 -81.97 4.59 -16.59
N ALA D 1 -56.17 54.75 -0.95
CA ALA D 1 -55.22 53.84 -1.58
C ALA D 1 -55.86 52.51 -2.05
N THR D 2 -55.19 51.82 -3.01
CA THR D 2 -55.61 50.52 -3.56
C THR D 2 -55.52 49.43 -2.49
N LEU D 3 -56.31 48.36 -2.67
CA LEU D 3 -56.36 47.20 -1.76
C LEU D 3 -54.95 46.60 -1.61
N LYS D 4 -54.18 46.56 -2.73
CA LYS D 4 -52.81 46.10 -2.78
C LYS D 4 -51.96 46.95 -1.83
N ASP D 5 -52.12 48.30 -1.86
CA ASP D 5 -51.36 49.19 -0.98
C ASP D 5 -51.79 49.10 0.48
N GLN D 6 -53.10 48.86 0.73
CA GLN D 6 -53.67 48.70 2.07
C GLN D 6 -53.17 47.41 2.73
N LEU D 7 -53.00 46.34 1.92
CA LEU D 7 -52.56 45.02 2.38
C LEU D 7 -51.04 44.85 2.40
N ILE D 8 -50.34 45.35 1.37
CA ILE D 8 -48.91 45.14 1.18
C ILE D 8 -48.06 46.41 1.23
N TYR D 9 -46.96 46.34 2.05
CA TYR D 9 -45.93 47.37 2.11
C TYR D 9 -44.75 46.94 1.24
N ASN D 10 -44.46 47.73 0.19
CA ASN D 10 -43.36 47.47 -0.72
C ASN D 10 -42.02 47.98 -0.18
N LEU D 11 -40.99 47.13 -0.23
CA LEU D 11 -39.63 47.40 0.23
C LEU D 11 -38.70 47.73 -0.96
N LEU D 12 -38.80 46.96 -2.04
CA LEU D 12 -37.95 47.06 -3.23
C LEU D 12 -38.73 47.38 -4.49
N LYS D 13 -38.09 48.10 -5.41
CA LYS D 13 -38.66 48.44 -6.70
C LYS D 13 -38.41 47.29 -7.72
N GLU D 14 -37.23 47.25 -8.37
CA GLU D 14 -36.90 46.25 -9.38
C GLU D 14 -36.75 44.84 -8.82
N THR D 17 -33.92 40.64 -13.37
CA THR D 17 -33.55 39.76 -14.48
C THR D 17 -33.85 38.27 -14.12
N PRO D 18 -34.44 37.46 -15.05
CA PRO D 18 -34.69 36.05 -14.73
C PRO D 18 -33.37 35.27 -14.59
N GLN D 19 -33.32 34.36 -13.60
CA GLN D 19 -32.11 33.60 -13.30
C GLN D 19 -32.01 32.26 -14.00
N ASN D 20 -33.15 31.58 -14.19
CA ASN D 20 -33.16 30.25 -14.81
C ASN D 20 -34.28 30.17 -15.83
N LYS D 21 -34.20 31.04 -16.86
CA LYS D 21 -35.18 31.15 -17.91
C LYS D 21 -34.98 30.13 -19.04
N ILE D 22 -36.10 29.55 -19.48
CA ILE D 22 -36.15 28.62 -20.59
C ILE D 22 -37.19 29.14 -21.58
N THR D 23 -36.81 29.11 -22.87
CA THR D 23 -37.70 29.46 -23.97
C THR D 23 -37.99 28.22 -24.79
N VAL D 24 -39.25 28.06 -25.18
CA VAL D 24 -39.68 27.03 -26.12
C VAL D 24 -40.17 27.76 -27.38
N VAL D 25 -39.55 27.45 -28.53
CA VAL D 25 -39.93 28.01 -29.83
C VAL D 25 -40.70 26.95 -30.63
N GLY D 26 -41.98 27.22 -30.90
CA GLY D 26 -42.90 26.32 -31.59
C GLY D 26 -43.76 25.63 -30.56
N VAL D 27 -45.05 26.02 -30.47
CA VAL D 27 -46.01 25.50 -29.51
C VAL D 27 -46.91 24.42 -30.11
N GLY D 28 -46.32 23.59 -30.99
CA GLY D 28 -47.00 22.44 -31.57
C GLY D 28 -47.08 21.35 -30.53
N ALA D 29 -47.36 20.11 -30.96
CA ALA D 29 -47.48 19.01 -30.00
C ALA D 29 -46.16 18.71 -29.27
N VAL D 30 -45.03 18.82 -29.98
CA VAL D 30 -43.70 18.60 -29.40
C VAL D 30 -43.33 19.72 -28.41
N GLY D 31 -43.45 20.99 -28.84
CA GLY D 31 -43.15 22.14 -28.01
C GLY D 31 -43.91 22.18 -26.69
N MET D 32 -45.22 21.89 -26.75
CA MET D 32 -46.10 21.89 -25.57
C MET D 32 -45.79 20.75 -24.60
N ALA D 33 -45.39 19.60 -25.12
CA ALA D 33 -45.03 18.45 -24.27
C ALA D 33 -43.69 18.75 -23.59
N CYS D 34 -42.79 19.44 -24.28
CA CYS D 34 -41.54 19.92 -23.71
C CYS D 34 -41.85 20.90 -22.56
N ALA D 35 -42.75 21.87 -22.82
CA ALA D 35 -43.19 22.88 -21.84
C ALA D 35 -43.77 22.27 -20.57
N ILE D 36 -44.77 21.37 -20.68
CA ILE D 36 -45.40 20.76 -19.51
C ILE D 36 -44.40 19.92 -18.68
N SER D 37 -43.51 19.17 -19.36
CA SER D 37 -42.50 18.33 -18.72
C SER D 37 -41.48 19.17 -17.94
N ILE D 38 -41.06 20.31 -18.51
CA ILE D 38 -40.13 21.25 -17.90
C ILE D 38 -40.81 21.90 -16.68
N LEU D 39 -42.09 22.25 -16.81
CA LEU D 39 -42.84 22.86 -15.72
C LEU D 39 -43.02 21.92 -14.56
N MET D 40 -43.24 20.64 -14.84
CA MET D 40 -43.47 19.67 -13.77
C MET D 40 -42.18 19.19 -13.12
N LYS D 41 -41.02 19.51 -13.73
CA LYS D 41 -39.72 19.14 -13.20
C LYS D 41 -39.01 20.33 -12.52
N ASP D 42 -39.70 21.50 -12.44
CA ASP D 42 -39.17 22.71 -11.80
C ASP D 42 -37.78 23.10 -12.28
N LEU D 43 -37.59 23.12 -13.59
CA LEU D 43 -36.27 23.44 -14.14
C LEU D 43 -36.06 24.93 -14.38
N ALA D 44 -37.14 25.71 -14.37
CA ALA D 44 -37.07 27.11 -14.71
C ALA D 44 -37.85 28.01 -13.73
N ASP D 45 -37.39 29.26 -13.57
CA ASP D 45 -38.09 30.26 -12.77
C ASP D 45 -38.98 31.12 -13.71
N GLU D 46 -38.73 31.01 -15.02
CA GLU D 46 -39.49 31.70 -16.06
C GLU D 46 -39.52 30.86 -17.33
N LEU D 47 -40.73 30.72 -17.92
CA LEU D 47 -40.94 30.02 -19.18
C LEU D 47 -41.49 30.98 -20.24
N ALA D 48 -40.80 31.06 -21.39
CA ALA D 48 -41.25 31.86 -22.53
C ALA D 48 -41.66 30.93 -23.70
N LEU D 49 -42.77 31.27 -24.35
CA LEU D 49 -43.26 30.53 -25.51
C LEU D 49 -43.32 31.43 -26.73
N VAL D 50 -42.83 30.93 -27.87
CA VAL D 50 -42.84 31.69 -29.13
C VAL D 50 -43.44 30.81 -30.21
N ASP D 51 -44.27 31.41 -31.07
CA ASP D 51 -44.84 30.79 -32.27
C ASP D 51 -45.24 31.92 -33.25
N VAL D 52 -45.62 31.55 -34.48
CA VAL D 52 -46.13 32.47 -35.50
C VAL D 52 -47.68 32.53 -35.47
N ILE D 53 -48.34 31.45 -34.98
CA ILE D 53 -49.81 31.39 -34.84
C ILE D 53 -50.15 32.01 -33.49
N GLU D 54 -50.54 33.30 -33.51
CA GLU D 54 -50.80 34.10 -32.33
C GLU D 54 -51.95 33.62 -31.44
N ASP D 55 -53.09 33.16 -32.01
CA ASP D 55 -54.26 32.67 -31.25
C ASP D 55 -53.88 31.47 -30.38
N LYS D 56 -53.32 30.41 -31.05
CA LYS D 56 -52.87 29.15 -30.43
C LYS D 56 -51.87 29.47 -29.33
N LEU D 57 -50.88 30.36 -29.64
CA LEU D 57 -49.84 30.77 -28.71
C LEU D 57 -50.42 31.35 -27.41
N LYS D 58 -51.36 32.31 -27.51
CA LYS D 58 -51.99 32.93 -26.34
C LYS D 58 -52.80 31.90 -25.53
N GLY D 59 -53.53 31.04 -26.24
CA GLY D 59 -54.34 29.98 -25.65
C GLY D 59 -53.52 28.99 -24.86
N GLU D 60 -52.37 28.55 -25.42
CA GLU D 60 -51.44 27.64 -24.76
C GLU D 60 -50.84 28.30 -23.53
N MET D 61 -50.40 29.58 -23.63
CA MET D 61 -49.85 30.32 -22.51
C MET D 61 -50.87 30.41 -21.37
N MET D 62 -52.12 30.79 -21.69
CA MET D 62 -53.21 30.95 -20.72
C MET D 62 -53.56 29.65 -20.02
N ASP D 63 -53.55 28.53 -20.76
CA ASP D 63 -53.89 27.21 -20.23
C ASP D 63 -52.85 26.80 -19.18
N LEU D 64 -51.57 27.08 -19.46
CA LEU D 64 -50.45 26.82 -18.54
C LEU D 64 -50.55 27.73 -17.32
N GLN D 65 -50.80 29.04 -17.52
CA GLN D 65 -50.96 30.03 -16.45
C GLN D 65 -52.08 29.67 -15.49
N HIS D 66 -53.17 29.08 -16.01
CA HIS D 66 -54.30 28.68 -15.16
C HIS D 66 -53.94 27.53 -14.19
N GLY D 67 -52.85 26.83 -14.47
CA GLY D 67 -52.35 25.75 -13.61
C GLY D 67 -51.26 26.18 -12.64
N SER D 68 -50.96 27.50 -12.54
CA SER D 68 -49.88 28.08 -11.69
C SER D 68 -49.91 27.64 -10.25
N LEU D 69 -51.14 27.54 -9.68
CA LEU D 69 -51.37 27.06 -8.30
C LEU D 69 -50.67 25.73 -8.02
N PHE D 70 -50.58 24.86 -9.04
CA PHE D 70 -49.98 23.51 -8.92
C PHE D 70 -48.53 23.47 -9.41
N LEU D 71 -47.94 24.64 -9.73
CA LEU D 71 -46.59 24.70 -10.27
C LEU D 71 -45.67 25.54 -9.42
N ARG D 72 -44.35 25.50 -9.73
CA ARG D 72 -43.32 26.28 -9.03
C ARG D 72 -42.48 27.07 -10.08
N THR D 73 -43.16 27.62 -11.09
CA THR D 73 -42.57 28.46 -12.16
C THR D 73 -43.46 29.69 -12.16
N PRO D 74 -43.00 30.77 -11.48
CA PRO D 74 -43.87 31.91 -11.21
C PRO D 74 -44.20 32.81 -12.38
N LYS D 75 -43.48 32.67 -13.51
CA LYS D 75 -43.69 33.52 -14.65
C LYS D 75 -43.73 32.74 -15.95
N ILE D 76 -44.87 32.82 -16.65
CA ILE D 76 -45.11 32.18 -17.94
C ILE D 76 -45.51 33.29 -18.89
N VAL D 77 -44.70 33.48 -19.94
CA VAL D 77 -44.90 34.52 -20.96
C VAL D 77 -44.93 33.93 -22.37
N SER D 78 -45.51 34.68 -23.31
CA SER D 78 -45.55 34.30 -24.72
C SER D 78 -45.65 35.52 -25.60
N GLY D 79 -45.24 35.33 -26.84
CA GLY D 79 -45.29 36.37 -27.85
C GLY D 79 -44.62 35.94 -29.15
N LYS D 80 -45.01 36.61 -30.23
CA LYS D 80 -44.45 36.46 -31.56
C LYS D 80 -43.10 37.21 -31.57
N ASP D 81 -42.99 38.28 -30.75
CA ASP D 81 -41.79 39.09 -30.61
C ASP D 81 -40.83 38.39 -29.66
N TYR D 82 -39.56 38.28 -30.06
CA TYR D 82 -38.52 37.59 -29.28
C TYR D 82 -38.03 38.36 -28.06
N ASN D 83 -38.63 39.53 -27.77
CA ASN D 83 -38.30 40.32 -26.59
C ASN D 83 -38.68 39.56 -25.30
N VAL D 84 -39.68 38.66 -25.40
CA VAL D 84 -40.17 37.77 -24.35
C VAL D 84 -39.15 36.69 -23.99
N THR D 85 -38.19 36.41 -24.90
CA THR D 85 -37.16 35.39 -24.72
C THR D 85 -35.89 35.92 -24.05
N ALA D 86 -35.74 37.25 -23.91
CA ALA D 86 -34.53 37.88 -23.38
C ALA D 86 -33.97 37.21 -22.13
N ASN D 87 -32.65 36.97 -22.14
CA ASN D 87 -31.87 36.39 -21.05
C ASN D 87 -32.24 34.92 -20.71
N SER D 88 -32.60 34.12 -21.71
CA SER D 88 -32.89 32.71 -21.51
C SER D 88 -31.56 31.97 -21.38
N LYS D 89 -31.48 31.00 -20.44
CA LYS D 89 -30.30 30.16 -20.26
C LYS D 89 -30.30 29.09 -21.35
N LEU D 90 -31.50 28.62 -21.69
CA LEU D 90 -31.74 27.55 -22.65
C LEU D 90 -32.91 27.86 -23.59
N VAL D 91 -32.68 27.70 -24.89
CA VAL D 91 -33.69 27.94 -25.91
C VAL D 91 -33.88 26.64 -26.68
N ILE D 92 -35.10 26.11 -26.62
CA ILE D 92 -35.49 24.85 -27.24
C ILE D 92 -36.26 25.11 -28.51
N ILE D 93 -35.75 24.62 -29.64
CA ILE D 93 -36.38 24.82 -30.93
C ILE D 93 -37.10 23.58 -31.39
N THR D 94 -38.44 23.66 -31.40
CA THR D 94 -39.34 22.61 -31.85
C THR D 94 -40.18 23.12 -33.05
N ALA D 95 -39.90 24.35 -33.55
CA ALA D 95 -40.62 24.96 -34.68
C ALA D 95 -40.37 24.20 -35.97
N GLY D 96 -41.39 24.05 -36.80
CA GLY D 96 -41.24 23.36 -38.07
C GLY D 96 -42.44 23.45 -38.98
N ALA D 97 -42.15 23.29 -40.30
CA ALA D 97 -43.15 23.27 -41.36
C ALA D 97 -43.84 21.94 -41.29
N ARG D 98 -45.13 21.92 -41.65
CA ARG D 98 -45.93 20.70 -41.69
C ARG D 98 -45.66 20.04 -43.04
N GLN D 99 -45.07 18.82 -43.04
CA GLN D 99 -44.73 18.07 -44.26
C GLN D 99 -45.96 17.85 -45.16
N GLN D 100 -45.85 18.31 -46.42
CA GLN D 100 -46.92 18.21 -47.42
C GLN D 100 -46.96 16.81 -48.02
N GLU D 101 -48.17 16.38 -48.43
CA GLU D 101 -48.41 15.08 -49.03
C GLU D 101 -47.71 14.97 -50.39
N GLY D 102 -46.87 13.94 -50.53
CA GLY D 102 -46.06 13.69 -51.72
C GLY D 102 -44.65 14.19 -51.52
N GLU D 103 -44.56 15.51 -51.19
CA GLU D 103 -43.36 16.30 -50.90
C GLU D 103 -42.16 15.51 -50.34
N SER D 104 -40.99 15.68 -50.97
CA SER D 104 -39.71 15.06 -50.60
C SER D 104 -39.19 15.61 -49.27
N ARG D 105 -38.27 14.86 -48.62
CA ARG D 105 -37.67 15.28 -47.36
C ARG D 105 -36.63 16.40 -47.58
N LEU D 106 -35.95 16.47 -48.77
CA LEU D 106 -35.02 17.60 -49.05
C LEU D 106 -35.80 18.91 -49.14
N ASN D 107 -37.08 18.82 -49.54
CA ASN D 107 -37.97 19.96 -49.63
C ASN D 107 -38.20 20.49 -48.22
N LEU D 108 -38.59 19.59 -47.28
CA LEU D 108 -38.82 19.91 -45.87
C LEU D 108 -37.58 20.50 -45.23
N VAL D 109 -36.36 19.96 -45.56
CA VAL D 109 -35.09 20.46 -45.03
C VAL D 109 -35.02 21.98 -45.22
N GLN D 110 -35.03 22.42 -46.49
CA GLN D 110 -34.96 23.83 -46.90
C GLN D 110 -36.10 24.66 -46.33
N ARG D 111 -37.32 24.11 -46.30
CA ARG D 111 -38.47 24.81 -45.73
C ARG D 111 -38.21 25.13 -44.26
N ASN D 112 -37.56 24.19 -43.51
CA ASN D 112 -37.21 24.38 -42.10
C ASN D 112 -35.97 25.26 -41.92
N VAL D 113 -35.07 25.29 -42.94
CA VAL D 113 -33.88 26.14 -42.98
C VAL D 113 -34.38 27.58 -43.11
N ASN D 114 -35.45 27.78 -43.90
CA ASN D 114 -36.02 29.12 -44.11
C ASN D 114 -36.62 29.64 -42.82
N ILE D 115 -37.29 28.75 -42.05
CA ILE D 115 -37.87 29.05 -40.74
C ILE D 115 -36.72 29.38 -39.77
N PHE D 116 -35.62 28.58 -39.80
CA PHE D 116 -34.44 28.78 -38.95
C PHE D 116 -33.70 30.08 -39.27
N LYS D 117 -33.69 30.50 -40.56
CA LYS D 117 -33.06 31.77 -40.96
C LYS D 117 -33.70 32.99 -40.29
N PHE D 118 -34.94 32.86 -39.85
CA PHE D 118 -35.63 33.94 -39.14
C PHE D 118 -35.47 33.78 -37.62
N ILE D 119 -35.68 32.54 -37.10
CA ILE D 119 -35.65 32.21 -35.67
C ILE D 119 -34.28 32.43 -35.00
N ILE D 120 -33.25 31.73 -35.46
CA ILE D 120 -31.91 31.73 -34.88
C ILE D 120 -31.35 33.16 -34.69
N PRO D 121 -31.39 34.11 -35.67
CA PRO D 121 -30.87 35.46 -35.38
C PRO D 121 -31.67 36.19 -34.30
N ASN D 122 -32.99 35.95 -34.24
CA ASN D 122 -33.88 36.55 -33.24
C ASN D 122 -33.58 36.03 -31.84
N VAL D 123 -33.30 34.70 -31.71
CA VAL D 123 -32.98 34.08 -30.42
C VAL D 123 -31.64 34.60 -29.92
N VAL D 124 -30.60 34.59 -30.78
CA VAL D 124 -29.24 34.99 -30.42
C VAL D 124 -29.18 36.46 -30.04
N LYS D 125 -30.00 37.32 -30.66
CA LYS D 125 -30.07 38.75 -30.37
C LYS D 125 -30.52 38.99 -28.90
N TYR D 126 -31.53 38.24 -28.43
CA TYR D 126 -32.08 38.43 -27.09
C TYR D 126 -31.40 37.58 -26.01
N SER D 127 -30.80 36.44 -26.38
CA SER D 127 -30.06 35.58 -25.44
C SER D 127 -28.71 35.17 -26.07
N PRO D 128 -27.73 36.12 -26.16
CA PRO D 128 -26.44 35.79 -26.79
C PRO D 128 -25.62 34.70 -26.12
N ASN D 129 -25.86 34.46 -24.83
CA ASN D 129 -25.10 33.44 -24.09
C ASN D 129 -25.86 32.15 -23.82
N CYS D 130 -26.99 31.94 -24.49
CA CYS D 130 -27.83 30.77 -24.28
C CYS D 130 -27.24 29.53 -24.90
N LYS D 131 -27.77 28.37 -24.48
CA LYS D 131 -27.45 27.09 -25.09
C LYS D 131 -28.66 26.85 -25.99
N LEU D 132 -28.41 26.34 -27.21
CA LEU D 132 -29.46 26.03 -28.16
C LEU D 132 -29.72 24.55 -28.14
N LEU D 133 -30.98 24.15 -27.94
CA LEU D 133 -31.36 22.74 -27.97
C LEU D 133 -32.35 22.54 -29.13
N ILE D 134 -31.87 21.87 -30.21
CA ILE D 134 -32.63 21.65 -31.45
C ILE D 134 -33.38 20.33 -31.43
N VAL D 135 -34.68 20.36 -31.68
CA VAL D 135 -35.55 19.17 -31.73
C VAL D 135 -36.12 18.98 -33.14
N SER D 136 -36.45 20.11 -33.83
CA SER D 136 -36.97 20.17 -35.20
C SER D 136 -36.22 19.23 -36.15
N ASN D 137 -36.95 18.52 -37.01
CA ASN D 137 -36.39 17.57 -37.97
C ASN D 137 -36.08 18.15 -39.35
N PRO D 138 -35.05 17.61 -40.07
CA PRO D 138 -34.09 16.56 -39.67
C PRO D 138 -33.14 17.17 -38.66
N VAL D 139 -33.21 16.68 -37.40
CA VAL D 139 -32.50 17.25 -36.25
C VAL D 139 -30.98 17.41 -36.47
N ASP D 140 -30.30 16.42 -37.12
CA ASP D 140 -28.86 16.49 -37.36
C ASP D 140 -28.49 17.65 -38.29
N ILE D 141 -29.24 17.84 -39.40
CA ILE D 141 -29.06 18.95 -40.35
C ILE D 141 -29.43 20.28 -39.69
N LEU D 142 -30.57 20.32 -38.98
CA LEU D 142 -31.03 21.58 -38.37
C LEU D 142 -30.16 22.04 -37.23
N THR D 143 -29.43 21.11 -36.57
CA THR D 143 -28.47 21.46 -35.52
C THR D 143 -27.29 22.19 -36.17
N TYR D 144 -26.84 21.67 -37.32
CA TYR D 144 -25.76 22.26 -38.10
C TYR D 144 -26.17 23.67 -38.57
N VAL D 145 -27.42 23.79 -39.06
CA VAL D 145 -27.99 25.05 -39.55
C VAL D 145 -27.99 26.10 -38.43
N ALA D 146 -28.44 25.69 -37.22
CA ALA D 146 -28.51 26.52 -36.00
C ALA D 146 -27.12 27.00 -35.60
N TRP D 147 -26.13 26.11 -35.73
CA TRP D 147 -24.74 26.40 -35.43
C TRP D 147 -24.15 27.42 -36.40
N LYS D 148 -24.40 27.25 -37.72
CA LYS D 148 -23.91 28.16 -38.76
C LYS D 148 -24.50 29.56 -38.65
N ILE D 149 -25.85 29.66 -38.51
CA ILE D 149 -26.56 30.95 -38.40
C ILE D 149 -26.18 31.71 -37.12
N SER D 150 -26.17 31.02 -35.96
CA SER D 150 -25.89 31.63 -34.66
C SER D 150 -24.49 32.18 -34.48
N GLY D 151 -23.50 31.46 -35.03
CA GLY D 151 -22.08 31.77 -34.85
C GLY D 151 -21.58 31.33 -33.48
N PHE D 152 -22.38 30.50 -32.78
CA PHE D 152 -22.08 30.01 -31.43
C PHE D 152 -21.00 28.94 -31.45
N PRO D 153 -20.14 28.81 -30.40
CA PRO D 153 -19.22 27.66 -30.35
C PRO D 153 -20.04 26.37 -30.29
N LYS D 154 -19.53 25.30 -30.88
CA LYS D 154 -20.19 23.99 -30.99
C LYS D 154 -20.71 23.42 -29.63
N ASN D 155 -20.11 23.78 -28.49
CA ASN D 155 -20.55 23.31 -27.17
C ASN D 155 -21.94 23.82 -26.78
N ARG D 156 -22.34 25.01 -27.32
CA ARG D 156 -23.63 25.64 -27.01
C ARG D 156 -24.75 25.34 -28.04
N VAL D 157 -24.50 24.45 -29.00
CA VAL D 157 -25.48 24.05 -30.01
C VAL D 157 -25.65 22.53 -29.90
N ILE D 158 -26.75 22.12 -29.29
CA ILE D 158 -27.03 20.70 -29.02
C ILE D 158 -28.27 20.25 -29.80
N GLY D 159 -28.15 19.10 -30.46
CA GLY D 159 -29.29 18.48 -31.15
C GLY D 159 -29.87 17.36 -30.30
N SER D 160 -31.21 17.25 -30.18
CA SER D 160 -31.82 16.16 -29.39
C SER D 160 -31.33 14.79 -29.86
N GLY D 161 -30.95 14.70 -31.13
CA GLY D 161 -30.35 13.53 -31.76
C GLY D 161 -30.98 12.18 -31.45
N CYS D 162 -30.12 11.24 -31.00
CA CYS D 162 -30.51 9.87 -30.73
C CYS D 162 -31.01 9.63 -29.30
N ASN D 163 -31.35 10.72 -28.57
CA ASN D 163 -31.85 10.60 -27.21
C ASN D 163 -33.15 9.79 -27.17
N LEU D 164 -34.11 10.12 -28.05
CA LEU D 164 -35.40 9.41 -28.15
C LEU D 164 -35.23 7.98 -28.69
N ASP D 165 -34.35 7.79 -29.66
CA ASP D 165 -34.03 6.47 -30.26
C ASP D 165 -33.53 5.53 -29.17
N SER D 166 -32.57 6.03 -28.34
CA SER D 166 -31.99 5.29 -27.21
C SER D 166 -33.03 5.01 -26.15
N ALA D 167 -33.90 6.00 -25.87
CA ALA D 167 -34.98 5.90 -24.89
C ALA D 167 -35.95 4.78 -25.28
N ARG D 168 -36.29 4.71 -26.57
CA ARG D 168 -37.19 3.70 -27.13
C ARG D 168 -36.55 2.32 -27.10
N PHE D 169 -35.26 2.27 -27.41
CA PHE D 169 -34.47 1.04 -27.42
C PHE D 169 -34.46 0.39 -26.03
N ARG D 170 -34.19 1.22 -25.02
CA ARG D 170 -34.12 0.80 -23.61
C ARG D 170 -35.48 0.33 -23.12
N TYR D 171 -36.57 0.97 -23.59
CA TYR D 171 -37.94 0.58 -23.25
C TYR D 171 -38.22 -0.84 -23.80
N LEU D 172 -37.87 -1.06 -25.06
CA LEU D 172 -38.07 -2.35 -25.73
C LEU D 172 -37.21 -3.46 -25.12
N MET D 173 -35.96 -3.13 -24.76
CA MET D 173 -35.03 -4.03 -24.09
C MET D 173 -35.64 -4.46 -22.76
N GLY D 174 -36.13 -3.46 -22.00
CA GLY D 174 -36.78 -3.62 -20.72
C GLY D 174 -37.97 -4.55 -20.76
N GLU D 175 -38.83 -4.37 -21.78
CA GLU D 175 -40.03 -5.16 -21.99
C GLU D 175 -39.67 -6.62 -22.26
N ARG D 176 -38.61 -6.86 -23.10
CA ARG D 176 -38.13 -8.21 -23.43
C ARG D 176 -37.55 -8.92 -22.21
N LEU D 177 -36.85 -8.19 -21.32
CA LEU D 177 -36.17 -8.79 -20.16
C LEU D 177 -36.96 -8.76 -18.86
N GLY D 178 -38.03 -7.98 -18.78
CA GLY D 178 -38.82 -7.86 -17.55
C GLY D 178 -38.09 -7.05 -16.50
N VAL D 179 -37.34 -6.03 -16.97
CA VAL D 179 -36.51 -5.12 -16.16
C VAL D 179 -36.89 -3.67 -16.51
N HIS D 180 -36.82 -2.76 -15.55
CA HIS D 180 -37.10 -1.35 -15.80
C HIS D 180 -36.09 -0.78 -16.79
N PRO D 181 -36.51 0.05 -17.78
CA PRO D 181 -35.55 0.66 -18.73
C PRO D 181 -34.34 1.35 -18.09
N LEU D 182 -34.49 1.91 -16.85
CA LEU D 182 -33.38 2.52 -16.11
C LEU D 182 -32.21 1.55 -15.87
N SER D 183 -32.51 0.26 -15.74
CA SER D 183 -31.53 -0.78 -15.49
C SER D 183 -31.06 -1.50 -16.76
N CYS D 184 -31.64 -1.12 -17.90
CA CYS D 184 -31.31 -1.67 -19.21
C CYS D 184 -30.48 -0.65 -19.93
N HIS D 185 -29.22 -0.97 -20.22
CA HIS D 185 -28.33 -0.02 -20.88
C HIS D 185 -28.06 -0.40 -22.33
N GLY D 186 -28.11 0.59 -23.20
CA GLY D 186 -27.91 0.43 -24.63
C GLY D 186 -27.87 1.77 -25.33
N TRP D 187 -26.97 1.90 -26.30
CA TRP D 187 -26.75 3.16 -27.03
C TRP D 187 -27.05 3.07 -28.52
N VAL D 188 -27.90 3.98 -28.98
CA VAL D 188 -28.29 4.13 -30.38
C VAL D 188 -27.60 5.43 -30.79
N LEU D 189 -26.67 5.34 -31.73
CA LEU D 189 -25.87 6.49 -32.12
C LEU D 189 -25.97 6.86 -33.61
N GLY D 190 -25.25 7.91 -33.99
CA GLY D 190 -25.19 8.40 -35.35
C GLY D 190 -26.32 9.31 -35.73
N GLU D 191 -26.95 9.03 -36.87
CA GLU D 191 -28.03 9.81 -37.44
C GLU D 191 -29.37 9.46 -36.81
N HIS D 192 -30.10 10.49 -36.33
CA HIS D 192 -31.41 10.30 -35.73
C HIS D 192 -32.41 9.78 -36.76
N GLY D 193 -33.16 8.76 -36.36
CA GLY D 193 -34.21 8.20 -37.20
C GLY D 193 -33.89 6.87 -37.82
N ASP D 194 -34.29 6.71 -39.08
CA ASP D 194 -34.12 5.50 -39.90
C ASP D 194 -32.68 4.94 -39.97
N SER D 195 -31.68 5.83 -40.04
CA SER D 195 -30.27 5.46 -40.21
C SER D 195 -29.46 5.33 -38.90
N SER D 196 -30.14 5.37 -37.73
CA SER D 196 -29.48 5.23 -36.42
C SER D 196 -28.76 3.89 -36.25
N VAL D 197 -27.68 3.88 -35.47
CA VAL D 197 -26.81 2.72 -35.24
C VAL D 197 -26.91 2.17 -33.82
N PRO D 198 -27.48 0.95 -33.65
CA PRO D 198 -27.48 0.33 -32.30
C PRO D 198 -26.09 -0.25 -32.01
N VAL D 199 -25.46 0.21 -30.92
CA VAL D 199 -24.12 -0.26 -30.55
C VAL D 199 -24.29 -1.51 -29.64
N TRP D 200 -24.31 -2.69 -30.28
CA TRP D 200 -24.55 -3.99 -29.64
C TRP D 200 -23.55 -4.33 -28.53
N SER D 201 -22.29 -3.89 -28.68
CA SER D 201 -21.20 -4.11 -27.72
C SER D 201 -21.44 -3.51 -26.35
N GLY D 202 -22.15 -2.36 -26.31
CA GLY D 202 -22.46 -1.63 -25.09
C GLY D 202 -23.71 -2.03 -24.35
N MET D 203 -24.51 -2.95 -24.94
CA MET D 203 -25.77 -3.41 -24.37
C MET D 203 -25.58 -4.32 -23.19
N ASN D 204 -26.15 -3.94 -22.04
CA ASN D 204 -25.96 -4.69 -20.80
C ASN D 204 -27.03 -4.43 -19.76
N VAL D 205 -27.09 -5.36 -18.80
CA VAL D 205 -27.88 -5.28 -17.57
C VAL D 205 -26.86 -5.60 -16.48
N ALA D 206 -26.69 -4.67 -15.52
CA ALA D 206 -25.76 -4.82 -14.37
C ALA D 206 -24.29 -5.15 -14.79
N GLY D 207 -23.83 -4.52 -15.86
CA GLY D 207 -22.49 -4.72 -16.38
C GLY D 207 -22.31 -6.01 -17.14
N VAL D 208 -23.38 -6.83 -17.30
CA VAL D 208 -23.32 -8.10 -18.02
C VAL D 208 -23.65 -7.83 -19.50
N SER D 209 -22.61 -7.88 -20.34
CA SER D 209 -22.66 -7.66 -21.78
C SER D 209 -23.49 -8.73 -22.44
N LEU D 210 -24.55 -8.30 -23.12
CA LEU D 210 -25.48 -9.15 -23.85
C LEU D 210 -24.78 -9.84 -25.05
N LYS D 211 -23.84 -9.11 -25.69
CA LYS D 211 -23.04 -9.58 -26.84
C LYS D 211 -22.03 -10.67 -26.38
N THR D 212 -21.51 -10.57 -25.15
CA THR D 212 -20.58 -11.56 -24.60
C THR D 212 -21.33 -12.86 -24.32
N LEU D 213 -22.52 -12.75 -23.72
CA LEU D 213 -23.40 -13.87 -23.40
C LEU D 213 -23.96 -14.52 -24.67
N HIS D 214 -24.24 -13.71 -25.69
CA HIS D 214 -24.82 -14.13 -26.96
C HIS D 214 -24.02 -13.47 -28.09
N PRO D 215 -22.95 -14.12 -28.61
CA PRO D 215 -22.11 -13.48 -29.65
C PRO D 215 -22.82 -13.12 -30.96
N ASP D 216 -23.97 -13.77 -31.22
CA ASP D 216 -24.82 -13.54 -32.40
C ASP D 216 -25.73 -12.29 -32.28
N LEU D 217 -25.71 -11.59 -31.11
CA LEU D 217 -26.51 -10.39 -30.84
C LEU D 217 -26.33 -9.32 -31.92
N GLY D 218 -27.47 -8.94 -32.51
CA GLY D 218 -27.53 -7.92 -33.55
C GLY D 218 -27.10 -8.36 -34.93
N THR D 219 -26.98 -9.67 -35.14
CA THR D 219 -26.61 -10.22 -36.45
C THR D 219 -27.83 -10.95 -37.04
N ASP D 220 -27.74 -11.35 -38.31
CA ASP D 220 -28.81 -12.10 -38.96
C ASP D 220 -28.72 -13.60 -38.54
N LYS D 221 -27.55 -14.00 -37.99
CA LYS D 221 -27.22 -15.33 -37.45
C LYS D 221 -27.97 -15.60 -36.12
N ASP D 222 -28.52 -14.55 -35.48
CA ASP D 222 -29.24 -14.56 -34.21
C ASP D 222 -30.60 -15.26 -34.29
N LYS D 223 -30.79 -16.32 -33.49
CA LYS D 223 -32.05 -17.08 -33.41
C LYS D 223 -33.12 -16.25 -32.73
N GLU D 224 -32.72 -15.46 -31.74
CA GLU D 224 -33.59 -14.60 -30.93
C GLU D 224 -33.95 -13.30 -31.63
N GLN D 225 -33.25 -13.00 -32.74
CA GLN D 225 -33.44 -11.81 -33.59
C GLN D 225 -33.48 -10.52 -32.75
N TRP D 226 -32.36 -10.20 -32.10
CA TRP D 226 -32.25 -9.00 -31.28
C TRP D 226 -32.14 -7.74 -32.11
N LYS D 227 -31.77 -7.90 -33.40
CA LYS D 227 -31.68 -6.84 -34.41
C LYS D 227 -33.07 -6.20 -34.56
N GLU D 228 -34.13 -7.03 -34.36
CA GLU D 228 -35.54 -6.65 -34.42
C GLU D 228 -35.90 -5.61 -33.35
N VAL D 229 -35.11 -5.52 -32.24
CA VAL D 229 -35.29 -4.55 -31.16
C VAL D 229 -34.96 -3.12 -31.69
N HIS D 230 -33.97 -3.02 -32.60
CA HIS D 230 -33.62 -1.76 -33.25
C HIS D 230 -34.61 -1.48 -34.38
N LYS D 231 -35.00 -2.53 -35.12
CA LYS D 231 -35.99 -2.47 -36.20
C LYS D 231 -37.31 -1.94 -35.63
N GLN D 232 -37.69 -2.41 -34.44
CA GLN D 232 -38.89 -2.00 -33.71
C GLN D 232 -38.82 -0.56 -33.26
N VAL D 233 -37.60 -0.03 -32.97
CA VAL D 233 -37.44 1.38 -32.61
C VAL D 233 -37.93 2.21 -33.78
N VAL D 234 -37.46 1.88 -35.00
CA VAL D 234 -37.84 2.54 -36.24
C VAL D 234 -39.36 2.34 -36.50
N GLU D 235 -39.85 1.08 -36.33
CA GLU D 235 -41.27 0.70 -36.52
C GLU D 235 -42.21 1.48 -35.62
N SER D 236 -41.83 1.61 -34.34
CA SER D 236 -42.63 2.30 -33.32
C SER D 236 -42.88 3.75 -33.66
N ALA D 237 -41.88 4.45 -34.23
CA ALA D 237 -42.00 5.86 -34.64
C ALA D 237 -43.10 6.02 -35.70
N TYR D 238 -43.04 5.19 -36.76
CA TYR D 238 -44.01 5.14 -37.84
C TYR D 238 -45.38 4.71 -37.29
N GLU D 239 -45.40 3.71 -36.39
CA GLU D 239 -46.62 3.22 -35.77
C GLU D 239 -47.36 4.32 -34.97
N VAL D 240 -46.63 5.05 -34.10
CA VAL D 240 -47.22 6.13 -33.29
C VAL D 240 -47.83 7.21 -34.21
N ILE D 241 -47.10 7.60 -35.28
CA ILE D 241 -47.57 8.57 -36.27
C ILE D 241 -48.80 8.04 -37.02
N LYS D 242 -48.80 6.76 -37.40
CA LYS D 242 -49.95 6.13 -38.07
C LYS D 242 -51.17 6.14 -37.12
N LEU D 243 -50.97 5.81 -35.83
CA LEU D 243 -52.03 5.68 -34.84
C LEU D 243 -52.59 7.00 -34.31
N LYS D 244 -51.74 7.96 -33.90
CA LYS D 244 -52.23 9.22 -33.34
C LYS D 244 -51.85 10.47 -34.19
N GLY D 245 -51.06 10.29 -35.24
CA GLY D 245 -50.72 11.38 -36.15
C GLY D 245 -49.45 12.18 -35.85
N TYR D 246 -48.87 11.97 -34.66
CA TYR D 246 -47.66 12.66 -34.20
C TYR D 246 -47.18 11.98 -32.94
N THR D 247 -46.01 12.40 -32.44
CA THR D 247 -45.41 11.93 -31.20
C THR D 247 -45.19 13.18 -30.35
N SER D 248 -45.53 13.11 -29.05
CA SER D 248 -45.36 14.27 -28.19
C SER D 248 -44.78 13.95 -26.80
N TRP D 249 -45.46 13.03 -26.06
CA TRP D 249 -45.10 12.69 -24.69
C TRP D 249 -43.67 12.16 -24.51
N ALA D 250 -43.28 11.15 -25.29
CA ALA D 250 -41.95 10.56 -25.26
C ALA D 250 -40.84 11.59 -25.56
N ILE D 251 -41.01 12.43 -26.61
CA ILE D 251 -40.02 13.45 -26.98
C ILE D 251 -39.98 14.57 -25.91
N GLY D 252 -41.13 15.02 -25.43
CA GLY D 252 -41.21 16.04 -24.39
C GLY D 252 -40.44 15.65 -23.16
N LEU D 253 -40.67 14.41 -22.71
CA LEU D 253 -39.98 13.83 -21.56
C LEU D 253 -38.47 13.74 -21.78
N SER D 254 -38.05 13.27 -22.95
CA SER D 254 -36.61 13.13 -23.26
C SER D 254 -35.88 14.49 -23.32
N VAL D 255 -36.57 15.54 -23.79
CA VAL D 255 -36.05 16.91 -23.87
C VAL D 255 -35.91 17.54 -22.47
N ALA D 256 -36.93 17.35 -21.60
CA ALA D 256 -36.92 17.83 -20.21
C ALA D 256 -35.73 17.20 -19.43
N ASP D 257 -35.36 15.95 -19.80
CA ASP D 257 -34.23 15.23 -19.22
C ASP D 257 -32.92 15.90 -19.61
N LEU D 258 -32.80 16.31 -20.86
CA LEU D 258 -31.61 17.02 -21.37
C LEU D 258 -31.54 18.39 -20.72
N ALA D 259 -32.71 19.10 -20.63
CA ALA D 259 -32.82 20.42 -20.02
C ALA D 259 -32.37 20.36 -18.55
N GLU D 260 -32.72 19.27 -17.82
CA GLU D 260 -32.34 19.06 -16.43
C GLU D 260 -30.81 19.02 -16.29
N SER D 261 -30.13 18.23 -17.14
CA SER D 261 -28.65 18.15 -17.09
C SER D 261 -28.00 19.50 -17.36
N ILE D 262 -28.56 20.31 -18.27
CA ILE D 262 -28.00 21.62 -18.59
C ILE D 262 -28.28 22.62 -17.45
N MET D 263 -29.57 22.76 -17.05
CA MET D 263 -29.99 23.72 -16.03
C MET D 263 -29.37 23.47 -14.66
N LYS D 264 -29.17 22.20 -14.29
CA LYS D 264 -28.58 21.79 -13.03
C LYS D 264 -27.07 21.44 -13.13
N ASN D 265 -26.46 21.55 -14.34
CA ASN D 265 -25.04 21.30 -14.58
C ASN D 265 -24.64 19.91 -14.06
N LEU D 266 -25.48 18.89 -14.33
CA LEU D 266 -25.30 17.54 -13.81
C LEU D 266 -24.12 16.79 -14.36
N ARG D 267 -23.69 17.10 -15.59
CA ARG D 267 -22.58 16.41 -16.26
C ARG D 267 -22.88 14.90 -16.44
N ARG D 268 -24.13 14.62 -16.82
CA ARG D 268 -24.55 13.27 -17.15
C ARG D 268 -24.19 13.02 -18.63
N VAL D 269 -24.10 11.76 -19.02
CA VAL D 269 -23.80 11.38 -20.40
C VAL D 269 -25.08 11.06 -21.14
N HIS D 270 -25.33 11.76 -22.27
CA HIS D 270 -26.54 11.58 -23.11
C HIS D 270 -26.19 11.38 -24.59
N PRO D 271 -27.02 10.61 -25.35
CA PRO D 271 -26.77 10.46 -26.79
C PRO D 271 -27.41 11.64 -27.53
N VAL D 272 -26.61 12.66 -27.79
CA VAL D 272 -27.09 13.89 -28.42
C VAL D 272 -26.24 14.25 -29.62
N SER D 273 -26.81 15.02 -30.54
CA SER D 273 -26.16 15.40 -31.79
C SER D 273 -25.09 16.52 -31.57
N THR D 274 -23.85 16.24 -31.96
CA THR D 274 -22.74 17.18 -31.82
C THR D 274 -21.87 17.18 -33.07
N MET D 275 -21.06 18.23 -33.27
CA MET D 275 -20.12 18.39 -34.38
C MET D 275 -19.07 17.27 -34.25
N ILE D 276 -19.17 16.23 -35.08
CA ILE D 276 -18.26 15.08 -34.98
C ILE D 276 -17.12 15.07 -36.02
N LYS D 277 -16.81 16.24 -36.65
CA LYS D 277 -15.68 16.34 -37.58
C LYS D 277 -14.39 15.95 -36.83
N GLY D 278 -13.60 15.05 -37.43
CA GLY D 278 -12.36 14.53 -36.85
C GLY D 278 -12.49 13.15 -36.23
N LEU D 279 -13.73 12.68 -36.03
CA LEU D 279 -14.00 11.37 -35.44
C LEU D 279 -14.49 10.42 -36.51
N TYR D 280 -14.16 9.13 -36.39
CA TYR D 280 -14.57 8.02 -37.25
C TYR D 280 -14.35 8.27 -38.76
N GLY D 281 -13.31 9.04 -39.08
CA GLY D 281 -12.95 9.37 -40.45
C GLY D 281 -13.81 10.44 -41.10
N ILE D 282 -14.59 11.18 -40.29
CA ILE D 282 -15.48 12.23 -40.81
C ILE D 282 -14.72 13.53 -40.92
N LYS D 283 -14.66 14.10 -42.14
CA LYS D 283 -13.93 15.33 -42.44
C LYS D 283 -14.80 16.53 -42.79
N ASP D 284 -16.11 16.34 -42.82
CA ASP D 284 -17.05 17.44 -43.10
C ASP D 284 -17.68 17.98 -41.82
N ASP D 285 -18.26 19.20 -41.88
CA ASP D 285 -18.93 19.83 -40.74
C ASP D 285 -20.30 19.18 -40.59
N VAL D 286 -20.36 18.05 -39.91
CA VAL D 286 -21.65 17.37 -39.72
C VAL D 286 -21.88 17.11 -38.22
N PHE D 287 -23.13 17.08 -37.83
CA PHE D 287 -23.57 16.81 -36.47
C PHE D 287 -24.21 15.44 -36.46
N LEU D 288 -23.75 14.57 -35.54
CA LEU D 288 -24.28 13.21 -35.35
C LEU D 288 -24.25 12.90 -33.85
N SER D 289 -25.03 11.91 -33.42
CA SER D 289 -25.09 11.55 -32.00
C SER D 289 -23.98 10.63 -31.54
N VAL D 290 -23.33 11.06 -30.45
CA VAL D 290 -22.32 10.33 -29.69
C VAL D 290 -22.65 10.60 -28.21
N PRO D 291 -22.21 9.78 -27.24
CA PRO D 291 -22.49 10.09 -25.83
C PRO D 291 -21.72 11.34 -25.41
N CYS D 292 -22.45 12.36 -24.95
CA CYS D 292 -21.88 13.65 -24.58
C CYS D 292 -22.12 13.93 -23.10
N ILE D 293 -21.14 14.62 -22.46
CA ILE D 293 -21.25 15.09 -21.08
C ILE D 293 -22.00 16.43 -21.22
N LEU D 294 -23.16 16.53 -20.54
CA LEU D 294 -24.03 17.70 -20.65
C LEU D 294 -24.13 18.48 -19.33
N GLY D 295 -23.95 19.80 -19.40
CA GLY D 295 -24.00 20.67 -18.22
C GLY D 295 -24.31 22.13 -18.53
N GLN D 296 -23.88 23.06 -17.64
CA GLN D 296 -24.15 24.49 -17.78
C GLN D 296 -23.53 25.16 -19.00
N ASN D 297 -22.53 24.54 -19.65
CA ASN D 297 -21.93 25.11 -20.86
C ASN D 297 -22.23 24.23 -22.08
N GLY D 298 -23.29 23.42 -21.96
CA GLY D 298 -23.73 22.49 -23.00
C GLY D 298 -22.86 21.25 -23.04
N ILE D 299 -22.36 20.90 -24.23
CA ILE D 299 -21.48 19.74 -24.44
C ILE D 299 -20.04 20.16 -24.12
N SER D 300 -19.53 19.72 -22.98
CA SER D 300 -18.17 20.06 -22.57
C SER D 300 -17.19 18.98 -23.00
N ASP D 301 -17.69 17.75 -23.12
CA ASP D 301 -16.91 16.55 -23.40
C ASP D 301 -17.72 15.52 -24.18
N LEU D 302 -17.01 14.61 -24.82
CA LEU D 302 -17.61 13.51 -25.57
C LEU D 302 -16.94 12.18 -25.21
N VAL D 303 -17.74 11.11 -25.15
CA VAL D 303 -17.23 9.77 -24.87
C VAL D 303 -16.82 9.14 -26.21
N LYS D 304 -15.57 8.67 -26.31
CA LYS D 304 -15.03 8.02 -27.51
C LYS D 304 -15.46 6.58 -27.54
N VAL D 305 -16.53 6.29 -28.24
CA VAL D 305 -17.05 4.94 -28.37
C VAL D 305 -16.25 4.18 -29.42
N THR D 306 -15.80 2.98 -29.07
CA THR D 306 -15.07 2.14 -30.01
C THR D 306 -16.14 1.38 -30.80
N LEU D 307 -16.16 1.63 -32.10
CA LEU D 307 -17.11 1.03 -33.02
C LEU D 307 -16.47 -0.03 -33.89
N THR D 308 -17.28 -1.00 -34.34
CA THR D 308 -16.83 -2.02 -35.30
C THR D 308 -16.72 -1.33 -36.69
N SER D 309 -16.02 -1.97 -37.63
CA SER D 309 -15.86 -1.42 -38.99
C SER D 309 -17.20 -1.14 -39.67
N GLU D 310 -18.20 -2.00 -39.44
CA GLU D 310 -19.57 -1.87 -39.95
C GLU D 310 -20.27 -0.65 -39.34
N GLU D 311 -20.21 -0.50 -38.01
CA GLU D 311 -20.80 0.62 -37.27
C GLU D 311 -20.16 1.96 -37.68
N GLU D 312 -18.83 1.96 -37.82
CA GLU D 312 -18.08 3.14 -38.23
C GLU D 312 -18.42 3.54 -39.68
N ALA D 313 -18.59 2.54 -40.58
CA ALA D 313 -18.95 2.76 -41.99
C ALA D 313 -20.33 3.38 -42.09
N ARG D 314 -21.28 2.92 -41.26
CA ARG D 314 -22.66 3.42 -41.19
C ARG D 314 -22.68 4.88 -40.80
N LEU D 315 -21.80 5.25 -39.86
CA LEU D 315 -21.69 6.63 -39.37
C LEU D 315 -21.10 7.51 -40.46
N LYS D 316 -20.12 6.96 -41.20
CA LYS D 316 -19.45 7.65 -42.30
C LYS D 316 -20.41 7.95 -43.45
N LYS D 317 -21.23 6.95 -43.79
CA LYS D 317 -22.25 6.98 -44.82
C LYS D 317 -23.30 8.05 -44.47
N SER D 318 -23.74 8.09 -43.19
CA SER D 318 -24.69 9.09 -42.68
C SER D 318 -24.09 10.49 -42.79
N ALA D 319 -22.81 10.64 -42.43
CA ALA D 319 -22.13 11.93 -42.52
C ALA D 319 -21.98 12.43 -43.97
N ASP D 320 -21.76 11.51 -44.93
CA ASP D 320 -21.67 11.82 -46.34
C ASP D 320 -23.04 12.29 -46.89
N THR D 321 -24.11 11.61 -46.48
CA THR D 321 -25.51 11.94 -46.86
C THR D 321 -25.86 13.33 -46.31
N LEU D 322 -25.63 13.58 -45.00
CA LEU D 322 -25.92 14.85 -44.37
C LEU D 322 -25.13 15.99 -45.01
N TRP D 323 -23.84 15.75 -45.33
CA TRP D 323 -23.05 16.80 -45.96
C TRP D 323 -23.58 17.13 -47.38
N GLY D 324 -24.04 16.10 -48.10
CA GLY D 324 -24.63 16.22 -49.43
C GLY D 324 -25.79 17.21 -49.45
N ILE D 325 -26.68 17.13 -48.45
CA ILE D 325 -27.82 18.03 -48.27
C ILE D 325 -27.31 19.41 -47.85
N GLN D 326 -26.41 19.45 -46.84
CA GLN D 326 -25.86 20.67 -46.26
C GLN D 326 -25.11 21.56 -47.25
N LYS D 327 -24.43 20.97 -48.24
CA LYS D 327 -23.67 21.76 -49.22
C LYS D 327 -24.57 22.49 -50.25
N GLU D 328 -25.74 21.94 -50.54
CA GLU D 328 -26.75 22.43 -51.48
C GLU D 328 -27.84 23.32 -50.81
N LEU D 329 -27.74 23.59 -49.48
CA LEU D 329 -28.72 24.43 -48.80
C LEU D 329 -28.46 25.89 -49.09
N GLN D 330 -29.54 26.67 -49.17
CA GLN D 330 -29.47 28.10 -49.40
C GLN D 330 -29.62 28.77 -48.05
N PHE D 331 -28.57 29.51 -47.62
CA PHE D 331 -28.50 30.21 -46.33
C PHE D 331 -28.85 31.71 -46.40
N ALA E 1 76.87 -22.86 -10.38
CA ALA E 1 77.32 -24.24 -10.26
C ALA E 1 76.47 -25.04 -9.27
N THR E 2 76.04 -24.38 -8.17
CA THR E 2 75.18 -24.97 -7.13
C THR E 2 73.80 -25.28 -7.71
N LEU E 3 73.09 -26.25 -7.09
CA LEU E 3 71.74 -26.67 -7.47
C LEU E 3 70.81 -25.46 -7.47
N LYS E 4 70.97 -24.56 -6.47
CA LYS E 4 70.23 -23.31 -6.33
C LYS E 4 70.44 -22.43 -7.57
N ASP E 5 71.70 -22.32 -8.06
CA ASP E 5 72.01 -21.53 -9.26
C ASP E 5 71.53 -22.20 -10.53
N GLN E 6 71.54 -23.55 -10.58
CA GLN E 6 71.07 -24.33 -11.73
C GLN E 6 69.55 -24.19 -11.89
N LEU E 7 68.82 -24.13 -10.75
CA LEU E 7 67.37 -24.05 -10.69
C LEU E 7 66.82 -22.64 -10.73
N ILE E 8 67.44 -21.71 -10.00
CA ILE E 8 66.96 -20.33 -9.87
C ILE E 8 67.91 -19.29 -10.47
N TYR E 9 67.35 -18.40 -11.33
CA TYR E 9 68.10 -17.26 -11.87
C TYR E 9 67.74 -16.03 -11.05
N ASN E 10 68.75 -15.45 -10.40
CA ASN E 10 68.61 -14.27 -9.55
C ASN E 10 68.55 -12.97 -10.36
N LEU E 11 67.52 -12.14 -10.05
CA LEU E 11 67.28 -10.86 -10.70
C LEU E 11 67.73 -9.72 -9.79
N LEU E 12 67.39 -9.81 -8.49
CA LEU E 12 67.68 -8.77 -7.50
C LEU E 12 68.75 -9.17 -6.49
N THR E 17 64.69 -5.87 4.19
CA THR E 17 64.20 -4.89 5.15
C THR E 17 62.68 -5.11 5.38
N PRO E 18 62.30 -5.82 6.49
CA PRO E 18 60.89 -6.15 6.73
C PRO E 18 60.00 -4.93 6.92
N GLN E 19 58.81 -5.04 6.39
CA GLN E 19 57.77 -4.01 6.39
C GLN E 19 56.78 -4.06 7.54
N ASN E 20 56.53 -5.26 8.09
CA ASN E 20 55.57 -5.44 9.16
C ASN E 20 56.15 -6.37 10.22
N LYS E 21 57.28 -5.98 10.80
CA LYS E 21 57.99 -6.77 11.79
C LYS E 21 57.44 -6.60 13.20
N ILE E 22 57.34 -7.72 13.93
CA ILE E 22 56.91 -7.75 15.32
C ILE E 22 57.98 -8.48 16.13
N THR E 23 58.32 -7.92 17.28
CA THR E 23 59.24 -8.53 18.23
C THR E 23 58.49 -8.91 19.50
N VAL E 24 58.80 -10.10 20.01
CA VAL E 24 58.31 -10.55 21.30
C VAL E 24 59.53 -10.67 22.23
N VAL E 25 59.52 -9.94 23.36
CA VAL E 25 60.59 -9.98 24.36
C VAL E 25 60.08 -10.78 25.57
N GLY E 26 60.74 -11.91 25.83
CA GLY E 26 60.36 -12.84 26.90
C GLY E 26 59.60 -14.00 26.31
N VAL E 27 60.23 -15.16 26.17
CA VAL E 27 59.63 -16.36 25.57
C VAL E 27 59.08 -17.37 26.62
N GLY E 28 58.48 -16.83 27.68
CA GLY E 28 57.85 -17.65 28.70
C GLY E 28 56.50 -18.11 28.20
N ALA E 29 55.60 -18.50 29.09
CA ALA E 29 54.28 -18.98 28.67
C ALA E 29 53.43 -17.88 27.99
N VAL E 30 53.54 -16.66 28.49
CA VAL E 30 52.83 -15.50 27.94
C VAL E 30 53.40 -15.10 26.56
N GLY E 31 54.71 -14.91 26.49
CA GLY E 31 55.39 -14.53 25.25
C GLY E 31 55.14 -15.46 24.09
N MET E 32 55.22 -16.76 24.34
CA MET E 32 54.97 -17.80 23.34
C MET E 32 53.51 -17.88 22.88
N ALA E 33 52.56 -17.62 23.79
CA ALA E 33 51.15 -17.63 23.43
C ALA E 33 50.84 -16.40 22.56
N CYS E 34 51.52 -15.26 22.85
CA CYS E 34 51.42 -14.03 22.05
C CYS E 34 51.97 -14.32 20.66
N ALA E 35 53.14 -14.97 20.59
CA ALA E 35 53.80 -15.37 19.36
C ALA E 35 52.92 -16.25 18.45
N ILE E 36 52.38 -17.38 19.00
CA ILE E 36 51.55 -18.28 18.19
C ILE E 36 50.25 -17.60 17.68
N SER E 37 49.65 -16.73 18.50
CA SER E 37 48.42 -16.03 18.14
C SER E 37 48.64 -15.03 17.04
N ILE E 38 49.78 -14.30 17.09
CA ILE E 38 50.21 -13.33 16.09
C ILE E 38 50.54 -14.06 14.77
N LEU E 39 51.18 -15.23 14.89
CA LEU E 39 51.53 -16.00 13.70
C LEU E 39 50.30 -16.54 13.02
N MET E 40 49.29 -16.96 13.80
CA MET E 40 48.09 -17.54 13.20
C MET E 40 47.12 -16.49 12.69
N LYS E 41 47.35 -15.22 13.02
CA LYS E 41 46.53 -14.09 12.57
C LYS E 41 47.18 -13.32 11.43
N ASP E 42 48.37 -13.80 10.93
CA ASP E 42 49.10 -13.19 9.81
C ASP E 42 49.29 -11.67 9.97
N LEU E 43 49.74 -11.25 11.15
CA LEU E 43 49.92 -9.82 11.40
C LEU E 43 51.31 -9.31 11.01
N ALA E 44 52.27 -10.22 10.79
CA ALA E 44 53.65 -9.85 10.55
C ALA E 44 54.28 -10.59 9.42
N ASP E 45 55.27 -9.93 8.76
CA ASP E 45 56.07 -10.54 7.70
C ASP E 45 57.36 -11.08 8.29
N GLU E 46 57.67 -10.68 9.52
CA GLU E 46 58.84 -11.12 10.27
C GLU E 46 58.57 -11.10 11.76
N LEU E 47 58.92 -12.19 12.45
CA LEU E 47 58.80 -12.30 13.90
C LEU E 47 60.18 -12.49 14.55
N ALA E 48 60.49 -11.64 15.54
CA ALA E 48 61.73 -11.74 16.29
C ALA E 48 61.41 -12.13 17.75
N LEU E 49 62.21 -13.01 18.32
CA LEU E 49 62.11 -13.42 19.73
C LEU E 49 63.40 -13.07 20.49
N VAL E 50 63.25 -12.49 21.69
CA VAL E 50 64.38 -12.16 22.57
C VAL E 50 64.11 -12.73 23.97
N ASP E 51 65.16 -13.25 24.61
CA ASP E 51 65.17 -13.74 25.99
C ASP E 51 66.62 -13.78 26.50
N VAL E 52 66.80 -14.01 27.83
CA VAL E 52 68.10 -14.17 28.50
C VAL E 52 68.50 -15.66 28.58
N ILE E 53 67.50 -16.60 28.56
CA ILE E 53 67.74 -18.05 28.59
C ILE E 53 67.92 -18.46 27.13
N GLU E 54 69.17 -18.60 26.71
CA GLU E 54 69.55 -18.87 25.32
C GLU E 54 69.06 -20.19 24.75
N ASP E 55 69.12 -21.28 25.52
CA ASP E 55 68.70 -22.60 25.04
C ASP E 55 67.20 -22.64 24.71
N LYS E 56 66.35 -22.21 25.68
CA LYS E 56 64.90 -22.19 25.49
C LYS E 56 64.50 -21.23 24.34
N LEU E 57 65.22 -20.08 24.24
CA LEU E 57 65.00 -19.10 23.17
C LEU E 57 65.19 -19.76 21.80
N LYS E 58 66.33 -20.47 21.58
CA LYS E 58 66.62 -21.14 20.32
C LYS E 58 65.60 -22.26 20.04
N GLY E 59 65.25 -23.02 21.08
CA GLY E 59 64.28 -24.11 20.99
C GLY E 59 62.90 -23.66 20.58
N GLU E 60 62.45 -22.54 21.17
CA GLU E 60 61.16 -21.93 20.86
C GLU E 60 61.16 -21.39 19.43
N MET E 61 62.30 -20.79 18.99
CA MET E 61 62.48 -20.25 17.64
C MET E 61 62.33 -21.34 16.64
N MET E 62 63.03 -22.43 16.88
CA MET E 62 63.06 -23.59 16.01
C MET E 62 61.72 -24.28 15.89
N ASP E 63 60.98 -24.36 17.00
CA ASP E 63 59.67 -25.02 17.04
C ASP E 63 58.68 -24.25 16.15
N LEU E 64 58.74 -22.90 16.21
CA LEU E 64 57.91 -22.04 15.37
C LEU E 64 58.30 -22.19 13.89
N GLN E 65 59.61 -22.15 13.59
CA GLN E 65 60.16 -22.30 12.23
C GLN E 65 59.75 -23.61 11.59
N HIS E 66 59.67 -24.70 12.38
CA HIS E 66 59.28 -26.01 11.87
C HIS E 66 57.80 -26.06 11.40
N GLY E 67 57.01 -25.09 11.86
CA GLY E 67 55.62 -24.98 11.44
C GLY E 67 55.35 -24.01 10.29
N SER E 68 56.44 -23.46 9.66
CA SER E 68 56.41 -22.48 8.55
C SER E 68 55.48 -22.84 7.41
N LEU E 69 55.44 -24.15 7.06
CA LEU E 69 54.58 -24.66 5.99
C LEU E 69 53.11 -24.29 6.20
N PHE E 70 52.69 -24.20 7.48
CA PHE E 70 51.30 -23.90 7.87
C PHE E 70 51.10 -22.45 8.21
N LEU E 71 52.12 -21.60 7.99
CA LEU E 71 52.04 -20.18 8.31
C LEU E 71 52.28 -19.26 7.10
N ARG E 72 52.08 -17.96 7.28
CA ARG E 72 52.29 -16.93 6.23
C ARG E 72 53.21 -15.81 6.74
N THR E 73 54.18 -16.18 7.62
CA THR E 73 55.21 -15.31 8.22
C THR E 73 56.52 -15.95 7.78
N PRO E 74 57.12 -15.42 6.69
CA PRO E 74 58.26 -16.10 6.07
C PRO E 74 59.58 -16.05 6.82
N LYS E 75 59.69 -15.21 7.86
CA LYS E 75 60.94 -15.11 8.59
C LYS E 75 60.71 -15.05 10.10
N ILE E 76 61.28 -16.04 10.80
CA ILE E 76 61.25 -16.14 12.26
C ILE E 76 62.71 -16.15 12.75
N VAL E 77 63.08 -15.17 13.56
CA VAL E 77 64.44 -15.04 14.11
C VAL E 77 64.44 -14.92 15.65
N SER E 78 65.59 -15.13 16.27
CA SER E 78 65.77 -14.98 17.71
C SER E 78 67.23 -14.68 18.03
N GLY E 79 67.42 -14.11 19.21
CA GLY E 79 68.73 -13.81 19.76
C GLY E 79 68.67 -13.07 21.06
N LYS E 80 69.77 -13.15 21.82
CA LYS E 80 69.98 -12.44 23.07
C LYS E 80 70.34 -10.98 22.69
N ASP E 81 71.01 -10.79 21.52
CA ASP E 81 71.39 -9.48 20.98
C ASP E 81 70.16 -8.88 20.32
N TYR E 82 69.94 -7.61 20.55
CA TYR E 82 68.79 -6.90 20.02
C TYR E 82 68.91 -6.48 18.55
N ASN E 83 70.00 -6.90 17.87
CA ASN E 83 70.20 -6.64 16.44
C ASN E 83 69.15 -7.39 15.61
N VAL E 84 68.70 -8.57 16.09
CA VAL E 84 67.66 -9.41 15.48
C VAL E 84 66.28 -8.70 15.52
N THR E 85 66.12 -7.62 16.32
CA THR E 85 64.83 -6.92 16.49
C THR E 85 64.72 -5.61 15.71
N ALA E 86 65.80 -5.24 14.99
CA ALA E 86 65.89 -4.02 14.20
C ALA E 86 64.69 -3.82 13.26
N ASN E 87 64.18 -2.58 13.20
CA ASN E 87 63.09 -2.12 12.34
C ASN E 87 61.73 -2.79 12.62
N SER E 88 61.44 -3.12 13.90
CA SER E 88 60.16 -3.70 14.29
C SER E 88 59.14 -2.58 14.36
N LYS E 89 57.92 -2.84 13.86
CA LYS E 89 56.80 -1.89 13.92
C LYS E 89 56.21 -1.92 15.32
N LEU E 90 56.20 -3.12 15.93
CA LEU E 90 55.64 -3.35 17.24
C LEU E 90 56.52 -4.27 18.07
N VAL E 91 56.81 -3.85 19.29
CA VAL E 91 57.62 -4.63 20.21
C VAL E 91 56.76 -4.93 21.44
N ILE E 92 56.56 -6.23 21.71
CA ILE E 92 55.73 -6.71 22.80
C ILE E 92 56.60 -7.21 23.93
N ILE E 93 56.45 -6.60 25.12
CA ILE E 93 57.26 -6.96 26.28
C ILE E 93 56.46 -7.84 27.24
N THR E 94 56.90 -9.10 27.36
CA THR E 94 56.27 -10.10 28.25
C THR E 94 57.32 -10.63 29.22
N ALA E 95 58.54 -10.05 29.22
CA ALA E 95 59.66 -10.49 30.08
C ALA E 95 59.36 -10.18 31.55
N GLY E 96 59.73 -11.11 32.45
CA GLY E 96 59.52 -10.92 33.89
C GLY E 96 60.22 -11.91 34.78
N ALA E 97 60.51 -11.51 36.03
CA ALA E 97 61.23 -12.31 37.04
C ALA E 97 60.44 -13.52 37.56
N ARG E 105 56.08 -9.74 46.65
CA ARG E 105 54.97 -9.26 45.80
C ARG E 105 55.17 -7.81 45.38
N LEU E 106 55.30 -6.90 46.37
CA LEU E 106 55.55 -5.48 46.12
C LEU E 106 57.05 -5.29 45.89
N ASN E 107 57.81 -6.40 45.98
CA ASN E 107 59.24 -6.51 45.76
C ASN E 107 59.45 -6.82 44.27
N LEU E 108 58.55 -7.64 43.69
CA LEU E 108 58.51 -8.07 42.30
C LEU E 108 58.49 -6.90 41.31
N VAL E 109 57.83 -5.80 41.68
CA VAL E 109 57.79 -4.55 40.92
C VAL E 109 59.25 -4.13 40.63
N GLN E 110 60.05 -3.99 41.71
CA GLN E 110 61.44 -3.58 41.71
C GLN E 110 62.32 -4.45 40.83
N ARG E 111 62.13 -5.78 40.89
CA ARG E 111 62.83 -6.78 40.07
C ARG E 111 62.56 -6.52 38.58
N ASN E 112 61.27 -6.37 38.21
CA ASN E 112 60.81 -6.21 36.84
C ASN E 112 61.18 -4.85 36.27
N VAL E 113 61.26 -3.79 37.11
CA VAL E 113 61.71 -2.46 36.71
C VAL E 113 63.19 -2.55 36.30
N ASN E 114 63.96 -3.34 37.05
CA ASN E 114 65.37 -3.56 36.81
C ASN E 114 65.60 -4.31 35.49
N ILE E 115 64.70 -5.27 35.17
CA ILE E 115 64.70 -6.01 33.90
C ILE E 115 64.43 -5.03 32.73
N PHE E 116 63.47 -4.11 32.93
CA PHE E 116 63.12 -3.08 31.95
C PHE E 116 64.25 -2.08 31.67
N LYS E 117 65.06 -1.77 32.71
CA LYS E 117 66.22 -0.87 32.57
C LYS E 117 67.26 -1.44 31.59
N PHE E 118 67.21 -2.78 31.40
CA PHE E 118 68.02 -3.63 30.54
C PHE E 118 67.49 -3.63 29.08
N ILE E 119 66.19 -3.91 28.93
CA ILE E 119 65.46 -4.15 27.70
C ILE E 119 65.13 -2.91 26.87
N ILE E 120 64.39 -1.97 27.47
CA ILE E 120 63.89 -0.78 26.80
C ILE E 120 64.98 -0.01 26.03
N PRO E 121 66.20 0.29 26.59
CA PRO E 121 67.20 1.02 25.79
C PRO E 121 67.64 0.25 24.55
N ASN E 122 67.75 -1.07 24.69
CA ASN E 122 68.13 -1.97 23.61
C ASN E 122 67.08 -2.04 22.50
N VAL E 123 65.78 -2.03 22.88
CA VAL E 123 64.69 -2.08 21.90
C VAL E 123 64.62 -0.75 21.11
N VAL E 124 64.67 0.38 21.81
CA VAL E 124 64.56 1.70 21.18
C VAL E 124 65.74 2.02 20.27
N LYS E 125 66.93 1.50 20.59
CA LYS E 125 68.13 1.66 19.79
C LYS E 125 67.95 1.02 18.39
N TYR E 126 67.35 -0.18 18.34
CA TYR E 126 67.18 -0.91 17.10
C TYR E 126 65.86 -0.62 16.36
N SER E 127 64.82 -0.13 17.08
CA SER E 127 63.53 0.22 16.48
C SER E 127 63.07 1.55 17.04
N PRO E 128 63.73 2.67 16.62
CA PRO E 128 63.32 4.00 17.16
C PRO E 128 61.91 4.43 16.86
N ASN E 129 61.28 3.89 15.79
CA ASN E 129 59.91 4.28 15.47
C ASN E 129 58.84 3.25 15.84
N CYS E 130 59.19 2.21 16.63
CA CYS E 130 58.21 1.21 17.03
C CYS E 130 57.18 1.72 18.01
N LYS E 131 56.09 0.94 18.18
CA LYS E 131 55.10 1.13 19.23
C LYS E 131 55.50 0.06 20.25
N LEU E 132 55.40 0.40 21.53
CA LEU E 132 55.72 -0.51 22.61
C LEU E 132 54.45 -1.04 23.22
N LEU E 133 54.30 -2.37 23.29
CA LEU E 133 53.14 -2.99 23.92
C LEU E 133 53.61 -3.78 25.16
N ILE E 134 53.27 -3.29 26.35
CA ILE E 134 53.71 -3.84 27.65
C ILE E 134 52.70 -4.80 28.25
N VAL E 135 53.13 -6.02 28.58
CA VAL E 135 52.28 -7.07 29.15
C VAL E 135 52.75 -7.43 30.56
N SER E 136 54.10 -7.37 30.77
CA SER E 136 54.81 -7.67 32.03
C SER E 136 54.16 -6.96 33.23
N ASN E 137 53.94 -7.68 34.34
CA ASN E 137 53.31 -7.13 35.54
C ASN E 137 54.27 -6.50 36.58
N PRO E 138 53.84 -5.45 37.33
CA PRO E 138 52.58 -4.71 37.26
C PRO E 138 52.58 -3.86 35.99
N VAL E 139 51.69 -4.23 35.06
CA VAL E 139 51.58 -3.66 33.72
C VAL E 139 51.47 -2.11 33.72
N ASP E 140 50.67 -1.51 34.63
CA ASP E 140 50.49 -0.05 34.68
C ASP E 140 51.80 0.71 35.03
N ILE E 141 52.56 0.22 36.03
CA ILE E 141 53.85 0.79 36.43
C ILE E 141 54.86 0.57 35.31
N LEU E 142 54.98 -0.66 34.79
CA LEU E 142 55.95 -1.00 33.76
C LEU E 142 55.70 -0.27 32.43
N THR E 143 54.44 0.15 32.17
CA THR E 143 54.12 0.92 30.96
C THR E 143 54.73 2.33 31.13
N TYR E 144 54.59 2.91 32.33
CA TYR E 144 55.16 4.20 32.71
C TYR E 144 56.69 4.11 32.60
N VAL E 145 57.28 3.02 33.10
CA VAL E 145 58.71 2.75 33.13
C VAL E 145 59.23 2.71 31.69
N ALA E 146 58.55 1.95 30.80
CA ALA E 146 58.90 1.83 29.39
C ALA E 146 58.86 3.20 28.71
N TRP E 147 57.84 4.03 29.05
CA TRP E 147 57.66 5.39 28.52
C TRP E 147 58.83 6.30 28.94
N LYS E 148 59.21 6.26 30.24
CA LYS E 148 60.30 7.07 30.77
C LYS E 148 61.66 6.71 30.19
N ILE E 149 61.99 5.40 30.15
CA ILE E 149 63.26 4.90 29.63
C ILE E 149 63.40 5.16 28.11
N SER E 150 62.34 4.87 27.33
CA SER E 150 62.35 5.03 25.86
C SER E 150 62.48 6.47 25.36
N GLY E 151 61.80 7.40 26.04
CA GLY E 151 61.74 8.79 25.62
C GLY E 151 60.73 8.99 24.50
N PHE E 152 59.89 7.96 24.26
CA PHE E 152 58.87 7.96 23.19
C PHE E 152 57.68 8.85 23.54
N PRO E 153 56.96 9.44 22.56
CA PRO E 153 55.71 10.13 22.91
C PRO E 153 54.71 9.09 23.44
N LYS E 154 53.82 9.52 24.37
CA LYS E 154 52.85 8.67 25.06
C LYS E 154 51.98 7.79 24.15
N ASN E 155 51.72 8.23 22.91
CA ASN E 155 50.88 7.49 21.95
C ASN E 155 51.52 6.16 21.53
N ARG E 156 52.87 6.07 21.57
CA ARG E 156 53.61 4.88 21.15
C ARG E 156 53.97 3.92 22.31
N VAL E 157 53.44 4.17 23.52
CA VAL E 157 53.71 3.30 24.67
C VAL E 157 52.35 2.85 25.21
N ILE E 158 52.01 1.58 24.94
CA ILE E 158 50.70 1.00 25.28
C ILE E 158 50.86 -0.14 26.28
N GLY E 159 50.03 -0.14 27.31
CA GLY E 159 50.01 -1.22 28.28
C GLY E 159 48.81 -2.11 28.03
N SER E 160 48.99 -3.45 28.08
CA SER E 160 47.87 -4.37 27.85
C SER E 160 46.70 -4.05 28.79
N GLY E 161 47.00 -3.50 29.97
CA GLY E 161 46.05 -3.03 30.95
C GLY E 161 44.88 -3.94 31.28
N CYS E 162 43.67 -3.38 31.17
CA CYS E 162 42.41 -4.06 31.47
C CYS E 162 41.80 -4.80 30.29
N ASN E 163 42.58 -5.04 29.22
CA ASN E 163 42.10 -5.77 28.06
C ASN E 163 41.69 -7.20 28.45
N LEU E 164 42.53 -7.92 29.23
CA LEU E 164 42.23 -9.26 29.70
C LEU E 164 41.08 -9.30 30.72
N ASP E 165 41.04 -8.31 31.62
CA ASP E 165 40.01 -8.15 32.64
C ASP E 165 38.66 -8.04 31.97
N SER E 166 38.59 -7.19 30.92
CA SER E 166 37.41 -6.89 30.13
C SER E 166 36.95 -8.04 29.29
N ALA E 167 37.88 -8.85 28.77
CA ALA E 167 37.60 -10.05 27.97
C ALA E 167 37.05 -11.17 28.89
N ARG E 168 37.60 -11.26 30.13
CA ARG E 168 37.17 -12.25 31.15
C ARG E 168 35.81 -11.86 31.68
N PHE E 169 35.57 -10.54 31.79
CA PHE E 169 34.28 -10.02 32.19
C PHE E 169 33.18 -10.45 31.20
N ARG E 170 33.38 -10.12 29.90
CA ARG E 170 32.45 -10.40 28.80
C ARG E 170 32.19 -11.88 28.62
N TYR E 171 33.23 -12.75 28.81
CA TYR E 171 33.06 -14.22 28.74
C TYR E 171 32.03 -14.67 29.79
N LEU E 172 32.18 -14.18 31.03
CA LEU E 172 31.30 -14.51 32.15
C LEU E 172 29.89 -13.98 31.92
N MET E 173 29.78 -12.76 31.37
CA MET E 173 28.51 -12.13 31.00
C MET E 173 27.80 -13.03 29.97
N GLY E 174 28.55 -13.45 28.96
CA GLY E 174 28.11 -14.32 27.88
C GLY E 174 27.56 -15.65 28.36
N GLU E 175 28.29 -16.29 29.28
CA GLU E 175 27.93 -17.56 29.88
C GLU E 175 26.61 -17.43 30.68
N ARG E 176 26.44 -16.33 31.42
CA ARG E 176 25.21 -16.04 32.19
C ARG E 176 24.00 -15.83 31.28
N LEU E 177 24.17 -15.12 30.17
CA LEU E 177 23.06 -14.76 29.28
C LEU E 177 22.81 -15.73 28.12
N GLY E 178 23.75 -16.65 27.83
CA GLY E 178 23.65 -17.59 26.72
C GLY E 178 23.80 -16.86 25.38
N VAL E 179 24.69 -15.84 25.36
CA VAL E 179 25.02 -14.97 24.23
C VAL E 179 26.56 -15.03 24.03
N HIS E 180 27.03 -14.95 22.78
CA HIS E 180 28.47 -14.91 22.52
C HIS E 180 29.08 -13.65 23.15
N PRO E 181 30.28 -13.75 23.78
CA PRO E 181 30.94 -12.55 24.37
C PRO E 181 31.01 -11.34 23.45
N LEU E 182 31.09 -11.55 22.11
CA LEU E 182 31.14 -10.46 21.11
C LEU E 182 29.93 -9.57 21.18
N SER E 183 28.78 -10.13 21.55
CA SER E 183 27.52 -9.41 21.63
C SER E 183 27.22 -8.87 23.06
N CYS E 184 28.08 -9.17 24.07
CA CYS E 184 27.92 -8.71 25.46
C CYS E 184 28.94 -7.64 25.70
N HIS E 185 28.51 -6.43 25.96
CA HIS E 185 29.41 -5.30 26.13
C HIS E 185 29.53 -4.87 27.59
N GLY E 186 30.76 -4.59 27.99
CA GLY E 186 31.08 -4.18 29.36
C GLY E 186 32.53 -3.80 29.47
N TRP E 187 32.81 -2.72 30.22
CA TRP E 187 34.17 -2.19 30.36
C TRP E 187 34.70 -2.25 31.80
N VAL E 188 35.87 -2.88 31.94
CA VAL E 188 36.60 -2.99 33.19
C VAL E 188 37.77 -2.02 33.01
N LEU E 189 37.83 -0.97 33.83
CA LEU E 189 38.84 0.07 33.66
C LEU E 189 39.78 0.27 34.88
N GLY E 190 40.66 1.25 34.76
CA GLY E 190 41.62 1.63 35.79
C GLY E 190 42.85 0.77 35.85
N GLU E 191 43.16 0.30 37.06
CA GLU E 191 44.33 -0.51 37.36
C GLU E 191 44.07 -1.98 37.04
N HIS E 192 44.97 -2.59 36.27
CA HIS E 192 44.87 -4.00 35.93
C HIS E 192 45.02 -4.89 37.17
N GLY E 193 44.15 -5.89 37.27
CA GLY E 193 44.20 -6.87 38.35
C GLY E 193 43.15 -6.69 39.42
N ASP E 194 43.54 -6.94 40.67
CA ASP E 194 42.70 -6.86 41.87
C ASP E 194 41.94 -5.53 42.05
N SER E 195 42.58 -4.38 41.67
CA SER E 195 42.03 -3.03 41.84
C SER E 195 41.24 -2.48 40.63
N SER E 196 40.93 -3.35 39.62
CA SER E 196 40.16 -2.97 38.42
C SER E 196 38.73 -2.54 38.73
N VAL E 197 38.20 -1.62 37.90
CA VAL E 197 36.88 -1.02 38.09
C VAL E 197 35.86 -1.46 37.03
N PRO E 198 34.82 -2.23 37.40
CA PRO E 198 33.76 -2.56 36.42
C PRO E 198 32.81 -1.36 36.25
N VAL E 199 32.68 -0.84 35.01
CA VAL E 199 31.81 0.31 34.74
C VAL E 199 30.41 -0.22 34.39
N TRP E 200 29.56 -0.35 35.43
CA TRP E 200 28.20 -0.88 35.35
C TRP E 200 27.28 -0.13 34.40
N SER E 201 27.47 1.20 34.27
CA SER E 201 26.69 2.08 33.39
C SER E 201 26.79 1.73 31.90
N GLY E 202 27.93 1.19 31.49
CA GLY E 202 28.19 0.84 30.09
C GLY E 202 27.84 -0.57 29.69
N MET E 203 27.40 -1.40 30.64
CA MET E 203 27.05 -2.79 30.38
C MET E 203 25.74 -2.95 29.64
N ASN E 204 25.80 -3.62 28.47
CA ASN E 204 24.65 -3.79 27.61
C ASN E 204 24.75 -4.98 26.67
N VAL E 205 23.60 -5.38 26.14
CA VAL E 205 23.44 -6.34 25.06
C VAL E 205 22.52 -5.60 24.10
N ALA E 206 22.95 -5.44 22.84
CA ALA E 206 22.20 -4.77 21.76
C ALA E 206 21.73 -3.35 22.11
N GLY E 207 22.58 -2.60 22.80
CA GLY E 207 22.29 -1.23 23.23
C GLY E 207 21.30 -1.14 24.37
N VAL E 208 20.90 -2.28 24.96
CA VAL E 208 19.97 -2.30 26.08
C VAL E 208 20.81 -2.28 27.37
N SER E 209 20.84 -1.12 28.04
CA SER E 209 21.57 -0.89 29.30
C SER E 209 21.02 -1.77 30.42
N LEU E 210 21.90 -2.62 30.99
CA LEU E 210 21.59 -3.56 32.07
C LEU E 210 21.26 -2.79 33.36
N LYS E 211 21.94 -1.63 33.59
CA LYS E 211 21.76 -0.73 34.73
C LYS E 211 20.40 -0.03 34.66
N THR E 212 19.92 0.29 33.44
CA THR E 212 18.61 0.94 33.25
C THR E 212 17.51 -0.07 33.58
N LEU E 213 17.66 -1.32 33.09
CA LEU E 213 16.72 -2.41 33.32
C LEU E 213 16.72 -2.88 34.78
N HIS E 214 17.90 -2.82 35.42
CA HIS E 214 18.11 -3.25 36.79
C HIS E 214 18.95 -2.17 37.51
N PRO E 215 18.30 -1.15 38.14
CA PRO E 215 19.07 -0.05 38.75
C PRO E 215 20.03 -0.43 39.88
N ASP E 216 19.90 -1.62 40.49
CA ASP E 216 20.82 -2.06 41.55
C ASP E 216 21.91 -3.01 41.01
N LYS E 227 27.58 -7.97 40.80
CA LYS E 227 28.87 -7.56 41.37
C LYS E 227 29.82 -8.76 41.38
N GLU E 228 29.23 -9.96 41.57
CA GLU E 228 29.92 -11.25 41.63
C GLU E 228 30.59 -11.60 40.32
N VAL E 229 30.12 -11.04 39.19
CA VAL E 229 30.72 -11.29 37.87
C VAL E 229 32.13 -10.66 37.88
N HIS E 230 32.27 -9.43 38.43
CA HIS E 230 33.57 -8.77 38.54
C HIS E 230 34.45 -9.50 39.56
N LYS E 231 33.84 -9.93 40.69
CA LYS E 231 34.48 -10.71 41.73
C LYS E 231 35.03 -12.02 41.12
N GLN E 232 34.25 -12.65 40.23
CA GLN E 232 34.61 -13.87 39.49
C GLN E 232 35.75 -13.63 38.53
N VAL E 233 35.85 -12.41 37.93
CA VAL E 233 36.96 -12.08 37.04
C VAL E 233 38.25 -12.21 37.83
N VAL E 234 38.29 -11.58 39.03
CA VAL E 234 39.43 -11.62 39.95
C VAL E 234 39.67 -13.07 40.40
N GLU E 235 38.61 -13.77 40.83
CA GLU E 235 38.66 -15.17 41.28
C GLU E 235 39.22 -16.12 40.21
N SER E 236 38.76 -15.99 38.94
CA SER E 236 39.18 -16.83 37.82
C SER E 236 40.69 -16.76 37.56
N ALA E 237 41.30 -15.56 37.69
CA ALA E 237 42.75 -15.35 37.54
C ALA E 237 43.52 -16.21 38.55
N TYR E 238 43.13 -16.12 39.84
CA TYR E 238 43.69 -16.91 40.94
C TYR E 238 43.43 -18.39 40.72
N GLU E 239 42.20 -18.75 40.27
CA GLU E 239 41.82 -20.15 40.00
C GLU E 239 42.70 -20.77 38.93
N VAL E 240 42.88 -20.09 37.77
CA VAL E 240 43.72 -20.57 36.65
C VAL E 240 45.15 -20.82 37.12
N ILE E 241 45.72 -19.87 37.89
CA ILE E 241 47.06 -19.97 38.46
C ILE E 241 47.14 -21.14 39.45
N LYS E 242 46.10 -21.32 40.27
CA LYS E 242 46.05 -22.43 41.23
C LYS E 242 46.01 -23.77 40.48
N LEU E 243 45.20 -23.85 39.40
CA LEU E 243 45.00 -25.07 38.63
C LEU E 243 46.11 -25.45 37.66
N LYS E 244 46.63 -24.50 36.85
CA LYS E 244 47.68 -24.84 35.89
C LYS E 244 49.02 -24.11 36.15
N GLY E 245 49.06 -23.21 37.13
CA GLY E 245 50.30 -22.53 37.53
C GLY E 245 50.60 -21.20 36.86
N TYR E 246 49.85 -20.87 35.80
CA TYR E 246 50.03 -19.64 35.02
C TYR E 246 48.86 -19.49 34.06
N THR E 247 48.80 -18.34 33.37
CA THR E 247 47.80 -18.04 32.35
C THR E 247 48.57 -17.74 31.08
N SER E 248 48.15 -18.29 29.94
CA SER E 248 48.86 -18.06 28.69
C SER E 248 47.96 -17.79 27.48
N TRP E 249 47.05 -18.72 27.19
CA TRP E 249 46.15 -18.67 26.04
C TRP E 249 45.29 -17.41 25.95
N ALA E 250 44.56 -17.10 27.03
CA ALA E 250 43.68 -15.93 27.09
C ALA E 250 44.45 -14.61 26.90
N ILE E 251 45.63 -14.45 27.53
CA ILE E 251 46.44 -13.23 27.40
C ILE E 251 47.06 -13.15 25.97
N GLY E 252 47.57 -14.28 25.45
CA GLY E 252 48.12 -14.38 24.10
C GLY E 252 47.14 -13.89 23.05
N LEU E 253 45.86 -14.36 23.18
CA LEU E 253 44.75 -13.98 22.29
C LEU E 253 44.38 -12.50 22.43
N SER E 254 44.30 -11.98 23.67
CA SER E 254 43.97 -10.56 23.87
C SER E 254 45.05 -9.61 23.31
N VAL E 255 46.34 -10.01 23.38
CA VAL E 255 47.48 -9.23 22.87
C VAL E 255 47.49 -9.26 21.33
N ALA E 256 47.18 -10.43 20.75
CA ALA E 256 47.05 -10.65 19.30
C ALA E 256 46.03 -9.68 18.72
N ASP E 257 44.93 -9.45 19.49
CA ASP E 257 43.82 -8.58 19.12
C ASP E 257 44.27 -7.13 19.09
N LEU E 258 45.09 -6.73 20.08
CA LEU E 258 45.63 -5.36 20.15
C LEU E 258 46.61 -5.16 19.00
N ALA E 259 47.48 -6.15 18.75
CA ALA E 259 48.47 -6.15 17.68
C ALA E 259 47.79 -5.96 16.34
N GLU E 260 46.63 -6.62 16.15
CA GLU E 260 45.83 -6.52 14.92
C GLU E 260 45.40 -5.07 14.65
N SER E 261 44.78 -4.40 15.63
CA SER E 261 44.36 -3.01 15.48
C SER E 261 45.56 -2.11 15.15
N ILE E 262 46.71 -2.32 15.81
CA ILE E 262 47.91 -1.52 15.57
C ILE E 262 48.46 -1.76 14.17
N MET E 263 48.74 -3.02 13.82
CA MET E 263 49.31 -3.39 12.53
C MET E 263 48.43 -3.04 11.32
N LYS E 264 47.10 -3.10 11.51
CA LYS E 264 46.10 -2.84 10.46
C LYS E 264 45.47 -1.46 10.56
N ASN E 265 45.87 -0.64 11.55
CA ASN E 265 45.39 0.73 11.76
C ASN E 265 43.85 0.79 11.79
N LEU E 266 43.25 -0.19 12.49
CA LEU E 266 41.80 -0.36 12.53
C LEU E 266 41.03 0.76 13.20
N ARG E 267 41.65 1.43 14.19
CA ARG E 267 41.03 2.49 14.98
C ARG E 267 39.83 1.96 15.78
N ARG E 268 39.98 0.73 16.31
CA ARG E 268 39.02 0.10 17.19
C ARG E 268 39.29 0.63 18.62
N VAL E 269 38.28 0.54 19.47
CA VAL E 269 38.37 1.00 20.84
C VAL E 269 38.65 -0.20 21.74
N HIS E 270 39.76 -0.12 22.53
CA HIS E 270 40.20 -1.17 23.46
C HIS E 270 40.47 -0.62 24.86
N PRO E 271 40.22 -1.43 25.93
CA PRO E 271 40.58 -0.98 27.30
C PRO E 271 42.06 -1.26 27.56
N VAL E 272 42.90 -0.25 27.30
CA VAL E 272 44.36 -0.40 27.45
C VAL E 272 44.95 0.70 28.34
N SER E 273 46.15 0.45 28.96
CA SER E 273 46.82 1.43 29.84
C SER E 273 47.47 2.59 29.08
N THR E 274 47.02 3.81 29.36
CA THR E 274 47.57 5.03 28.74
C THR E 274 47.83 6.11 29.79
N MET E 275 48.64 7.13 29.44
CA MET E 275 48.98 8.26 30.28
C MET E 275 47.68 9.06 30.50
N ILE E 276 47.08 8.94 31.70
CA ILE E 276 45.79 9.58 31.98
C ILE E 276 45.90 10.89 32.78
N LYS E 277 47.09 11.55 32.79
CA LYS E 277 47.28 12.84 33.48
C LYS E 277 46.32 13.87 32.85
N GLY E 278 45.55 14.54 33.71
CA GLY E 278 44.55 15.55 33.35
C GLY E 278 43.12 15.05 33.42
N LEU E 279 42.94 13.74 33.53
CA LEU E 279 41.64 13.09 33.61
C LEU E 279 41.37 12.62 35.03
N TYR E 280 40.10 12.67 35.44
CA TYR E 280 39.59 12.19 36.73
C TYR E 280 40.37 12.70 37.97
N GLY E 281 40.85 13.95 37.87
CA GLY E 281 41.61 14.59 38.94
C GLY E 281 43.04 14.13 39.09
N ILE E 282 43.57 13.33 38.12
CA ILE E 282 44.95 12.84 38.16
C ILE E 282 45.86 13.92 37.61
N LYS E 283 46.90 14.28 38.41
CA LYS E 283 47.89 15.31 38.10
C LYS E 283 49.30 14.74 37.95
N ASP E 284 49.46 13.42 38.17
CA ASP E 284 50.76 12.74 38.08
C ASP E 284 50.90 12.01 36.74
N ASP E 285 52.14 11.68 36.34
CA ASP E 285 52.41 10.92 35.11
C ASP E 285 52.09 9.46 35.42
N VAL E 286 50.82 9.09 35.28
CA VAL E 286 50.37 7.74 35.62
C VAL E 286 49.61 7.11 34.45
N PHE E 287 49.85 5.81 34.23
CA PHE E 287 49.20 5.03 33.20
C PHE E 287 48.17 4.12 33.79
N LEU E 288 46.97 4.11 33.22
CA LEU E 288 45.95 3.14 33.58
C LEU E 288 44.93 3.06 32.44
N SER E 289 44.06 2.04 32.53
CA SER E 289 43.15 1.71 31.43
C SER E 289 41.89 2.55 31.32
N VAL E 290 41.72 3.06 30.10
CA VAL E 290 40.56 3.80 29.62
C VAL E 290 40.32 3.28 28.19
N PRO E 291 39.11 3.41 27.61
CA PRO E 291 38.93 2.96 26.21
C PRO E 291 39.72 3.85 25.25
N CYS E 292 40.65 3.25 24.50
CA CYS E 292 41.52 3.94 23.58
C CYS E 292 41.29 3.53 22.14
N ILE E 293 41.42 4.51 21.21
CA ILE E 293 41.37 4.27 19.77
C ILE E 293 42.79 3.84 19.41
N LEU E 294 42.92 2.64 18.85
CA LEU E 294 44.20 2.01 18.55
C LEU E 294 44.43 1.86 17.05
N GLY E 295 45.59 2.33 16.59
CA GLY E 295 45.98 2.27 15.18
C GLY E 295 47.48 2.19 14.96
N GLN E 296 47.94 2.53 13.74
CA GLN E 296 49.35 2.50 13.32
C GLN E 296 50.27 3.45 14.10
N ASN E 297 49.72 4.45 14.80
CA ASN E 297 50.52 5.36 15.62
C ASN E 297 50.21 5.15 17.11
N GLY E 298 49.70 3.96 17.43
CA GLY E 298 49.33 3.55 18.78
C GLY E 298 48.03 4.18 19.23
N ILE E 299 48.05 4.80 20.42
CA ILE E 299 46.88 5.46 20.98
C ILE E 299 46.80 6.88 20.43
N SER E 300 45.88 7.12 19.48
CA SER E 300 45.71 8.43 18.86
C SER E 300 44.66 9.23 19.61
N ASP E 301 43.70 8.52 20.24
CA ASP E 301 42.55 9.09 20.92
C ASP E 301 42.11 8.26 22.12
N LEU E 302 41.32 8.86 22.97
CA LEU E 302 40.82 8.28 24.21
C LEU E 302 39.32 8.57 24.29
N VAL E 303 38.53 7.59 24.77
CA VAL E 303 37.09 7.81 24.96
C VAL E 303 36.94 8.35 26.38
N LYS E 304 36.26 9.50 26.54
CA LYS E 304 36.01 10.16 27.82
C LYS E 304 34.83 9.49 28.49
N VAL E 305 35.10 8.50 29.34
CA VAL E 305 34.04 7.80 30.06
C VAL E 305 33.58 8.63 31.24
N THR E 306 32.27 8.80 31.39
CA THR E 306 31.74 9.53 32.53
C THR E 306 31.65 8.52 33.68
N LEU E 307 32.46 8.78 34.74
CA LEU E 307 32.57 7.92 35.90
C LEU E 307 31.77 8.44 37.10
N THR E 308 31.29 7.51 37.95
CA THR E 308 30.60 7.89 39.20
C THR E 308 31.70 8.36 40.17
N SER E 309 31.32 9.10 41.23
CA SER E 309 32.29 9.59 42.24
C SER E 309 33.10 8.44 42.88
N GLU E 310 32.46 7.28 43.10
CA GLU E 310 33.07 6.08 43.65
C GLU E 310 34.11 5.50 42.68
N GLU E 311 33.73 5.34 41.39
CA GLU E 311 34.59 4.83 40.31
C GLU E 311 35.80 5.74 40.10
N GLU E 312 35.58 7.07 40.14
CA GLU E 312 36.62 8.08 39.99
C GLU E 312 37.60 8.06 41.17
N ALA E 313 37.08 7.84 42.40
CA ALA E 313 37.90 7.76 43.62
C ALA E 313 38.80 6.53 43.60
N ARG E 314 38.28 5.40 43.09
CA ARG E 314 39.01 4.15 42.96
C ARG E 314 40.20 4.33 42.00
N LEU E 315 39.99 5.12 40.93
CA LEU E 315 41.02 5.42 39.94
C LEU E 315 42.08 6.34 40.54
N LYS E 316 41.67 7.34 41.34
CA LYS E 316 42.60 8.28 41.96
C LYS E 316 43.49 7.55 42.99
N LYS E 317 42.88 6.63 43.77
CA LYS E 317 43.56 5.81 44.77
C LYS E 317 44.66 4.98 44.09
N SER E 318 44.30 4.32 42.96
CA SER E 318 45.22 3.54 42.14
C SER E 318 46.34 4.42 41.61
N ALA E 319 46.01 5.64 41.13
CA ALA E 319 46.99 6.62 40.62
C ALA E 319 47.99 7.05 41.70
N ASP E 320 47.52 7.24 42.97
CA ASP E 320 48.36 7.61 44.11
C ASP E 320 49.34 6.48 44.44
N THR E 321 48.85 5.23 44.45
CA THR E 321 49.63 4.04 44.73
C THR E 321 50.74 3.87 43.67
N LEU E 322 50.35 3.92 42.38
CA LEU E 322 51.27 3.78 41.25
C LEU E 322 52.33 4.87 41.25
N TRP E 323 51.91 6.13 41.51
CA TRP E 323 52.86 7.23 41.54
C TRP E 323 53.87 7.07 42.70
N GLY E 324 53.40 6.52 43.81
CA GLY E 324 54.23 6.27 44.98
C GLY E 324 55.41 5.37 44.69
N ILE E 325 55.16 4.30 43.90
CA ILE E 325 56.19 3.37 43.46
C ILE E 325 57.09 4.04 42.40
N GLN E 326 56.48 4.68 41.39
CA GLN E 326 57.13 5.31 40.25
C GLN E 326 58.06 6.49 40.55
N LYS E 327 57.68 7.37 41.50
CA LYS E 327 58.45 8.58 41.85
C LYS E 327 59.91 8.31 42.31
N GLU E 328 60.18 7.13 42.90
CA GLU E 328 61.49 6.74 43.44
C GLU E 328 62.43 6.06 42.40
N LEU E 329 62.06 6.12 41.10
CA LEU E 329 62.86 5.43 40.09
C LEU E 329 63.87 6.28 39.33
N GLN E 330 65.07 5.72 39.17
CA GLN E 330 66.18 6.31 38.44
C GLN E 330 66.49 5.40 37.27
N PHE E 331 66.76 5.99 36.10
CA PHE E 331 67.04 5.25 34.85
C PHE E 331 68.41 5.60 34.27
N THR F 2 15.10 -13.32 36.78
CA THR F 2 16.55 -13.14 36.55
C THR F 2 16.80 -12.08 35.48
N LEU F 3 18.00 -11.46 35.53
CA LEU F 3 18.45 -10.45 34.58
C LEU F 3 18.41 -11.01 33.16
N LYS F 4 18.78 -12.30 32.99
CA LYS F 4 18.72 -13.06 31.76
C LYS F 4 17.30 -13.06 31.22
N ASP F 5 16.29 -13.33 32.09
CA ASP F 5 14.88 -13.36 31.70
C ASP F 5 14.33 -11.96 31.41
N GLN F 6 14.83 -10.93 32.12
CA GLN F 6 14.43 -9.54 31.93
C GLN F 6 14.91 -9.00 30.60
N LEU F 7 16.13 -9.43 30.20
CA LEU F 7 16.79 -9.01 28.97
C LEU F 7 16.45 -9.86 27.73
N ILE F 8 16.40 -11.19 27.90
CA ILE F 8 16.19 -12.14 26.81
C ILE F 8 14.88 -12.93 26.89
N TYR F 9 14.12 -12.97 25.78
CA TYR F 9 12.91 -13.78 25.68
C TYR F 9 13.26 -15.06 24.92
N ASN F 10 13.07 -16.22 25.57
CA ASN F 10 13.36 -17.53 24.97
C ASN F 10 12.25 -17.99 24.03
N LEU F 11 12.63 -18.41 22.80
CA LEU F 11 11.73 -18.89 21.76
C LEU F 11 11.79 -20.41 21.65
N LEU F 12 13.01 -20.98 21.54
CA LEU F 12 13.25 -22.42 21.34
C LEU F 12 13.81 -23.10 22.59
N LYS F 13 13.18 -24.22 23.00
CA LYS F 13 13.49 -25.04 24.17
C LYS F 13 14.74 -25.92 23.92
N GLU F 14 14.56 -27.05 23.21
CA GLU F 14 15.58 -28.06 22.93
C GLU F 14 16.79 -27.54 22.18
N GLU F 15 17.98 -27.96 22.62
CA GLU F 15 19.27 -27.58 22.03
C GLU F 15 19.62 -28.47 20.84
N THR F 17 22.62 -31.00 19.73
CA THR F 17 23.75 -31.86 19.36
C THR F 17 24.84 -31.05 18.62
N PRO F 18 26.14 -31.24 18.98
CA PRO F 18 27.21 -30.52 18.26
C PRO F 18 27.38 -31.08 16.84
N GLN F 19 27.60 -30.17 15.89
CA GLN F 19 27.71 -30.52 14.48
C GLN F 19 29.13 -30.77 14.00
N ASN F 20 30.12 -30.06 14.55
CA ASN F 20 31.52 -30.17 14.14
C ASN F 20 32.41 -30.21 15.36
N LYS F 21 32.21 -31.23 16.19
CA LYS F 21 32.93 -31.39 17.45
C LYS F 21 34.28 -32.09 17.28
N ILE F 22 35.28 -31.57 17.97
CA ILE F 22 36.62 -32.13 18.02
C ILE F 22 36.99 -32.36 19.48
N THR F 23 37.56 -33.54 19.77
CA THR F 23 38.08 -33.88 21.08
C THR F 23 39.60 -33.98 21.02
N VAL F 24 40.25 -33.43 22.03
CA VAL F 24 41.69 -33.58 22.23
C VAL F 24 41.88 -34.39 23.54
N VAL F 25 42.56 -35.55 23.42
CA VAL F 25 42.85 -36.42 24.56
C VAL F 25 44.33 -36.24 24.92
N GLY F 26 44.54 -35.73 26.12
CA GLY F 26 45.87 -35.44 26.66
C GLY F 26 46.16 -33.98 26.44
N VAL F 27 46.14 -33.19 27.54
CA VAL F 27 46.33 -31.74 27.54
C VAL F 27 47.76 -31.33 27.90
N GLY F 28 48.71 -32.12 27.41
CA GLY F 28 50.13 -31.81 27.59
C GLY F 28 50.54 -30.72 26.63
N ALA F 29 51.83 -30.58 26.37
CA ALA F 29 52.28 -29.51 25.47
C ALA F 29 51.79 -29.72 24.04
N VAL F 30 51.76 -30.99 23.57
CA VAL F 30 51.29 -31.34 22.22
C VAL F 30 49.77 -31.11 22.09
N GLY F 31 49.00 -31.68 23.02
CA GLY F 31 47.54 -31.54 23.05
C GLY F 31 47.05 -30.11 23.04
N MET F 32 47.67 -29.25 23.86
CA MET F 32 47.30 -27.83 23.97
C MET F 32 47.69 -27.01 22.74
N ALA F 33 48.79 -27.38 22.07
CA ALA F 33 49.19 -26.69 20.85
C ALA F 33 48.22 -27.09 19.72
N CYS F 34 47.76 -28.35 19.73
CA CYS F 34 46.75 -28.85 18.79
C CYS F 34 45.46 -28.06 19.02
N ALA F 35 45.06 -27.90 20.29
CA ALA F 35 43.86 -27.16 20.71
C ALA F 35 43.86 -25.71 20.25
N ILE F 36 44.93 -24.93 20.58
CA ILE F 36 44.99 -23.51 20.19
C ILE F 36 44.99 -23.32 18.67
N SER F 37 45.67 -24.21 17.94
CA SER F 37 45.76 -24.15 16.48
C SER F 37 44.42 -24.44 15.82
N ILE F 38 43.67 -25.42 16.37
CA ILE F 38 42.33 -25.80 15.91
C ILE F 38 41.36 -24.66 16.21
N LEU F 39 41.50 -24.04 17.38
CA LEU F 39 40.64 -22.92 17.76
C LEU F 39 40.87 -21.71 16.86
N MET F 40 42.14 -21.45 16.49
CA MET F 40 42.45 -20.28 15.67
C MET F 40 42.15 -20.49 14.20
N LYS F 41 41.88 -21.75 13.80
CA LYS F 41 41.54 -22.08 12.42
C LYS F 41 40.04 -22.30 12.22
N ASP F 42 39.23 -22.08 13.27
CA ASP F 42 37.76 -22.21 13.27
C ASP F 42 37.29 -23.56 12.70
N LEU F 43 37.92 -24.66 13.15
CA LEU F 43 37.57 -25.98 12.60
C LEU F 43 36.43 -26.68 13.33
N ALA F 44 36.09 -26.19 14.51
CA ALA F 44 35.08 -26.82 15.33
C ALA F 44 34.10 -25.86 15.92
N ASP F 45 32.87 -26.34 16.15
CA ASP F 45 31.84 -25.56 16.83
C ASP F 45 31.84 -25.92 18.32
N GLU F 46 32.53 -27.01 18.67
CA GLU F 46 32.70 -27.49 20.05
C GLU F 46 34.03 -28.21 20.21
N LEU F 47 34.76 -27.84 21.27
CA LEU F 47 36.03 -28.47 21.62
C LEU F 47 35.94 -29.15 22.99
N ALA F 48 36.29 -30.44 23.03
CA ALA F 48 36.32 -31.22 24.28
C ALA F 48 37.77 -31.59 24.62
N LEU F 49 38.12 -31.46 25.89
CA LEU F 49 39.46 -31.82 26.39
C LEU F 49 39.34 -32.92 27.44
N VAL F 50 40.18 -33.95 27.34
CA VAL F 50 40.23 -35.07 28.29
C VAL F 50 41.69 -35.25 28.76
N ASP F 51 41.85 -35.52 30.06
CA ASP F 51 43.13 -35.88 30.69
C ASP F 51 42.83 -36.63 31.99
N VAL F 52 43.88 -37.22 32.61
CA VAL F 52 43.81 -37.88 33.92
C VAL F 52 44.17 -36.91 35.07
N ILE F 53 44.96 -35.85 34.79
CA ILE F 53 45.31 -34.80 35.75
C ILE F 53 44.19 -33.75 35.72
N GLU F 54 43.28 -33.84 36.70
CA GLU F 54 42.07 -33.03 36.80
C GLU F 54 42.29 -31.51 36.96
N ASP F 55 43.24 -31.09 37.80
CA ASP F 55 43.54 -29.66 38.01
C ASP F 55 44.04 -28.98 36.73
N LYS F 56 45.08 -29.56 36.10
CA LYS F 56 45.67 -29.10 34.85
C LYS F 56 44.59 -28.99 33.77
N LEU F 57 43.74 -30.05 33.65
CA LEU F 57 42.64 -30.13 32.71
C LEU F 57 41.67 -28.96 32.86
N LYS F 58 41.20 -28.67 34.09
CA LYS F 58 40.28 -27.57 34.34
C LYS F 58 40.94 -26.21 34.04
N GLY F 59 42.21 -26.06 34.45
CA GLY F 59 43.00 -24.85 34.22
C GLY F 59 43.17 -24.52 32.75
N GLU F 60 43.50 -25.55 31.94
CA GLU F 60 43.66 -25.44 30.51
C GLU F 60 42.32 -25.07 29.83
N MET F 61 41.22 -25.74 30.24
CA MET F 61 39.89 -25.44 29.71
C MET F 61 39.53 -23.97 29.99
N MET F 62 39.71 -23.53 31.23
CA MET F 62 39.40 -22.16 31.65
C MET F 62 40.22 -21.10 30.92
N ASP F 63 41.50 -21.40 30.67
CA ASP F 63 42.41 -20.48 29.99
C ASP F 63 41.94 -20.26 28.53
N LEU F 64 41.49 -21.34 27.88
CA LEU F 64 40.92 -21.30 26.53
C LEU F 64 39.60 -20.54 26.52
N GLN F 65 38.70 -20.84 27.48
CA GLN F 65 37.40 -20.18 27.63
C GLN F 65 37.55 -18.68 27.82
N HIS F 66 38.58 -18.23 28.54
CA HIS F 66 38.79 -16.81 28.78
C HIS F 66 39.17 -16.04 27.51
N GLY F 67 39.59 -16.76 26.47
CA GLY F 67 39.90 -16.17 25.16
C GLY F 67 38.74 -16.17 24.17
N SER F 68 37.53 -16.65 24.58
CA SER F 68 36.32 -16.79 23.74
C SER F 68 35.97 -15.55 22.89
N LEU F 69 36.11 -14.36 23.48
CA LEU F 69 35.85 -13.09 22.79
C LEU F 69 36.63 -12.97 21.46
N PHE F 70 37.82 -13.57 21.38
CA PHE F 70 38.70 -13.54 20.23
C PHE F 70 38.58 -14.78 19.37
N LEU F 71 37.62 -15.68 19.68
CA LEU F 71 37.45 -16.95 18.95
C LEU F 71 36.06 -17.12 18.35
N ARG F 72 35.91 -18.14 17.48
CA ARG F 72 34.64 -18.49 16.81
C ARG F 72 34.19 -19.96 17.14
N THR F 73 34.54 -20.46 18.36
CA THR F 73 34.20 -21.81 18.86
C THR F 73 33.43 -21.55 20.14
N PRO F 74 32.08 -21.61 20.04
CA PRO F 74 31.22 -21.18 21.15
C PRO F 74 31.18 -22.08 22.38
N LYS F 75 31.66 -23.32 22.28
CA LYS F 75 31.62 -24.25 23.41
C LYS F 75 32.92 -25.00 23.61
N ILE F 76 33.53 -24.79 24.77
CA ILE F 76 34.77 -25.45 25.20
C ILE F 76 34.46 -26.20 26.50
N VAL F 77 34.61 -27.53 26.48
CA VAL F 77 34.34 -28.40 27.63
C VAL F 77 35.53 -29.31 27.97
N SER F 78 35.55 -29.83 29.20
CA SER F 78 36.57 -30.76 29.65
C SER F 78 36.04 -31.68 30.75
N GLY F 79 36.71 -32.81 30.91
CA GLY F 79 36.39 -33.80 31.93
C GLY F 79 37.20 -35.07 31.78
N LYS F 80 37.32 -35.78 32.90
CA LYS F 80 38.00 -37.08 33.01
C LYS F 80 37.07 -38.17 32.42
N ASP F 81 35.74 -37.97 32.57
CA ASP F 81 34.68 -38.84 32.03
C ASP F 81 34.49 -38.51 30.54
N TYR F 82 34.46 -39.56 29.69
CA TYR F 82 34.35 -39.43 28.25
C TYR F 82 32.96 -39.05 27.74
N ASN F 83 32.02 -38.77 28.66
CA ASN F 83 30.67 -38.29 28.30
C ASN F 83 30.76 -36.89 27.61
N VAL F 84 31.79 -36.10 27.95
CA VAL F 84 32.05 -34.76 27.38
C VAL F 84 32.56 -34.87 25.91
N THR F 85 33.05 -36.04 25.49
CA THR F 85 33.51 -36.26 24.12
C THR F 85 32.42 -36.81 23.17
N ALA F 86 31.17 -37.00 23.65
CA ALA F 86 30.08 -37.55 22.85
C ALA F 86 29.84 -36.80 21.54
N ASN F 87 29.66 -37.55 20.45
CA ASN F 87 29.36 -37.07 19.09
C ASN F 87 30.48 -36.22 18.47
N SER F 88 31.75 -36.58 18.74
CA SER F 88 32.88 -35.90 18.13
C SER F 88 33.07 -36.44 16.73
N LYS F 89 33.39 -35.56 15.76
CA LYS F 89 33.66 -35.94 14.39
C LYS F 89 35.09 -36.45 14.32
N LEU F 90 35.96 -35.83 15.11
CA LEU F 90 37.38 -36.13 15.14
C LEU F 90 37.92 -36.15 16.55
N VAL F 91 38.64 -37.23 16.88
CA VAL F 91 39.25 -37.40 18.20
C VAL F 91 40.76 -37.52 18.00
N ILE F 92 41.49 -36.59 18.61
CA ILE F 92 42.93 -36.49 18.52
C ILE F 92 43.58 -37.01 19.80
N ILE F 93 44.43 -38.04 19.65
CA ILE F 93 45.10 -38.66 20.80
C ILE F 93 46.54 -38.20 20.90
N THR F 94 46.82 -37.41 21.93
CA THR F 94 48.15 -36.89 22.24
C THR F 94 48.58 -37.37 23.65
N ALA F 95 47.78 -38.25 24.30
CA ALA F 95 48.05 -38.76 25.65
C ALA F 95 49.28 -39.68 25.67
N ASN F 107 57.97 -52.08 25.39
CA ASN F 107 58.92 -51.34 26.24
C ASN F 107 58.24 -50.06 26.74
N LEU F 108 58.54 -48.88 26.13
CA LEU F 108 57.82 -47.63 26.43
C LEU F 108 56.46 -47.69 25.69
N VAL F 109 56.40 -48.62 24.72
CA VAL F 109 55.27 -49.00 23.89
C VAL F 109 54.20 -49.56 24.83
N GLN F 110 54.54 -50.63 25.61
CA GLN F 110 53.60 -51.30 26.51
C GLN F 110 52.94 -50.33 27.52
N ARG F 111 53.67 -49.32 28.00
CA ARG F 111 53.12 -48.33 28.92
C ARG F 111 51.97 -47.54 28.24
N ASN F 112 52.23 -46.99 27.03
CA ASN F 112 51.23 -46.26 26.24
C ASN F 112 50.14 -47.18 25.71
N VAL F 113 50.48 -48.48 25.48
CA VAL F 113 49.53 -49.51 25.01
C VAL F 113 48.51 -49.77 26.11
N ASN F 114 48.93 -49.66 27.38
CA ASN F 114 48.02 -49.82 28.53
C ASN F 114 47.14 -48.59 28.65
N ILE F 115 47.70 -47.38 28.39
CA ILE F 115 46.95 -46.10 28.38
C ILE F 115 45.88 -46.16 27.25
N PHE F 116 46.27 -46.66 26.06
CA PHE F 116 45.39 -46.81 24.89
C PHE F 116 44.29 -47.84 25.14
N LYS F 117 44.57 -48.91 25.90
CA LYS F 117 43.59 -49.94 26.23
C LYS F 117 42.41 -49.37 27.03
N PHE F 118 42.60 -48.22 27.70
CA PHE F 118 41.54 -47.57 28.44
C PHE F 118 40.87 -46.48 27.57
N ILE F 119 41.69 -45.64 26.89
CA ILE F 119 41.23 -44.51 26.08
C ILE F 119 40.34 -44.90 24.89
N ILE F 120 40.90 -45.68 23.94
CA ILE F 120 40.25 -46.08 22.70
C ILE F 120 38.82 -46.64 22.94
N PRO F 121 38.55 -47.62 23.86
CA PRO F 121 37.16 -48.07 24.05
C PRO F 121 36.23 -46.97 24.57
N ASN F 122 36.73 -46.06 25.41
CA ASN F 122 35.97 -44.93 25.92
C ASN F 122 35.62 -43.93 24.84
N VAL F 123 36.57 -43.67 23.90
CA VAL F 123 36.32 -42.72 22.81
C VAL F 123 35.28 -43.31 21.84
N VAL F 124 35.44 -44.60 21.44
CA VAL F 124 34.56 -45.31 20.50
C VAL F 124 33.15 -45.43 21.06
N LYS F 125 33.00 -45.58 22.37
CA LYS F 125 31.70 -45.69 23.02
C LYS F 125 30.88 -44.41 22.84
N TYR F 126 31.52 -43.24 22.99
CA TYR F 126 30.84 -41.95 22.92
C TYR F 126 30.80 -41.34 21.52
N SER F 127 31.72 -41.72 20.64
CA SER F 127 31.77 -41.26 19.26
C SER F 127 32.06 -42.45 18.34
N PRO F 128 31.05 -43.35 18.13
CA PRO F 128 31.30 -44.53 17.28
C PRO F 128 31.65 -44.25 15.84
N ASN F 129 31.24 -43.07 15.32
CA ASN F 129 31.52 -42.72 13.92
C ASN F 129 32.65 -41.75 13.72
N CYS F 130 33.45 -41.46 14.78
CA CYS F 130 34.55 -40.50 14.66
C CYS F 130 35.71 -41.05 13.83
N LYS F 131 36.61 -40.14 13.46
CA LYS F 131 37.89 -40.48 12.84
C LYS F 131 38.86 -40.34 13.98
N LEU F 132 39.83 -41.25 14.07
CA LEU F 132 40.85 -41.23 15.11
C LEU F 132 42.14 -40.69 14.53
N LEU F 133 42.70 -39.64 15.16
CA LEU F 133 43.97 -39.06 14.73
C LEU F 133 44.97 -39.26 15.86
N ILE F 134 45.95 -40.16 15.64
CA ILE F 134 46.95 -40.56 16.63
C ILE F 134 48.23 -39.77 16.50
N VAL F 135 48.67 -39.14 17.60
CA VAL F 135 49.89 -38.34 17.64
C VAL F 135 50.94 -38.97 18.58
N SER F 136 50.45 -39.55 19.71
CA SER F 136 51.25 -40.23 20.74
C SER F 136 52.30 -41.19 20.13
N ASN F 137 53.54 -41.13 20.65
CA ASN F 137 54.63 -41.97 20.17
C ASN F 137 54.78 -43.33 20.88
N PRO F 138 55.30 -44.39 20.18
CA PRO F 138 55.66 -44.48 18.75
C PRO F 138 54.38 -44.50 17.92
N VAL F 139 54.16 -43.40 17.16
CA VAL F 139 52.95 -43.11 16.41
C VAL F 139 52.53 -44.28 15.49
N ASP F 140 53.46 -44.90 14.73
CA ASP F 140 53.14 -45.99 13.80
C ASP F 140 52.56 -47.24 14.50
N ILE F 141 53.19 -47.65 15.63
CA ILE F 141 52.73 -48.78 16.47
C ILE F 141 51.40 -48.40 17.14
N LEU F 142 51.34 -47.20 17.74
CA LEU F 142 50.14 -46.75 18.43
C LEU F 142 48.93 -46.52 17.52
N THR F 143 49.16 -46.30 16.20
CA THR F 143 48.06 -46.16 15.24
C THR F 143 47.47 -47.56 14.99
N TYR F 144 48.34 -48.57 14.86
CA TYR F 144 47.95 -49.99 14.73
C TYR F 144 47.21 -50.50 15.99
N VAL F 145 47.63 -50.03 17.16
CA VAL F 145 47.02 -50.35 18.45
C VAL F 145 45.60 -49.76 18.50
N ALA F 146 45.45 -48.48 18.14
CA ALA F 146 44.16 -47.77 18.10
C ALA F 146 43.20 -48.46 17.14
N TRP F 147 43.70 -48.92 15.97
CA TRP F 147 42.93 -49.60 14.94
C TRP F 147 42.43 -50.95 15.46
N LYS F 148 43.31 -51.73 16.10
CA LYS F 148 42.97 -53.04 16.67
C LYS F 148 41.92 -52.94 17.79
N ILE F 149 42.13 -52.03 18.76
CA ILE F 149 41.23 -51.84 19.90
C ILE F 149 39.85 -51.33 19.46
N SER F 150 39.81 -50.28 18.60
CA SER F 150 38.57 -49.63 18.16
C SER F 150 37.66 -50.52 17.33
N GLY F 151 38.26 -51.34 16.47
CA GLY F 151 37.52 -52.17 15.52
C GLY F 151 37.01 -51.37 14.35
N PHE F 152 37.56 -50.14 14.19
CA PHE F 152 37.18 -49.20 13.12
C PHE F 152 37.78 -49.62 11.79
N PRO F 153 37.12 -49.31 10.64
CA PRO F 153 37.78 -49.59 9.35
C PRO F 153 39.04 -48.71 9.25
N LYS F 154 40.06 -49.18 8.54
CA LYS F 154 41.37 -48.52 8.42
C LYS F 154 41.32 -47.06 7.95
N ASN F 155 40.28 -46.67 7.19
CA ASN F 155 40.11 -45.30 6.70
C ASN F 155 39.88 -44.29 7.83
N ARG F 156 39.32 -44.75 8.98
CA ARG F 156 39.00 -43.88 10.10
C ARG F 156 40.05 -43.88 11.22
N VAL F 157 41.21 -44.50 10.99
CA VAL F 157 42.32 -44.54 11.96
C VAL F 157 43.54 -43.97 11.24
N ILE F 158 43.90 -42.73 11.59
CA ILE F 158 44.99 -41.98 10.95
C ILE F 158 46.09 -41.67 11.96
N GLY F 159 47.34 -41.95 11.58
CA GLY F 159 48.49 -41.60 12.41
C GLY F 159 49.14 -40.33 11.88
N SER F 160 49.53 -39.39 12.76
CA SER F 160 50.18 -38.15 12.29
C SER F 160 51.41 -38.46 11.43
N GLY F 161 52.02 -39.62 11.66
CA GLY F 161 53.14 -40.16 10.89
C GLY F 161 54.24 -39.19 10.51
N CYS F 162 54.55 -39.13 9.20
CA CYS F 162 55.63 -38.31 8.64
C CYS F 162 55.19 -36.89 8.24
N ASN F 163 54.04 -36.43 8.74
CA ASN F 163 53.54 -35.10 8.44
C ASN F 163 54.51 -34.04 8.95
N LEU F 164 54.97 -34.19 10.20
CA LEU F 164 55.94 -33.26 10.82
C LEU F 164 57.33 -33.36 10.16
N ASP F 165 57.76 -34.58 9.85
CA ASP F 165 59.04 -34.88 9.18
C ASP F 165 59.09 -34.13 7.84
N SER F 166 58.01 -34.24 7.06
CA SER F 166 57.90 -33.61 5.75
C SER F 166 57.83 -32.08 5.85
N ALA F 167 57.10 -31.56 6.89
CA ALA F 167 56.96 -30.13 7.15
C ALA F 167 58.34 -29.54 7.46
N ARG F 168 59.13 -30.25 8.29
CA ARG F 168 60.49 -29.84 8.62
C ARG F 168 61.39 -29.89 7.41
N PHE F 169 61.25 -30.92 6.59
CA PHE F 169 62.01 -31.10 5.37
C PHE F 169 61.81 -29.92 4.40
N ARG F 170 60.54 -29.52 4.26
CA ARG F 170 60.09 -28.43 3.39
C ARG F 170 60.62 -27.12 3.89
N TYR F 171 60.66 -26.95 5.22
CA TYR F 171 61.21 -25.74 5.83
C TYR F 171 62.73 -25.61 5.51
N LEU F 172 63.46 -26.70 5.69
CA LEU F 172 64.90 -26.74 5.45
C LEU F 172 65.26 -26.54 3.97
N MET F 173 64.44 -27.15 3.09
CA MET F 173 64.56 -27.00 1.64
C MET F 173 64.39 -25.52 1.28
N GLY F 174 63.34 -24.92 1.85
CA GLY F 174 62.97 -23.53 1.67
C GLY F 174 64.07 -22.56 2.07
N GLU F 175 64.68 -22.81 3.24
CA GLU F 175 65.79 -22.02 3.79
C GLU F 175 67.02 -22.07 2.85
N ARG F 176 67.33 -23.27 2.31
CA ARG F 176 68.44 -23.46 1.36
C ARG F 176 68.21 -22.74 0.03
N LEU F 177 66.97 -22.76 -0.49
CA LEU F 177 66.66 -22.19 -1.80
C LEU F 177 66.17 -20.75 -1.79
N GLY F 178 65.80 -20.22 -0.63
CA GLY F 178 65.26 -18.86 -0.51
C GLY F 178 63.87 -18.77 -1.12
N VAL F 179 63.08 -19.85 -0.89
CA VAL F 179 61.72 -20.03 -1.40
C VAL F 179 60.83 -20.43 -0.22
N HIS F 180 59.56 -19.98 -0.20
CA HIS F 180 58.62 -20.36 0.86
C HIS F 180 58.41 -21.89 0.86
N PRO F 181 58.39 -22.58 2.05
CA PRO F 181 58.12 -24.03 2.08
C PRO F 181 56.90 -24.49 1.25
N LEU F 182 55.85 -23.66 1.11
CA LEU F 182 54.66 -23.97 0.30
C LEU F 182 55.01 -24.26 -1.16
N SER F 183 56.06 -23.61 -1.67
CA SER F 183 56.50 -23.78 -3.06
C SER F 183 57.63 -24.82 -3.22
N CYS F 184 58.10 -25.37 -2.08
CA CYS F 184 59.13 -26.40 -2.03
C CYS F 184 58.46 -27.72 -1.79
N HIS F 185 58.53 -28.64 -2.77
CA HIS F 185 57.87 -29.93 -2.65
C HIS F 185 58.85 -31.07 -2.39
N GLY F 186 58.52 -31.89 -1.40
CA GLY F 186 59.34 -33.02 -0.97
C GLY F 186 58.61 -33.90 0.03
N TRP F 187 58.75 -35.22 -0.15
CA TRP F 187 58.05 -36.19 0.70
C TRP F 187 59.00 -37.06 1.53
N VAL F 188 58.76 -37.08 2.83
CA VAL F 188 59.45 -37.92 3.80
C VAL F 188 58.43 -39.00 4.15
N LEU F 189 58.73 -40.27 3.83
CA LEU F 189 57.77 -41.34 4.03
C LEU F 189 58.25 -42.49 4.96
N GLY F 190 57.41 -43.52 5.11
CA GLY F 190 57.69 -44.70 5.94
C GLY F 190 57.43 -44.51 7.40
N GLU F 191 58.43 -44.86 8.22
CA GLU F 191 58.39 -44.81 9.67
C GLU F 191 58.71 -43.43 10.19
N HIS F 192 57.86 -42.89 11.07
CA HIS F 192 58.07 -41.59 11.68
C HIS F 192 59.28 -41.59 12.58
N GLY F 193 60.13 -40.57 12.45
CA GLY F 193 61.32 -40.39 13.27
C GLY F 193 62.62 -40.75 12.57
N ASP F 194 63.53 -41.38 13.32
CA ASP F 194 64.86 -41.79 12.89
C ASP F 194 64.93 -42.60 11.59
N SER F 195 63.96 -43.50 11.36
CA SER F 195 63.96 -44.39 10.19
C SER F 195 63.16 -43.87 8.98
N SER F 196 62.74 -42.58 8.98
CA SER F 196 61.99 -41.98 7.87
C SER F 196 62.80 -41.94 6.57
N VAL F 197 62.08 -42.04 5.42
CA VAL F 197 62.66 -42.11 4.10
C VAL F 197 62.42 -40.84 3.25
N PRO F 198 63.47 -40.05 2.95
CA PRO F 198 63.29 -38.91 2.05
C PRO F 198 63.22 -39.41 0.59
N VAL F 199 62.10 -39.12 -0.11
CA VAL F 199 61.93 -39.56 -1.50
C VAL F 199 62.51 -38.46 -2.41
N TRP F 200 63.81 -38.61 -2.74
CA TRP F 200 64.60 -37.66 -3.55
C TRP F 200 64.03 -37.41 -4.94
N SER F 201 63.39 -38.42 -5.54
CA SER F 201 62.80 -38.35 -6.88
C SER F 201 61.65 -37.34 -6.98
N GLY F 202 60.92 -37.13 -5.89
CA GLY F 202 59.78 -36.23 -5.85
C GLY F 202 60.07 -34.80 -5.43
N MET F 203 61.34 -34.52 -5.10
CA MET F 203 61.75 -33.18 -4.68
C MET F 203 61.81 -32.20 -5.82
N ASN F 204 61.01 -31.13 -5.67
CA ASN F 204 60.88 -30.14 -6.73
C ASN F 204 60.40 -28.78 -6.33
N VAL F 205 60.69 -27.83 -7.21
CA VAL F 205 60.21 -26.45 -7.16
C VAL F 205 59.62 -26.24 -8.55
N ALA F 206 58.31 -25.88 -8.62
CA ALA F 206 57.59 -25.62 -9.86
C ALA F 206 57.64 -26.78 -10.88
N GLY F 207 57.62 -28.02 -10.39
CA GLY F 207 57.68 -29.21 -11.23
C GLY F 207 59.06 -29.52 -11.78
N VAL F 208 60.08 -28.75 -11.36
CA VAL F 208 61.47 -28.98 -11.79
C VAL F 208 62.13 -29.90 -10.77
N SER F 209 62.36 -31.17 -11.20
CA SER F 209 62.97 -32.23 -10.38
C SER F 209 64.42 -31.90 -10.03
N LEU F 210 64.71 -31.82 -8.73
CA LEU F 210 66.04 -31.52 -8.20
C LEU F 210 67.03 -32.66 -8.50
N LYS F 211 66.53 -33.93 -8.51
CA LYS F 211 67.30 -35.15 -8.82
C LYS F 211 67.70 -35.19 -10.31
N THR F 212 66.83 -34.67 -11.19
CA THR F 212 67.10 -34.60 -12.63
C THR F 212 68.20 -33.57 -12.89
N LEU F 213 68.09 -32.40 -12.25
CA LEU F 213 69.06 -31.32 -12.34
C LEU F 213 70.42 -31.68 -11.72
N HIS F 214 70.38 -32.46 -10.62
CA HIS F 214 71.53 -32.88 -9.85
C HIS F 214 71.38 -34.39 -9.56
N PRO F 215 71.90 -35.28 -10.45
CA PRO F 215 71.72 -36.74 -10.24
C PRO F 215 72.33 -37.30 -8.94
N ASP F 216 73.28 -36.56 -8.33
CA ASP F 216 73.93 -36.93 -7.06
C ASP F 216 73.08 -36.60 -5.82
N LEU F 217 71.89 -35.98 -6.00
CA LEU F 217 70.98 -35.60 -4.91
C LEU F 217 70.64 -36.78 -4.00
N GLY F 218 70.91 -36.61 -2.72
CA GLY F 218 70.64 -37.62 -1.69
C GLY F 218 71.61 -38.77 -1.62
N THR F 219 72.78 -38.64 -2.30
CA THR F 219 73.84 -39.66 -2.30
C THR F 219 75.03 -39.13 -1.51
N ASP F 220 76.02 -40.00 -1.24
CA ASP F 220 77.25 -39.63 -0.54
C ASP F 220 78.21 -38.94 -1.52
N LYS F 221 77.99 -39.16 -2.84
CA LYS F 221 78.72 -38.57 -3.96
C LYS F 221 78.44 -37.05 -4.12
N ASP F 222 77.34 -36.56 -3.51
CA ASP F 222 76.86 -35.18 -3.56
C ASP F 222 77.84 -34.21 -2.85
N LYS F 223 78.39 -33.27 -3.61
CA LYS F 223 79.30 -32.24 -3.10
C LYS F 223 78.55 -31.18 -2.28
N GLU F 224 77.24 -31.02 -2.57
CA GLU F 224 76.34 -30.08 -1.88
C GLU F 224 75.71 -30.69 -0.63
N GLN F 225 75.86 -32.02 -0.48
CA GLN F 225 75.37 -32.84 0.63
C GLN F 225 73.91 -32.56 0.97
N TRP F 226 73.01 -32.89 0.02
CA TRP F 226 71.57 -32.68 0.20
C TRP F 226 70.96 -33.71 1.12
N LYS F 227 71.66 -34.85 1.33
CA LYS F 227 71.31 -35.93 2.25
C LYS F 227 71.25 -35.36 3.67
N GLU F 228 72.09 -34.33 3.93
CA GLU F 228 72.19 -33.62 5.20
C GLU F 228 70.91 -32.88 5.56
N VAL F 229 70.06 -32.56 4.57
CA VAL F 229 68.76 -31.90 4.81
C VAL F 229 67.86 -32.89 5.57
N HIS F 230 67.85 -34.18 5.15
CA HIS F 230 67.09 -35.21 5.83
C HIS F 230 67.71 -35.50 7.19
N LYS F 231 69.05 -35.52 7.25
CA LYS F 231 69.81 -35.73 8.49
C LYS F 231 69.45 -34.64 9.49
N GLN F 232 69.32 -33.40 9.00
CA GLN F 232 68.94 -32.21 9.78
C GLN F 232 67.51 -32.32 10.26
N VAL F 233 66.61 -33.00 9.53
CA VAL F 233 65.22 -33.19 9.98
C VAL F 233 65.27 -33.99 11.30
N VAL F 234 66.02 -35.11 11.28
CA VAL F 234 66.24 -35.97 12.45
C VAL F 234 66.93 -35.16 13.57
N GLU F 235 68.04 -34.46 13.23
CA GLU F 235 68.83 -33.63 14.16
C GLU F 235 68.01 -32.55 14.83
N SER F 236 67.17 -31.83 14.06
CA SER F 236 66.30 -30.74 14.55
C SER F 236 65.34 -31.17 15.65
N ALA F 237 64.77 -32.39 15.53
CA ALA F 237 63.88 -32.96 16.53
C ALA F 237 64.58 -33.11 17.89
N TYR F 238 65.78 -33.73 17.87
CA TYR F 238 66.65 -33.90 19.03
C TYR F 238 67.09 -32.55 19.57
N GLU F 239 67.47 -31.60 18.66
CA GLU F 239 67.89 -30.24 19.03
C GLU F 239 66.80 -29.49 19.80
N VAL F 240 65.55 -29.48 19.28
CA VAL F 240 64.41 -28.80 19.93
C VAL F 240 64.17 -29.36 21.34
N ILE F 241 64.20 -30.70 21.49
CA ILE F 241 64.05 -31.39 22.77
C ILE F 241 65.21 -31.03 23.72
N LYS F 242 66.45 -30.97 23.19
CA LYS F 242 67.60 -30.59 24.00
C LYS F 242 67.45 -29.14 24.50
N LEU F 243 66.98 -28.22 23.62
CA LEU F 243 66.87 -26.80 23.91
C LEU F 243 65.66 -26.41 24.77
N LYS F 244 64.44 -26.88 24.46
CA LYS F 244 63.26 -26.50 25.26
C LYS F 244 62.60 -27.69 26.03
N GLY F 245 63.08 -28.92 25.80
CA GLY F 245 62.58 -30.11 26.50
C GLY F 245 61.45 -30.88 25.85
N TYR F 246 60.84 -30.31 24.80
CA TYR F 246 59.72 -30.92 24.07
C TYR F 246 59.48 -30.10 22.81
N THR F 247 58.57 -30.58 21.93
CA THR F 247 58.13 -29.90 20.71
C THR F 247 56.63 -29.75 20.85
N SER F 248 56.08 -28.57 20.52
CA SER F 248 54.66 -28.34 20.64
C SER F 248 54.04 -27.58 19.45
N TRP F 249 54.57 -26.39 19.13
CA TRP F 249 54.04 -25.49 18.07
C TRP F 249 53.99 -26.14 16.69
N ALA F 250 55.13 -26.69 16.22
CA ALA F 250 55.22 -27.32 14.91
C ALA F 250 54.28 -28.52 14.77
N ILE F 251 54.18 -29.40 15.80
CA ILE F 251 53.27 -30.57 15.77
C ILE F 251 51.81 -30.12 15.85
N GLY F 252 51.50 -29.19 16.76
CA GLY F 252 50.15 -28.63 16.92
C GLY F 252 49.61 -28.01 15.63
N LEU F 253 50.49 -27.27 14.89
CA LEU F 253 50.15 -26.69 13.59
C LEU F 253 49.91 -27.78 12.53
N SER F 254 50.80 -28.81 12.47
CA SER F 254 50.68 -29.89 11.49
C SER F 254 49.40 -30.71 11.69
N VAL F 255 48.97 -30.90 12.95
CA VAL F 255 47.76 -31.65 13.31
C VAL F 255 46.50 -30.87 12.92
N ALA F 256 46.48 -29.54 13.18
CA ALA F 256 45.37 -28.65 12.79
C ALA F 256 45.20 -28.63 11.26
N ASP F 257 46.30 -28.78 10.49
CA ASP F 257 46.28 -28.87 9.02
C ASP F 257 45.59 -30.15 8.58
N LEU F 258 45.85 -31.25 9.29
CA LEU F 258 45.22 -32.55 9.02
C LEU F 258 43.75 -32.46 9.39
N ALA F 259 43.46 -31.86 10.56
CA ALA F 259 42.09 -31.65 11.06
C ALA F 259 41.26 -30.84 10.05
N GLU F 260 41.89 -29.81 9.42
CA GLU F 260 41.24 -28.98 8.41
C GLU F 260 40.76 -29.81 7.23
N SER F 261 41.67 -30.62 6.63
CA SER F 261 41.33 -31.50 5.52
C SER F 261 40.19 -32.46 5.88
N ILE F 262 40.20 -33.01 7.12
CA ILE F 262 39.17 -33.93 7.58
C ILE F 262 37.83 -33.21 7.78
N MET F 263 37.81 -32.15 8.59
CA MET F 263 36.60 -31.38 8.92
C MET F 263 35.94 -30.68 7.72
N LYS F 264 36.73 -30.28 6.74
CA LYS F 264 36.22 -29.58 5.55
C LYS F 264 36.15 -30.49 4.32
N ASN F 265 36.50 -31.78 4.47
CA ASN F 265 36.49 -32.79 3.40
C ASN F 265 37.26 -32.30 2.15
N LEU F 266 38.43 -31.69 2.36
CA LEU F 266 39.22 -31.06 1.31
C LEU F 266 39.78 -32.01 0.29
N ARG F 267 40.10 -33.26 0.67
CA ARG F 267 40.69 -34.26 -0.22
C ARG F 267 42.09 -33.84 -0.69
N ARG F 268 42.85 -33.21 0.22
CA ARG F 268 44.25 -32.85 0.00
C ARG F 268 45.10 -34.11 0.31
N VAL F 269 46.30 -34.15 -0.24
CA VAL F 269 47.23 -35.27 -0.06
C VAL F 269 48.22 -34.93 1.04
N HIS F 270 48.28 -35.79 2.09
CA HIS F 270 49.17 -35.63 3.25
C HIS F 270 50.05 -36.86 3.53
N PRO F 271 51.30 -36.70 4.04
CA PRO F 271 52.10 -37.88 4.44
C PRO F 271 51.70 -38.32 5.85
N VAL F 272 50.78 -39.29 5.93
CA VAL F 272 50.26 -39.77 7.20
C VAL F 272 50.36 -41.27 7.29
N SER F 273 50.40 -41.81 8.50
CA SER F 273 50.51 -43.25 8.70
C SER F 273 49.18 -43.99 8.50
N THR F 274 49.19 -44.96 7.56
CA THR F 274 48.05 -45.79 7.19
C THR F 274 48.45 -47.28 7.08
N MET F 275 47.44 -48.17 7.09
CA MET F 275 47.64 -49.62 6.96
C MET F 275 48.17 -49.88 5.54
N ILE F 276 49.47 -50.19 5.41
CA ILE F 276 50.09 -50.36 4.09
C ILE F 276 50.27 -51.83 3.65
N LYS F 277 49.52 -52.77 4.28
CA LYS F 277 49.58 -54.19 3.88
C LYS F 277 49.12 -54.31 2.43
N GLY F 278 49.92 -54.99 1.60
CA GLY F 278 49.66 -55.15 0.18
C GLY F 278 50.53 -54.28 -0.71
N LEU F 279 51.18 -53.27 -0.13
CA LEU F 279 52.05 -52.33 -0.82
C LEU F 279 53.51 -52.61 -0.52
N TYR F 280 54.39 -52.39 -1.52
CA TYR F 280 55.84 -52.55 -1.46
C TYR F 280 56.32 -53.90 -0.89
N GLY F 281 55.54 -54.95 -1.13
CA GLY F 281 55.85 -56.30 -0.66
C GLY F 281 55.59 -56.53 0.81
N ILE F 282 54.84 -55.62 1.47
CA ILE F 282 54.49 -55.74 2.89
C ILE F 282 53.25 -56.60 3.04
N LYS F 283 53.39 -57.69 3.82
CA LYS F 283 52.34 -58.67 4.05
C LYS F 283 51.79 -58.67 5.48
N ASP F 284 52.35 -57.83 6.36
CA ASP F 284 51.91 -57.72 7.75
C ASP F 284 51.00 -56.51 7.99
N ASP F 285 50.23 -56.52 9.10
CA ASP F 285 49.33 -55.44 9.48
C ASP F 285 50.20 -54.34 10.09
N VAL F 286 50.73 -53.48 9.24
CA VAL F 286 51.64 -52.41 9.66
C VAL F 286 51.19 -51.05 9.12
N PHE F 287 51.26 -50.02 9.97
CA PHE F 287 50.94 -48.65 9.63
C PHE F 287 52.23 -47.90 9.38
N LEU F 288 52.34 -47.28 8.20
CA LEU F 288 53.49 -46.49 7.75
C LEU F 288 52.98 -45.32 6.90
N SER F 289 53.76 -44.22 6.86
CA SER F 289 53.39 -43.04 6.08
C SER F 289 53.62 -43.16 4.59
N VAL F 290 52.53 -42.89 3.88
CA VAL F 290 52.47 -42.78 2.42
C VAL F 290 51.56 -41.55 2.15
N PRO F 291 51.60 -40.92 0.96
CA PRO F 291 50.70 -39.79 0.71
C PRO F 291 49.25 -40.28 0.63
N CYS F 292 48.40 -39.74 1.50
CA CYS F 292 46.99 -40.12 1.58
C CYS F 292 46.06 -38.95 1.25
N ILE F 293 44.94 -39.24 0.58
CA ILE F 293 43.86 -38.28 0.31
C ILE F 293 43.04 -38.27 1.60
N LEU F 294 42.92 -37.09 2.22
CA LEU F 294 42.23 -36.90 3.49
C LEU F 294 40.95 -36.07 3.37
N GLY F 295 39.86 -36.59 3.92
CA GLY F 295 38.55 -35.95 3.90
C GLY F 295 37.68 -36.35 5.09
N GLN F 296 36.34 -36.14 4.96
CA GLN F 296 35.34 -36.43 5.99
C GLN F 296 35.25 -37.91 6.42
N ASN F 297 35.78 -38.84 5.61
CA ASN F 297 35.76 -40.25 5.99
C ASN F 297 37.19 -40.74 6.25
N GLY F 298 38.09 -39.80 6.55
CA GLY F 298 39.50 -40.05 6.80
C GLY F 298 40.28 -40.30 5.53
N ILE F 299 41.05 -41.40 5.51
CA ILE F 299 41.84 -41.80 4.35
C ILE F 299 40.94 -42.58 3.38
N SER F 300 40.54 -41.95 2.27
CA SER F 300 39.68 -42.60 1.27
C SER F 300 40.53 -43.23 0.18
N ASP F 301 41.73 -42.68 -0.03
CA ASP F 301 42.65 -43.07 -1.08
C ASP F 301 44.12 -42.88 -0.67
N LEU F 302 45.00 -43.56 -1.37
CA LEU F 302 46.43 -43.62 -1.15
C LEU F 302 47.14 -43.34 -2.47
N VAL F 303 48.24 -42.58 -2.44
CA VAL F 303 49.01 -42.34 -3.66
C VAL F 303 50.10 -43.42 -3.71
N LYS F 304 50.17 -44.17 -4.82
CA LYS F 304 51.18 -45.22 -5.04
C LYS F 304 52.46 -44.55 -5.53
N VAL F 305 53.37 -44.25 -4.59
CA VAL F 305 54.66 -43.62 -4.92
C VAL F 305 55.60 -44.67 -5.46
N THR F 306 56.25 -44.36 -6.58
CA THR F 306 57.23 -45.27 -7.17
C THR F 306 58.55 -45.07 -6.43
N LEU F 307 59.00 -46.11 -5.73
CA LEU F 307 60.23 -46.03 -4.93
C LEU F 307 61.37 -46.81 -5.57
N THR F 308 62.61 -46.40 -5.28
CA THR F 308 63.81 -47.11 -5.73
C THR F 308 63.94 -48.38 -4.86
N SER F 309 64.76 -49.36 -5.29
CA SER F 309 64.97 -50.61 -4.54
C SER F 309 65.47 -50.35 -3.12
N GLU F 310 66.31 -49.31 -2.95
CA GLU F 310 66.85 -48.88 -1.66
C GLU F 310 65.72 -48.35 -0.75
N GLU F 311 64.89 -47.41 -1.28
CA GLU F 311 63.76 -46.80 -0.57
C GLU F 311 62.73 -47.85 -0.17
N GLU F 312 62.46 -48.80 -1.09
CA GLU F 312 61.51 -49.88 -0.89
C GLU F 312 62.00 -50.80 0.24
N ALA F 313 63.32 -51.12 0.24
CA ALA F 313 63.97 -51.98 1.24
C ALA F 313 63.92 -51.36 2.65
N ARG F 314 64.12 -50.04 2.73
CA ARG F 314 64.06 -49.28 3.99
C ARG F 314 62.66 -49.37 4.59
N LEU F 315 61.63 -49.33 3.73
CA LEU F 315 60.22 -49.43 4.12
C LEU F 315 59.90 -50.84 4.59
N LYS F 316 60.41 -51.87 3.87
CA LYS F 316 60.25 -53.29 4.20
C LYS F 316 60.89 -53.62 5.56
N LYS F 317 62.08 -53.02 5.86
CA LYS F 317 62.83 -53.18 7.09
C LYS F 317 62.07 -52.58 8.26
N SER F 318 61.54 -51.35 8.10
CA SER F 318 60.74 -50.67 9.13
C SER F 318 59.46 -51.47 9.43
N ALA F 319 58.81 -52.01 8.37
CA ALA F 319 57.61 -52.85 8.51
C ALA F 319 57.90 -54.12 9.32
N ASP F 320 59.08 -54.75 9.11
CA ASP F 320 59.52 -55.95 9.82
C ASP F 320 59.75 -55.64 11.30
N THR F 321 60.40 -54.49 11.58
CA THR F 321 60.69 -54.02 12.94
C THR F 321 59.39 -53.76 13.69
N LEU F 322 58.46 -52.98 13.08
CA LEU F 322 57.18 -52.65 13.70
C LEU F 322 56.33 -53.89 13.94
N TRP F 323 56.31 -54.84 12.97
CA TRP F 323 55.57 -56.08 13.16
C TRP F 323 56.13 -56.92 14.30
N GLY F 324 57.45 -56.92 14.45
CA GLY F 324 58.16 -57.62 15.52
C GLY F 324 57.68 -57.20 16.90
N ILE F 325 57.50 -55.89 17.10
CA ILE F 325 56.99 -55.32 18.35
C ILE F 325 55.50 -55.66 18.49
N GLN F 326 54.72 -55.46 17.40
CA GLN F 326 53.27 -55.69 17.34
C GLN F 326 52.88 -57.14 17.61
N LYS F 327 53.72 -58.10 17.22
CA LYS F 327 53.56 -59.53 17.40
C LYS F 327 53.86 -59.87 18.86
N ALA G 1 44.22 -49.68 -14.85
CA ALA G 1 44.82 -49.44 -16.15
C ALA G 1 45.05 -47.94 -16.40
N THR G 2 44.06 -47.10 -16.00
CA THR G 2 44.11 -45.64 -16.13
C THR G 2 45.20 -45.05 -15.25
N LEU G 3 45.69 -43.85 -15.64
CA LEU G 3 46.70 -43.10 -14.89
C LEU G 3 46.24 -42.88 -13.45
N LYS G 4 44.94 -42.59 -13.26
CA LYS G 4 44.30 -42.43 -11.95
C LYS G 4 44.49 -43.70 -11.12
N ASP G 5 44.26 -44.89 -11.72
CA ASP G 5 44.43 -46.18 -11.03
C ASP G 5 45.89 -46.53 -10.77
N GLN G 6 46.80 -46.12 -11.67
CA GLN G 6 48.24 -46.33 -11.53
C GLN G 6 48.83 -45.47 -10.39
N LEU G 7 48.28 -44.26 -10.22
CA LEU G 7 48.72 -43.27 -9.23
C LEU G 7 48.02 -43.43 -7.88
N ILE G 8 46.71 -43.67 -7.88
CA ILE G 8 45.89 -43.71 -6.67
C ILE G 8 45.25 -45.07 -6.39
N TYR G 9 45.41 -45.59 -5.14
CA TYR G 9 44.71 -46.78 -4.68
C TYR G 9 43.48 -46.34 -3.88
N ASN G 10 42.28 -46.67 -4.38
CA ASN G 10 41.03 -46.31 -3.75
C ASN G 10 40.65 -47.29 -2.65
N LEU G 11 40.27 -46.77 -1.49
CA LEU G 11 39.86 -47.54 -0.32
C LEU G 11 38.33 -47.60 -0.21
N LEU G 12 37.66 -46.44 -0.35
CA LEU G 12 36.21 -46.28 -0.21
C LEU G 12 35.56 -45.74 -1.46
N LYS G 13 34.31 -46.18 -1.72
CA LYS G 13 33.55 -45.73 -2.88
C LYS G 13 32.74 -44.48 -2.58
N GLN G 16 30.00 -39.75 0.36
CA GLN G 16 29.11 -39.53 1.48
C GLN G 16 28.44 -38.11 1.46
N THR G 17 27.43 -37.91 2.32
CA THR G 17 26.60 -36.72 2.52
C THR G 17 27.40 -35.43 2.85
N PRO G 18 27.00 -34.23 2.33
CA PRO G 18 27.69 -32.99 2.75
C PRO G 18 27.33 -32.63 4.21
N GLN G 19 28.33 -32.15 4.98
CA GLN G 19 28.18 -31.82 6.39
C GLN G 19 27.84 -30.35 6.68
N ASN G 20 28.35 -29.43 5.85
CA ASN G 20 28.14 -28.00 6.03
C ASN G 20 27.79 -27.36 4.71
N LYS G 21 26.68 -27.80 4.10
CA LYS G 21 26.23 -27.34 2.80
C LYS G 21 25.40 -26.07 2.88
N ILE G 22 25.67 -25.14 1.95
CA ILE G 22 24.93 -23.90 1.80
C ILE G 22 24.45 -23.80 0.36
N THR G 23 23.18 -23.42 0.19
CA THR G 23 22.59 -23.15 -1.11
C THR G 23 22.30 -21.65 -1.25
N VAL G 24 22.60 -21.11 -2.43
CA VAL G 24 22.23 -19.75 -2.79
C VAL G 24 21.24 -19.87 -3.96
N VAL G 25 20.02 -19.32 -3.78
CA VAL G 25 18.98 -19.33 -4.81
C VAL G 25 18.90 -17.91 -5.39
N GLY G 26 19.20 -17.78 -6.68
CA GLY G 26 19.22 -16.51 -7.41
C GLY G 26 20.63 -15.98 -7.52
N VAL G 27 21.31 -16.17 -8.68
CA VAL G 27 22.72 -15.81 -8.95
C VAL G 27 22.88 -14.41 -9.57
N GLY G 28 22.06 -13.47 -9.13
CA GLY G 28 22.15 -12.09 -9.59
C GLY G 28 23.33 -11.42 -8.89
N ALA G 29 23.37 -10.10 -8.87
CA ALA G 29 24.49 -9.39 -8.22
C ALA G 29 24.54 -9.65 -6.70
N VAL G 30 23.36 -9.76 -6.06
CA VAL G 30 23.24 -10.03 -4.60
C VAL G 30 23.67 -11.46 -4.29
N GLY G 31 23.09 -12.43 -4.98
CA GLY G 31 23.39 -13.85 -4.81
C GLY G 31 24.86 -14.20 -4.96
N MET G 32 25.51 -13.64 -5.98
CA MET G 32 26.93 -13.87 -6.26
C MET G 32 27.85 -13.21 -5.22
N ALA G 33 27.46 -12.06 -4.69
CA ALA G 33 28.24 -11.39 -3.67
C ALA G 33 28.14 -12.17 -2.35
N CYS G 34 26.96 -12.80 -2.09
CA CYS G 34 26.73 -13.68 -0.96
C CYS G 34 27.64 -14.91 -1.13
N ALA G 35 27.64 -15.47 -2.35
CA ALA G 35 28.43 -16.64 -2.73
C ALA G 35 29.93 -16.46 -2.54
N ILE G 36 30.53 -15.34 -3.03
CA ILE G 36 31.97 -15.08 -2.90
C ILE G 36 32.38 -14.82 -1.43
N SER G 37 31.54 -14.08 -0.67
CA SER G 37 31.79 -13.79 0.74
C SER G 37 31.77 -15.06 1.60
N ILE G 38 30.83 -15.97 1.33
CA ILE G 38 30.72 -17.25 2.05
C ILE G 38 31.91 -18.13 1.69
N LEU G 39 32.34 -18.12 0.40
CA LEU G 39 33.48 -18.91 -0.03
C LEU G 39 34.78 -18.41 0.60
N MET G 40 34.92 -17.07 0.75
CA MET G 40 36.15 -16.52 1.31
C MET G 40 36.18 -16.58 2.84
N LYS G 41 35.06 -16.95 3.47
CA LYS G 41 34.97 -17.09 4.92
C LYS G 41 34.98 -18.54 5.36
N ASP G 42 35.14 -19.47 4.40
CA ASP G 42 35.21 -20.91 4.68
C ASP G 42 34.04 -21.41 5.53
N LEU G 43 32.82 -21.02 5.17
CA LEU G 43 31.65 -21.42 5.98
C LEU G 43 31.03 -22.72 5.55
N ALA G 44 31.36 -23.20 4.34
CA ALA G 44 30.74 -24.38 3.78
C ALA G 44 31.73 -25.35 3.17
N ASP G 45 31.38 -26.65 3.20
CA ASP G 45 32.17 -27.70 2.55
C ASP G 45 31.60 -27.97 1.16
N GLU G 46 30.39 -27.46 0.90
CA GLU G 46 29.71 -27.56 -0.39
C GLU G 46 28.81 -26.34 -0.62
N LEU G 47 28.90 -25.73 -1.82
CA LEU G 47 28.08 -24.60 -2.22
C LEU G 47 27.26 -24.97 -3.44
N ALA G 48 25.91 -24.78 -3.33
CA ALA G 48 24.99 -25.04 -4.42
C ALA G 48 24.38 -23.72 -4.89
N LEU G 49 24.27 -23.57 -6.22
CA LEU G 49 23.67 -22.39 -6.83
C LEU G 49 22.46 -22.79 -7.67
N VAL G 50 21.35 -22.06 -7.53
CA VAL G 50 20.13 -22.30 -8.29
C VAL G 50 19.69 -20.97 -8.92
N ASP G 51 19.22 -21.04 -10.18
CA ASP G 51 18.63 -19.95 -10.93
C ASP G 51 17.73 -20.52 -12.05
N VAL G 52 16.94 -19.66 -12.71
CA VAL G 52 16.11 -20.01 -13.86
C VAL G 52 16.86 -19.76 -15.18
N ILE G 53 17.83 -18.82 -15.19
CA ILE G 53 18.67 -18.51 -16.36
C ILE G 53 19.84 -19.49 -16.33
N GLU G 54 19.74 -20.55 -17.13
CA GLU G 54 20.66 -21.66 -17.17
C GLU G 54 22.09 -21.32 -17.61
N ASP G 55 22.27 -20.46 -18.64
CA ASP G 55 23.57 -20.03 -19.16
C ASP G 55 24.38 -19.27 -18.10
N LYS G 56 23.77 -18.20 -17.53
CA LYS G 56 24.34 -17.38 -16.47
C LYS G 56 24.75 -18.28 -15.28
N LEU G 57 23.86 -19.20 -14.91
CA LEU G 57 24.08 -20.12 -13.80
C LEU G 57 25.32 -20.97 -14.00
N LYS G 58 25.45 -21.60 -15.17
CA LYS G 58 26.61 -22.45 -15.48
C LYS G 58 27.88 -21.60 -15.49
N GLY G 59 27.81 -20.40 -16.09
CA GLY G 59 28.92 -19.46 -16.20
C GLY G 59 29.43 -19.01 -14.86
N GLU G 60 28.50 -18.65 -13.93
CA GLU G 60 28.83 -18.24 -12.56
C GLU G 60 29.43 -19.40 -11.80
N MET G 61 28.85 -20.61 -11.91
CA MET G 61 29.39 -21.79 -11.24
C MET G 61 30.83 -22.07 -11.72
N MET G 62 31.05 -22.05 -13.04
CA MET G 62 32.36 -22.31 -13.65
C MET G 62 33.40 -21.29 -13.24
N ASP G 63 33.01 -20.01 -13.14
CA ASP G 63 33.90 -18.92 -12.76
C ASP G 63 34.38 -19.12 -11.31
N LEU G 64 33.47 -19.56 -10.42
CA LEU G 64 33.81 -19.89 -9.02
C LEU G 64 34.70 -21.12 -8.96
N GLN G 65 34.37 -22.19 -9.71
CA GLN G 65 35.13 -23.43 -9.79
C GLN G 65 36.56 -23.20 -10.27
N HIS G 66 36.76 -22.23 -11.20
CA HIS G 66 38.11 -21.92 -11.70
C HIS G 66 39.01 -21.29 -10.63
N GLY G 67 38.40 -20.77 -9.56
CA GLY G 67 39.13 -20.20 -8.43
C GLY G 67 39.36 -21.14 -7.25
N SER G 68 38.98 -22.45 -7.40
CA SER G 68 39.06 -23.50 -6.34
C SER G 68 40.42 -23.59 -5.65
N LEU G 69 41.52 -23.44 -6.44
CA LEU G 69 42.89 -23.47 -5.93
C LEU G 69 43.09 -22.47 -4.78
N PHE G 70 42.38 -21.34 -4.83
CA PHE G 70 42.49 -20.27 -3.83
C PHE G 70 41.44 -20.36 -2.73
N LEU G 71 40.62 -21.42 -2.74
CA LEU G 71 39.52 -21.59 -1.79
C LEU G 71 39.63 -22.87 -0.96
N ARG G 72 38.76 -23.01 0.05
CA ARG G 72 38.69 -24.17 0.94
C ARG G 72 37.26 -24.76 0.98
N THR G 73 36.56 -24.70 -0.19
CA THR G 73 35.22 -25.26 -0.40
C THR G 73 35.40 -26.21 -1.56
N PRO G 74 35.56 -27.50 -1.25
CA PRO G 74 35.93 -28.48 -2.29
C PRO G 74 34.87 -28.83 -3.33
N LYS G 75 33.61 -28.47 -3.10
CA LYS G 75 32.54 -28.78 -4.05
C LYS G 75 31.61 -27.58 -4.31
N ILE G 76 31.57 -27.15 -5.55
CA ILE G 76 30.70 -26.08 -6.05
C ILE G 76 29.82 -26.68 -7.15
N VAL G 77 28.50 -26.66 -6.93
CA VAL G 77 27.52 -27.22 -7.86
C VAL G 77 26.43 -26.20 -8.23
N SER G 78 25.74 -26.44 -9.35
CA SER G 78 24.62 -25.60 -9.79
C SER G 78 23.65 -26.40 -10.66
N GLY G 79 22.43 -25.90 -10.72
CA GLY G 79 21.35 -26.48 -11.51
C GLY G 79 20.02 -25.81 -11.29
N LYS G 80 19.13 -25.98 -12.28
CA LYS G 80 17.76 -25.50 -12.27
C LYS G 80 16.93 -26.47 -11.40
N ASP G 81 17.33 -27.76 -11.35
CA ASP G 81 16.70 -28.80 -10.56
C ASP G 81 17.23 -28.71 -9.11
N TYR G 82 16.32 -28.73 -8.12
CA TYR G 82 16.64 -28.60 -6.72
C TYR G 82 17.27 -29.85 -6.08
N ASN G 83 17.55 -30.89 -6.88
CA ASN G 83 18.26 -32.07 -6.40
C ASN G 83 19.70 -31.72 -5.99
N VAL G 84 20.26 -30.63 -6.57
CA VAL G 84 21.61 -30.08 -6.33
C VAL G 84 21.68 -29.44 -4.95
N THR G 85 20.51 -29.08 -4.37
CA THR G 85 20.43 -28.41 -3.06
C THR G 85 20.25 -29.36 -1.87
N ALA G 86 20.05 -30.66 -2.13
CA ALA G 86 19.79 -31.67 -1.10
C ALA G 86 20.74 -31.61 0.08
N ASN G 87 20.17 -31.69 1.30
CA ASN G 87 20.86 -31.72 2.60
C ASN G 87 21.64 -30.45 2.92
N SER G 88 21.10 -29.28 2.53
CA SER G 88 21.73 -28.00 2.86
C SER G 88 21.38 -27.65 4.30
N LYS G 89 22.35 -27.12 5.06
CA LYS G 89 22.15 -26.64 6.43
C LYS G 89 21.46 -25.28 6.36
N LEU G 90 21.85 -24.48 5.36
CA LEU G 90 21.35 -23.13 5.17
C LEU G 90 21.04 -22.84 3.70
N VAL G 91 19.86 -22.28 3.46
CA VAL G 91 19.42 -21.92 2.12
C VAL G 91 19.14 -20.42 2.11
N ILE G 92 19.87 -19.70 1.24
CA ILE G 92 19.77 -18.25 1.11
C ILE G 92 19.00 -17.90 -0.14
N ILE G 93 17.93 -17.13 0.03
CA ILE G 93 17.06 -16.77 -1.09
C ILE G 93 17.29 -15.32 -1.49
N THR G 94 17.82 -15.16 -2.67
CA THR G 94 18.13 -13.85 -3.26
C THR G 94 17.44 -13.69 -4.61
N ALA G 95 16.61 -14.67 -4.98
CA ALA G 95 15.86 -14.65 -6.25
C ALA G 95 14.79 -13.54 -6.30
N GLY G 96 14.62 -12.92 -7.44
CA GLY G 96 13.61 -11.88 -7.61
C GLY G 96 13.45 -11.39 -9.04
N ALA G 97 12.23 -10.96 -9.38
CA ALA G 97 11.85 -10.39 -10.68
C ALA G 97 12.51 -9.02 -10.87
N GLN G 100 11.89 -6.16 -12.75
CA GLN G 100 11.05 -4.96 -12.65
C GLN G 100 10.95 -4.14 -13.95
N GLU G 101 9.83 -3.40 -14.12
CA GLU G 101 9.53 -2.54 -15.27
C GLU G 101 8.89 -1.20 -14.76
N GLY G 102 8.16 -0.49 -15.63
CA GLY G 102 7.45 0.74 -15.29
C GLY G 102 6.24 0.48 -14.39
N GLU G 103 6.13 -0.78 -13.92
CA GLU G 103 5.08 -1.32 -13.05
C GLU G 103 5.15 -0.82 -11.60
N SER G 104 4.07 -1.09 -10.84
CA SER G 104 3.92 -0.74 -9.43
C SER G 104 4.79 -1.66 -8.60
N ARG G 105 5.35 -1.14 -7.49
CA ARG G 105 6.17 -1.93 -6.56
C ARG G 105 5.29 -3.04 -5.97
N LEU G 106 3.95 -2.77 -5.83
CA LEU G 106 2.96 -3.73 -5.35
C LEU G 106 2.80 -4.89 -6.34
N ASN G 107 3.09 -4.65 -7.64
CA ASN G 107 3.06 -5.72 -8.63
C ASN G 107 4.31 -6.55 -8.50
N LEU G 108 5.48 -5.89 -8.29
CA LEU G 108 6.77 -6.54 -8.09
C LEU G 108 6.69 -7.50 -6.89
N VAL G 109 6.00 -7.06 -5.81
CA VAL G 109 5.68 -7.86 -4.63
C VAL G 109 4.93 -9.16 -5.07
N GLN G 110 3.88 -9.01 -5.92
CA GLN G 110 3.11 -10.16 -6.36
C GLN G 110 3.93 -11.15 -7.15
N ARG G 111 4.82 -10.64 -8.02
CA ARG G 111 5.68 -11.47 -8.86
C ARG G 111 6.69 -12.26 -8.06
N ASN G 112 7.23 -11.64 -6.97
CA ASN G 112 8.20 -12.26 -6.09
C ASN G 112 7.56 -13.29 -5.19
N VAL G 113 6.28 -13.06 -4.82
CA VAL G 113 5.49 -14.03 -4.05
C VAL G 113 5.25 -15.26 -4.93
N ASN G 114 4.96 -15.05 -6.20
CA ASN G 114 4.71 -16.14 -7.15
C ASN G 114 5.96 -16.97 -7.42
N ILE G 115 7.15 -16.31 -7.45
CA ILE G 115 8.47 -16.92 -7.57
C ILE G 115 8.72 -17.79 -6.31
N PHE G 116 8.35 -17.28 -5.13
CA PHE G 116 8.48 -17.97 -3.83
C PHE G 116 7.58 -19.19 -3.74
N LYS G 117 6.37 -19.13 -4.35
CA LYS G 117 5.44 -20.27 -4.39
C LYS G 117 6.04 -21.49 -5.10
N PHE G 118 7.04 -21.28 -5.96
CA PHE G 118 7.72 -22.37 -6.65
C PHE G 118 8.98 -22.80 -5.89
N ILE G 119 9.80 -21.82 -5.45
CA ILE G 119 11.10 -22.02 -4.78
C ILE G 119 10.98 -22.74 -3.43
N ILE G 120 10.25 -22.13 -2.48
CA ILE G 120 10.13 -22.64 -1.10
C ILE G 120 9.71 -24.13 -1.06
N PRO G 121 8.68 -24.65 -1.78
CA PRO G 121 8.37 -26.09 -1.69
C PRO G 121 9.51 -26.96 -2.20
N ASN G 122 10.23 -26.49 -3.24
CA ASN G 122 11.36 -27.22 -3.82
C ASN G 122 12.54 -27.29 -2.86
N VAL G 123 12.80 -26.18 -2.11
CA VAL G 123 13.89 -26.13 -1.15
C VAL G 123 13.59 -27.05 0.04
N VAL G 124 12.37 -26.96 0.58
CA VAL G 124 11.96 -27.73 1.76
C VAL G 124 11.89 -29.24 1.46
N LYS G 125 11.58 -29.63 0.23
CA LYS G 125 11.56 -31.02 -0.21
C LYS G 125 12.97 -31.65 -0.13
N TYR G 126 14.00 -30.91 -0.57
CA TYR G 126 15.36 -31.43 -0.60
C TYR G 126 16.16 -31.17 0.67
N SER G 127 15.80 -30.13 1.43
CA SER G 127 16.44 -29.82 2.70
C SER G 127 15.36 -29.53 3.76
N PRO G 128 14.66 -30.58 4.27
CA PRO G 128 13.59 -30.35 5.26
C PRO G 128 14.04 -29.77 6.60
N ASN G 129 15.32 -29.94 6.95
CA ASN G 129 15.81 -29.44 8.24
C ASN G 129 16.68 -28.18 8.13
N CYS G 130 16.72 -27.54 6.94
CA CYS G 130 17.52 -26.33 6.75
C CYS G 130 16.94 -25.12 7.49
N LYS G 131 17.76 -24.07 7.60
CA LYS G 131 17.34 -22.75 8.06
C LYS G 131 17.20 -21.96 6.76
N LEU G 132 16.16 -21.13 6.69
CA LEU G 132 15.90 -20.30 5.51
C LEU G 132 16.33 -18.88 5.80
N LEU G 133 17.19 -18.33 4.93
CA LEU G 133 17.65 -16.96 5.06
C LEU G 133 17.15 -16.16 3.82
N ILE G 134 16.17 -15.26 4.05
CA ILE G 134 15.51 -14.48 3.00
C ILE G 134 16.15 -13.12 2.81
N VAL G 135 16.51 -12.79 1.56
CA VAL G 135 17.15 -11.51 1.21
C VAL G 135 16.28 -10.72 0.24
N SER G 136 15.61 -11.43 -0.69
CA SER G 136 14.72 -10.87 -1.72
C SER G 136 13.77 -9.84 -1.13
N ASN G 137 13.57 -8.72 -1.83
CA ASN G 137 12.65 -7.66 -1.38
C ASN G 137 11.20 -7.83 -1.87
N PRO G 138 10.18 -7.38 -1.10
CA PRO G 138 10.26 -6.81 0.27
C PRO G 138 10.55 -7.94 1.24
N VAL G 139 11.75 -7.87 1.86
CA VAL G 139 12.29 -8.90 2.72
C VAL G 139 11.33 -9.26 3.91
N ASP G 140 10.67 -8.29 4.56
CA ASP G 140 9.77 -8.60 5.67
C ASP G 140 8.52 -9.41 5.25
N ILE G 141 7.90 -9.05 4.12
CA ILE G 141 6.74 -9.76 3.55
C ILE G 141 7.21 -11.14 3.03
N LEU G 142 8.34 -11.16 2.29
CA LEU G 142 8.84 -12.40 1.72
C LEU G 142 9.34 -13.40 2.77
N THR G 143 9.70 -12.93 3.98
CA THR G 143 10.09 -13.82 5.08
C THR G 143 8.83 -14.52 5.60
N TYR G 144 7.73 -13.75 5.73
CA TYR G 144 6.41 -14.25 6.13
C TYR G 144 5.92 -15.30 5.13
N VAL G 145 6.07 -14.98 3.83
CA VAL G 145 5.68 -15.84 2.71
C VAL G 145 6.43 -17.17 2.78
N ALA G 146 7.78 -17.11 2.98
CA ALA G 146 8.64 -18.29 3.10
C ALA G 146 8.21 -19.15 4.30
N TRP G 147 7.84 -18.51 5.41
CA TRP G 147 7.39 -19.16 6.63
C TRP G 147 6.06 -19.91 6.41
N LYS G 148 5.09 -19.24 5.76
CA LYS G 148 3.79 -19.82 5.45
C LYS G 148 3.88 -21.01 4.48
N ILE G 149 4.62 -20.87 3.38
CA ILE G 149 4.78 -21.93 2.38
C ILE G 149 5.54 -23.14 2.93
N SER G 150 6.69 -22.91 3.62
CA SER G 150 7.54 -23.98 4.17
C SER G 150 6.90 -24.83 5.26
N GLY G 151 6.12 -24.20 6.13
CA GLY G 151 5.53 -24.86 7.29
C GLY G 151 6.56 -25.07 8.39
N PHE G 152 7.70 -24.35 8.28
CA PHE G 152 8.83 -24.43 9.21
C PHE G 152 8.53 -23.65 10.49
N PRO G 153 9.05 -24.09 11.67
CA PRO G 153 8.85 -23.26 12.88
C PRO G 153 9.57 -21.92 12.66
N LYS G 154 9.04 -20.85 13.26
CA LYS G 154 9.53 -19.47 13.07
C LYS G 154 11.06 -19.30 13.32
N ASN G 155 11.66 -20.15 14.17
CA ASN G 155 13.10 -20.07 14.47
C ASN G 155 13.98 -20.36 13.24
N ARG G 156 13.49 -21.19 12.29
CA ARG G 156 14.22 -21.59 11.09
C ARG G 156 13.93 -20.74 9.83
N VAL G 157 13.18 -19.62 9.98
CA VAL G 157 12.87 -18.72 8.87
C VAL G 157 13.36 -17.34 9.29
N ILE G 158 14.47 -16.91 8.72
CA ILE G 158 15.15 -15.65 9.06
C ILE G 158 15.18 -14.71 7.87
N GLY G 159 14.82 -13.45 8.10
CA GLY G 159 14.90 -12.43 7.06
C GLY G 159 16.12 -11.57 7.29
N SER G 160 16.87 -11.22 6.23
CA SER G 160 18.07 -10.38 6.39
C SER G 160 17.74 -9.07 7.10
N GLY G 161 16.48 -8.64 6.96
CA GLY G 161 15.89 -7.48 7.61
C GLY G 161 16.73 -6.24 7.69
N CYS G 162 16.90 -5.74 8.92
CA CYS G 162 17.64 -4.50 9.23
C CYS G 162 19.14 -4.69 9.45
N ASN G 163 19.70 -5.84 9.03
CA ASN G 163 21.12 -6.08 9.17
C ASN G 163 21.94 -5.09 8.35
N LEU G 164 21.57 -4.87 7.08
CA LEU G 164 22.27 -3.93 6.19
C LEU G 164 22.08 -2.47 6.62
N ASP G 165 20.85 -2.12 7.07
CA ASP G 165 20.51 -0.79 7.57
C ASP G 165 21.41 -0.45 8.75
N SER G 166 21.54 -1.41 9.71
CA SER G 166 22.38 -1.24 10.89
C SER G 166 23.86 -1.16 10.52
N ALA G 167 24.32 -1.98 9.54
CA ALA G 167 25.72 -1.94 9.08
C ALA G 167 26.05 -0.57 8.49
N ARG G 168 25.11 0.00 7.69
CA ARG G 168 25.27 1.32 7.08
C ARG G 168 25.31 2.43 8.13
N PHE G 169 24.44 2.31 9.13
CA PHE G 169 24.33 3.24 10.23
C PHE G 169 25.63 3.32 11.01
N ARG G 170 26.18 2.14 11.36
CA ARG G 170 27.42 1.98 12.08
C ARG G 170 28.61 2.54 11.27
N TYR G 171 28.59 2.37 9.92
CA TYR G 171 29.63 2.92 9.05
C TYR G 171 29.61 4.46 9.11
N LEU G 172 28.41 5.05 9.00
CA LEU G 172 28.23 6.49 9.03
C LEU G 172 28.61 7.09 10.38
N MET G 173 28.25 6.40 11.47
CA MET G 173 28.59 6.75 12.84
C MET G 173 30.13 6.80 12.97
N GLY G 174 30.75 5.72 12.49
CA GLY G 174 32.20 5.54 12.47
C GLY G 174 32.94 6.64 11.75
N GLU G 175 32.46 7.02 10.56
CA GLU G 175 33.02 8.09 9.72
C GLU G 175 32.99 9.45 10.45
N ARG G 176 31.86 9.77 11.10
CA ARG G 176 31.70 11.00 11.85
C ARG G 176 32.58 11.07 13.11
N LEU G 177 32.81 9.91 13.79
CA LEU G 177 33.61 9.90 15.01
C LEU G 177 35.09 9.57 14.83
N GLY G 178 35.47 9.03 13.66
CA GLY G 178 36.86 8.63 13.40
C GLY G 178 37.21 7.37 14.16
N VAL G 179 36.24 6.46 14.27
CA VAL G 179 36.30 5.17 14.99
C VAL G 179 35.84 4.07 14.04
N HIS G 180 36.40 2.86 14.16
CA HIS G 180 35.99 1.74 13.33
C HIS G 180 34.51 1.39 13.60
N PRO G 181 33.70 1.09 12.55
CA PRO G 181 32.29 0.68 12.78
C PRO G 181 32.09 -0.42 13.83
N LEU G 182 33.07 -1.34 14.00
CA LEU G 182 33.01 -2.43 15.00
C LEU G 182 32.88 -1.89 16.44
N SER G 183 33.44 -0.70 16.68
CA SER G 183 33.42 -0.05 18.00
C SER G 183 32.29 0.96 18.14
N CYS G 184 31.53 1.18 17.06
CA CYS G 184 30.39 2.09 17.05
C CYS G 184 29.14 1.25 17.12
N HIS G 185 28.36 1.36 18.20
CA HIS G 185 27.16 0.57 18.34
C HIS G 185 25.90 1.38 18.16
N GLY G 186 24.94 0.79 17.44
CA GLY G 186 23.67 1.42 17.11
C GLY G 186 22.77 0.46 16.39
N TRP G 187 21.48 0.48 16.73
CA TRP G 187 20.51 -0.45 16.18
C TRP G 187 19.39 0.22 15.37
N VAL G 188 19.23 -0.25 14.13
CA VAL G 188 18.18 0.18 13.21
C VAL G 188 17.22 -1.01 13.19
N LEU G 189 15.97 -0.81 13.65
CA LEU G 189 15.04 -1.91 13.76
C LEU G 189 13.74 -1.73 12.94
N GLY G 190 12.83 -2.70 13.07
CA GLY G 190 11.53 -2.70 12.42
C GLY G 190 11.53 -3.17 10.99
N GLU G 191 10.92 -2.35 10.10
CA GLU G 191 10.78 -2.64 8.67
C GLU G 191 12.02 -2.25 7.91
N HIS G 192 12.58 -3.19 7.13
CA HIS G 192 13.75 -2.94 6.31
C HIS G 192 13.45 -1.92 5.23
N GLY G 193 14.33 -0.94 5.09
CA GLY G 193 14.20 0.08 4.06
C GLY G 193 13.81 1.45 4.56
N ASP G 194 12.95 2.13 3.80
CA ASP G 194 12.46 3.50 4.08
C ASP G 194 11.82 3.69 5.45
N SER G 195 11.09 2.68 5.95
CA SER G 195 10.37 2.76 7.22
C SER G 195 11.16 2.23 8.45
N SER G 196 12.48 1.98 8.32
CA SER G 196 13.32 1.49 9.43
C SER G 196 13.41 2.52 10.57
N VAL G 197 13.59 1.99 11.82
CA VAL G 197 13.60 2.80 13.04
C VAL G 197 14.98 2.84 13.72
N PRO G 198 15.65 4.03 13.75
CA PRO G 198 16.92 4.13 14.49
C PRO G 198 16.65 4.25 16.01
N VAL G 199 17.19 3.31 16.81
CA VAL G 199 16.98 3.32 18.26
C VAL G 199 18.11 4.15 18.91
N TRP G 200 17.82 5.47 19.07
CA TRP G 200 18.77 6.48 19.58
C TRP G 200 19.30 6.18 20.99
N SER G 201 18.45 5.57 21.85
CA SER G 201 18.79 5.21 23.23
C SER G 201 19.95 4.23 23.35
N GLY G 202 20.09 3.32 22.37
CA GLY G 202 21.13 2.30 22.37
C GLY G 202 22.43 2.65 21.69
N MET G 203 22.53 3.86 21.12
CA MET G 203 23.73 4.31 20.42
C MET G 203 24.85 4.68 21.38
N ASN G 204 26.00 4.00 21.23
CA ASN G 204 27.15 4.19 22.11
C ASN G 204 28.49 3.81 21.50
N VAL G 205 29.55 4.32 22.12
CA VAL G 205 30.94 3.98 21.87
C VAL G 205 31.47 3.65 23.27
N ALA G 206 32.01 2.43 23.45
CA ALA G 206 32.56 1.94 24.72
C ALA G 206 31.61 2.05 25.92
N GLY G 207 30.32 1.80 25.68
CA GLY G 207 29.30 1.85 26.71
C GLY G 207 28.86 3.25 27.08
N VAL G 208 29.41 4.28 26.40
CA VAL G 208 29.05 5.68 26.64
C VAL G 208 27.88 6.05 25.71
N SER G 209 26.69 6.20 26.29
CA SER G 209 25.46 6.58 25.60
C SER G 209 25.54 7.98 24.99
N LEU G 210 25.36 8.04 23.66
CA LEU G 210 25.40 9.27 22.87
C LEU G 210 24.21 10.18 23.21
N LYS G 211 23.04 9.57 23.52
CA LYS G 211 21.80 10.26 23.91
C LYS G 211 21.97 10.91 25.30
N THR G 212 22.73 10.28 26.21
CA THR G 212 22.99 10.82 27.55
C THR G 212 23.90 12.04 27.43
N LEU G 213 24.96 11.94 26.60
CA LEU G 213 25.92 13.01 26.33
C LEU G 213 25.31 14.16 25.53
N HIS G 214 24.39 13.82 24.60
CA HIS G 214 23.70 14.79 23.75
C HIS G 214 22.20 14.44 23.74
N PRO G 215 21.40 15.00 24.68
CA PRO G 215 19.96 14.67 24.72
C PRO G 215 19.15 15.07 23.48
N ASP G 216 19.77 15.83 22.55
CA ASP G 216 19.16 16.24 21.29
C ASP G 216 19.51 15.26 20.15
N LEU G 217 19.89 14.01 20.50
CA LEU G 217 20.24 12.96 19.53
C LEU G 217 18.95 12.48 18.84
N GLY G 218 18.87 12.71 17.53
CA GLY G 218 17.73 12.36 16.71
C GLY G 218 16.75 13.50 16.55
N GLU G 224 23.60 19.37 15.80
CA GLU G 224 24.50 18.47 15.09
C GLU G 224 23.77 17.61 14.07
N GLN G 225 22.42 17.58 14.16
CA GLN G 225 21.51 16.85 13.28
C GLN G 225 21.92 15.38 13.10
N TRP G 226 21.88 14.61 14.20
CA TRP G 226 22.23 13.20 14.19
C TRP G 226 21.15 12.34 13.54
N LYS G 227 19.89 12.87 13.47
CA LYS G 227 18.76 12.21 12.79
C LYS G 227 19.11 12.01 11.31
N GLU G 228 19.92 12.94 10.75
CA GLU G 228 20.43 12.93 9.37
C GLU G 228 21.27 11.71 9.06
N VAL G 229 21.85 11.06 10.09
CA VAL G 229 22.65 9.83 9.93
C VAL G 229 21.70 8.72 9.46
N HIS G 230 20.49 8.64 10.07
CA HIS G 230 19.48 7.66 9.67
C HIS G 230 18.93 8.01 8.30
N LYS G 231 18.71 9.33 8.06
CA LYS G 231 18.25 9.86 6.78
C LYS G 231 19.24 9.47 5.69
N GLN G 232 20.55 9.55 6.00
CA GLN G 232 21.67 9.19 5.12
C GLN G 232 21.69 7.70 4.84
N VAL G 233 21.24 6.85 5.79
CA VAL G 233 21.17 5.39 5.57
C VAL G 233 20.21 5.15 4.43
N VAL G 234 19.01 5.78 4.49
CA VAL G 234 17.98 5.68 3.45
C VAL G 234 18.51 6.30 2.13
N GLU G 235 19.10 7.51 2.21
CA GLU G 235 19.65 8.24 1.08
C GLU G 235 20.74 7.45 0.35
N SER G 236 21.66 6.80 1.11
CA SER G 236 22.76 6.00 0.58
C SER G 236 22.30 4.84 -0.28
N ALA G 237 21.20 4.16 0.11
CA ALA G 237 20.61 3.06 -0.65
C ALA G 237 20.18 3.56 -2.04
N TYR G 238 19.43 4.68 -2.10
CA TYR G 238 19.00 5.35 -3.34
C TYR G 238 20.19 5.83 -4.13
N GLU G 239 21.18 6.44 -3.46
CA GLU G 239 22.40 6.92 -4.09
C GLU G 239 23.20 5.81 -4.79
N VAL G 240 23.46 4.68 -4.08
CA VAL G 240 24.20 3.53 -4.64
C VAL G 240 23.48 3.02 -5.90
N ILE G 241 22.13 2.94 -5.82
CA ILE G 241 21.24 2.50 -6.90
C ILE G 241 21.32 3.45 -8.10
N LYS G 242 21.32 4.75 -7.82
CA LYS G 242 21.45 5.79 -8.84
C LYS G 242 22.83 5.72 -9.52
N LEU G 243 23.90 5.51 -8.72
CA LEU G 243 25.30 5.51 -9.19
C LEU G 243 25.76 4.24 -9.89
N LYS G 244 25.47 3.04 -9.35
CA LYS G 244 25.92 1.79 -9.99
C LYS G 244 24.75 0.87 -10.44
N GLY G 245 23.51 1.25 -10.15
CA GLY G 245 22.33 0.52 -10.58
C GLY G 245 21.80 -0.58 -9.68
N TYR G 246 22.65 -1.08 -8.77
CA TYR G 246 22.34 -2.15 -7.83
C TYR G 246 23.29 -2.06 -6.62
N THR G 247 23.02 -2.82 -5.55
CA THR G 247 23.88 -2.93 -4.37
C THR G 247 24.24 -4.41 -4.29
N SER G 248 25.50 -4.73 -4.04
CA SER G 248 25.93 -6.12 -4.00
C SER G 248 26.91 -6.45 -2.87
N TRP G 249 28.04 -5.71 -2.80
CA TRP G 249 29.12 -5.97 -1.85
C TRP G 249 28.69 -5.89 -0.37
N ALA G 250 28.08 -4.79 0.01
CA ALA G 250 27.60 -4.59 1.39
C ALA G 250 26.58 -5.65 1.82
N ILE G 251 25.57 -5.99 0.96
CA ILE G 251 24.58 -7.02 1.30
C ILE G 251 25.22 -8.44 1.34
N GLY G 252 26.09 -8.73 0.37
CA GLY G 252 26.83 -9.97 0.29
C GLY G 252 27.56 -10.25 1.59
N LEU G 253 28.30 -9.22 2.08
CA LEU G 253 29.07 -9.25 3.33
C LEU G 253 28.19 -9.43 4.56
N SER G 254 27.08 -8.67 4.64
CA SER G 254 26.17 -8.77 5.79
C SER G 254 25.50 -10.15 5.91
N VAL G 255 25.22 -10.80 4.76
CA VAL G 255 24.59 -12.12 4.71
C VAL G 255 25.61 -13.19 5.16
N ALA G 256 26.88 -13.08 4.70
CA ALA G 256 27.96 -14.00 5.07
C ALA G 256 28.20 -13.96 6.58
N ASP G 257 28.01 -12.79 7.21
CA ASP G 257 28.15 -12.58 8.66
C ASP G 257 27.04 -13.33 9.39
N LEU G 258 25.81 -13.31 8.86
CA LEU G 258 24.67 -14.03 9.42
C LEU G 258 24.89 -15.52 9.26
N ALA G 259 25.35 -15.93 8.06
CA ALA G 259 25.66 -17.32 7.72
C ALA G 259 26.70 -17.88 8.70
N GLU G 260 27.72 -17.06 9.06
CA GLU G 260 28.76 -17.43 10.01
C GLU G 260 28.16 -17.77 11.39
N SER G 261 27.33 -16.88 11.98
CA SER G 261 26.62 -17.11 13.25
C SER G 261 25.74 -18.36 13.23
N ILE G 262 25.11 -18.69 12.07
CA ILE G 262 24.27 -19.88 11.93
C ILE G 262 25.13 -21.14 11.82
N MET G 263 26.08 -21.16 10.85
CA MET G 263 26.96 -22.32 10.58
C MET G 263 27.89 -22.68 11.74
N LYS G 264 28.32 -21.68 12.50
CA LYS G 264 29.24 -21.88 13.62
C LYS G 264 28.54 -21.87 14.98
N ASN G 265 27.20 -21.69 15.00
CA ASN G 265 26.37 -21.65 16.22
C ASN G 265 26.91 -20.64 17.24
N LEU G 266 27.31 -19.46 16.75
CA LEU G 266 27.96 -18.43 17.55
C LEU G 266 27.09 -17.80 18.62
N ARG G 267 25.76 -17.73 18.38
CA ARG G 267 24.82 -17.11 19.33
C ARG G 267 25.12 -15.62 19.52
N ARG G 268 25.48 -14.95 18.43
CA ARG G 268 25.69 -13.51 18.37
C ARG G 268 24.33 -12.87 18.17
N VAL G 269 24.22 -11.60 18.51
CA VAL G 269 22.98 -10.85 18.39
C VAL G 269 23.01 -10.03 17.12
N HIS G 270 22.01 -10.25 16.23
CA HIS G 270 21.90 -9.55 14.94
C HIS G 270 20.52 -8.91 14.74
N PRO G 271 20.44 -7.74 14.04
CA PRO G 271 19.11 -7.16 13.73
C PRO G 271 18.53 -7.86 12.49
N VAL G 272 17.73 -8.89 12.72
CA VAL G 272 17.14 -9.67 11.63
C VAL G 272 15.63 -9.77 11.77
N SER G 273 14.93 -10.01 10.64
CA SER G 273 13.47 -10.11 10.62
C SER G 273 12.99 -11.40 11.21
N THR G 274 12.08 -11.30 12.19
CA THR G 274 11.47 -12.44 12.88
C THR G 274 9.98 -12.17 13.13
N MET G 275 9.22 -13.24 13.40
CA MET G 275 7.79 -13.18 13.73
C MET G 275 7.64 -12.44 15.07
N ILE G 276 7.20 -11.16 15.02
CA ILE G 276 7.10 -10.32 16.22
C ILE G 276 5.67 -10.22 16.81
N LYS G 277 4.78 -11.18 16.49
CA LYS G 277 3.42 -11.21 17.06
C LYS G 277 3.54 -11.38 18.58
N GLY G 278 2.84 -10.51 19.31
CA GLY G 278 2.82 -10.48 20.77
C GLY G 278 3.68 -9.37 21.38
N LEU G 279 4.51 -8.72 20.56
CA LEU G 279 5.43 -7.65 20.95
C LEU G 279 5.00 -6.30 20.37
N TYR G 280 5.11 -5.23 21.20
CA TYR G 280 4.81 -3.83 20.89
C TYR G 280 3.34 -3.59 20.44
N GLY G 281 2.46 -4.49 20.88
CA GLY G 281 1.03 -4.45 20.58
C GLY G 281 0.62 -5.03 19.23
N ILE G 282 1.52 -5.77 18.59
CA ILE G 282 1.23 -6.36 17.29
C ILE G 282 0.62 -7.75 17.49
N LYS G 283 -0.61 -7.92 16.98
CA LYS G 283 -1.42 -9.15 17.10
C LYS G 283 -1.50 -9.92 15.75
N ASP G 284 -0.92 -9.36 14.66
CA ASP G 284 -0.89 -9.98 13.33
C ASP G 284 0.41 -10.80 13.11
N ASP G 285 0.35 -11.83 12.22
CA ASP G 285 1.51 -12.65 11.85
C ASP G 285 2.40 -11.79 10.93
N VAL G 286 3.28 -10.98 11.53
CA VAL G 286 4.15 -10.06 10.81
C VAL G 286 5.61 -10.24 11.24
N PHE G 287 6.53 -10.18 10.26
CA PHE G 287 7.97 -10.30 10.48
C PHE G 287 8.59 -8.92 10.41
N LEU G 288 9.33 -8.54 11.45
CA LEU G 288 10.06 -7.27 11.55
C LEU G 288 11.38 -7.52 12.28
N SER G 289 12.33 -6.62 12.13
CA SER G 289 13.64 -6.75 12.76
C SER G 289 13.71 -6.29 14.21
N VAL G 290 14.21 -7.19 15.04
CA VAL G 290 14.53 -6.99 16.46
C VAL G 290 15.90 -7.70 16.67
N PRO G 291 16.69 -7.37 17.72
CA PRO G 291 17.97 -8.08 17.89
C PRO G 291 17.70 -9.53 18.29
N CYS G 292 18.21 -10.46 17.47
CA CYS G 292 18.00 -11.89 17.67
C CYS G 292 19.32 -12.62 17.92
N ILE G 293 19.27 -13.64 18.79
CA ILE G 293 20.39 -14.54 19.06
C ILE G 293 20.33 -15.57 17.90
N LEU G 294 21.43 -15.66 17.14
CA LEU G 294 21.52 -16.51 15.93
C LEU G 294 22.51 -17.66 16.11
N GLY G 295 22.05 -18.87 15.87
CA GLY G 295 22.87 -20.07 15.99
C GLY G 295 22.49 -21.17 15.02
N GLN G 296 22.86 -22.42 15.35
CA GLN G 296 22.58 -23.60 14.53
C GLN G 296 21.10 -23.94 14.36
N ASN G 297 20.22 -23.35 15.19
CA ASN G 297 18.78 -23.59 15.07
C ASN G 297 18.05 -22.30 14.65
N GLY G 298 18.78 -21.38 14.01
CA GLY G 298 18.26 -20.09 13.59
C GLY G 298 18.09 -19.16 14.76
N ILE G 299 16.95 -18.49 14.86
CA ILE G 299 16.64 -17.55 15.95
C ILE G 299 16.12 -18.35 17.16
N SER G 300 16.95 -18.50 18.18
CA SER G 300 16.57 -19.25 19.39
C SER G 300 15.99 -18.32 20.45
N ASP G 301 16.42 -17.04 20.40
CA ASP G 301 16.07 -16.03 21.38
C ASP G 301 16.01 -14.63 20.76
N LEU G 302 15.35 -13.71 21.46
CA LEU G 302 15.12 -12.33 21.07
C LEU G 302 15.55 -11.41 22.21
N VAL G 303 16.16 -10.26 21.88
CA VAL G 303 16.54 -9.25 22.89
C VAL G 303 15.38 -8.29 23.01
N LYS G 304 14.91 -8.09 24.25
CA LYS G 304 13.78 -7.19 24.57
C LYS G 304 14.27 -5.76 24.58
N VAL G 305 14.16 -5.07 23.46
CA VAL G 305 14.54 -3.66 23.39
C VAL G 305 13.37 -2.83 23.86
N THR G 306 13.64 -1.92 24.80
CA THR G 306 12.64 -1.00 25.31
C THR G 306 12.57 0.17 24.32
N LEU G 307 11.40 0.33 23.71
CA LEU G 307 11.18 1.40 22.74
C LEU G 307 10.31 2.51 23.28
N THR G 308 10.49 3.73 22.76
CA THR G 308 9.68 4.89 23.14
C THR G 308 8.33 4.72 22.45
N SER G 309 7.28 5.48 22.90
CA SER G 309 5.95 5.42 22.30
C SER G 309 5.98 5.70 20.80
N GLU G 310 6.86 6.64 20.35
CA GLU G 310 7.05 7.02 18.95
C GLU G 310 7.63 5.83 18.15
N GLU G 311 8.73 5.21 18.67
CA GLU G 311 9.41 4.05 18.07
C GLU G 311 8.44 2.86 17.98
N GLU G 312 7.60 2.63 19.01
CA GLU G 312 6.59 1.57 19.06
C GLU G 312 5.47 1.79 18.05
N ALA G 313 5.07 3.06 17.88
CA ALA G 313 4.01 3.44 16.94
C ALA G 313 4.47 3.20 15.50
N ARG G 314 5.75 3.52 15.21
CA ARG G 314 6.36 3.34 13.88
C ARG G 314 6.40 1.87 13.52
N LEU G 315 6.66 1.02 14.51
CA LEU G 315 6.69 -0.43 14.35
C LEU G 315 5.28 -0.99 14.08
N LYS G 316 4.25 -0.50 14.79
CA LYS G 316 2.86 -0.93 14.58
C LYS G 316 2.35 -0.47 13.22
N LYS G 317 2.72 0.76 12.81
CA LYS G 317 2.34 1.31 11.53
C LYS G 317 2.86 0.39 10.43
N SER G 318 4.15 -0.02 10.52
CA SER G 318 4.82 -0.94 9.60
C SER G 318 4.08 -2.26 9.57
N ALA G 319 3.75 -2.80 10.76
CA ALA G 319 3.03 -4.06 10.93
C ALA G 319 1.63 -4.02 10.30
N ASP G 320 0.91 -2.87 10.40
CA ASP G 320 -0.42 -2.67 9.81
C ASP G 320 -0.33 -2.68 8.29
N THR G 321 0.67 -1.98 7.74
CA THR G 321 0.92 -1.89 6.30
C THR G 321 1.27 -3.29 5.75
N LEU G 322 2.22 -3.97 6.41
CA LEU G 322 2.69 -5.31 6.06
C LEU G 322 1.56 -6.33 6.11
N TRP G 323 0.68 -6.26 7.14
CA TRP G 323 -0.45 -7.17 7.23
C TRP G 323 -1.50 -6.92 6.15
N GLY G 324 -1.67 -5.65 5.79
CA GLY G 324 -2.59 -5.21 4.73
C GLY G 324 -2.30 -5.90 3.41
N ILE G 325 -1.01 -5.99 3.04
CA ILE G 325 -0.54 -6.67 1.83
C ILE G 325 -0.69 -8.17 2.02
N GLN G 326 -0.23 -8.70 3.16
CA GLN G 326 -0.26 -10.14 3.48
C GLN G 326 -1.66 -10.75 3.48
N LYS G 327 -2.66 -9.92 3.80
CA LYS G 327 -4.09 -10.23 3.79
C LYS G 327 -4.60 -10.59 2.37
N GLU G 328 -4.23 -9.77 1.34
CA GLU G 328 -4.65 -9.93 -0.06
C GLU G 328 -3.88 -11.03 -0.85
N LEU G 329 -3.02 -11.80 -0.15
CA LEU G 329 -2.22 -12.89 -0.71
C LEU G 329 -2.96 -14.21 -0.53
N GLN G 330 -2.92 -15.09 -1.54
CA GLN G 330 -3.64 -16.36 -1.47
C GLN G 330 -2.77 -17.56 -0.99
N PHE G 331 -1.99 -18.19 -1.92
CA PHE G 331 -1.14 -19.38 -1.73
C PHE G 331 -1.89 -20.56 -1.02
N ALA H 1 32.96 21.21 21.80
CA ALA H 1 31.54 21.54 21.74
C ALA H 1 30.71 20.43 21.05
N THR H 2 31.26 19.88 19.93
CA THR H 2 30.63 18.81 19.15
C THR H 2 30.57 17.52 19.98
N LEU H 3 29.62 16.63 19.63
CA LEU H 3 29.44 15.32 20.28
C LEU H 3 30.73 14.52 20.20
N LYS H 4 31.44 14.62 19.05
CA LYS H 4 32.74 13.99 18.80
C LYS H 4 33.75 14.47 19.87
N ASP H 5 33.80 15.79 20.15
CA ASP H 5 34.70 16.37 21.15
C ASP H 5 34.27 16.02 22.58
N GLN H 6 32.96 15.91 22.84
CA GLN H 6 32.41 15.55 24.15
C GLN H 6 32.72 14.09 24.50
N LEU H 7 32.71 13.22 23.48
CA LEU H 7 32.94 11.78 23.60
C LEU H 7 34.40 11.37 23.50
N ILE H 8 35.14 11.96 22.55
CA ILE H 8 36.54 11.61 22.27
C ILE H 8 37.54 12.72 22.56
N TYR H 9 38.60 12.39 23.33
CA TYR H 9 39.72 13.29 23.60
C TYR H 9 40.86 12.94 22.63
N ASN H 10 41.24 13.89 21.79
CA ASN H 10 42.31 13.72 20.82
C ASN H 10 43.70 13.91 21.45
N LEU H 11 44.60 12.95 21.20
CA LEU H 11 45.98 12.94 21.71
C LEU H 11 46.96 13.43 20.63
N LEU H 12 46.80 12.96 19.39
CA LEU H 12 47.69 13.29 18.28
C LEU H 12 47.02 14.10 17.19
N LYS H 13 47.78 15.04 16.59
CA LYS H 13 47.29 15.88 15.52
C LYS H 13 47.55 15.22 14.18
N GLN H 16 48.05 11.08 8.59
CA GLN H 16 49.21 10.20 8.56
C GLN H 16 49.42 9.52 7.20
N THR H 17 50.67 9.10 6.97
CA THR H 17 51.25 8.42 5.79
C THR H 17 50.60 7.05 5.53
N PRO H 18 50.45 6.64 4.23
CA PRO H 18 49.93 5.28 3.96
C PRO H 18 51.06 4.25 4.15
N GLN H 19 50.72 3.01 4.59
CA GLN H 19 51.71 1.97 4.93
C GLN H 19 51.60 0.66 4.11
N ASN H 20 50.39 0.06 3.96
CA ASN H 20 50.18 -1.12 3.11
C ASN H 20 49.03 -0.81 2.15
N LYS H 21 49.20 0.26 1.36
CA LYS H 21 48.21 0.76 0.42
C LYS H 21 48.22 0.00 -0.91
N ILE H 22 47.02 -0.33 -1.39
CA ILE H 22 46.78 -0.97 -2.68
C ILE H 22 45.79 -0.11 -3.46
N THR H 23 46.12 0.13 -4.72
CA THR H 23 45.25 0.83 -5.64
C THR H 23 44.72 -0.14 -6.67
N VAL H 24 43.42 -0.03 -6.97
CA VAL H 24 42.76 -0.79 -8.03
C VAL H 24 42.30 0.21 -9.15
N VAL H 25 42.90 0.12 -10.35
CA VAL H 25 42.55 0.98 -11.50
C VAL H 25 41.59 0.22 -12.41
N GLY H 26 40.37 0.73 -12.55
CA GLY H 26 39.31 0.09 -13.31
C GLY H 26 38.39 -0.63 -12.33
N VAL H 27 37.18 -0.10 -12.14
CA VAL H 27 36.22 -0.68 -11.22
C VAL H 27 35.14 -1.48 -11.96
N GLY H 28 35.56 -2.19 -13.00
CA GLY H 28 34.61 -3.06 -13.71
C GLY H 28 34.39 -4.35 -12.94
N ALA H 29 33.93 -5.40 -13.63
CA ALA H 29 33.71 -6.71 -12.99
C ALA H 29 35.04 -7.31 -12.45
N VAL H 30 36.14 -7.16 -13.18
CA VAL H 30 37.47 -7.67 -12.77
C VAL H 30 38.03 -6.85 -11.61
N GLY H 31 38.05 -5.53 -11.74
CA GLY H 31 38.58 -4.65 -10.70
C GLY H 31 37.90 -4.81 -9.35
N MET H 32 36.55 -4.90 -9.36
CA MET H 32 35.75 -5.07 -8.16
C MET H 32 35.93 -6.46 -7.53
N ALA H 33 36.14 -7.51 -8.35
CA ALA H 33 36.38 -8.87 -7.86
C ALA H 33 37.74 -8.92 -7.21
N CYS H 34 38.72 -8.19 -7.79
CA CYS H 34 40.06 -8.03 -7.22
C CYS H 34 39.97 -7.33 -5.88
N ALA H 35 39.20 -6.24 -5.81
CA ALA H 35 38.96 -5.42 -4.63
C ALA H 35 38.36 -6.22 -3.50
N ILE H 36 37.22 -6.92 -3.72
CA ILE H 36 36.54 -7.71 -2.68
C ILE H 36 37.44 -8.85 -2.16
N SER H 37 38.20 -9.52 -3.05
CA SER H 37 39.10 -10.62 -2.69
C SER H 37 40.27 -10.13 -1.82
N ILE H 38 40.83 -8.96 -2.17
CA ILE H 38 41.91 -8.32 -1.42
C ILE H 38 41.38 -7.84 -0.05
N LEU H 39 40.14 -7.33 -0.02
CA LEU H 39 39.54 -6.87 1.23
C LEU H 39 39.24 -8.04 2.15
N MET H 40 38.81 -9.18 1.60
CA MET H 40 38.50 -10.35 2.43
C MET H 40 39.74 -11.11 2.87
N LYS H 41 40.92 -10.80 2.30
CA LYS H 41 42.17 -11.44 2.67
C LYS H 41 43.04 -10.53 3.56
N ASP H 42 42.54 -9.35 3.94
CA ASP H 42 43.23 -8.40 4.80
C ASP H 42 44.67 -8.05 4.31
N LEU H 43 44.81 -7.77 3.02
CA LEU H 43 46.14 -7.49 2.47
C LEU H 43 46.54 -6.02 2.53
N ALA H 44 45.58 -5.13 2.76
CA ALA H 44 45.85 -3.70 2.75
C ALA H 44 45.23 -2.97 3.90
N ASP H 45 45.87 -1.86 4.33
CA ASP H 45 45.34 -1.01 5.38
C ASP H 45 44.56 0.16 4.72
N GLU H 46 44.77 0.34 3.40
CA GLU H 46 44.09 1.36 2.59
C GLU H 46 43.89 0.88 1.18
N LEU H 47 42.65 1.05 0.67
CA LEU H 47 42.28 0.69 -0.69
C LEU H 47 41.85 1.92 -1.47
N ALA H 48 42.49 2.17 -2.61
CA ALA H 48 42.14 3.30 -3.51
C ALA H 48 41.57 2.73 -4.81
N LEU H 49 40.50 3.36 -5.30
CA LEU H 49 39.85 2.96 -6.55
C LEU H 49 39.87 4.12 -7.54
N VAL H 50 40.24 3.83 -8.81
CA VAL H 50 40.28 4.81 -9.90
C VAL H 50 39.50 4.27 -11.11
N ASP H 51 38.85 5.17 -11.85
CA ASP H 51 38.06 4.92 -13.08
C ASP H 51 37.73 6.25 -13.73
N VAL H 52 37.37 6.22 -15.02
CA VAL H 52 36.94 7.40 -15.79
C VAL H 52 35.44 7.70 -15.58
N ILE H 53 34.63 6.65 -15.28
CA ILE H 53 33.19 6.70 -15.01
C ILE H 53 33.00 7.07 -13.51
N GLU H 54 32.80 8.36 -13.28
CA GLU H 54 32.66 8.94 -11.94
C GLU H 54 31.52 8.39 -11.11
N ASP H 55 30.31 8.23 -11.70
CA ASP H 55 29.12 7.71 -11.02
C ASP H 55 29.33 6.30 -10.47
N LYS H 56 29.72 5.38 -11.36
CA LYS H 56 30.01 3.97 -11.08
C LYS H 56 31.09 3.90 -10.00
N LEU H 57 32.16 4.68 -10.14
CA LEU H 57 33.28 4.75 -9.21
C LEU H 57 32.81 5.07 -7.79
N LYS H 58 32.02 6.16 -7.63
CA LYS H 58 31.50 6.58 -6.32
C LYS H 58 30.56 5.49 -5.74
N GLY H 59 29.72 4.91 -6.58
CA GLY H 59 28.78 3.86 -6.20
C GLY H 59 29.46 2.62 -5.69
N GLU H 60 30.50 2.17 -6.41
CA GLU H 60 31.32 1.03 -6.02
C GLU H 60 32.08 1.30 -4.72
N MET H 61 32.68 2.50 -4.56
CA MET H 61 33.37 2.87 -3.33
C MET H 61 32.41 2.81 -2.14
N MET H 62 31.21 3.41 -2.30
CA MET H 62 30.19 3.46 -1.26
C MET H 62 29.69 2.07 -0.88
N ASP H 63 29.52 1.17 -1.86
CA ASP H 63 29.05 -0.20 -1.63
C ASP H 63 30.07 -0.98 -0.78
N LEU H 64 31.37 -0.78 -1.06
CA LEU H 64 32.47 -1.36 -0.28
C LEU H 64 32.51 -0.76 1.11
N GLN H 65 32.39 0.57 1.22
CA GLN H 65 32.39 1.28 2.51
C GLN H 65 31.26 0.81 3.41
N HIS H 66 30.09 0.51 2.84
CA HIS H 66 28.94 0.05 3.62
C HIS H 66 29.16 -1.34 4.24
N GLY H 67 30.16 -2.08 3.75
CA GLY H 67 30.54 -3.38 4.29
C GLY H 67 31.68 -3.35 5.28
N SER H 68 32.19 -2.14 5.65
CA SER H 68 33.31 -1.89 6.59
C SER H 68 33.23 -2.64 7.89
N LEU H 69 32.03 -2.75 8.46
CA LEU H 69 31.76 -3.46 9.71
C LEU H 69 32.27 -4.90 9.67
N PHE H 70 32.24 -5.51 8.48
CA PHE H 70 32.66 -6.90 8.27
C PHE H 70 34.07 -7.02 7.75
N LEU H 71 34.80 -5.90 7.65
CA LEU H 71 36.15 -5.89 7.08
C LEU H 71 37.22 -5.36 8.04
N ARG H 72 38.50 -5.50 7.64
CA ARG H 72 39.66 -5.03 8.42
C ARG H 72 40.58 -4.13 7.55
N THR H 73 39.97 -3.32 6.66
CA THR H 73 40.64 -2.34 5.81
C THR H 73 39.93 -1.04 6.16
N PRO H 74 40.56 -0.25 7.06
CA PRO H 74 39.87 0.91 7.62
C PRO H 74 39.65 2.10 6.68
N LYS H 75 40.38 2.16 5.55
CA LYS H 75 40.24 3.30 4.65
C LYS H 75 40.03 2.88 3.20
N ILE H 76 38.87 3.27 2.65
CA ILE H 76 38.48 3.00 1.27
C ILE H 76 38.21 4.36 0.63
N VAL H 77 39.02 4.68 -0.40
CA VAL H 77 38.94 5.94 -1.13
C VAL H 77 38.79 5.74 -2.64
N SER H 78 38.30 6.77 -3.34
CA SER H 78 38.17 6.73 -4.80
C SER H 78 38.24 8.12 -5.40
N GLY H 79 38.59 8.19 -6.68
CA GLY H 79 38.64 9.41 -7.46
C GLY H 79 39.13 9.18 -8.88
N LYS H 80 38.74 10.11 -9.79
CA LYS H 80 39.19 10.12 -11.18
C LYS H 80 40.63 10.66 -11.21
N ASP H 81 40.95 11.55 -10.25
CA ASP H 81 42.27 12.16 -10.07
C ASP H 81 43.16 11.15 -9.36
N TYR H 82 44.38 10.93 -9.88
CA TYR H 82 45.29 9.94 -9.34
C TYR H 82 45.95 10.34 -8.00
N ASN H 83 45.53 11.48 -7.41
CA ASN H 83 46.04 11.94 -6.11
C ASN H 83 45.62 11.00 -4.98
N VAL H 84 44.44 10.32 -5.10
CA VAL H 84 43.93 9.34 -4.11
C VAL H 84 44.81 8.07 -4.06
N THR H 85 45.65 7.83 -5.10
CA THR H 85 46.51 6.64 -5.23
C THR H 85 47.89 6.81 -4.63
N ALA H 86 48.24 8.05 -4.24
CA ALA H 86 49.56 8.39 -3.74
C ALA H 86 50.11 7.42 -2.69
N ASN H 87 51.38 7.02 -2.86
CA ASN H 87 52.16 6.15 -1.98
C ASN H 87 51.59 4.70 -1.84
N SER H 88 51.07 4.16 -2.94
CA SER H 88 50.58 2.78 -2.96
C SER H 88 51.78 1.86 -3.08
N LYS H 89 51.76 0.73 -2.34
CA LYS H 89 52.79 -0.31 -2.39
C LYS H 89 52.57 -1.11 -3.65
N LEU H 90 51.31 -1.34 -4.00
CA LEU H 90 50.90 -2.14 -5.15
C LEU H 90 49.75 -1.49 -5.92
N VAL H 91 49.89 -1.39 -7.24
CA VAL H 91 48.87 -0.80 -8.11
C VAL H 91 48.48 -1.84 -9.10
N ILE H 92 47.19 -2.21 -9.07
CA ILE H 92 46.59 -3.24 -9.91
C ILE H 92 45.81 -2.59 -11.03
N ILE H 93 46.20 -2.92 -12.28
CA ILE H 93 45.54 -2.36 -13.46
C ILE H 93 44.62 -3.34 -14.11
N THR H 94 43.30 -3.03 -14.03
CA THR H 94 42.24 -3.83 -14.64
C THR H 94 41.41 -3.00 -15.65
N ALA H 95 41.86 -1.80 -16.00
CA ALA H 95 41.08 -0.93 -16.89
C ALA H 95 41.13 -1.31 -18.34
N GLY H 96 40.04 -0.99 -19.03
CA GLY H 96 39.93 -1.20 -20.46
C GLY H 96 38.97 -2.23 -20.96
N ALA H 97 39.04 -2.39 -22.28
CA ALA H 97 38.27 -3.28 -23.11
C ALA H 97 38.54 -4.73 -22.80
N ARG H 98 37.48 -5.53 -22.80
CA ARG H 98 37.52 -6.96 -22.56
C ARG H 98 37.07 -7.76 -23.77
N GLN H 99 37.64 -8.96 -23.97
CA GLN H 99 37.28 -9.85 -25.09
C GLN H 99 35.84 -10.34 -24.95
N GLN H 100 35.06 -10.11 -26.04
CA GLN H 100 33.66 -10.51 -26.11
C GLN H 100 33.59 -11.83 -26.83
N GLU H 101 32.38 -12.40 -27.00
CA GLU H 101 32.23 -13.73 -27.59
C GLU H 101 32.93 -13.90 -28.97
N GLY H 102 33.86 -14.86 -29.02
CA GLY H 102 34.65 -15.22 -30.19
C GLY H 102 35.82 -14.29 -30.48
N GLU H 103 36.02 -13.26 -29.64
CA GLU H 103 37.06 -12.24 -29.75
C GLU H 103 38.30 -12.73 -29.04
N SER H 104 39.45 -12.61 -29.70
CA SER H 104 40.76 -12.95 -29.17
C SER H 104 41.20 -11.82 -28.22
N ARG H 105 42.04 -12.12 -27.23
CA ARG H 105 42.56 -11.09 -26.32
C ARG H 105 43.46 -10.10 -27.13
N LEU H 106 44.14 -10.62 -28.18
CA LEU H 106 45.01 -9.86 -29.10
C LEU H 106 44.24 -8.84 -29.94
N ASN H 107 42.89 -8.86 -29.84
CA ASN H 107 42.02 -7.90 -30.49
C ASN H 107 41.86 -6.60 -29.66
N LEU H 108 42.35 -6.58 -28.39
CA LEU H 108 42.21 -5.43 -27.47
C LEU H 108 43.42 -4.49 -27.43
N VAL H 109 44.52 -4.90 -28.13
CA VAL H 109 45.80 -4.23 -28.22
C VAL H 109 45.66 -2.72 -28.44
N GLN H 110 45.06 -2.30 -29.59
CA GLN H 110 44.89 -0.88 -29.92
C GLN H 110 44.14 -0.07 -28.84
N ARG H 111 42.99 -0.59 -28.38
CA ARG H 111 42.18 0.09 -27.38
C ARG H 111 42.89 0.23 -26.03
N ASN H 112 43.56 -0.84 -25.58
CA ASN H 112 44.15 -0.87 -24.24
C ASN H 112 45.52 -0.25 -24.14
N VAL H 113 46.27 -0.22 -25.23
CA VAL H 113 47.58 0.46 -25.24
C VAL H 113 47.30 1.97 -25.14
N ASN H 114 46.22 2.42 -25.83
CA ASN H 114 45.72 3.80 -25.82
C ASN H 114 45.40 4.27 -24.37
N ILE H 115 44.68 3.43 -23.62
CA ILE H 115 44.25 3.65 -22.26
C ILE H 115 45.49 3.66 -21.32
N PHE H 116 46.45 2.72 -21.55
CA PHE H 116 47.69 2.60 -20.79
C PHE H 116 48.59 3.82 -20.91
N LYS H 117 48.63 4.44 -22.10
CA LYS H 117 49.42 5.65 -22.32
C LYS H 117 49.00 6.81 -21.42
N PHE H 118 47.75 6.80 -20.93
CA PHE H 118 47.26 7.83 -20.00
C PHE H 118 47.44 7.38 -18.52
N ILE H 119 47.08 6.10 -18.22
CA ILE H 119 47.11 5.51 -16.86
C ILE H 119 48.51 5.43 -16.25
N ILE H 120 49.43 4.69 -16.90
CA ILE H 120 50.78 4.41 -16.40
C ILE H 120 51.53 5.70 -15.99
N PRO H 121 51.59 6.82 -16.79
CA PRO H 121 52.29 8.02 -16.31
C PRO H 121 51.65 8.60 -15.04
N ASN H 122 50.30 8.56 -14.94
CA ASN H 122 49.55 9.04 -13.79
C ASN H 122 49.82 8.21 -12.52
N VAL H 123 49.92 6.86 -12.69
CA VAL H 123 50.20 5.98 -11.55
C VAL H 123 51.63 6.19 -11.03
N VAL H 124 52.61 6.23 -11.93
CA VAL H 124 54.02 6.35 -11.58
C VAL H 124 54.31 7.70 -10.95
N LYS H 125 53.58 8.76 -11.34
CA LYS H 125 53.72 10.09 -10.79
C LYS H 125 53.36 10.10 -9.27
N TYR H 126 52.30 9.39 -8.88
CA TYR H 126 51.84 9.36 -7.49
C TYR H 126 52.42 8.22 -6.66
N SER H 127 52.88 7.14 -7.28
CA SER H 127 53.51 6.04 -6.56
C SER H 127 54.76 5.61 -7.33
N PRO H 128 55.85 6.44 -7.31
CA PRO H 128 57.07 6.07 -8.05
C PRO H 128 57.73 4.78 -7.60
N ASN H 129 57.48 4.33 -6.36
CA ASN H 129 58.13 3.11 -5.84
C ASN H 129 57.21 1.88 -5.77
N CYS H 130 56.00 1.96 -6.35
CA CYS H 130 55.07 0.83 -6.30
C CYS H 130 55.51 -0.33 -7.18
N LYS H 131 54.87 -1.48 -6.98
CA LYS H 131 54.97 -2.63 -7.87
C LYS H 131 53.70 -2.52 -8.73
N LEU H 132 53.82 -2.78 -10.03
CA LEU H 132 52.70 -2.75 -10.95
C LEU H 132 52.22 -4.14 -11.22
N LEU H 133 50.93 -4.38 -11.02
CA LEU H 133 50.33 -5.68 -11.30
C LEU H 133 49.29 -5.48 -12.40
N ILE H 134 49.59 -5.98 -13.61
CA ILE H 134 48.80 -5.83 -14.81
C ILE H 134 47.85 -7.01 -15.02
N VAL H 135 46.55 -6.71 -15.20
CA VAL H 135 45.51 -7.72 -15.40
C VAL H 135 44.84 -7.53 -16.77
N SER H 136 44.68 -6.26 -17.20
CA SER H 136 44.10 -5.89 -18.51
C SER H 136 44.69 -6.71 -19.65
N ASN H 137 43.83 -7.17 -20.57
CA ASN H 137 44.24 -8.01 -21.72
C ASN H 137 44.61 -7.27 -23.00
N PRO H 138 45.57 -7.79 -23.81
CA PRO H 138 46.39 -9.02 -23.60
C PRO H 138 47.42 -8.76 -22.52
N VAL H 139 47.30 -9.54 -21.41
CA VAL H 139 48.10 -9.31 -20.19
C VAL H 139 49.64 -9.34 -20.45
N ASP H 140 50.16 -10.22 -21.29
CA ASP H 140 51.63 -10.23 -21.50
C ASP H 140 52.11 -8.96 -22.20
N ILE H 141 51.47 -8.61 -23.32
CA ILE H 141 51.78 -7.39 -24.08
C ILE H 141 51.59 -6.13 -23.25
N LEU H 142 50.47 -6.05 -22.48
CA LEU H 142 50.18 -4.89 -21.64
C LEU H 142 51.15 -4.71 -20.50
N THR H 143 51.78 -5.82 -20.05
CA THR H 143 52.81 -5.78 -19.00
C THR H 143 54.07 -5.14 -19.59
N TYR H 144 54.41 -5.49 -20.84
CA TYR H 144 55.55 -4.91 -21.58
C TYR H 144 55.33 -3.43 -21.79
N VAL H 145 54.09 -3.05 -22.14
CA VAL H 145 53.66 -1.68 -22.37
C VAL H 145 53.83 -0.85 -21.08
N ALA H 146 53.33 -1.40 -19.94
CA ALA H 146 53.43 -0.77 -18.61
C ALA H 146 54.90 -0.58 -18.22
N TRP H 147 55.76 -1.57 -18.54
CA TRP H 147 57.19 -1.54 -18.26
C TRP H 147 57.88 -0.44 -19.05
N LYS H 148 57.58 -0.34 -20.36
CA LYS H 148 58.14 0.68 -21.26
C LYS H 148 57.74 2.11 -20.86
N ILE H 149 56.43 2.34 -20.61
CA ILE H 149 55.91 3.65 -20.22
C ILE H 149 56.44 4.11 -18.85
N SER H 150 56.38 3.23 -17.82
CA SER H 150 56.78 3.53 -16.44
C SER H 150 58.28 3.82 -16.25
N GLY H 151 59.13 3.10 -16.97
CA GLY H 151 60.57 3.20 -16.81
C GLY H 151 61.06 2.43 -15.57
N PHE H 152 60.17 1.61 -14.98
CA PHE H 152 60.45 0.82 -13.77
C PHE H 152 61.36 -0.37 -14.07
N PRO H 153 62.23 -0.81 -13.10
CA PRO H 153 62.99 -2.05 -13.34
C PRO H 153 62.00 -3.22 -13.48
N LYS H 154 62.34 -4.22 -14.30
CA LYS H 154 61.50 -5.37 -14.63
C LYS H 154 60.94 -6.13 -13.42
N ASN H 155 61.62 -6.09 -12.26
CA ASN H 155 61.17 -6.75 -11.03
C ASN H 155 59.88 -6.16 -10.48
N ARG H 156 59.63 -4.84 -10.74
CA ARG H 156 58.45 -4.15 -10.24
C ARG H 156 57.27 -4.08 -11.25
N VAL H 157 57.36 -4.80 -12.36
CA VAL H 157 56.30 -4.81 -13.38
C VAL H 157 55.91 -6.26 -13.59
N ILE H 158 54.76 -6.64 -13.01
CA ILE H 158 54.27 -8.02 -12.99
C ILE H 158 52.95 -8.12 -13.74
N GLY H 159 52.84 -9.11 -14.61
CA GLY H 159 51.59 -9.40 -15.31
C GLY H 159 50.93 -10.59 -14.65
N SER H 160 49.59 -10.55 -14.44
CA SER H 160 48.87 -11.65 -13.81
C SER H 160 49.18 -13.00 -14.48
N GLY H 161 49.44 -12.95 -15.79
CA GLY H 161 49.85 -14.09 -16.60
C GLY H 161 49.09 -15.39 -16.46
N CYS H 162 49.84 -16.50 -16.41
CA CYS H 162 49.29 -17.83 -16.34
C CYS H 162 48.99 -18.36 -14.91
N ASN H 163 48.98 -17.48 -13.87
CA ASN H 163 48.62 -17.90 -12.49
C ASN H 163 47.19 -18.49 -12.53
N LEU H 164 46.29 -17.83 -13.29
CA LEU H 164 44.91 -18.24 -13.49
C LEU H 164 44.86 -19.49 -14.35
N ASP H 165 45.71 -19.55 -15.43
CA ASP H 165 45.75 -20.71 -16.35
C ASP H 165 46.15 -21.97 -15.61
N SER H 166 47.20 -21.87 -14.80
CA SER H 166 47.67 -22.96 -13.97
C SER H 166 46.61 -23.36 -12.92
N ALA H 167 45.91 -22.39 -12.28
CA ALA H 167 44.80 -22.64 -11.32
C ALA H 167 43.67 -23.40 -11.99
N ARG H 168 43.28 -23.01 -13.21
CA ARG H 168 42.27 -23.72 -14.02
C ARG H 168 42.74 -25.14 -14.38
N PHE H 169 44.02 -25.29 -14.75
CA PHE H 169 44.60 -26.56 -15.13
C PHE H 169 44.58 -27.55 -13.94
N ARG H 170 45.00 -27.04 -12.77
CA ARG H 170 45.02 -27.76 -11.53
C ARG H 170 43.61 -28.18 -11.10
N TYR H 171 42.57 -27.30 -11.34
CA TYR H 171 41.17 -27.62 -11.04
C TYR H 171 40.72 -28.80 -11.89
N LEU H 172 41.04 -28.76 -13.19
CA LEU H 172 40.65 -29.80 -14.16
C LEU H 172 41.35 -31.13 -13.87
N MET H 173 42.65 -31.05 -13.50
CA MET H 173 43.48 -32.18 -13.08
C MET H 173 42.83 -32.81 -11.82
N GLY H 174 42.52 -31.95 -10.84
CA GLY H 174 41.88 -32.32 -9.58
C GLY H 174 40.60 -33.11 -9.78
N GLU H 175 39.71 -32.58 -10.64
CA GLU H 175 38.40 -33.15 -10.99
C GLU H 175 38.56 -34.57 -11.62
N ARG H 176 39.56 -34.72 -12.51
CA ARG H 176 39.86 -36.02 -13.13
C ARG H 176 40.40 -37.05 -12.11
N LEU H 177 41.24 -36.60 -11.14
CA LEU H 177 41.86 -37.53 -10.21
C LEU H 177 41.15 -37.71 -8.86
N GLY H 178 40.14 -36.89 -8.56
CA GLY H 178 39.42 -36.94 -7.30
C GLY H 178 40.28 -36.46 -6.16
N VAL H 179 41.12 -35.43 -6.43
CA VAL H 179 42.08 -34.82 -5.51
C VAL H 179 41.85 -33.29 -5.50
N HIS H 180 42.05 -32.62 -4.36
CA HIS H 180 41.93 -31.17 -4.30
C HIS H 180 43.00 -30.52 -5.21
N PRO H 181 42.64 -29.44 -5.98
CA PRO H 181 43.65 -28.74 -6.81
C PRO H 181 44.95 -28.37 -6.10
N LEU H 182 44.92 -28.07 -4.79
CA LEU H 182 46.11 -27.75 -3.99
C LEU H 182 47.15 -28.88 -4.03
N SER H 183 46.69 -30.13 -4.14
CA SER H 183 47.55 -31.31 -4.17
C SER H 183 47.89 -31.79 -5.59
N CYS H 184 47.35 -31.10 -6.59
CA CYS H 184 47.59 -31.40 -8.01
C CYS H 184 48.52 -30.37 -8.53
N HIS H 185 49.72 -30.77 -8.97
CA HIS H 185 50.70 -29.81 -9.45
C HIS H 185 50.89 -29.90 -10.96
N GLY H 186 50.92 -28.74 -11.61
CA GLY H 186 51.05 -28.62 -13.04
C GLY H 186 51.17 -27.16 -13.42
N TRP H 187 52.03 -26.89 -14.41
CA TRP H 187 52.33 -25.52 -14.84
C TRP H 187 51.97 -25.25 -16.31
N VAL H 188 51.22 -24.17 -16.52
CA VAL H 188 50.86 -23.67 -17.84
C VAL H 188 51.70 -22.41 -17.98
N LEU H 189 52.59 -22.38 -18.98
CA LEU H 189 53.50 -21.23 -19.12
C LEU H 189 53.32 -20.46 -20.48
N GLY H 190 54.02 -19.33 -20.62
CA GLY H 190 53.95 -18.51 -21.82
C GLY H 190 52.82 -17.49 -21.82
N GLU H 191 52.18 -17.29 -22.99
CA GLU H 191 51.09 -16.35 -23.14
C GLU H 191 49.86 -16.73 -22.31
N HIS H 192 49.23 -15.71 -21.71
CA HIS H 192 47.97 -15.94 -21.05
C HIS H 192 46.96 -15.83 -22.23
N GLY H 193 46.71 -16.95 -22.88
CA GLY H 193 45.87 -16.99 -24.07
C GLY H 193 46.02 -18.29 -24.82
N ASP H 194 45.71 -18.25 -26.11
CA ASP H 194 45.67 -19.42 -27.01
C ASP H 194 46.99 -20.16 -27.19
N SER H 195 48.13 -19.45 -27.18
CA SER H 195 49.44 -20.06 -27.38
C SER H 195 50.15 -20.53 -26.07
N SER H 196 49.41 -20.61 -24.92
CA SER H 196 49.98 -21.07 -23.63
C SER H 196 50.51 -22.51 -23.71
N VAL H 197 51.55 -22.83 -22.89
CA VAL H 197 52.26 -24.11 -22.92
C VAL H 197 52.07 -24.97 -21.65
N PRO H 198 51.39 -26.13 -21.76
CA PRO H 198 51.28 -27.02 -20.58
C PRO H 198 52.57 -27.84 -20.44
N VAL H 199 53.23 -27.72 -19.29
CA VAL H 199 54.49 -28.41 -19.04
C VAL H 199 54.17 -29.79 -18.46
N TRP H 200 53.97 -30.80 -19.36
CA TRP H 200 53.63 -32.18 -19.03
C TRP H 200 54.63 -32.87 -18.12
N SER H 201 55.93 -32.55 -18.27
CA SER H 201 57.04 -33.11 -17.50
C SER H 201 56.96 -32.82 -16.00
N GLY H 202 56.38 -31.69 -15.62
CA GLY H 202 56.29 -31.28 -14.23
C GLY H 202 54.98 -31.58 -13.54
N MET H 203 54.07 -32.28 -14.25
CA MET H 203 52.77 -32.62 -13.70
C MET H 203 52.89 -33.79 -12.73
N ASN H 204 52.45 -33.58 -11.49
CA ASN H 204 52.58 -34.57 -10.44
C ASN H 204 51.59 -34.41 -9.31
N VAL H 205 51.42 -35.51 -8.57
CA VAL H 205 50.66 -35.60 -7.33
C VAL H 205 51.68 -36.26 -6.37
N ALA H 206 51.99 -35.58 -5.26
CA ALA H 206 52.92 -36.04 -4.23
C ALA H 206 54.33 -36.41 -4.74
N GLY H 207 54.83 -35.63 -5.71
CA GLY H 207 56.12 -35.84 -6.33
C GLY H 207 56.16 -37.01 -7.32
N VAL H 208 55.00 -37.61 -7.61
CA VAL H 208 54.91 -38.73 -8.55
C VAL H 208 54.58 -38.14 -9.93
N SER H 209 55.57 -38.15 -10.83
CA SER H 209 55.46 -37.66 -12.21
C SER H 209 54.44 -38.46 -13.01
N LEU H 210 53.40 -37.77 -13.51
CA LEU H 210 52.33 -38.34 -14.33
C LEU H 210 52.86 -38.81 -15.69
N LYS H 211 53.86 -38.09 -16.25
CA LYS H 211 54.52 -38.40 -17.52
C LYS H 211 55.36 -39.68 -17.40
N THR H 212 55.96 -39.92 -16.21
CA THR H 212 56.74 -41.13 -15.96
C THR H 212 55.81 -42.35 -15.89
N LEU H 213 54.68 -42.21 -15.19
CA LEU H 213 53.66 -43.24 -15.04
C LEU H 213 52.91 -43.50 -16.35
N HIS H 214 52.72 -42.45 -17.17
CA HIS H 214 52.01 -42.49 -18.44
C HIS H 214 52.86 -41.73 -19.47
N PRO H 215 53.79 -42.41 -20.19
CA PRO H 215 54.66 -41.68 -21.16
C PRO H 215 53.94 -40.97 -22.31
N ASP H 216 52.70 -41.39 -22.61
CA ASP H 216 51.86 -40.81 -23.65
C ASP H 216 51.17 -39.50 -23.23
N LEU H 217 51.32 -39.07 -21.95
CA LEU H 217 50.73 -37.84 -21.39
C LEU H 217 51.02 -36.60 -22.27
N GLY H 218 49.94 -35.95 -22.72
CA GLY H 218 50.00 -34.75 -23.54
C GLY H 218 50.30 -34.95 -25.01
N THR H 219 50.24 -36.21 -25.48
CA THR H 219 50.44 -36.50 -26.89
C THR H 219 49.08 -36.82 -27.52
N ASP H 220 49.08 -37.18 -28.81
CA ASP H 220 47.89 -37.57 -29.57
C ASP H 220 47.71 -39.08 -29.45
N LYS H 221 48.78 -39.77 -29.00
CA LYS H 221 48.86 -41.21 -28.76
C LYS H 221 48.13 -41.63 -27.48
N ASP H 222 47.91 -40.71 -26.49
CA ASP H 222 47.28 -41.17 -25.25
C ASP H 222 45.79 -41.33 -25.40
N LYS H 223 45.32 -42.52 -25.02
CA LYS H 223 43.93 -42.94 -25.06
C LYS H 223 43.09 -42.14 -24.06
N GLU H 224 43.73 -41.55 -23.05
CA GLU H 224 43.06 -40.77 -22.01
C GLU H 224 42.87 -39.30 -22.42
N GLN H 225 43.59 -38.88 -23.51
CA GLN H 225 43.57 -37.54 -24.10
C GLN H 225 43.73 -36.43 -23.05
N TRP H 226 44.91 -36.41 -22.40
CA TRP H 226 45.22 -35.44 -21.35
C TRP H 226 45.47 -34.06 -21.93
N LYS H 227 45.80 -34.01 -23.24
CA LYS H 227 46.02 -32.79 -24.02
C LYS H 227 44.73 -31.93 -24.01
N GLU H 228 43.56 -32.61 -23.91
CA GLU H 228 42.23 -31.99 -23.84
C GLU H 228 42.03 -31.13 -22.58
N VAL H 229 42.80 -31.43 -21.51
CA VAL H 229 42.75 -30.68 -20.25
C VAL H 229 43.31 -29.26 -20.53
N HIS H 230 44.40 -29.19 -21.30
CA HIS H 230 44.99 -27.92 -21.68
C HIS H 230 44.07 -27.18 -22.64
N LYS H 231 43.49 -27.90 -23.61
CA LYS H 231 42.56 -27.31 -24.58
C LYS H 231 41.38 -26.69 -23.83
N GLN H 232 40.92 -27.35 -22.74
CA GLN H 232 39.86 -26.86 -21.86
C GLN H 232 40.28 -25.58 -21.13
N VAL H 233 41.57 -25.47 -20.73
CA VAL H 233 42.09 -24.25 -20.10
C VAL H 233 42.06 -23.10 -21.11
N VAL H 234 42.60 -23.35 -22.35
CA VAL H 234 42.66 -22.39 -23.48
C VAL H 234 41.29 -21.82 -23.75
N GLU H 235 40.27 -22.70 -23.79
CA GLU H 235 38.85 -22.44 -24.09
C GLU H 235 37.94 -21.92 -22.97
N SER H 236 38.24 -22.26 -21.68
CA SER H 236 37.42 -21.92 -20.51
C SER H 236 37.01 -20.47 -20.44
N ALA H 237 37.94 -19.55 -20.73
CA ALA H 237 37.67 -18.10 -20.77
C ALA H 237 36.60 -17.82 -21.83
N TYR H 238 36.70 -18.40 -23.04
CA TYR H 238 35.70 -18.26 -24.11
C TYR H 238 34.35 -18.83 -23.64
N GLU H 239 34.35 -20.02 -22.99
CA GLU H 239 33.13 -20.67 -22.46
C GLU H 239 32.40 -19.81 -21.42
N VAL H 240 33.14 -19.32 -20.41
CA VAL H 240 32.61 -18.47 -19.34
C VAL H 240 32.02 -17.17 -19.92
N ILE H 241 32.72 -16.55 -20.91
CA ILE H 241 32.28 -15.34 -21.62
C ILE H 241 31.00 -15.63 -22.38
N LYS H 242 30.92 -16.79 -23.06
CA LYS H 242 29.73 -17.19 -23.79
C LYS H 242 28.55 -17.35 -22.82
N LEU H 243 28.79 -17.97 -21.63
CA LEU H 243 27.73 -18.26 -20.65
C LEU H 243 27.27 -17.05 -19.79
N LYS H 244 28.19 -16.27 -19.19
CA LYS H 244 27.82 -15.12 -18.35
C LYS H 244 28.27 -13.75 -18.90
N GLY H 245 28.98 -13.72 -20.03
CA GLY H 245 29.39 -12.47 -20.65
C GLY H 245 30.74 -11.89 -20.28
N TYR H 246 31.38 -12.42 -19.22
CA TYR H 246 32.71 -11.97 -18.71
C TYR H 246 33.16 -12.99 -17.67
N THR H 247 34.41 -12.83 -17.17
CA THR H 247 34.98 -13.62 -16.08
C THR H 247 35.38 -12.60 -15.01
N SER H 248 35.13 -12.93 -13.73
CA SER H 248 35.47 -12.00 -12.66
C SER H 248 36.05 -12.71 -11.42
N TRP H 249 35.32 -13.71 -10.88
CA TRP H 249 35.66 -14.37 -9.62
C TRP H 249 37.02 -15.05 -9.57
N ALA H 250 37.33 -15.92 -10.53
CA ALA H 250 38.59 -16.65 -10.57
C ALA H 250 39.77 -15.69 -10.73
N ILE H 251 39.65 -14.66 -11.58
CA ILE H 251 40.73 -13.69 -11.76
C ILE H 251 40.89 -12.84 -10.49
N GLY H 252 39.79 -12.42 -9.90
CA GLY H 252 39.81 -11.69 -8.62
C GLY H 252 40.65 -12.42 -7.59
N LEU H 253 40.44 -13.75 -7.45
CA LEU H 253 41.16 -14.64 -6.52
C LEU H 253 42.66 -14.83 -6.85
N SER H 254 42.97 -15.04 -8.14
CA SER H 254 44.33 -15.25 -8.63
C SER H 254 45.15 -13.97 -8.36
N VAL H 255 44.58 -12.80 -8.64
CA VAL H 255 45.22 -11.52 -8.40
C VAL H 255 45.42 -11.34 -6.86
N ALA H 256 44.44 -11.79 -6.04
CA ALA H 256 44.55 -11.69 -4.56
C ALA H 256 45.62 -12.65 -4.01
N ASP H 257 45.87 -13.73 -4.72
CA ASP H 257 46.89 -14.70 -4.37
C ASP H 257 48.27 -14.10 -4.68
N LEU H 258 48.35 -13.37 -5.80
CA LEU H 258 49.55 -12.68 -6.26
C LEU H 258 49.87 -11.55 -5.31
N ALA H 259 48.85 -10.75 -4.92
CA ALA H 259 48.96 -9.62 -3.98
C ALA H 259 49.40 -10.08 -2.62
N GLU H 260 48.94 -11.26 -2.17
CA GLU H 260 49.31 -11.81 -0.87
C GLU H 260 50.82 -12.08 -0.82
N SER H 261 51.39 -12.76 -1.82
CA SER H 261 52.83 -13.02 -1.86
C SER H 261 53.66 -11.74 -1.90
N ILE H 262 53.16 -10.68 -2.60
CA ILE H 262 53.83 -9.39 -2.68
C ILE H 262 53.77 -8.66 -1.33
N MET H 263 52.54 -8.44 -0.80
CA MET H 263 52.30 -7.71 0.43
C MET H 263 52.89 -8.36 1.67
N LYS H 264 52.97 -9.71 1.69
CA LYS H 264 53.50 -10.45 2.83
C LYS H 264 54.94 -10.95 2.61
N ASN H 265 55.53 -10.65 1.39
CA ASN H 265 56.90 -11.01 1.03
C ASN H 265 57.13 -12.54 1.25
N LEU H 266 56.16 -13.34 0.84
CA LEU H 266 56.16 -14.79 1.02
C LEU H 266 57.21 -15.54 0.26
N ARG H 267 57.65 -15.02 -0.91
CA ARG H 267 58.64 -15.66 -1.78
C ARG H 267 58.14 -17.02 -2.29
N ARG H 268 56.83 -17.07 -2.62
CA ARG H 268 56.20 -18.23 -3.24
C ARG H 268 56.47 -18.15 -4.76
N VAL H 269 56.36 -19.29 -5.42
CA VAL H 269 56.58 -19.39 -6.87
C VAL H 269 55.24 -19.37 -7.59
N HIS H 270 55.08 -18.41 -8.53
CA HIS H 270 53.84 -18.21 -9.32
C HIS H 270 54.13 -18.11 -10.82
N PRO H 271 53.28 -18.63 -11.75
CA PRO H 271 53.54 -18.39 -13.19
C PRO H 271 52.98 -17.02 -13.61
N VAL H 272 53.81 -16.00 -13.56
CA VAL H 272 53.44 -14.62 -13.88
C VAL H 272 54.25 -14.05 -15.05
N SER H 273 53.72 -12.97 -15.70
CA SER H 273 54.34 -12.27 -16.84
C SER H 273 55.56 -11.46 -16.47
N THR H 274 56.70 -11.89 -17.01
CA THR H 274 57.96 -11.21 -16.79
C THR H 274 58.74 -11.09 -18.08
N MET H 275 59.76 -10.23 -18.05
CA MET H 275 60.66 -9.98 -19.16
C MET H 275 61.63 -11.17 -19.17
N ILE H 276 61.46 -12.12 -20.12
CA ILE H 276 62.25 -13.36 -20.20
C ILE H 276 63.45 -13.34 -21.19
N LYS H 277 63.96 -12.15 -21.54
CA LYS H 277 65.14 -11.99 -22.41
C LYS H 277 66.36 -12.71 -21.83
N GLY H 278 67.05 -13.46 -22.68
CA GLY H 278 68.24 -14.22 -22.31
C GLY H 278 67.97 -15.63 -21.83
N LEU H 279 66.78 -16.16 -22.18
CA LEU H 279 66.32 -17.51 -21.81
C LEU H 279 65.59 -18.17 -22.97
N TYR H 280 65.50 -19.52 -22.91
CA TYR H 280 64.83 -20.41 -23.87
C TYR H 280 64.96 -19.98 -25.37
N GLY H 281 66.19 -19.66 -25.77
CA GLY H 281 66.50 -19.25 -27.13
C GLY H 281 66.10 -17.84 -27.52
N ILE H 282 65.16 -17.23 -26.75
CA ILE H 282 64.66 -15.88 -27.01
C ILE H 282 65.73 -14.81 -26.67
N LYS H 283 65.73 -13.68 -27.44
CA LYS H 283 66.70 -12.60 -27.23
C LYS H 283 66.09 -11.17 -27.35
N ASP H 284 64.76 -11.05 -27.21
CA ASP H 284 64.05 -9.75 -27.24
C ASP H 284 63.40 -9.46 -25.89
N ASP H 285 62.79 -8.27 -25.75
CA ASP H 285 62.13 -7.76 -24.55
C ASP H 285 60.70 -8.31 -24.44
N VAL H 286 60.57 -9.64 -24.60
CA VAL H 286 59.32 -10.42 -24.56
C VAL H 286 58.89 -10.63 -23.12
N PHE H 287 57.61 -10.42 -22.90
CA PHE H 287 56.94 -10.63 -21.62
C PHE H 287 56.05 -11.84 -21.79
N LEU H 288 56.28 -12.87 -20.97
CA LEU H 288 55.47 -14.08 -20.93
C LEU H 288 55.66 -14.76 -19.58
N SER H 289 54.78 -15.71 -19.23
CA SER H 289 54.79 -16.41 -17.94
C SER H 289 55.79 -17.53 -17.80
N VAL H 290 56.55 -17.45 -16.71
CA VAL H 290 57.51 -18.45 -16.23
C VAL H 290 57.33 -18.48 -14.71
N PRO H 291 57.72 -19.56 -13.97
CA PRO H 291 57.54 -19.53 -12.51
C PRO H 291 58.49 -18.52 -11.90
N CYS H 292 57.93 -17.55 -11.17
CA CYS H 292 58.68 -16.47 -10.53
C CYS H 292 58.53 -16.51 -9.03
N ILE H 293 59.61 -16.13 -8.31
CA ILE H 293 59.61 -15.97 -6.85
C ILE H 293 59.04 -14.54 -6.64
N LEU H 294 57.96 -14.44 -5.88
CA LEU H 294 57.24 -13.19 -5.64
C LEU H 294 57.30 -12.75 -4.22
N GLY H 295 57.68 -11.50 -4.01
CA GLY H 295 57.80 -10.88 -2.69
C GLY H 295 57.62 -9.37 -2.71
N GLN H 296 58.13 -8.69 -1.66
CA GLN H 296 57.98 -7.24 -1.46
C GLN H 296 58.64 -6.35 -2.54
N ASN H 297 59.56 -6.91 -3.34
CA ASN H 297 60.21 -6.16 -4.42
C ASN H 297 59.80 -6.71 -5.78
N GLY H 298 58.64 -7.40 -5.78
CA GLY H 298 58.07 -8.05 -6.95
C GLY H 298 58.79 -9.33 -7.30
N ILE H 299 59.18 -9.46 -8.57
CA ILE H 299 59.89 -10.66 -9.07
C ILE H 299 61.37 -10.50 -8.78
N SER H 300 61.86 -11.22 -7.76
CA SER H 300 63.26 -11.16 -7.36
C SER H 300 64.08 -12.22 -8.06
N ASP H 301 63.41 -13.34 -8.43
CA ASP H 301 64.01 -14.52 -9.03
C ASP H 301 63.06 -15.23 -9.97
N LEU H 302 63.63 -16.06 -10.85
CA LEU H 302 62.93 -16.83 -11.87
C LEU H 302 63.34 -18.31 -11.77
N VAL H 303 62.40 -19.24 -11.94
CA VAL H 303 62.72 -20.66 -11.91
C VAL H 303 63.01 -21.08 -13.35
N LYS H 304 64.20 -21.68 -13.57
CA LYS H 304 64.65 -22.22 -14.85
C LYS H 304 64.04 -23.62 -15.01
N VAL H 305 62.89 -23.69 -15.68
CA VAL H 305 62.20 -24.95 -15.88
C VAL H 305 62.89 -25.75 -16.97
N THR H 306 63.10 -27.04 -16.72
CA THR H 306 63.71 -27.93 -17.72
C THR H 306 62.60 -28.37 -18.65
N LEU H 307 62.68 -27.98 -19.91
CA LEU H 307 61.66 -28.33 -20.89
C LEU H 307 62.16 -29.31 -21.93
N THR H 308 61.23 -30.11 -22.49
CA THR H 308 61.53 -31.02 -23.61
C THR H 308 61.65 -30.15 -24.86
N SER H 309 62.26 -30.67 -25.95
CA SER H 309 62.42 -29.93 -27.20
C SER H 309 61.09 -29.42 -27.77
N GLU H 310 60.01 -30.22 -27.62
CA GLU H 310 58.66 -29.88 -28.05
C GLU H 310 58.11 -28.70 -27.21
N GLU H 311 58.20 -28.81 -25.86
CA GLU H 311 57.75 -27.78 -24.92
C GLU H 311 58.51 -26.49 -25.13
N GLU H 312 59.84 -26.56 -25.39
CA GLU H 312 60.68 -25.39 -25.63
C GLU H 312 60.27 -24.70 -26.93
N ALA H 313 59.95 -25.48 -27.98
CA ALA H 313 59.52 -24.96 -29.28
C ALA H 313 58.17 -24.23 -29.14
N ARG H 314 57.25 -24.79 -28.33
CA ARG H 314 55.93 -24.21 -28.05
C ARG H 314 56.06 -22.86 -27.29
N LEU H 315 57.05 -22.78 -26.41
CA LEU H 315 57.33 -21.56 -25.66
C LEU H 315 57.93 -20.49 -26.57
N LYS H 316 58.83 -20.90 -27.47
CA LYS H 316 59.45 -20.01 -28.47
C LYS H 316 58.37 -19.49 -29.44
N LYS H 317 57.39 -20.36 -29.84
CA LYS H 317 56.27 -19.99 -30.71
C LYS H 317 55.43 -18.89 -30.04
N SER H 318 55.10 -19.07 -28.72
CA SER H 318 54.35 -18.11 -27.92
C SER H 318 55.10 -16.77 -27.84
N ALA H 319 56.44 -16.85 -27.61
CA ALA H 319 57.33 -15.70 -27.56
C ALA H 319 57.37 -14.94 -28.89
N ASP H 320 57.37 -15.67 -30.03
CA ASP H 320 57.39 -15.08 -31.37
C ASP H 320 56.11 -14.33 -31.65
N THR H 321 54.96 -14.91 -31.23
CA THR H 321 53.63 -14.31 -31.39
C THR H 321 53.58 -12.99 -30.62
N LEU H 322 53.94 -13.02 -29.32
CA LEU H 322 53.95 -11.83 -28.48
C LEU H 322 54.92 -10.77 -28.99
N TRP H 323 56.14 -11.17 -29.41
CA TRP H 323 57.09 -10.19 -29.92
C TRP H 323 56.64 -9.57 -31.24
N GLY H 324 55.91 -10.35 -32.06
CA GLY H 324 55.38 -9.90 -33.34
C GLY H 324 54.47 -8.69 -33.18
N ILE H 325 53.64 -8.72 -32.11
CA ILE H 325 52.73 -7.64 -31.73
C ILE H 325 53.51 -6.52 -31.02
N GLN H 326 54.38 -6.88 -30.05
CA GLN H 326 55.20 -5.96 -29.23
C GLN H 326 56.15 -5.07 -30.04
N LYS H 327 56.86 -5.69 -31.01
CA LYS H 327 57.87 -5.04 -31.85
C LYS H 327 57.32 -3.92 -32.70
N GLU H 328 55.98 -3.92 -32.93
CA GLU H 328 55.35 -2.93 -33.79
C GLU H 328 54.72 -1.75 -33.04
N LEU H 329 54.62 -1.82 -31.70
CA LEU H 329 54.06 -0.73 -30.88
C LEU H 329 55.09 0.40 -30.75
N GLN H 330 54.65 1.66 -30.58
CA GLN H 330 55.62 2.77 -30.53
C GLN H 330 55.59 3.61 -29.24
N PHE H 331 56.80 3.75 -28.60
CA PHE H 331 57.16 4.51 -27.37
C PHE H 331 58.66 4.38 -27.02
PA NAD I . -25.02 22.50 17.42
O1A NAD I . -24.23 22.74 18.66
O2A NAD I . -25.37 21.03 17.28
O5B NAD I . -24.21 22.96 16.18
C5B NAD I . -23.66 24.20 16.07
C4B NAD I . -22.56 24.23 15.14
O4B NAD I . -22.09 25.54 15.02
C3B NAD I . -21.44 23.39 15.64
O3B NAD I . -21.12 22.43 14.69
C2B NAD I . -20.39 24.31 15.86
O2B NAD I . -19.10 23.85 15.65
C1B NAD I . -20.72 25.39 14.89
N9A NAD I . -19.99 26.61 15.12
C8A NAD I . -19.65 27.15 16.32
N7A NAD I . -18.89 28.25 16.10
C5A NAD I . -18.76 28.41 14.76
C6A NAD I . -18.11 29.32 13.91
N6A NAD I . -17.38 30.45 14.47
N1A NAD I . -18.17 29.15 12.58
C2A NAD I . -18.83 28.10 12.02
N3A NAD I . -19.44 27.20 12.79
C4A NAD I . -19.43 27.34 14.15
O3 NAD I . -26.36 23.42 17.53
PN NAD I . -27.71 23.14 16.68
O1N NAD I . -27.34 22.70 15.25
O2N NAD I . -28.58 22.11 17.32
O5D NAD I . -28.47 24.50 16.55
C5D NAD I . -27.86 25.62 16.03
C4D NAD I . -28.52 26.88 16.24
O4D NAD I . -29.86 26.85 15.63
C3D NAD I . -28.72 27.22 17.67
O3D NAD I . -28.46 28.56 17.90
C2D NAD I . -30.14 26.91 17.91
O2D NAD I . -30.69 27.56 18.97
C1D NAD I . -30.77 27.28 16.60
N1N NAD I . -32.14 26.77 16.43
C2N NAD I . -33.04 27.64 15.90
C3N NAD I . -34.37 27.27 15.65
C7N NAD I . -35.32 28.31 15.12
O7N NAD I . -36.54 28.05 15.10
N7N NAD I . -34.84 29.58 14.67
C4N NAD I . -34.78 25.95 15.96
C5N NAD I . -33.83 25.03 16.46
C6N NAD I . -32.51 25.46 16.70
S SO4 J . -50.53 29.35 3.54
O1 SO4 J . -51.02 28.06 2.98
O2 SO4 J . -50.75 30.44 2.58
O3 SO4 J . -51.23 29.71 4.81
O4 SO4 J . -49.07 29.22 3.77
C4 D3J K . -33.93 30.74 23.12
C14 D3J K . -36.72 24.71 19.40
C5 D3J K . -36.14 31.27 21.49
C6 D3J K . -36.13 30.15 22.31
C11 D3J K . -35.36 25.77 22.07
C7 D3J K . -35.03 29.87 23.13
C9 D3J K . -35.52 27.57 23.58
C12 D3J K . -34.72 25.20 20.78
C3 D3J K . -33.92 31.88 22.29
F1 D3J K . -35.08 33.23 20.65
C2 D3J K . -35.04 32.14 21.47
O8 D3J K . -35.05 28.80 23.96
N10 D3J K . -34.98 26.97 22.51
N13 D3J K . -35.69 24.27 20.17
C15 D3J K . -36.82 26.16 19.09
S16 D3J K . -38.36 26.80 18.51
C17 D3J K . -39.28 27.40 19.89
C18 D3J K . -40.68 27.61 19.75
C19 D3J K . -41.40 28.07 20.85
C20 D3J K . -40.79 28.31 22.07
C21 D3J K . -39.41 28.13 22.20
C22 D3J K . -38.67 27.67 21.11
CL23 D3J K . -41.49 27.35 18.23
C24 D3J K . -35.71 26.93 19.27
O25 D3J K . -35.75 28.25 19.00
C26 D3J K . -34.44 26.34 19.79
O27 D3J K . -37.57 23.95 18.97
C28 D3J K . -33.42 24.47 21.04
C29 D3J K . -32.91 24.29 22.28
S30 D3J K . -31.41 23.40 22.15
C31 D3J K . -31.50 23.33 20.41
C32 D3J K . -32.63 23.94 20.03
C33 D3J K . -36.37 25.07 22.77
C34 D3J K . -36.95 25.64 23.93
C35 D3J K . -36.50 26.91 24.35
PA NAD L . -27.09 3.67 16.70
O1A NAD L . -26.93 5.18 16.56
O2A NAD L . -26.34 3.14 17.89
O5B NAD L . -28.62 3.38 16.76
C5B NAD L . -29.12 2.13 16.96
C4B NAD L . -30.47 2.12 17.49
O4B NAD L . -30.89 0.80 17.65
C3B NAD L . -30.50 2.75 18.83
O3B NAD L . -31.40 3.82 18.82
C2B NAD L . -30.88 1.71 19.70
O2B NAD L . -31.68 2.11 20.77
C1B NAD L . -31.67 0.84 18.79
N9A NAD L . -31.95 -0.48 19.31
C8A NAD L . -31.14 -1.25 20.06
N7A NAD L . -31.81 -2.37 20.42
C5A NAD L . -33.05 -2.29 19.92
C6A NAD L . -34.20 -3.11 19.95
N6A NAD L . -34.16 -4.40 20.65
N1A NAD L . -35.33 -2.71 19.33
C2A NAD L . -35.37 -1.54 18.65
N3A NAD L . -34.30 -0.73 18.60
C4A NAD L . -33.15 -1.08 19.23
O3 NAD L . -26.47 2.91 15.44
PN NAD L . -26.52 3.48 13.93
O1N NAD L . -27.93 4.11 13.71
O2N NAD L . -25.42 4.49 13.65
O5D NAD L . -26.35 2.23 13.00
C5D NAD L . -27.22 1.16 13.10
C4D NAD L . -26.85 -0.06 12.43
O4D NAD L . -26.73 0.18 10.98
C3D NAD L . -25.53 -0.60 12.86
O3D NAD L . -25.59 -1.97 13.00
C2D NAD L . -24.60 -0.19 11.78
O2D NAD L . -23.50 -0.93 11.71
C1D NAD L . -25.48 -0.28 10.56
N1N NAD L . -24.93 0.40 9.36
C2N NAD L . -25.06 -0.29 8.20
C3N NAD L . -24.59 0.25 6.99
C7N NAD L . -24.71 -0.57 5.73
O7N NAD L . -25.35 -1.65 5.68
N7N NAD L . -24.06 -0.11 4.55
C4N NAD L . -24.01 1.55 6.98
C5N NAD L . -23.92 2.27 8.20
C6N NAD L . -24.40 1.67 9.38
S SO4 M . -27.43 1.52 -12.90
O1 SO4 M . -28.38 0.87 -13.81
O2 SO4 M . -27.60 2.98 -12.97
O3 SO4 M . -26.04 1.15 -13.26
O4 SO4 M . -27.71 1.05 -11.53
C4 D3J N . -17.97 -3.09 11.97
C14 D3J N . -20.03 2.42 6.96
C5 D3J N . -19.58 -4.55 10.17
C6 D3J N . -18.62 -3.65 9.69
C11 D3J N . -18.37 0.95 9.21
C7 D3J N . -17.82 -2.91 10.59
C9 D3J N . -17.00 -0.87 9.67
C12 D3J N . -19.77 1.56 9.27
C3 D3J N . -18.94 -3.98 12.44
F1 D3J N . -20.64 -5.54 12.07
C2 D3J N . -19.73 -4.69 11.55
O8 D3J N . -16.81 -2.11 10.16
N10 D3J N . -18.18 -0.28 9.71
N13 D3J N . -19.78 2.65 8.27
C15 D3J N . -20.35 1.06 6.51
S16 D3J N . -20.26 0.76 4.77
C17 D3J N . -18.65 0.04 4.53
C18 D3J N . -18.16 -0.08 3.22
C19 D3J N . -16.88 -0.60 2.98
C20 D3J N . -16.07 -1.00 4.06
C21 D3J N . -16.56 -0.89 5.36
C22 D3J N . -17.85 -0.38 5.62
CL23 D3J N . -19.18 0.44 1.91
C24 D3J N . -20.69 0.12 7.44
O25 D3J N . -20.96 -1.14 7.12
C26 D3J N . -20.75 0.45 8.92
O27 D3J N . -19.98 3.32 6.15
C28 D3J N . -20.13 2.10 10.65
C29 D3J N . -19.32 1.97 11.71
S30 D3J N . -20.07 2.70 13.13
C31 D3J N . -21.48 3.15 12.18
C32 D3J N . -21.32 2.75 10.93
C33 D3J N . -17.31 1.65 8.63
C34 D3J N . -16.06 1.04 8.54
C35 D3J N . -15.90 -0.22 9.09
PA NAD O . -61.76 15.01 -26.59
O1A NAD O . -62.62 15.03 -27.85
O2A NAD O . -60.42 15.52 -26.99
O5B NAD O . -61.72 13.54 -26.07
C5B NAD O . -62.81 12.84 -25.62
C4B NAD O . -62.53 11.43 -25.62
O4B NAD O . -63.63 10.73 -25.06
C3B NAD O . -62.34 10.97 -27.03
O3B NAD O . -61.08 10.35 -27.13
C2B NAD O . -63.43 10.08 -27.21
O2B NAD O . -63.23 8.98 -28.05
C1B NAD O . -63.66 9.57 -25.83
N9A NAD O . -64.86 8.82 -25.67
C8A NAD O . -66.07 9.11 -26.20
N7A NAD O . -66.94 8.12 -25.88
C5A NAD O . -66.27 7.23 -25.11
C6A NAD O . -66.60 6.05 -24.45
N6A NAD O . -67.97 5.55 -24.53
N1A NAD O . -65.68 5.38 -23.72
C2A NAD O . -64.42 5.85 -23.60
N3A NAD O . -64.06 6.99 -24.23
C4A NAD O . -64.95 7.67 -24.99
O3 NAD O . -62.47 15.92 -25.42
PN NAD O . -61.61 16.56 -24.24
O1N NAD O . -60.55 15.52 -23.82
O2N NAD O . -60.98 17.88 -24.67
O5D NAD O . -62.57 16.85 -23.06
C5D NAD O . -63.24 15.81 -22.42
C4D NAD O . -64.22 16.17 -21.44
O4D NAD O . -63.61 16.91 -20.32
C3D NAD O . -65.28 17.05 -21.99
O3D NAD O . -66.52 16.63 -21.49
C2D NAD O . -64.89 18.40 -21.50
O2D NAD O . -65.91 19.28 -21.49
C1D NAD O . -64.32 18.10 -20.16
N1N NAD O . -63.56 19.20 -19.54
C2N NAD O . -63.76 19.39 -18.19
C3N NAD O . -63.06 20.37 -17.47
C7N NAD O . -63.34 20.60 -16.02
O7N NAD O . -64.03 19.77 -15.37
N7N NAD O . -62.80 21.75 -15.35
C4N NAD O . -62.13 21.15 -18.13
C5N NAD O . -61.90 20.91 -19.50
C6N NAD O . -62.63 19.93 -20.21
S SO4 P . -75.49 7.66 -0.27
O1 SO4 P . -74.65 7.70 -1.47
O2 SO4 P . -76.52 8.71 -0.37
O3 SO4 P . -74.68 7.89 0.93
O4 SO4 P . -76.14 6.35 -0.20
C LAC Q . -63.04 24.44 -18.23
CA LAC Q . -64.22 23.76 -18.87
CB LAC Q . -64.07 23.29 -20.31
O LAC Q . -61.86 24.35 -18.66
OHN LAC Q . -64.66 22.70 -18.03
OXT LAC Q . -63.32 25.14 -17.25
PA NAD R . -46.33 20.97 -35.29
O1A NAD R . -46.64 21.23 -36.75
O2A NAD R . -47.51 20.39 -34.50
O5B NAD R . -45.83 22.29 -34.60
C5B NAD R . -44.89 23.09 -35.17
C4B NAD R . -44.98 24.45 -34.71
O4B NAD R . -43.95 25.20 -35.27
C3B NAD R . -46.28 25.06 -35.15
O3B NAD R . -47.00 25.52 -34.04
C2B NAD R . -45.88 26.10 -36.01
O2B NAD R . -46.70 27.23 -36.02
C1B NAD R . -44.54 26.43 -35.49
N9A NAD R . -43.75 27.27 -36.35
C8A NAD R . -43.69 27.21 -37.69
N7A NAD R . -42.91 28.23 -38.12
C5A NAD R . -42.51 28.93 -37.06
C6A NAD R . -41.69 30.06 -36.86
N6A NAD R . -41.10 30.72 -38.01
N1A NAD R . -41.45 30.52 -35.62
C2A NAD R . -42.01 29.90 -34.54
N3A NAD R . -42.79 28.82 -34.69
C4A NAD R . -43.05 28.33 -35.92
O3 NAD R . -45.11 19.94 -35.33
PN NAD R . -44.67 19.02 -34.06
O1N NAD R . -44.79 19.83 -32.75
O2N NAD R . -45.47 17.76 -33.99
O5D NAD R . -43.16 18.69 -34.31
C5D NAD R . -42.23 19.70 -34.44
C4D NAD R . -40.91 19.33 -34.91
O4D NAD R . -40.31 18.39 -33.97
C3D NAD R . -40.95 18.65 -36.23
O3D NAD R . -39.92 19.12 -37.03
C2D NAD R . -40.80 17.23 -35.89
O2D NAD R . -40.35 16.46 -36.90
C1D NAD R . -39.90 17.26 -34.70
N1N NAD R . -39.84 16.00 -33.93
C2N NAD R . -38.60 15.62 -33.53
C3N NAD R . -38.43 14.47 -32.76
C7N NAD R . -37.02 14.04 -32.39
O7N NAD R . -36.85 12.90 -31.91
N7N NAD R . -35.91 14.93 -32.60
C4N NAD R . -39.55 13.70 -32.39
C5N NAD R . -40.85 14.10 -32.77
C6N NAD R . -40.96 15.28 -33.55
S SO4 S . -27.55 5.44 -18.50
O1 SO4 S . -27.98 6.38 -19.55
O2 SO4 S . -28.71 5.07 -17.67
O3 SO4 S . -26.58 6.10 -17.67
O4 SO4 S . -27.01 4.22 -19.13
S SO4 T . -16.47 26.01 -32.76
O1 SO4 T . -17.71 25.43 -33.30
O2 SO4 T . -16.53 27.46 -32.99
O3 SO4 T . -16.35 25.74 -31.31
O4 SO4 T . -15.33 25.41 -33.46
C4 D3J U . -37.74 12.01 -40.62
C14 D3J U . -40.86 10.35 -34.31
C5 D3J U . -39.64 13.94 -41.37
C6 D3J U . -40.03 12.63 -41.12
C11 D3J U . -41.28 10.56 -37.42
C7 D3J U . -39.09 11.67 -40.73
C9 D3J U . -40.23 10.02 -39.44
C12 D3J U . -41.56 11.60 -36.32
C3 D3J U . -37.33 13.32 -40.87
F1 D3J U . -37.87 15.54 -41.52
C2 D3J U . -38.28 14.28 -41.24
O8 D3J U . -39.45 10.37 -40.50
N10 D3J U . -40.51 10.88 -38.46
N13 D3J U . -41.84 10.83 -35.10
C15 D3J U . -39.47 10.66 -34.66
S16 D3J U . -38.21 9.67 -33.94
C17 D3J U . -37.82 8.40 -35.10
C18 D3J U . -37.09 7.30 -34.63
C19 D3J U . -36.77 6.25 -35.50
C20 D3J U . -37.17 6.31 -36.84
C21 D3J U . -37.85 7.44 -37.33
C22 D3J U . -38.16 8.50 -36.46
CL23 D3J U . -36.65 7.22 -32.92
C24 D3J U . -39.21 11.69 -35.49
O25 D3J U . -37.95 11.99 -35.84
C26 D3J U . -40.33 12.48 -36.10
O27 D3J U . -41.12 9.68 -33.32
C28 D3J U . -42.74 12.49 -36.66
C29 D3J U . -43.27 12.58 -37.90
S30 D3J U . -44.62 13.69 -37.90
C31 D3J U . -44.44 13.98 -36.18
C32 D3J U . -43.41 13.27 -35.72
C33 D3J U . -41.82 9.28 -37.34
C34 D3J U . -41.54 8.33 -38.33
C35 D3J U . -40.74 8.71 -39.39
PA NAD V . 57.64 -16.68 32.66
O1A NAD V . 58.50 -16.72 33.89
O2A NAD V . 57.13 -18.05 32.25
O5B NAD V . 58.52 -16.08 31.50
C5B NAD V . 59.18 -14.87 31.58
C4B NAD V . 60.27 -14.76 30.65
O4B NAD V . 60.89 -13.52 30.78
C3B NAD V . 61.30 -15.81 30.94
O3B NAD V . 61.50 -16.59 29.80
C2B NAD V . 62.43 -15.06 31.32
O2B NAD V . 63.67 -15.60 30.98
C1B NAD V . 62.23 -13.80 30.58
N9A NAD V . 63.10 -12.75 30.98
C8A NAD V . 63.49 -12.45 32.24
N7A NAD V . 64.37 -11.42 32.20
C5A NAD V . 64.55 -11.08 30.91
C6A NAD V . 65.32 -10.11 30.24
N6A NAD V . 66.16 -9.21 31.01
N1A NAD V . 65.27 -10.01 28.89
C2A NAD V . 64.46 -10.84 28.18
N3A NAD V . 63.72 -11.78 28.78
C4A NAD V . 63.74 -11.93 30.13
O3 NAD V . 56.45 -15.63 32.95
PN NAD V . 55.08 -15.57 32.10
O1N NAD V . 55.38 -15.73 30.60
O2N NAD V . 54.13 -16.64 32.57
O5D NAD V . 54.47 -14.15 32.33
C5D NAD V . 55.22 -13.03 32.00
C4D NAD V . 54.76 -11.76 32.47
O4D NAD V . 53.43 -11.48 31.91
C3D NAD V . 54.63 -11.70 33.95
O3D NAD V . 55.08 -10.48 34.39
C2D NAD V . 53.19 -11.85 34.18
O2D NAD V . 52.77 -11.36 35.36
C1D NAD V . 52.60 -11.14 32.98
N1N NAD V . 51.17 -11.44 32.75
C2N NAD V . 50.41 -10.38 32.43
C3N NAD V . 49.04 -10.53 32.19
C7N NAD V . 48.25 -9.29 31.91
O7N NAD V . 47.01 -9.35 31.89
N7N NAD V . 48.88 -8.02 31.68
C4N NAD V . 48.47 -11.83 32.23
C5N NAD V . 49.27 -12.95 32.52
C6N NAD V . 50.63 -12.72 32.77
C4 D3J W . 50.43 -9.74 40.46
C14 D3J W . 46.62 -13.52 35.49
C5 D3J W . 48.61 -7.69 39.88
C6 D3J W . 48.14 -8.91 40.34
C11 D3J W . 48.06 -13.25 38.29
C7 D3J W . 49.05 -9.94 40.63
C9 D3J W . 48.05 -12.06 40.30
C12 D3J W . 48.65 -13.53 36.90
C3 D3J W . 50.90 -8.52 40.01
F1 D3J W . 50.44 -6.30 39.26
C2 D3J W . 49.99 -7.50 39.72
O8 D3J W . 48.59 -11.12 41.12
N10 D3J W . 48.58 -12.35 39.10
N13 D3J W . 47.60 -14.19 36.13
C15 D3J W . 46.66 -12.05 35.50
S16 D3J W . 45.20 -11.15 35.05
C17 D3J W . 44.38 -10.71 36.56
C18 D3J W . 43.06 -10.23 36.49
C19 D3J W . 42.38 -9.88 37.65
C20 D3J W . 43.00 -10.06 38.89
C21 D3J W . 44.32 -10.51 38.96
C22 D3J W . 45.01 -10.83 37.80
CL23 D3J W . 42.24 -10.06 34.96
C24 D3J W . 47.82 -11.43 35.82
O25 D3J W . 47.86 -10.09 35.85
C26 D3J W . 49.05 -12.21 36.20
O27 D3J W . 45.75 -14.14 34.93
C28 D3J W . 49.85 -14.47 36.98
C29 D3J W . 50.39 -14.87 38.14
S30 D3J W . 51.72 -15.99 37.84
C31 D3J W . 51.46 -15.85 36.10
C32 D3J W . 50.44 -15.02 35.86
C33 D3J W . 46.94 -13.97 38.71
C34 D3J W . 46.36 -13.72 39.95
C35 D3J W . 46.93 -12.76 40.77
PA NAD X . 53.08 -34.55 27.99
O1A NAD X . 53.69 -35.45 29.04
O2A NAD X . 53.41 -33.07 28.20
O5B NAD X . 51.53 -34.70 28.02
C5B NAD X . 50.91 -35.91 28.01
C4B NAD X . 49.59 -35.88 28.58
O4B NAD X . 48.98 -37.14 28.45
C3B NAD X . 49.67 -35.56 30.04
O3B NAD X . 48.93 -34.42 30.33
C2B NAD X . 49.17 -36.72 30.68
O2B NAD X . 48.48 -36.51 31.85
C1B NAD X . 48.27 -37.27 29.63
N9A NAD X . 47.83 -38.61 29.88
C8A NAD X . 48.54 -39.64 30.37
N7A NAD X . 47.74 -40.73 30.48
C5A NAD X . 46.49 -40.39 30.09
C6A NAD X . 45.24 -41.05 30.00
N6A NAD X . 45.10 -42.46 30.40
N1A NAD X . 44.17 -40.39 29.53
C2A NAD X . 44.29 -39.08 29.15
N3A NAD X . 45.45 -38.40 29.23
C4A NAD X . 46.56 -39.02 29.70
O3 NAD X . 53.63 -35.10 26.59
PN NAD X . 53.60 -34.24 25.22
O1N NAD X . 52.28 -33.43 25.15
O2N NAD X . 54.80 -33.32 25.14
O5D NAD X . 53.60 -35.27 24.06
C5D NAD X . 52.61 -36.23 23.96
C4D NAD X . 52.83 -37.30 23.03
O4D NAD X . 52.95 -36.75 21.66
C3D NAD X . 54.08 -38.07 23.29
O3D NAD X . 53.84 -39.42 23.12
C2D NAD X . 55.03 -37.54 22.28
O2D NAD X . 56.04 -38.38 22.00
C1D NAD X . 54.13 -37.26 21.10
N1N NAD X . 54.73 -36.41 20.05
C2N NAD X . 54.52 -36.83 18.78
C3N NAD X . 55.02 -36.08 17.69
C7N NAD X . 54.80 -36.61 16.29
O7N NAD X . 54.04 -37.58 16.07
N7N NAD X . 55.50 -36.00 15.22
C4N NAD X . 55.74 -34.89 17.94
C5N NAD X . 55.93 -34.45 19.26
C6N NAD X . 55.40 -35.23 20.31
S SO4 Y . 40.09 -53.09 7.71
O1 SO4 Y . 41.16 -53.66 6.90
O2 SO4 Y . 38.96 -52.78 6.87
O3 SO4 Y . 40.57 -51.90 8.38
O4 SO4 Y . 39.69 -54.04 8.76
C4 D3J Z . 60.50 -41.84 20.22
C14 D3J Z . 59.76 -34.48 17.86
C5 D3J Z . 59.96 -41.49 17.50
C6 D3J Z . 60.91 -40.69 18.14
C11 D3J Z . 61.24 -36.63 19.77
C7 D3J Z . 61.18 -40.86 19.50
C9 D3J Z . 62.27 -38.74 19.87
C12 D3J Z . 59.95 -35.84 19.92
C3 D3J Z . 59.55 -42.65 19.59
F1 D3J Z . 58.38 -43.25 17.59
C2 D3J Z . 59.29 -42.47 18.24
O8 D3J Z . 62.13 -40.08 20.12
N10 D3J Z . 61.22 -37.95 20.00
N13 D3J Z . 60.04 -34.55 19.18
C15 D3J Z . 59.33 -35.69 17.15
S16 D3J Z . 59.48 -35.75 15.40
C17 D3J Z . 61.01 -36.60 15.03
C18 D3J Z . 61.56 -36.47 13.74
C19 D3J Z . 62.78 -37.10 13.44
C20 D3J Z . 63.43 -37.86 14.41
C21 D3J Z . 62.86 -38.02 15.68
C22 D3J Z . 61.68 -37.39 15.99
CL23 D3J Z . 60.74 -35.54 12.51
C24 D3J Z . 58.85 -36.74 17.87
O25 D3J Z . 58.49 -37.89 17.30
C26 D3J Z . 58.77 -36.65 19.37
O27 D3J Z . 59.87 -33.43 17.26
C28 D3J Z . 59.62 -35.57 21.37
C29 D3J Z . 60.24 -36.17 22.39
S30 D3J Z . 59.57 -35.57 23.91
C31 D3J Z . 58.45 -34.51 23.06
C32 D3J Z . 58.64 -34.66 21.75
C33 D3J Z . 62.46 -36.05 19.39
C34 D3J Z . 63.60 -36.84 19.24
C35 D3J Z . 63.52 -38.21 19.51
PA NAD AA . 19.02 -9.56 -9.98
O1A NAD AA . 17.85 -9.21 -10.89
O2A NAD AA . 20.35 -9.05 -10.47
O5B NAD AA . 19.03 -11.11 -9.78
C5B NAD AA . 17.94 -11.86 -9.42
C4B NAD AA . 18.06 -13.25 -9.76
O4B NAD AA . 16.93 -13.99 -9.35
C3B NAD AA . 18.17 -13.37 -11.26
O3B NAD AA . 19.36 -14.04 -11.56
C2B NAD AA . 17.00 -14.07 -11.64
O2B NAD AA . 17.12 -14.92 -12.72
C1B NAD AA . 16.73 -14.88 -10.41
N9A NAD AA . 15.44 -15.51 -10.41
C8A NAD AA . 14.28 -14.99 -10.83
N7A NAD AA . 13.32 -15.93 -10.67
C5A NAD AA . 13.86 -17.06 -10.14
C6A NAD AA . 13.39 -18.34 -9.74
N6A NAD AA . 12.00 -18.73 -9.90
N1A NAD AA . 14.25 -19.26 -9.24
C2A NAD AA . 15.56 -18.93 -9.08
N3A NAD AA . 16.04 -17.72 -9.43
C4A NAD AA . 15.23 -16.78 -9.98
O3 NAD AA . 18.64 -8.88 -8.58
PN NAD AA . 19.68 -8.60 -7.40
O1N NAD AA . 20.30 -7.21 -7.63
O2N NAD AA . 20.75 -9.67 -7.34
O5D NAD AA . 18.82 -8.52 -6.08
C5D NAD AA . 18.01 -9.58 -5.69
C4D NAD AA . 17.05 -9.37 -4.65
O4D NAD AA . 17.75 -8.96 -3.42
C3D NAD AA . 16.10 -8.27 -4.96
O3D NAD AA . 14.84 -8.61 -4.56
C2D NAD AA . 16.62 -7.10 -4.21
O2D NAD AA . 15.67 -6.17 -3.94
C1D NAD AA . 17.20 -7.74 -2.99
N1N NAD AA . 18.08 -6.89 -2.18
C2N NAD AA . 17.90 -6.97 -0.83
C3N NAD AA . 18.69 -6.23 0.05
C7N NAD AA . 18.42 -6.31 1.53
O7N NAD AA . 17.63 -7.15 2.02
N7N NAD AA . 19.10 -5.42 2.40
C4N NAD AA . 19.71 -5.40 -0.49
C5N NAD AA . 19.92 -5.36 -1.88
C6N NAD AA . 19.09 -6.13 -2.72
S SO4 BA . 5.29 -21.44 14.47
O1 SO4 BA . 3.95 -21.58 13.89
O2 SO4 BA . 6.25 -21.26 13.41
O3 SO4 BA . 5.34 -20.30 15.38
O4 SO4 BA . 5.62 -22.66 15.19
C4 D3J CA . 12.45 -1.57 -3.76
C14 D3J CA . 19.37 -1.27 -1.28
C5 D3J CA . 11.25 -2.90 -1.61
C6 D3J CA . 11.88 -1.68 -1.41
C11 D3J CA . 16.67 -0.36 -2.82
C7 D3J CA . 12.52 -1.02 -2.47
C9 D3J CA . 14.47 0.43 -2.45
C12 D3J CA . 17.63 -1.52 -3.01
C3 D3J CA . 11.82 -2.79 -3.96
F1 D3J CA . 10.59 -4.63 -3.11
C2 D3J CA . 11.22 -3.45 -2.89
O8 D3J CA . 13.14 0.19 -2.25
N10 D3J CA . 15.36 -0.57 -2.59
N13 D3J CA . 18.99 -1.15 -2.57
C15 D3J CA . 18.42 -1.80 -0.30
S16 D3J CA . 18.69 -1.49 1.41
C17 D3J CA . 17.74 -0.05 1.80
C18 D3J CA . 18.07 0.66 2.95
C19 D3J CA . 17.36 1.82 3.27
C20 D3J CA . 16.33 2.26 2.45
C21 D3J CA . 15.99 1.54 1.30
C22 D3J CA . 16.68 0.38 0.97
CL23 D3J CA . 19.37 0.09 3.99
C24 D3J CA . 17.37 -2.54 -0.76
O25 D3J CA . 16.44 -3.04 0.06
C26 D3J CA . 17.17 -2.76 -2.23
O27 D3J CA . 20.48 -0.95 -0.93
C28 D3J CA . 17.72 -1.96 -4.45
C29 D3J CA . 16.94 -1.43 -5.40
S30 D3J CA . 17.34 -2.17 -6.93
C31 D3J CA . 18.57 -3.21 -6.19
C32 D3J CA . 18.62 -2.94 -4.89
C33 D3J CA . 17.13 0.97 -2.89
C34 D3J CA . 16.24 2.04 -2.72
C35 D3J CA . 14.90 1.76 -2.50
PA NAD DA . 34.72 -3.80 -17.58
O1A NAD DA . 34.13 -3.18 -18.83
O2A NAD DA . 33.59 -4.33 -16.77
O5B NAD DA . 35.45 -2.66 -16.80
C5B NAD DA . 36.51 -1.93 -17.29
C4B NAD DA . 36.71 -0.71 -16.55
O4B NAD DA . 37.83 -0.04 -17.02
C3B NAD DA . 35.52 0.17 -16.76
O3B NAD DA . 34.95 0.50 -15.54
C2B NAD DA . 36.03 1.28 -17.45
O2B NAD DA . 35.46 2.51 -17.16
C1B NAD DA . 37.45 1.29 -16.99
N9A NAD DA . 38.30 2.14 -17.76
C8A NAD DA . 38.29 2.32 -19.10
N7A NAD DA . 39.21 3.24 -19.42
C5A NAD DA . 39.79 3.67 -18.28
C6A NAD DA . 40.78 4.60 -17.96
N6A NAD DA . 41.42 5.33 -19.05
N1A NAD DA . 41.14 4.79 -16.66
C2A NAD DA . 40.57 4.08 -15.64
N3A NAD DA . 39.61 3.19 -15.92
C4A NAD DA . 39.20 2.98 -17.21
O3 NAD DA . 35.87 -4.88 -18.02
PN NAD DA . 36.33 -6.06 -17.06
O1N NAD DA . 36.44 -5.50 -15.62
O2N NAD DA . 35.36 -7.23 -17.11
O5D NAD DA . 37.73 -6.55 -17.55
C5D NAD DA . 38.81 -5.68 -17.57
C4D NAD DA . 40.04 -6.15 -18.15
O4D NAD DA . 40.55 -7.34 -17.43
C3D NAD DA . 39.89 -6.53 -19.57
O3D NAD DA . 41.01 -6.09 -20.27
C2D NAD DA . 39.83 -8.02 -19.52
O2D NAD DA . 40.13 -8.60 -20.69
C1D NAD DA . 40.77 -8.34 -18.39
N1N NAD DA . 40.72 -9.71 -17.86
C2N NAD DA . 41.91 -10.34 -17.65
C3N NAD DA . 42.02 -11.66 -17.18
C7N NAD DA . 43.36 -12.32 -17.00
O7N NAD DA . 43.43 -13.54 -16.82
N7N NAD DA . 44.54 -11.54 -17.07
C4N NAD DA . 40.84 -12.36 -16.89
C5N NAD DA . 39.62 -11.68 -17.10
C6N NAD DA . 39.55 -10.35 -17.59
S SO4 EA . 65.54 -3.69 -16.61
O1 SO4 EA . 64.09 -3.65 -16.42
O2 SO4 EA . 65.83 -4.12 -17.98
O3 SO4 EA . 66.09 -2.33 -16.39
O4 SO4 EA . 66.15 -4.65 -15.65
#